data_7YRO
#
_entry.id   7YRO
#
_cell.length_a   86.700
_cell.length_b   163.610
_cell.length_c   274.900
_cell.angle_alpha   90.00
_cell.angle_beta   90.00
_cell.angle_gamma   90.00
#
_symmetry.space_group_name_H-M   'P 21 21 21'
#
loop_
_entity.id
_entity.type
_entity.pdbx_description
1 polymer Fucosyltransferase
2 non-polymer GLYCEROL
3 non-polymer 'ACETIC ACID'
4 non-polymer 'PHOSPHATE ION'
5 non-polymer PYROPHOSPHATE
6 non-polymer 2-acetamido-2-deoxy-beta-D-glucopyranose
7 water water
#
_entity_poly.entity_id   1
_entity_poly.type   'polypeptide(L)'
_entity_poly.pdbx_seq_one_letter_code
;MGNISTITLMLFLAFLFLFFCGFLEFPSVSTSISTSIQEQHHVDSSFSPVKSTPDPFTDIISAFKKWDSQVGCARFREKY
RNQTGSNPGSTESGSLQEDGDRKCDGLKMEHVSVLVKGWTWIPDNLDNLYSCRCGLSCLWTKSSVLVDKPDALLFETTTP
PLQRRSGDPLRVYMDLEAGRKRSGLEDMFISYHAKDDVQSTYAGALFHNGRNYQVSSYKNNDTLVYWSSSRCLPQRNRLA
KNLLSLLPHHSFGKCLNNVGGPDMALSLYPECNNDASVKPRWWDHLHCAMSHYKFVLAIENTVTESYVTEKLFYALDSVS
VPIYFGAPNVWDFVPPHSIIDGTKFKSLEALASYVKDLANDPVAYAEYHAWRRCGVLGNYGKTRAVSLDTLPCRLCEAVS
RRGGRNARAN
;
_entity_poly.pdbx_strand_id   A,B,C,D,E,F,G,H
#
# COMPACT_ATOMS: atom_id res chain seq x y z
N PRO A 56 -93.56 -47.58 -17.50
CA PRO A 56 -93.02 -48.72 -16.73
C PRO A 56 -91.51 -48.82 -16.89
N PHE A 57 -90.82 -47.80 -16.41
CA PHE A 57 -89.40 -47.62 -16.66
C PHE A 57 -88.54 -48.66 -15.95
N THR A 58 -87.37 -48.92 -16.54
CA THR A 58 -86.34 -49.76 -15.95
C THR A 58 -84.97 -49.09 -15.86
N ASP A 59 -84.72 -48.05 -16.65
CA ASP A 59 -83.45 -47.32 -16.65
C ASP A 59 -83.52 -46.20 -15.61
N ILE A 60 -82.86 -46.41 -14.47
CA ILE A 60 -82.90 -45.44 -13.38
C ILE A 60 -82.16 -44.16 -13.73
N ILE A 61 -81.04 -44.28 -14.48
CA ILE A 61 -80.26 -43.10 -14.82
C ILE A 61 -81.04 -42.20 -15.78
N SER A 62 -81.79 -42.80 -16.72
CA SER A 62 -82.66 -42.02 -17.58
C SER A 62 -83.72 -41.27 -16.76
N ALA A 63 -84.26 -41.93 -15.73
CA ALA A 63 -85.22 -41.27 -14.85
C ALA A 63 -84.58 -40.08 -14.14
N PHE A 64 -83.35 -40.25 -13.66
CA PHE A 64 -82.63 -39.13 -13.04
C PHE A 64 -82.47 -37.97 -14.02
N LYS A 65 -82.09 -38.27 -15.27
CA LYS A 65 -81.91 -37.21 -16.26
C LYS A 65 -83.23 -36.51 -16.59
N LYS A 66 -84.30 -37.29 -16.75
CA LYS A 66 -85.62 -36.68 -17.00
C LYS A 66 -86.03 -35.77 -15.85
N TRP A 67 -85.79 -36.21 -14.61
CA TRP A 67 -86.10 -35.36 -13.46
C TRP A 67 -85.25 -34.09 -13.47
N ASP A 68 -83.98 -34.21 -13.84
CA ASP A 68 -83.14 -33.03 -13.96
C ASP A 68 -83.70 -32.05 -14.99
N SER A 69 -84.22 -32.59 -16.09
CA SER A 69 -84.77 -31.73 -17.12
C SER A 69 -86.05 -31.04 -16.66
N GLN A 70 -86.95 -31.78 -16.00
CA GLN A 70 -88.29 -31.25 -15.72
C GLN A 70 -88.42 -30.53 -14.39
N VAL A 71 -87.75 -31.01 -13.36
CA VAL A 71 -87.86 -30.44 -12.02
C VAL A 71 -86.60 -29.68 -11.66
N GLY A 72 -85.48 -30.35 -11.62
CA GLY A 72 -84.25 -29.65 -11.28
C GLY A 72 -84.05 -29.52 -9.78
N CYS A 73 -82.78 -29.57 -9.39
CA CYS A 73 -82.43 -29.54 -7.98
C CYS A 73 -82.73 -28.21 -7.34
N ALA A 74 -82.69 -27.12 -8.10
CA ALA A 74 -83.01 -25.81 -7.57
C ALA A 74 -84.46 -25.78 -7.07
N ARG A 75 -85.40 -26.31 -7.87
CA ARG A 75 -86.78 -26.37 -7.41
C ARG A 75 -86.89 -27.28 -6.20
N PHE A 76 -86.15 -28.40 -6.20
CA PHE A 76 -86.19 -29.27 -5.04
C PHE A 76 -85.72 -28.54 -3.78
N ARG A 77 -84.61 -27.80 -3.89
CA ARG A 77 -84.02 -27.12 -2.74
C ARG A 77 -84.97 -26.07 -2.20
N GLU A 78 -85.63 -25.33 -3.10
CA GLU A 78 -86.61 -24.35 -2.60
C GLU A 78 -87.80 -25.05 -1.96
N LYS A 79 -88.30 -26.13 -2.58
CA LYS A 79 -89.49 -26.79 -2.03
C LYS A 79 -89.22 -27.42 -0.68
N TYR A 80 -87.95 -27.76 -0.40
CA TYR A 80 -87.56 -28.38 0.87
C TYR A 80 -86.47 -27.56 1.57
N ARG A 81 -86.53 -26.23 1.42
CA ARG A 81 -85.70 -25.37 2.24
C ARG A 81 -86.26 -25.27 3.66
N ASN A 82 -87.56 -25.47 3.82
CA ASN A 82 -88.20 -25.46 5.13
C ASN A 82 -87.91 -26.75 5.89
N GLY A 94 -83.24 -32.96 18.80
CA GLY A 94 -84.40 -33.54 19.45
C GLY A 94 -84.35 -35.06 19.50
N SER A 95 -84.59 -35.69 18.36
CA SER A 95 -84.52 -37.15 18.28
C SER A 95 -83.11 -37.67 18.04
N LEU A 96 -82.11 -36.78 17.99
CA LEU A 96 -80.72 -37.17 17.77
C LEU A 96 -79.82 -36.42 18.73
N GLN A 97 -78.67 -37.02 19.05
CA GLN A 97 -77.70 -36.42 19.96
C GLN A 97 -76.71 -35.55 19.18
N GLU A 98 -76.68 -34.26 19.51
CA GLU A 98 -75.73 -33.36 18.88
C GLU A 98 -74.61 -33.01 19.86
N LYS A 103 -68.06 -28.53 22.28
CA LYS A 103 -66.90 -27.71 22.62
C LYS A 103 -65.89 -28.48 23.46
N CYS A 104 -64.61 -28.17 23.30
CA CYS A 104 -63.51 -28.93 23.88
C CYS A 104 -63.12 -28.33 25.24
N ASP A 105 -64.08 -28.34 26.16
CA ASP A 105 -63.87 -27.72 27.47
C ASP A 105 -63.98 -28.68 28.65
N GLY A 106 -64.68 -29.79 28.53
CA GLY A 106 -64.93 -30.72 29.60
C GLY A 106 -64.09 -31.97 29.58
N LEU A 107 -63.24 -32.14 28.56
CA LEU A 107 -62.47 -33.36 28.39
C LEU A 107 -61.35 -33.43 29.42
N LYS A 108 -61.48 -34.34 30.39
CA LYS A 108 -60.49 -34.52 31.43
C LYS A 108 -59.37 -35.47 31.04
N MET A 109 -59.53 -36.22 29.95
CA MET A 109 -58.54 -37.19 29.51
C MET A 109 -58.27 -36.97 28.03
N GLU A 110 -57.00 -36.86 27.66
CA GLU A 110 -56.65 -36.72 26.25
C GLU A 110 -56.61 -38.06 25.53
N HIS A 111 -56.60 -39.17 26.26
CA HIS A 111 -56.66 -40.51 25.70
C HIS A 111 -57.60 -41.38 26.52
N VAL A 112 -58.44 -42.15 25.84
CA VAL A 112 -59.39 -43.06 26.48
C VAL A 112 -59.27 -44.43 25.84
N SER A 113 -59.23 -45.47 26.67
CA SER A 113 -59.20 -46.85 26.20
C SER A 113 -60.49 -47.56 26.61
N VAL A 114 -61.06 -48.30 25.66
CA VAL A 114 -62.27 -49.08 25.85
C VAL A 114 -61.99 -50.53 25.48
N LEU A 115 -62.19 -51.43 26.45
CA LEU A 115 -62.11 -52.86 26.24
C LEU A 115 -63.53 -53.42 26.16
N VAL A 116 -63.85 -54.03 25.01
CA VAL A 116 -65.14 -54.71 24.84
C VAL A 116 -65.04 -56.04 25.56
N LYS A 117 -65.57 -56.10 26.79
CA LYS A 117 -65.42 -57.30 27.62
C LYS A 117 -66.48 -58.33 27.31
N GLY A 118 -67.70 -57.90 26.99
CA GLY A 118 -68.78 -58.81 26.64
C GLY A 118 -69.59 -58.33 25.45
N TRP A 119 -69.96 -59.23 24.56
CA TRP A 119 -70.65 -58.86 23.33
CA TRP A 119 -70.66 -58.85 23.34
C TRP A 119 -71.40 -60.07 22.79
N THR A 120 -72.32 -59.80 21.86
CA THR A 120 -73.02 -60.87 21.17
C THR A 120 -72.92 -60.68 19.66
N TRP A 121 -72.91 -59.41 19.23
CA TRP A 121 -72.86 -59.06 17.81
C TRP A 121 -71.87 -57.95 17.48
N ILE A 122 -71.27 -57.29 18.46
CA ILE A 122 -70.40 -56.14 18.19
C ILE A 122 -69.29 -56.56 17.24
N PRO A 123 -69.09 -55.87 16.12
CA PRO A 123 -68.15 -56.35 15.10
C PRO A 123 -66.70 -56.11 15.46
N ASP A 124 -65.84 -56.98 14.95
CA ASP A 124 -64.40 -56.79 15.11
C ASP A 124 -63.95 -55.52 14.40
N ASN A 125 -64.62 -55.15 13.30
CA ASN A 125 -64.19 -54.02 12.49
C ASN A 125 -64.37 -52.69 13.20
N LEU A 126 -64.88 -52.68 14.43
CA LEU A 126 -64.82 -51.46 15.25
C LEU A 126 -63.47 -51.29 15.93
N ASP A 127 -62.69 -52.37 16.09
CA ASP A 127 -61.42 -52.25 16.80
C ASP A 127 -60.48 -51.32 16.05
N ASN A 128 -60.02 -50.28 16.74
CA ASN A 128 -59.11 -49.32 16.12
C ASN A 128 -58.62 -48.35 17.18
N LEU A 129 -57.52 -47.67 16.85
CA LEU A 129 -57.07 -46.51 17.62
C LEU A 129 -57.55 -45.29 16.84
N TYR A 130 -58.73 -44.81 17.20
CA TYR A 130 -59.36 -43.69 16.52
C TYR A 130 -58.79 -42.37 16.99
N SER A 131 -58.73 -41.43 16.05
CA SER A 131 -58.44 -40.03 16.33
C SER A 131 -59.74 -39.26 16.24
N CYS A 132 -60.16 -38.67 17.35
CA CYS A 132 -61.44 -38.00 17.48
C CYS A 132 -61.19 -36.50 17.53
N ARG A 133 -62.27 -35.75 17.70
CA ARG A 133 -62.14 -34.30 17.78
C ARG A 133 -61.42 -33.92 19.08
N CYS A 134 -61.00 -32.67 19.14
CA CYS A 134 -60.34 -32.08 20.32
C CYS A 134 -59.05 -32.80 20.69
N GLY A 135 -58.38 -33.40 19.71
CA GLY A 135 -57.14 -34.08 20.02
C GLY A 135 -57.31 -35.29 20.91
N LEU A 136 -58.48 -35.92 20.90
CA LEU A 136 -58.76 -37.07 21.73
C LEU A 136 -58.40 -38.35 20.99
N SER A 137 -57.70 -39.25 21.66
CA SER A 137 -57.44 -40.56 21.09
C SER A 137 -58.30 -41.59 21.81
N CYS A 138 -58.73 -42.60 21.04
CA CYS A 138 -59.74 -43.54 21.52
C CYS A 138 -59.34 -44.95 21.06
N LEU A 139 -58.87 -45.78 21.99
CA LEU A 139 -58.43 -47.12 21.65
C LEU A 139 -59.54 -48.11 21.99
N TRP A 140 -60.21 -48.63 20.97
CA TRP A 140 -61.33 -49.54 21.13
C TRP A 140 -60.89 -50.92 20.68
N THR A 141 -60.96 -51.91 21.58
CA THR A 141 -60.49 -53.23 21.21
C THR A 141 -61.16 -54.29 22.07
N LYS A 142 -61.15 -55.52 21.56
CA LYS A 142 -61.58 -56.70 22.31
C LYS A 142 -60.41 -57.45 22.93
N SER A 143 -59.19 -56.96 22.75
CA SER A 143 -58.00 -57.66 23.22
C SER A 143 -57.54 -57.02 24.53
N SER A 144 -57.47 -57.84 25.58
CA SER A 144 -56.92 -57.37 26.86
C SER A 144 -55.41 -57.22 26.82
N VAL A 145 -54.75 -57.68 25.74
CA VAL A 145 -53.32 -57.40 25.59
C VAL A 145 -53.10 -55.99 25.06
N LEU A 146 -53.90 -55.56 24.08
CA LEU A 146 -53.81 -54.18 23.60
C LEU A 146 -54.15 -53.19 24.70
N VAL A 147 -55.18 -53.49 25.49
CA VAL A 147 -55.55 -52.71 26.66
C VAL A 147 -55.68 -53.65 27.85
N ASP A 148 -54.70 -53.62 28.74
CA ASP A 148 -54.73 -54.42 29.96
C ASP A 148 -55.27 -53.66 31.16
N LYS A 149 -55.34 -52.33 31.08
CA LYS A 149 -55.93 -51.50 32.13
C LYS A 149 -56.89 -50.52 31.48
N PRO A 150 -58.04 -51.00 31.01
CA PRO A 150 -58.96 -50.12 30.28
C PRO A 150 -59.58 -49.08 31.20
N ASP A 151 -59.89 -47.93 30.61
CA ASP A 151 -60.64 -46.91 31.33
C ASP A 151 -62.13 -47.25 31.42
N ALA A 152 -62.64 -48.07 30.51
CA ALA A 152 -64.05 -48.42 30.51
C ALA A 152 -64.23 -49.80 29.89
N LEU A 153 -65.19 -50.56 30.41
CA LEU A 153 -65.58 -51.85 29.85
C LEU A 153 -66.95 -51.73 29.22
N LEU A 154 -67.06 -52.19 27.97
CA LEU A 154 -68.33 -52.22 27.26
C LEU A 154 -68.89 -53.63 27.33
N PHE A 155 -70.16 -53.72 27.72
CA PHE A 155 -70.88 -54.99 27.74
C PHE A 155 -72.11 -54.81 26.85
N GLU A 156 -72.12 -55.49 25.71
CA GLU A 156 -73.24 -55.46 24.79
C GLU A 156 -74.06 -56.71 25.05
N THR A 157 -75.26 -56.53 25.61
CA THR A 157 -76.14 -57.64 25.97
C THR A 157 -75.42 -58.66 26.85
N THR A 158 -74.63 -58.14 27.79
CA THR A 158 -73.92 -58.96 28.77
C THR A 158 -74.00 -58.26 30.11
N THR A 159 -73.97 -59.03 31.19
CA THR A 159 -74.19 -58.48 32.52
C THR A 159 -72.93 -57.77 33.00
N PRO A 160 -72.99 -56.49 33.34
CA PRO A 160 -71.82 -55.79 33.88
C PRO A 160 -71.53 -56.23 35.31
N PRO A 161 -70.43 -55.77 35.91
CA PRO A 161 -70.15 -56.10 37.31
C PRO A 161 -71.23 -55.56 38.23
N LEU A 162 -71.42 -56.25 39.36
CA LEU A 162 -72.52 -55.91 40.26
C LEU A 162 -72.32 -54.55 40.93
N GLN A 163 -71.08 -54.14 41.17
CA GLN A 163 -70.79 -52.86 41.79
C GLN A 163 -69.52 -52.30 41.18
N ARG A 164 -69.36 -50.98 41.29
CA ARG A 164 -68.15 -50.31 40.84
C ARG A 164 -67.59 -49.49 41.98
N ARG A 165 -66.36 -49.82 42.39
CA ARG A 165 -65.63 -49.00 43.33
C ARG A 165 -64.85 -47.95 42.55
N SER A 166 -64.64 -46.80 43.18
CA SER A 166 -63.91 -45.73 42.50
C SER A 166 -62.48 -46.18 42.22
N GLY A 167 -62.00 -45.84 41.02
CA GLY A 167 -60.75 -46.37 40.51
C GLY A 167 -60.90 -47.63 39.69
N ASP A 168 -62.09 -48.23 39.68
CA ASP A 168 -62.38 -49.28 38.71
C ASP A 168 -62.78 -48.64 37.39
N PRO A 169 -62.60 -49.35 36.28
CA PRO A 169 -63.06 -48.82 35.00
C PRO A 169 -64.56 -48.63 34.97
N LEU A 170 -65.00 -47.61 34.23
CA LEU A 170 -66.42 -47.33 34.06
C LEU A 170 -67.11 -48.49 33.36
N ARG A 171 -68.34 -48.79 33.81
CA ARG A 171 -69.14 -49.88 33.24
C ARG A 171 -70.11 -49.31 32.22
N VAL A 172 -70.00 -49.78 30.98
CA VAL A 172 -70.87 -49.35 29.88
C VAL A 172 -71.65 -50.56 29.40
N TYR A 173 -72.97 -50.44 29.38
CA TYR A 173 -73.87 -51.47 28.86
C TYR A 173 -74.53 -50.98 27.60
N MET A 174 -74.73 -51.87 26.63
CA MET A 174 -75.23 -51.49 25.32
C MET A 174 -76.30 -52.47 24.85
N ASP A 175 -77.41 -51.94 24.35
CA ASP A 175 -78.45 -52.74 23.72
C ASP A 175 -79.18 -51.86 22.72
N LEU A 176 -79.21 -52.28 21.45
CA LEU A 176 -79.91 -51.54 20.42
C LEU A 176 -81.30 -52.09 20.11
N GLU A 177 -81.72 -53.16 20.78
CA GLU A 177 -83.06 -53.68 20.57
C GLU A 177 -84.10 -52.77 21.22
N ALA A 178 -85.32 -52.81 20.69
CA ALA A 178 -86.39 -51.94 21.18
C ALA A 178 -86.64 -52.19 22.66
N GLY A 179 -86.86 -51.11 23.41
CA GLY A 179 -87.18 -51.19 24.82
C GLY A 179 -86.26 -50.42 25.73
N ARG A 180 -85.04 -50.10 25.29
CA ARG A 180 -84.07 -49.37 26.11
C ARG A 180 -83.88 -50.07 27.46
N LYS A 181 -83.65 -51.38 27.39
CA LYS A 181 -83.56 -52.24 28.57
C LYS A 181 -82.19 -52.08 29.22
N ARG A 182 -82.11 -51.18 30.19
CA ARG A 182 -80.91 -51.01 30.98
C ARG A 182 -80.66 -52.24 31.84
N SER A 183 -79.37 -52.54 32.06
CA SER A 183 -79.04 -53.67 32.92
C SER A 183 -79.12 -53.31 34.40
N GLY A 184 -79.12 -52.03 34.74
CA GLY A 184 -79.10 -51.60 36.13
C GLY A 184 -77.76 -51.68 36.81
N LEU A 185 -76.73 -52.22 36.14
CA LEU A 185 -75.39 -52.33 36.71
C LEU A 185 -74.37 -51.54 35.89
N GLU A 186 -74.82 -50.54 35.15
CA GLU A 186 -73.94 -49.75 34.31
C GLU A 186 -73.89 -48.31 34.80
N ASP A 187 -72.76 -47.67 34.52
CA ASP A 187 -72.63 -46.24 34.71
C ASP A 187 -73.01 -45.46 33.45
N MET A 188 -73.05 -46.13 32.30
CA MET A 188 -73.45 -45.54 31.04
C MET A 188 -74.24 -46.57 30.23
N PHE A 189 -75.24 -46.08 29.51
CA PHE A 189 -76.11 -46.93 28.71
C PHE A 189 -76.07 -46.47 27.26
N ILE A 190 -75.88 -47.42 26.35
CA ILE A 190 -75.87 -47.14 24.92
C ILE A 190 -77.12 -47.77 24.31
N SER A 191 -77.88 -46.97 23.58
CA SER A 191 -79.05 -47.47 22.88
C SER A 191 -79.23 -46.67 21.60
N TYR A 192 -80.35 -46.91 20.93
CA TYR A 192 -80.73 -46.18 19.72
C TYR A 192 -81.34 -44.82 20.02
N HIS A 193 -81.65 -44.53 21.28
CA HIS A 193 -82.43 -43.36 21.65
C HIS A 193 -81.52 -42.21 22.11
N ALA A 194 -81.94 -40.99 21.80
CA ALA A 194 -81.13 -39.82 22.10
C ALA A 194 -81.12 -39.47 23.59
N LYS A 195 -82.11 -39.92 24.35
CA LYS A 195 -82.23 -39.55 25.75
C LYS A 195 -81.45 -40.47 26.69
N ASP A 196 -80.70 -41.42 26.15
CA ASP A 196 -79.78 -42.22 26.94
C ASP A 196 -78.38 -41.60 26.91
N ASP A 197 -77.42 -42.28 27.55
CA ASP A 197 -76.11 -41.67 27.76
C ASP A 197 -75.38 -41.44 26.44
N VAL A 198 -75.26 -42.47 25.61
CA VAL A 198 -74.68 -42.35 24.28
C VAL A 198 -75.60 -43.04 23.28
N GLN A 199 -75.97 -42.32 22.23
CA GLN A 199 -76.88 -42.85 21.21
C GLN A 199 -76.09 -43.54 20.11
N SER A 200 -76.64 -44.63 19.58
CA SER A 200 -76.06 -45.32 18.43
C SER A 200 -77.21 -45.71 17.51
N THR A 201 -77.40 -44.95 16.43
CA THR A 201 -78.42 -45.23 15.44
C THR A 201 -77.97 -46.36 14.51
N TYR A 202 -78.90 -46.82 13.69
CA TYR A 202 -78.64 -47.89 12.73
C TYR A 202 -78.14 -47.40 11.39
N ALA A 203 -78.03 -46.09 11.19
CA ALA A 203 -77.62 -45.55 9.89
C ALA A 203 -76.09 -45.52 9.79
N GLY A 204 -75.51 -46.71 9.88
CA GLY A 204 -74.07 -46.86 9.82
C GLY A 204 -73.65 -47.88 8.78
N ALA A 205 -72.36 -47.87 8.47
CA ALA A 205 -71.78 -48.77 7.49
C ALA A 205 -70.86 -49.80 8.10
N LEU A 206 -70.51 -49.70 9.39
CA LEU A 206 -69.50 -50.57 9.97
C LEU A 206 -70.04 -51.95 10.28
N PHE A 207 -71.24 -52.07 10.85
CA PHE A 207 -71.86 -53.39 10.96
CA PHE A 207 -71.86 -53.39 10.96
C PHE A 207 -72.32 -53.84 9.59
N HIS A 208 -72.04 -55.10 9.27
CA HIS A 208 -72.24 -55.70 7.95
C HIS A 208 -71.30 -55.13 6.91
N ASN A 209 -70.17 -54.58 7.35
CA ASN A 209 -69.15 -54.15 6.42
C ASN A 209 -68.51 -55.39 5.79
N GLY A 210 -68.14 -55.28 4.53
CA GLY A 210 -67.59 -56.44 3.86
C GLY A 210 -68.72 -57.19 3.18
N ARG A 211 -69.48 -56.47 2.38
CA ARG A 211 -70.65 -56.92 1.65
CA ARG A 211 -70.60 -57.03 1.64
C ARG A 211 -70.41 -56.74 0.16
N ASN A 212 -71.42 -57.04 -0.64
CA ASN A 212 -71.38 -56.73 -2.06
C ASN A 212 -71.88 -55.31 -2.26
N TYR A 213 -71.13 -54.52 -3.01
CA TYR A 213 -71.45 -53.11 -3.17
C TYR A 213 -72.02 -52.78 -4.54
N GLN A 214 -72.36 -53.79 -5.34
CA GLN A 214 -72.96 -53.52 -6.63
C GLN A 214 -74.35 -52.92 -6.46
N VAL A 215 -74.63 -51.89 -7.25
CA VAL A 215 -75.94 -51.25 -7.31
C VAL A 215 -76.40 -51.35 -8.75
N SER A 216 -77.52 -52.04 -8.97
CA SER A 216 -77.99 -52.29 -10.32
C SER A 216 -78.43 -50.99 -11.00
N SER A 217 -78.13 -50.87 -12.28
CA SER A 217 -78.58 -49.75 -13.08
C SER A 217 -79.93 -49.99 -13.73
N TYR A 218 -80.51 -51.18 -13.54
CA TYR A 218 -81.81 -51.54 -14.10
C TYR A 218 -82.73 -51.99 -12.99
N LYS A 219 -83.92 -51.39 -12.93
CA LYS A 219 -84.97 -51.79 -12.01
C LYS A 219 -85.90 -52.80 -12.70
N ASN A 220 -86.46 -53.72 -11.92
CA ASN A 220 -87.36 -54.72 -12.46
C ASN A 220 -88.60 -54.04 -13.04
N ASN A 221 -89.08 -54.55 -14.19
CA ASN A 221 -90.20 -53.90 -14.87
C ASN A 221 -91.54 -54.27 -14.25
N ASP A 222 -91.76 -55.55 -13.97
CA ASP A 222 -93.03 -56.02 -13.40
C ASP A 222 -93.02 -55.93 -11.88
N THR A 223 -92.08 -56.58 -11.24
CA THR A 223 -92.01 -56.61 -9.79
C THR A 223 -91.43 -55.32 -9.23
N LEU A 224 -92.18 -54.68 -8.34
CA LEU A 224 -91.80 -53.38 -7.79
C LEU A 224 -91.30 -53.43 -6.35
N VAL A 225 -91.58 -54.49 -5.60
CA VAL A 225 -91.37 -54.49 -4.16
C VAL A 225 -90.51 -55.67 -3.75
N TYR A 226 -89.49 -55.39 -2.94
CA TYR A 226 -88.65 -56.38 -2.26
C TYR A 226 -89.09 -56.50 -0.81
N TRP A 227 -89.13 -57.73 -0.30
CA TRP A 227 -89.36 -57.93 1.13
C TRP A 227 -88.62 -59.18 1.58
N SER A 228 -88.11 -59.15 2.80
CA SER A 228 -87.44 -60.31 3.39
C SER A 228 -87.66 -60.31 4.90
N SER A 229 -88.23 -61.40 5.41
CA SER A 229 -88.39 -61.58 6.85
C SER A 229 -88.27 -63.06 7.17
N SER A 230 -87.61 -63.36 8.29
CA SER A 230 -87.43 -64.75 8.70
C SER A 230 -87.91 -65.04 10.11
N ARG A 231 -88.31 -64.04 10.88
CA ARG A 231 -88.98 -64.26 12.16
C ARG A 231 -90.43 -63.83 11.95
N CYS A 232 -91.30 -64.80 11.67
CA CYS A 232 -92.65 -64.50 11.22
C CYS A 232 -93.50 -64.17 12.44
N LEU A 233 -93.72 -62.87 12.66
CA LEU A 233 -94.57 -62.35 13.71
C LEU A 233 -95.99 -62.17 13.20
N PRO A 234 -96.97 -62.51 14.04
CA PRO A 234 -98.36 -62.55 13.55
C PRO A 234 -98.85 -61.24 12.96
N GLN A 235 -98.69 -60.12 13.68
CA GLN A 235 -99.20 -58.86 13.19
C GLN A 235 -98.41 -58.36 11.98
N ARG A 236 -97.07 -58.50 12.02
CA ARG A 236 -96.27 -58.08 10.88
C ARG A 236 -96.61 -58.88 9.64
N ASN A 237 -96.76 -60.20 9.79
CA ASN A 237 -97.14 -61.04 8.66
C ASN A 237 -98.53 -60.70 8.16
N ARG A 238 -99.45 -60.35 9.07
CA ARG A 238 -100.79 -59.93 8.65
C ARG A 238 -100.72 -58.70 7.76
N LEU A 239 -99.98 -57.68 8.20
CA LEU A 239 -99.84 -56.47 7.39
C LEU A 239 -99.14 -56.78 6.08
N ALA A 240 -98.11 -57.62 6.11
CA ALA A 240 -97.36 -57.94 4.90
C ALA A 240 -98.24 -58.66 3.90
N LYS A 241 -99.03 -59.64 4.34
CA LYS A 241 -99.91 -60.36 3.42
C LYS A 241 -100.90 -59.40 2.79
N ASN A 242 -101.53 -58.55 3.63
CA ASN A 242 -102.55 -57.64 3.09
C ASN A 242 -101.95 -56.66 2.10
N LEU A 243 -100.78 -56.11 2.39
CA LEU A 243 -100.20 -55.12 1.49
C LEU A 243 -99.63 -55.77 0.23
N LEU A 244 -98.92 -56.90 0.38
CA LEU A 244 -98.30 -57.56 -0.76
C LEU A 244 -99.33 -58.18 -1.70
N SER A 245 -100.55 -58.44 -1.23
CA SER A 245 -101.58 -58.90 -2.16
C SER A 245 -101.94 -57.85 -3.20
N LEU A 246 -101.66 -56.58 -2.93
CA LEU A 246 -101.98 -55.49 -3.84
C LEU A 246 -100.80 -55.02 -4.68
N LEU A 247 -99.61 -55.59 -4.47
CA LEU A 247 -98.42 -55.13 -5.17
C LEU A 247 -97.61 -56.32 -5.67
N PRO A 248 -97.23 -56.36 -6.94
CA PRO A 248 -96.33 -57.42 -7.41
C PRO A 248 -95.00 -57.34 -6.68
N HIS A 249 -94.55 -58.48 -6.17
CA HIS A 249 -93.47 -58.45 -5.21
C HIS A 249 -92.67 -59.75 -5.26
N HIS A 250 -91.46 -59.68 -4.73
CA HIS A 250 -90.62 -60.84 -4.47
C HIS A 250 -90.34 -60.87 -2.97
N SER A 251 -90.66 -61.99 -2.31
CA SER A 251 -90.41 -62.14 -0.88
C SER A 251 -89.40 -63.27 -0.69
N PHE A 252 -88.18 -62.92 -0.28
CA PHE A 252 -87.10 -63.89 -0.27
C PHE A 252 -86.92 -64.58 1.07
N GLY A 253 -87.53 -64.07 2.14
CA GLY A 253 -87.36 -64.65 3.44
C GLY A 253 -88.24 -65.88 3.66
N LYS A 254 -88.18 -66.41 4.88
CA LYS A 254 -88.99 -67.58 5.21
C LYS A 254 -90.47 -67.23 5.30
N CYS A 255 -90.79 -65.97 5.61
CA CYS A 255 -92.17 -65.53 5.78
C CYS A 255 -92.76 -65.12 4.44
N LEU A 256 -93.91 -65.71 4.10
CA LEU A 256 -94.67 -65.34 2.91
C LEU A 256 -93.84 -65.40 1.62
N ASN A 257 -93.04 -66.45 1.49
CA ASN A 257 -92.19 -66.60 0.32
C ASN A 257 -93.01 -66.76 -0.95
N ASN A 258 -92.69 -65.95 -1.97
CA ASN A 258 -93.33 -66.06 -3.28
C ASN A 258 -92.28 -66.19 -4.39
N VAL A 259 -91.06 -66.54 -4.03
CA VAL A 259 -89.95 -66.73 -4.95
C VAL A 259 -89.47 -68.17 -4.99
N GLY A 260 -89.99 -69.04 -4.12
CA GLY A 260 -89.61 -70.43 -4.14
C GLY A 260 -88.71 -70.85 -3.00
N GLY A 261 -87.43 -71.09 -3.28
CA GLY A 261 -86.51 -71.59 -2.30
C GLY A 261 -86.06 -70.58 -1.26
N PRO A 262 -85.07 -70.98 -0.45
CA PRO A 262 -84.60 -70.10 0.63
C PRO A 262 -83.53 -69.09 0.25
N ASP A 263 -82.79 -69.31 -0.84
CA ASP A 263 -81.69 -68.43 -1.25
C ASP A 263 -81.77 -68.08 -2.73
N MET A 264 -82.95 -67.68 -3.18
CA MET A 264 -83.16 -67.36 -4.59
C MET A 264 -82.61 -66.00 -5.00
N ALA A 265 -82.28 -65.12 -4.05
CA ALA A 265 -81.75 -63.81 -4.41
C ALA A 265 -80.47 -63.94 -5.22
N LEU A 266 -79.56 -64.83 -4.82
CA LEU A 266 -78.36 -65.06 -5.60
C LEU A 266 -78.64 -65.78 -6.91
N SER A 267 -79.75 -66.53 -6.98
CA SER A 267 -80.09 -67.19 -8.23
C SER A 267 -80.58 -66.21 -9.29
N LEU A 268 -81.41 -65.24 -8.89
CA LEU A 268 -81.88 -64.25 -9.84
C LEU A 268 -80.79 -63.26 -10.21
N TYR A 269 -79.91 -62.96 -9.26
CA TYR A 269 -78.88 -61.93 -9.43
C TYR A 269 -77.55 -62.54 -9.02
N PRO A 270 -76.96 -63.38 -9.89
CA PRO A 270 -75.70 -64.03 -9.53
C PRO A 270 -74.55 -63.05 -9.33
N GLU A 271 -74.64 -61.85 -9.94
CA GLU A 271 -73.61 -60.83 -9.79
C GLU A 271 -73.55 -60.27 -8.38
N CYS A 272 -74.54 -60.55 -7.54
CA CYS A 272 -74.55 -60.07 -6.16
C CYS A 272 -73.79 -60.99 -5.21
N ASN A 273 -73.17 -62.04 -5.72
CA ASN A 273 -72.41 -62.94 -4.86
C ASN A 273 -71.18 -62.26 -4.28
N ASN A 274 -70.87 -62.57 -3.02
CA ASN A 274 -69.69 -62.05 -2.35
C ASN A 274 -68.56 -63.06 -2.47
N ASP A 275 -67.42 -62.62 -3.03
CA ASP A 275 -66.30 -63.52 -3.24
C ASP A 275 -65.63 -63.94 -1.94
N ALA A 276 -65.77 -63.14 -0.87
CA ALA A 276 -65.15 -63.50 0.40
C ALA A 276 -65.91 -64.60 1.11
N SER A 277 -67.25 -64.56 1.07
CA SER A 277 -68.09 -65.52 1.80
C SER A 277 -67.94 -66.93 1.25
N PRO A 280 -72.00 -68.77 2.76
CA PRO A 280 -72.46 -67.40 2.46
C PRO A 280 -72.90 -66.64 3.71
N ARG A 281 -73.66 -65.58 3.52
CA ARG A 281 -74.26 -64.85 4.63
C ARG A 281 -75.49 -64.12 4.12
N TRP A 282 -76.47 -63.91 5.01
CA TRP A 282 -77.72 -63.31 4.59
C TRP A 282 -77.56 -61.84 4.20
N TRP A 283 -76.59 -61.15 4.79
CA TRP A 283 -76.40 -59.72 4.61
C TRP A 283 -75.37 -59.36 3.55
N ASP A 284 -74.62 -60.32 3.02
CA ASP A 284 -73.53 -59.98 2.10
C ASP A 284 -74.05 -59.52 0.75
N HIS A 285 -75.32 -59.78 0.43
CA HIS A 285 -75.89 -59.48 -0.87
C HIS A 285 -77.21 -58.74 -0.74
N LEU A 286 -77.56 -58.30 0.46
CA LEU A 286 -78.86 -57.68 0.71
C LEU A 286 -79.01 -56.39 -0.09
N HIS A 287 -78.03 -55.49 0.01
CA HIS A 287 -78.09 -54.21 -0.70
C HIS A 287 -78.18 -54.43 -2.21
N CYS A 288 -77.33 -55.31 -2.73
CA CYS A 288 -77.29 -55.54 -4.17
C CYS A 288 -78.62 -56.08 -4.68
N ALA A 289 -79.21 -57.03 -3.93
CA ALA A 289 -80.52 -57.55 -4.30
C ALA A 289 -81.57 -56.45 -4.24
N MET A 290 -81.58 -55.63 -3.18
CA MET A 290 -82.57 -54.57 -3.09
C MET A 290 -82.44 -53.57 -4.23
N SER A 291 -81.22 -53.34 -4.72
CA SER A 291 -81.04 -52.32 -5.74
C SER A 291 -81.82 -52.59 -7.02
N HIS A 292 -82.21 -53.85 -7.27
CA HIS A 292 -82.96 -54.16 -8.48
C HIS A 292 -84.43 -53.77 -8.37
N TYR A 293 -84.94 -53.51 -7.17
CA TYR A 293 -86.36 -53.27 -6.95
C TYR A 293 -86.61 -51.79 -6.67
N LYS A 294 -87.69 -51.27 -7.26
CA LYS A 294 -88.04 -49.86 -7.07
C LYS A 294 -88.41 -49.58 -5.63
N PHE A 295 -88.93 -50.56 -4.92
CA PHE A 295 -89.42 -50.35 -3.57
C PHE A 295 -88.97 -51.51 -2.68
N VAL A 296 -88.75 -51.18 -1.41
CA VAL A 296 -88.41 -52.15 -0.38
C VAL A 296 -89.43 -52.00 0.74
N LEU A 297 -90.06 -53.10 1.12
CA LEU A 297 -91.01 -53.07 2.23
C LEU A 297 -90.23 -53.23 3.53
N ALA A 298 -90.39 -52.26 4.43
CA ALA A 298 -89.66 -52.25 5.70
C ALA A 298 -90.67 -52.13 6.83
N ILE A 299 -90.87 -53.22 7.57
CA ILE A 299 -91.79 -53.26 8.71
C ILE A 299 -90.99 -53.66 9.93
N GLU A 300 -90.88 -52.74 10.89
CA GLU A 300 -90.13 -53.03 12.11
C GLU A 300 -90.86 -54.08 12.93
N ASN A 301 -90.09 -54.83 13.73
CA ASN A 301 -90.67 -55.81 14.64
C ASN A 301 -91.31 -55.16 15.85
N THR A 302 -91.04 -53.88 16.11
CA THR A 302 -91.61 -53.17 17.24
C THR A 302 -91.84 -51.73 16.84
N VAL A 303 -93.00 -51.20 17.19
CA VAL A 303 -93.35 -49.80 16.94
C VAL A 303 -93.13 -49.03 18.23
N THR A 304 -92.04 -48.27 18.28
CA THR A 304 -91.73 -47.44 19.43
C THR A 304 -90.85 -46.28 18.98
N GLU A 305 -90.74 -45.29 19.86
CA GLU A 305 -90.07 -44.04 19.52
C GLU A 305 -88.58 -44.28 19.23
N SER A 306 -88.12 -43.72 18.11
CA SER A 306 -86.73 -43.71 17.65
C SER A 306 -86.20 -45.08 17.24
N TYR A 307 -87.05 -46.11 17.16
CA TYR A 307 -86.58 -47.44 16.76
C TYR A 307 -86.69 -47.56 15.25
N VAL A 308 -85.66 -47.08 14.55
CA VAL A 308 -85.56 -47.20 13.10
C VAL A 308 -84.30 -48.01 12.80
N THR A 309 -84.46 -49.19 12.21
CA THR A 309 -83.36 -50.11 12.00
C THR A 309 -82.92 -50.12 10.54
N GLU A 310 -82.01 -51.04 10.22
CA GLU A 310 -81.41 -51.13 8.90
C GLU A 310 -82.41 -51.50 7.81
N LYS A 311 -83.61 -51.96 8.19
CA LYS A 311 -84.63 -52.29 7.20
C LYS A 311 -84.94 -51.10 6.31
N LEU A 312 -84.83 -49.88 6.84
CA LEU A 312 -85.00 -48.65 6.08
C LEU A 312 -83.67 -48.16 5.50
N PHE A 313 -82.64 -48.13 6.34
CA PHE A 313 -81.39 -47.47 5.97
C PHE A 313 -80.68 -48.22 4.83
N TYR A 314 -80.74 -49.56 4.83
CA TYR A 314 -80.11 -50.29 3.73
C TYR A 314 -80.81 -50.02 2.40
N ALA A 315 -82.13 -49.85 2.43
CA ALA A 315 -82.83 -49.45 1.21
C ALA A 315 -82.35 -48.08 0.75
N LEU A 316 -82.19 -47.14 1.68
CA LEU A 316 -81.60 -45.85 1.29
C LEU A 316 -80.18 -46.01 0.77
N ASP A 317 -79.46 -47.04 1.24
CA ASP A 317 -78.10 -47.32 0.77
C ASP A 317 -78.09 -47.97 -0.60
N SER A 318 -79.22 -48.51 -1.06
CA SER A 318 -79.25 -49.30 -2.28
C SER A 318 -80.08 -48.65 -3.39
N VAL A 319 -80.31 -47.34 -3.29
CA VAL A 319 -81.03 -46.56 -4.30
C VAL A 319 -82.39 -47.22 -4.51
N SER A 320 -83.07 -47.52 -3.41
CA SER A 320 -84.41 -48.06 -3.45
C SER A 320 -85.25 -47.37 -2.39
N VAL A 321 -86.52 -47.12 -2.70
CA VAL A 321 -87.41 -46.35 -1.83
C VAL A 321 -88.07 -47.31 -0.84
N PRO A 322 -87.93 -47.10 0.46
CA PRO A 322 -88.57 -47.99 1.43
C PRO A 322 -90.03 -47.60 1.69
N ILE A 323 -90.89 -48.60 1.73
CA ILE A 323 -92.26 -48.46 2.22
C ILE A 323 -92.25 -48.86 3.68
N TYR A 324 -92.39 -47.88 4.58
CA TYR A 324 -92.00 -48.04 5.96
C TYR A 324 -93.20 -48.07 6.90
N PHE A 325 -93.19 -49.05 7.80
CA PHE A 325 -94.13 -49.16 8.92
C PHE A 325 -93.27 -49.30 10.18
N GLY A 326 -93.14 -48.23 10.96
CA GLY A 326 -92.24 -48.26 12.09
C GLY A 326 -92.35 -47.10 13.06
N ALA A 327 -91.21 -46.56 13.47
CA ALA A 327 -91.19 -45.59 14.55
C ALA A 327 -92.04 -44.37 14.19
N PRO A 328 -92.84 -43.85 15.12
CA PRO A 328 -93.68 -42.69 14.81
C PRO A 328 -92.89 -41.43 14.49
N ASN A 329 -91.66 -41.30 15.00
CA ASN A 329 -90.84 -40.13 14.76
C ASN A 329 -89.81 -40.36 13.67
N VAL A 330 -90.15 -41.21 12.69
CA VAL A 330 -89.19 -41.60 11.66
C VAL A 330 -88.71 -40.40 10.85
N TRP A 331 -89.57 -39.38 10.69
CA TRP A 331 -89.19 -38.23 9.88
C TRP A 331 -88.13 -37.37 10.54
N ASP A 332 -87.81 -37.61 11.81
CA ASP A 332 -86.66 -36.95 12.42
C ASP A 332 -85.35 -37.62 12.03
N PHE A 333 -85.41 -38.78 11.36
CA PHE A 333 -84.22 -39.57 11.07
C PHE A 333 -83.88 -39.66 9.58
N VAL A 334 -84.83 -39.41 8.69
CA VAL A 334 -84.64 -39.71 7.28
C VAL A 334 -84.54 -38.40 6.51
N PRO A 335 -83.96 -38.39 5.31
CA PRO A 335 -83.92 -37.17 4.52
C PRO A 335 -85.29 -36.81 3.99
N PRO A 336 -85.50 -35.56 3.55
CA PRO A 336 -86.82 -35.16 3.04
C PRO A 336 -87.20 -35.96 1.80
N HIS A 337 -88.48 -36.33 1.75
CA HIS A 337 -89.10 -37.01 0.61
C HIS A 337 -88.30 -38.25 0.21
N SER A 338 -87.92 -39.05 1.21
CA SER A 338 -87.07 -40.19 0.97
C SER A 338 -87.75 -41.54 1.19
N ILE A 339 -88.79 -41.60 2.01
CA ILE A 339 -89.45 -42.84 2.35
C ILE A 339 -90.94 -42.68 2.10
N ILE A 340 -91.65 -43.81 2.06
CA ILE A 340 -93.10 -43.83 2.03
C ILE A 340 -93.56 -44.34 3.39
N ASP A 341 -94.11 -43.45 4.20
CA ASP A 341 -94.61 -43.79 5.53
C ASP A 341 -95.99 -44.41 5.39
N GLY A 342 -96.07 -45.73 5.61
CA GLY A 342 -97.34 -46.41 5.44
C GLY A 342 -98.41 -45.99 6.42
N THR A 343 -98.00 -45.50 7.60
CA THR A 343 -98.96 -45.06 8.60
C THR A 343 -99.67 -43.77 8.22
N LYS A 344 -99.17 -43.05 7.21
CA LYS A 344 -99.77 -41.79 6.78
C LYS A 344 -100.82 -41.98 5.67
N PHE A 345 -101.30 -43.21 5.46
CA PHE A 345 -102.32 -43.45 4.45
C PHE A 345 -103.59 -43.98 5.10
N LYS A 346 -104.73 -43.62 4.49
CA LYS A 346 -106.03 -44.03 5.02
C LYS A 346 -106.26 -45.53 4.85
N SER A 347 -105.70 -46.12 3.81
CA SER A 347 -105.90 -47.55 3.55
C SER A 347 -104.66 -48.13 2.88
N LEU A 348 -104.55 -49.46 2.95
CA LEU A 348 -103.51 -50.15 2.21
C LEU A 348 -103.73 -50.05 0.71
N GLU A 349 -104.99 -49.98 0.26
CA GLU A 349 -105.26 -49.85 -1.17
C GLU A 349 -104.78 -48.53 -1.72
N ALA A 350 -104.94 -47.45 -0.95
CA ALA A 350 -104.43 -46.16 -1.38
C ALA A 350 -102.91 -46.17 -1.45
N LEU A 351 -102.27 -46.86 -0.51
CA LEU A 351 -100.82 -46.99 -0.52
C LEU A 351 -100.36 -47.73 -1.77
N ALA A 352 -101.03 -48.84 -2.10
CA ALA A 352 -100.68 -49.60 -3.28
C ALA A 352 -100.92 -48.79 -4.55
N SER A 353 -102.01 -48.01 -4.58
CA SER A 353 -102.26 -47.16 -5.74
C SER A 353 -101.17 -46.13 -5.93
N TYR A 354 -100.74 -45.49 -4.83
CA TYR A 354 -99.65 -44.53 -4.93
C TYR A 354 -98.37 -45.19 -5.42
N VAL A 355 -98.08 -46.39 -4.92
CA VAL A 355 -96.86 -47.10 -5.33
C VAL A 355 -96.93 -47.46 -6.81
N LYS A 356 -98.08 -47.96 -7.27
CA LYS A 356 -98.22 -48.31 -8.68
C LYS A 356 -98.07 -47.08 -9.58
N ASP A 357 -98.64 -45.94 -9.16
CA ASP A 357 -98.46 -44.72 -9.94
C ASP A 357 -97.01 -44.28 -9.96
N LEU A 358 -96.30 -44.41 -8.83
CA LEU A 358 -94.90 -44.01 -8.80
C LEU A 358 -94.06 -44.91 -9.72
N ALA A 359 -94.40 -46.20 -9.78
CA ALA A 359 -93.64 -47.13 -10.61
C ALA A 359 -93.74 -46.79 -12.10
N ASN A 360 -94.72 -45.99 -12.50
CA ASN A 360 -94.89 -45.60 -13.90
C ASN A 360 -94.61 -44.13 -14.15
N ASP A 361 -94.04 -43.43 -13.16
CA ASP A 361 -93.76 -41.99 -13.26
C ASP A 361 -92.30 -41.76 -12.93
N PRO A 362 -91.41 -41.83 -13.92
CA PRO A 362 -89.96 -41.71 -13.63
C PRO A 362 -89.59 -40.42 -12.91
N VAL A 363 -90.24 -39.30 -13.24
CA VAL A 363 -89.91 -38.03 -12.60
C VAL A 363 -90.30 -38.06 -11.12
N ALA A 364 -91.52 -38.52 -10.83
CA ALA A 364 -91.96 -38.60 -9.45
C ALA A 364 -91.16 -39.65 -8.67
N TYR A 365 -90.75 -40.73 -9.32
CA TYR A 365 -89.89 -41.70 -8.65
C TYR A 365 -88.53 -41.11 -8.30
N ALA A 366 -87.93 -40.36 -9.23
CA ALA A 366 -86.63 -39.75 -9.00
C ALA A 366 -86.70 -38.63 -7.96
N GLU A 367 -87.88 -38.05 -7.75
CA GLU A 367 -88.03 -37.11 -6.64
C GLU A 367 -87.62 -37.74 -5.31
N TYR A 368 -87.83 -39.06 -5.17
CA TYR A 368 -87.46 -39.79 -3.96
C TYR A 368 -85.97 -40.04 -3.83
N HIS A 369 -85.19 -39.79 -4.88
CA HIS A 369 -83.73 -39.84 -4.82
C HIS A 369 -83.11 -38.45 -4.92
N ALA A 370 -83.93 -37.43 -5.13
CA ALA A 370 -83.42 -36.07 -5.19
C ALA A 370 -82.71 -35.66 -3.91
N TRP A 371 -83.06 -36.25 -2.77
CA TRP A 371 -82.34 -35.94 -1.53
C TRP A 371 -80.86 -36.30 -1.65
N ARG A 372 -80.58 -37.44 -2.28
CA ARG A 372 -79.20 -37.86 -2.48
C ARG A 372 -78.55 -37.10 -3.63
N ARG A 373 -79.27 -36.95 -4.74
CA ARG A 373 -78.67 -36.34 -5.93
C ARG A 373 -78.41 -34.85 -5.75
N CYS A 374 -79.22 -34.16 -4.96
CA CYS A 374 -79.09 -32.73 -4.76
C CYS A 374 -78.41 -32.37 -3.46
N GLY A 375 -78.04 -33.36 -2.65
CA GLY A 375 -77.40 -33.08 -1.38
C GLY A 375 -78.27 -32.36 -0.37
N VAL A 376 -79.56 -32.70 -0.32
CA VAL A 376 -80.44 -32.15 0.70
C VAL A 376 -80.80 -33.29 1.65
N LEU A 377 -79.98 -33.46 2.69
CA LEU A 377 -80.11 -34.58 3.60
C LEU A 377 -81.10 -34.33 4.73
N GLY A 378 -81.41 -33.08 5.01
CA GLY A 378 -82.31 -32.79 6.12
C GLY A 378 -81.69 -33.29 7.40
N ASN A 379 -82.43 -34.16 8.10
CA ASN A 379 -81.98 -34.71 9.37
C ASN A 379 -81.13 -35.97 9.21
N TYR A 380 -81.05 -36.53 8.00
CA TYR A 380 -80.30 -37.76 7.79
C TYR A 380 -78.82 -37.60 8.13
N GLY A 381 -78.25 -36.42 7.86
CA GLY A 381 -76.86 -36.20 8.21
C GLY A 381 -76.62 -36.36 9.70
N LYS A 382 -77.48 -35.74 10.51
CA LYS A 382 -77.37 -35.87 11.96
C LYS A 382 -77.56 -37.32 12.38
N THR A 383 -78.48 -38.03 11.73
CA THR A 383 -78.70 -39.44 12.05
C THR A 383 -77.45 -40.28 11.83
N ARG A 384 -76.83 -40.16 10.65
CA ARG A 384 -75.62 -40.93 10.39
C ARG A 384 -74.45 -40.46 11.26
N ALA A 385 -74.47 -39.21 11.71
CA ALA A 385 -73.38 -38.72 12.55
C ALA A 385 -73.32 -39.43 13.90
N VAL A 386 -74.43 -39.98 14.38
CA VAL A 386 -74.42 -40.65 15.68
C VAL A 386 -74.74 -42.13 15.54
N SER A 387 -74.32 -42.73 14.42
CA SER A 387 -74.54 -44.15 14.19
C SER A 387 -73.45 -44.96 14.89
N LEU A 388 -73.44 -46.27 14.62
CA LEU A 388 -72.41 -47.14 15.21
C LEU A 388 -71.01 -46.75 14.74
N ASP A 389 -70.90 -46.25 13.50
CA ASP A 389 -69.58 -45.94 12.93
C ASP A 389 -68.82 -44.95 13.79
N THR A 390 -69.52 -43.99 14.40
CA THR A 390 -68.91 -42.98 15.25
C THR A 390 -69.06 -43.29 16.73
N LEU A 391 -69.57 -44.47 17.08
CA LEU A 391 -69.79 -44.77 18.49
C LEU A 391 -68.53 -44.74 19.34
N PRO A 392 -67.38 -45.33 18.93
CA PRO A 392 -66.20 -45.29 19.80
C PRO A 392 -65.80 -43.89 20.24
N CYS A 393 -65.55 -43.00 19.27
CA CYS A 393 -65.10 -41.66 19.60
C CYS A 393 -66.05 -40.99 20.56
N ARG A 394 -67.34 -40.98 20.23
CA ARG A 394 -68.30 -40.32 21.10
C ARG A 394 -68.33 -40.98 22.47
N LEU A 395 -68.31 -42.32 22.51
CA LEU A 395 -68.26 -42.97 23.82
C LEU A 395 -67.00 -42.57 24.55
N CYS A 396 -65.86 -42.59 23.84
CA CYS A 396 -64.61 -42.18 24.48
C CYS A 396 -64.74 -40.77 25.00
N GLU A 397 -65.36 -39.90 24.21
CA GLU A 397 -65.52 -38.52 24.61
C GLU A 397 -66.27 -38.42 25.92
N ALA A 398 -67.37 -39.16 26.04
CA ALA A 398 -68.13 -39.12 27.28
C ALA A 398 -67.29 -39.64 28.42
N VAL A 399 -66.55 -40.73 28.20
CA VAL A 399 -65.68 -41.26 29.24
C VAL A 399 -64.65 -40.21 29.62
N SER A 400 -64.17 -39.44 28.64
CA SER A 400 -63.20 -38.39 28.94
C SER A 400 -63.82 -37.32 29.83
N ARG A 401 -65.09 -36.97 29.60
CA ARG A 401 -65.71 -35.92 30.40
C ARG A 401 -65.98 -36.35 31.84
N ARG A 402 -66.11 -37.64 32.09
CA ARG A 402 -66.44 -38.15 33.41
C ARG A 402 -65.21 -38.45 34.26
N GLY A 403 -64.01 -38.30 33.70
CA GLY A 403 -62.80 -38.62 34.41
C GLY A 403 -62.38 -40.07 34.32
N GLY A 404 -63.14 -40.91 33.63
CA GLY A 404 -62.69 -42.28 33.44
C GLY A 404 -62.72 -43.00 34.76
N ARG A 405 -61.58 -43.57 35.14
CA ARG A 405 -61.52 -44.33 36.38
C ARG A 405 -61.82 -43.49 37.62
N ASN A 406 -61.64 -42.17 37.54
CA ASN A 406 -61.93 -41.27 38.67
C ASN A 406 -63.34 -40.70 38.57
N ALA A 407 -64.35 -41.57 38.49
CA ALA A 407 -65.72 -41.07 38.42
C ALA A 407 -66.55 -41.49 39.63
N PRO B 54 -31.67 -60.56 34.09
CA PRO B 54 -31.68 -61.09 32.72
C PRO B 54 -32.79 -62.12 32.51
N ASP B 55 -34.02 -61.63 32.28
CA ASP B 55 -35.21 -62.49 32.22
C ASP B 55 -35.65 -62.65 30.77
N PRO B 56 -35.43 -63.81 30.13
CA PRO B 56 -35.97 -64.04 28.78
C PRO B 56 -37.48 -64.24 28.81
N PHE B 57 -38.19 -63.19 29.14
CA PHE B 57 -39.60 -63.25 29.49
C PHE B 57 -40.45 -63.71 28.31
N THR B 58 -41.61 -64.28 28.64
CA THR B 58 -42.64 -64.63 27.67
C THR B 58 -44.00 -64.05 28.01
N ASP B 59 -44.26 -63.69 29.26
CA ASP B 59 -45.54 -63.13 29.68
C ASP B 59 -45.50 -61.62 29.48
N ILE B 60 -46.19 -61.13 28.45
CA ILE B 60 -46.14 -59.71 28.14
C ILE B 60 -46.86 -58.89 29.22
N ILE B 61 -47.97 -59.42 29.75
CA ILE B 61 -48.71 -58.70 30.79
C ILE B 61 -47.93 -58.63 32.09
N SER B 62 -47.19 -59.68 32.42
CA SER B 62 -46.32 -59.61 33.60
C SER B 62 -45.29 -58.51 33.45
N ALA B 63 -44.71 -58.38 32.25
CA ALA B 63 -43.78 -57.30 31.98
C ALA B 63 -44.47 -55.94 32.11
N PHE B 64 -45.71 -55.83 31.61
CA PHE B 64 -46.46 -54.59 31.76
C PHE B 64 -46.65 -54.22 33.22
N LYS B 65 -47.04 -55.20 34.05
CA LYS B 65 -47.26 -54.94 35.46
C LYS B 65 -45.96 -54.59 36.18
N LYS B 66 -44.87 -55.29 35.86
CA LYS B 66 -43.57 -54.95 36.44
C LYS B 66 -43.16 -53.53 36.07
N TRP B 67 -43.38 -53.14 34.82
CA TRP B 67 -43.10 -51.76 34.41
C TRP B 67 -43.99 -50.77 35.16
N ASP B 68 -45.25 -51.13 35.35
CA ASP B 68 -46.18 -50.25 36.07
C ASP B 68 -45.71 -50.00 37.50
N SER B 69 -45.27 -51.07 38.18
CA SER B 69 -44.81 -50.93 39.56
C SER B 69 -43.47 -50.19 39.64
N GLN B 70 -42.56 -50.50 38.73
CA GLN B 70 -41.19 -49.97 38.82
C GLN B 70 -41.05 -48.60 38.15
N VAL B 71 -41.76 -48.35 37.05
CA VAL B 71 -41.62 -47.10 36.30
C VAL B 71 -42.86 -46.23 36.42
N GLY B 72 -44.00 -46.70 35.94
CA GLY B 72 -45.21 -45.91 36.13
C GLY B 72 -45.42 -44.87 35.05
N CYS B 73 -46.70 -44.57 34.78
CA CYS B 73 -47.06 -43.65 33.70
C CYS B 73 -46.69 -42.20 34.03
N ALA B 74 -46.69 -41.81 35.30
CA ALA B 74 -46.36 -40.44 35.66
C ALA B 74 -44.91 -40.10 35.29
N ARG B 75 -43.99 -41.01 35.61
CA ARG B 75 -42.59 -40.80 35.23
C ARG B 75 -42.44 -40.75 33.72
N PHE B 76 -43.18 -41.61 33.01
CA PHE B 76 -43.14 -41.60 31.56
C PHE B 76 -43.60 -40.27 31.00
N ARG B 77 -44.72 -39.73 31.51
CA ARG B 77 -45.19 -38.44 31.03
C ARG B 77 -44.20 -37.32 31.35
N GLU B 78 -43.58 -37.39 32.52
CA GLU B 78 -42.57 -36.40 32.86
C GLU B 78 -41.38 -36.46 31.90
N LYS B 79 -40.94 -37.67 31.55
CA LYS B 79 -39.78 -37.82 30.68
C LYS B 79 -40.03 -37.25 29.28
N TYR B 80 -41.28 -37.19 28.85
CA TYR B 80 -41.60 -36.71 27.51
C TYR B 80 -42.61 -35.57 27.56
N SER B 95 -43.70 -34.42 8.46
CA SER B 95 -44.75 -33.42 8.62
C SER B 95 -46.12 -34.05 8.39
N LEU B 96 -47.15 -33.49 9.05
CA LEU B 96 -48.51 -34.00 8.97
C LEU B 96 -49.48 -32.84 8.73
N GLN B 97 -50.63 -33.18 8.15
CA GLN B 97 -51.65 -32.20 7.77
C GLN B 97 -52.64 -31.99 8.92
N GLU B 98 -52.67 -30.77 9.46
CA GLU B 98 -53.63 -30.37 10.48
C GLU B 98 -54.63 -29.39 9.87
N ASP B 99 -55.51 -28.87 10.71
CA ASP B 99 -56.49 -27.86 10.29
C ASP B 99 -56.58 -26.72 11.29
N LYS B 103 -61.97 -23.74 11.45
CA LYS B 103 -62.60 -22.72 10.61
C LYS B 103 -63.53 -23.37 9.58
N CYS B 104 -64.83 -23.09 9.68
CA CYS B 104 -65.83 -23.71 8.84
C CYS B 104 -66.46 -22.77 7.81
N ASP B 105 -65.79 -21.69 7.40
CA ASP B 105 -66.49 -20.80 6.47
C ASP B 105 -66.10 -21.05 5.01
N GLY B 106 -64.87 -21.51 4.75
CA GLY B 106 -64.47 -21.70 3.37
C GLY B 106 -65.25 -22.79 2.65
N LEU B 107 -66.12 -23.50 3.35
CA LEU B 107 -66.91 -24.57 2.77
C LEU B 107 -68.02 -23.95 1.93
N LYS B 108 -67.86 -24.04 0.60
CA LYS B 108 -68.85 -23.51 -0.34
C LYS B 108 -69.94 -24.51 -0.66
N MET B 109 -69.76 -25.78 -0.27
CA MET B 109 -70.72 -26.84 -0.53
C MET B 109 -71.02 -27.57 0.77
N GLU B 110 -72.29 -27.72 1.08
CA GLU B 110 -72.69 -28.48 2.27
C GLU B 110 -72.72 -29.98 2.03
N HIS B 111 -72.74 -30.41 0.76
CA HIS B 111 -72.70 -31.83 0.40
C HIS B 111 -71.77 -32.01 -0.79
N VAL B 112 -70.93 -33.04 -0.73
CA VAL B 112 -69.99 -33.37 -1.79
C VAL B 112 -70.10 -34.86 -2.10
N SER B 113 -70.09 -35.20 -3.39
CA SER B 113 -70.08 -36.57 -3.85
C SER B 113 -68.78 -36.90 -4.57
N VAL B 114 -68.20 -38.05 -4.25
CA VAL B 114 -66.96 -38.55 -4.86
C VAL B 114 -67.24 -39.92 -5.46
N LEU B 115 -67.03 -40.03 -6.77
CA LEU B 115 -67.12 -41.28 -7.50
C LEU B 115 -65.72 -41.80 -7.79
N VAL B 116 -65.40 -42.99 -7.29
CA VAL B 116 -64.13 -43.65 -7.57
C VAL B 116 -64.25 -44.25 -8.97
N LYS B 117 -63.74 -43.53 -9.98
CA LYS B 117 -63.91 -43.96 -11.36
C LYS B 117 -62.86 -44.99 -11.77
N GLY B 118 -61.62 -44.83 -11.27
CA GLY B 118 -60.56 -45.79 -11.54
C GLY B 118 -59.72 -46.12 -10.31
N TRP B 119 -59.29 -47.37 -10.17
CA TRP B 119 -58.54 -47.78 -8.98
C TRP B 119 -57.81 -49.08 -9.29
N THR B 120 -56.89 -49.45 -8.39
CA THR B 120 -56.22 -50.73 -8.51
C THR B 120 -56.35 -51.51 -7.19
N TRP B 121 -56.37 -50.78 -6.08
CA TRP B 121 -56.43 -51.41 -4.76
C TRP B 121 -57.42 -50.77 -3.80
N ILE B 122 -57.98 -49.61 -4.12
CA ILE B 122 -58.86 -48.92 -3.16
C ILE B 122 -60.00 -49.84 -2.75
N PRO B 123 -60.22 -50.06 -1.46
CA PRO B 123 -61.20 -51.05 -1.03
C PRO B 123 -62.63 -50.59 -1.16
N ASP B 124 -63.53 -51.56 -1.38
CA ASP B 124 -64.96 -51.25 -1.48
C ASP B 124 -65.51 -50.72 -0.17
N ASN B 125 -65.00 -51.21 0.96
CA ASN B 125 -65.54 -50.81 2.26
C ASN B 125 -65.19 -49.38 2.66
N LEU B 126 -64.56 -48.57 1.80
CA LEU B 126 -64.54 -47.14 2.03
C LEU B 126 -65.86 -46.47 1.63
N ASP B 127 -66.67 -47.13 0.79
CA ASP B 127 -67.92 -46.55 0.32
C ASP B 127 -68.86 -46.28 1.48
N ASN B 128 -69.34 -45.05 1.58
CA ASN B 128 -70.27 -44.67 2.65
C ASN B 128 -70.76 -43.26 2.41
N LEU B 129 -71.86 -42.91 3.08
CA LEU B 129 -72.34 -41.54 3.18
C LEU B 129 -71.86 -41.01 4.54
N TYR B 130 -70.70 -40.38 4.53
CA TYR B 130 -70.06 -39.87 5.74
C TYR B 130 -70.66 -38.54 6.17
N SER B 131 -70.71 -38.32 7.48
CA SER B 131 -70.99 -37.04 8.09
C SER B 131 -69.68 -36.50 8.67
N CYS B 132 -69.21 -35.38 8.14
CA CYS B 132 -67.92 -34.80 8.45
C CYS B 132 -68.10 -33.55 9.31
N ARG B 133 -66.98 -32.90 9.60
CA ARG B 133 -67.03 -31.69 10.42
C ARG B 133 -67.69 -30.56 9.65
N CYS B 134 -68.08 -29.52 10.39
CA CYS B 134 -68.70 -28.32 9.83
C CYS B 134 -70.00 -28.63 9.09
N GLY B 135 -70.70 -29.68 9.49
CA GLY B 135 -71.98 -30.01 8.88
C GLY B 135 -71.91 -30.45 7.44
N LEU B 136 -70.78 -31.01 7.01
CA LEU B 136 -70.59 -31.44 5.63
C LEU B 136 -70.98 -32.92 5.48
N SER B 137 -71.71 -33.23 4.41
CA SER B 137 -71.98 -34.61 4.06
C SER B 137 -71.16 -35.01 2.84
N CYS B 138 -70.72 -36.27 2.81
CA CYS B 138 -69.74 -36.74 1.83
C CYS B 138 -70.13 -38.13 1.36
N LEU B 139 -70.61 -38.25 0.13
CA LEU B 139 -71.03 -39.54 -0.42
C LEU B 139 -69.90 -40.11 -1.28
N TRP B 140 -69.22 -41.14 -0.77
CA TRP B 140 -68.08 -41.75 -1.43
C TRP B 140 -68.49 -43.13 -1.93
N THR B 141 -68.38 -43.35 -3.23
CA THR B 141 -68.84 -44.64 -3.76
C THR B 141 -68.13 -44.95 -5.08
N LYS B 142 -68.17 -46.23 -5.44
CA LYS B 142 -67.77 -46.69 -6.77
C LYS B 142 -68.94 -46.87 -7.73
N SER B 143 -70.17 -46.57 -7.31
CA SER B 143 -71.35 -46.83 -8.11
C SER B 143 -71.82 -45.56 -8.81
N SER B 144 -71.92 -45.60 -10.13
CA SER B 144 -72.48 -44.48 -10.87
C SER B 144 -74.00 -44.39 -10.72
N VAL B 145 -74.63 -45.40 -10.11
CA VAL B 145 -76.05 -45.28 -9.78
C VAL B 145 -76.23 -44.48 -8.50
N LEU B 146 -75.41 -44.75 -7.48
CA LEU B 146 -75.46 -43.96 -6.26
C LEU B 146 -75.09 -42.50 -6.53
N VAL B 147 -74.07 -42.28 -7.36
CA VAL B 147 -73.68 -40.94 -7.81
C VAL B 147 -73.54 -40.96 -9.32
N ASP B 148 -74.50 -40.39 -10.03
CA ASP B 148 -74.46 -40.25 -11.48
C ASP B 148 -73.94 -38.88 -11.92
N LYS B 149 -73.89 -37.90 -11.01
CA LYS B 149 -73.38 -36.57 -11.30
C LYS B 149 -72.37 -36.18 -10.22
N PRO B 150 -71.21 -36.82 -10.20
CA PRO B 150 -70.25 -36.58 -9.12
C PRO B 150 -69.64 -35.19 -9.16
N ASP B 151 -69.36 -34.65 -7.98
CA ASP B 151 -68.59 -33.41 -7.88
C ASP B 151 -67.10 -33.64 -8.11
N ALA B 152 -66.62 -34.86 -7.91
CA ALA B 152 -65.21 -35.16 -8.09
C ALA B 152 -65.07 -36.60 -8.54
N LEU B 153 -64.12 -36.83 -9.44
CA LEU B 153 -63.77 -38.17 -9.89
C LEU B 153 -62.40 -38.52 -9.34
N LEU B 154 -62.30 -39.65 -8.67
CA LEU B 154 -61.03 -40.09 -8.11
C LEU B 154 -60.44 -41.16 -9.01
N PHE B 155 -59.16 -41.00 -9.36
CA PHE B 155 -58.40 -42.01 -10.10
C PHE B 155 -57.20 -42.41 -9.25
N GLU B 156 -57.20 -43.65 -8.77
CA GLU B 156 -56.09 -44.20 -8.02
C GLU B 156 -55.25 -45.05 -8.96
N THR B 157 -54.05 -44.57 -9.28
CA THR B 157 -53.12 -45.24 -10.18
C THR B 157 -53.80 -45.57 -11.52
N THR B 158 -54.62 -44.64 -11.99
CA THR B 158 -55.26 -44.75 -13.28
C THR B 158 -55.30 -43.38 -13.94
N THR B 159 -55.34 -43.37 -15.27
CA THR B 159 -55.16 -42.14 -16.01
C THR B 159 -56.44 -41.30 -16.00
N PRO B 160 -56.39 -40.06 -15.53
CA PRO B 160 -57.57 -39.18 -15.56
C PRO B 160 -57.87 -38.68 -16.96
N PRO B 161 -58.96 -37.93 -17.16
CA PRO B 161 -59.25 -37.38 -18.49
C PRO B 161 -58.18 -36.39 -18.94
N LEU B 162 -58.03 -36.30 -20.26
CA LEU B 162 -57.01 -35.46 -20.87
C LEU B 162 -57.29 -33.97 -20.71
N GLN B 163 -58.55 -33.58 -20.54
CA GLN B 163 -58.93 -32.17 -20.45
C GLN B 163 -60.01 -32.02 -19.39
N ARG B 164 -60.11 -30.80 -18.83
CA ARG B 164 -61.20 -30.48 -17.91
C ARG B 164 -61.86 -29.17 -18.32
N ARG B 165 -63.14 -29.24 -18.69
CA ARG B 165 -63.95 -28.05 -18.89
C ARG B 165 -64.71 -27.68 -17.62
N SER B 166 -65.07 -26.40 -17.51
CA SER B 166 -65.85 -25.98 -16.35
C SER B 166 -67.21 -26.65 -16.35
N GLY B 167 -67.66 -27.07 -15.18
CA GLY B 167 -68.83 -27.91 -15.07
C GLY B 167 -68.53 -29.39 -15.15
N ASP B 168 -67.28 -29.76 -15.43
CA ASP B 168 -66.87 -31.14 -15.30
C ASP B 168 -66.52 -31.43 -13.85
N PRO B 169 -66.62 -32.68 -13.41
CA PRO B 169 -66.17 -33.01 -12.06
C PRO B 169 -64.67 -32.81 -11.92
N LEU B 170 -64.24 -32.43 -10.71
CA LEU B 170 -62.82 -32.29 -10.44
C LEU B 170 -62.12 -33.62 -10.61
N ARG B 171 -60.92 -33.57 -11.18
CA ARG B 171 -60.11 -34.77 -11.41
C ARG B 171 -59.15 -34.93 -10.25
N VAL B 172 -59.27 -36.05 -9.54
CA VAL B 172 -58.44 -36.36 -8.38
C VAL B 172 -57.62 -37.60 -8.73
N TYR B 173 -56.30 -37.48 -8.64
CA TYR B 173 -55.40 -38.59 -8.88
C TYR B 173 -54.75 -38.98 -7.56
N MET B 174 -54.53 -40.27 -7.36
CA MET B 174 -54.04 -40.76 -6.08
C MET B 174 -52.98 -41.83 -6.30
N ASP B 175 -51.87 -41.70 -5.58
CA ASP B 175 -50.82 -42.72 -5.58
C ASP B 175 -50.11 -42.66 -4.24
N LEU B 176 -50.10 -43.78 -3.51
CA LEU B 176 -49.42 -43.84 -2.23
C LEU B 176 -48.05 -44.48 -2.31
N GLU B 177 -47.62 -44.92 -3.49
CA GLU B 177 -46.28 -45.46 -3.64
C GLU B 177 -45.27 -44.33 -3.56
N ALA B 178 -44.05 -44.68 -3.14
CA ALA B 178 -43.01 -43.69 -2.92
C ALA B 178 -42.72 -42.90 -4.19
N GLY B 179 -42.51 -41.60 -4.03
CA GLY B 179 -42.12 -40.73 -5.11
C GLY B 179 -43.04 -39.55 -5.37
N ARG B 180 -44.29 -39.63 -4.91
CA ARG B 180 -45.28 -38.57 -5.14
C ARG B 180 -45.41 -38.27 -6.62
N LYS B 181 -45.54 -39.34 -7.40
CA LYS B 181 -45.60 -39.28 -8.85
C LYS B 181 -47.01 -38.91 -9.29
N ARG B 182 -47.14 -37.80 -10.00
CA ARG B 182 -48.42 -37.31 -10.48
C ARG B 182 -48.67 -37.77 -11.92
N SER B 183 -49.91 -37.60 -12.37
CA SER B 183 -50.26 -37.91 -13.74
C SER B 183 -50.19 -36.70 -14.66
N GLY B 184 -50.15 -35.50 -14.10
CA GLY B 184 -50.21 -34.29 -14.89
C GLY B 184 -51.58 -33.95 -15.42
N LEU B 185 -52.57 -34.80 -15.18
CA LEU B 185 -53.93 -34.60 -15.67
C LEU B 185 -54.94 -34.50 -14.53
N GLU B 186 -54.50 -34.14 -13.33
CA GLU B 186 -55.36 -34.06 -12.17
C GLU B 186 -55.47 -32.62 -11.70
N ASP B 187 -56.60 -32.30 -11.08
CA ASP B 187 -56.75 -31.03 -10.38
C ASP B 187 -56.39 -31.16 -8.90
N MET B 188 -56.39 -32.38 -8.38
CA MET B 188 -56.04 -32.64 -7.00
C MET B 188 -55.21 -33.93 -6.93
N PHE B 189 -54.19 -33.92 -6.07
CA PHE B 189 -53.30 -35.05 -5.94
C PHE B 189 -53.31 -35.53 -4.50
N ILE B 190 -53.51 -36.83 -4.34
CA ILE B 190 -53.49 -37.48 -3.03
C ILE B 190 -52.26 -38.36 -2.97
N SER B 191 -51.46 -38.20 -1.92
CA SER B 191 -50.30 -39.05 -1.68
C SER B 191 -50.10 -39.21 -0.18
N TYR B 192 -48.99 -39.85 0.19
CA TYR B 192 -48.64 -40.04 1.60
C TYR B 192 -48.03 -38.80 2.23
N HIS B 193 -47.74 -37.77 1.43
CA HIS B 193 -46.98 -36.61 1.87
C HIS B 193 -47.91 -35.46 2.26
N ALA B 194 -47.50 -34.70 3.26
CA ALA B 194 -48.33 -33.61 3.76
C ALA B 194 -48.37 -32.41 2.83
N LYS B 195 -47.37 -32.24 1.98
CA LYS B 195 -47.27 -31.07 1.10
C LYS B 195 -47.98 -31.26 -0.22
N ASP B 196 -48.67 -32.38 -0.41
CA ASP B 196 -49.55 -32.54 -1.57
C ASP B 196 -50.94 -32.05 -1.16
N ASP B 197 -51.92 -32.20 -2.06
CA ASP B 197 -53.21 -31.56 -1.83
C ASP B 197 -53.94 -32.18 -0.64
N VAL B 198 -54.11 -33.49 -0.63
CA VAL B 198 -54.73 -34.20 0.48
C VAL B 198 -53.84 -35.38 0.84
N GLN B 199 -53.47 -35.48 2.11
CA GLN B 199 -52.56 -36.52 2.58
C GLN B 199 -53.33 -37.75 3.03
N SER B 200 -52.76 -38.92 2.76
CA SER B 200 -53.31 -40.19 3.24
C SER B 200 -52.16 -41.05 3.76
N THR B 201 -51.98 -41.08 5.08
CA THR B 201 -50.93 -41.92 5.65
C THR B 201 -51.40 -43.37 5.69
N TYR B 202 -50.45 -44.25 6.01
CA TYR B 202 -50.71 -45.68 6.05
C TYR B 202 -51.22 -46.17 7.40
N ALA B 203 -51.36 -45.28 8.38
CA ALA B 203 -51.76 -45.67 9.73
C ALA B 203 -53.28 -45.72 9.87
N GLY B 204 -53.89 -46.62 9.09
CA GLY B 204 -55.33 -46.78 9.11
C GLY B 204 -55.70 -48.24 9.33
N ALA B 205 -56.97 -48.45 9.65
CA ALA B 205 -57.49 -49.78 9.93
C ALA B 205 -58.46 -50.31 8.89
N LEU B 206 -58.92 -49.45 7.96
CA LEU B 206 -60.01 -49.86 7.07
C LEU B 206 -59.55 -50.72 5.90
N PHE B 207 -58.28 -50.63 5.49
CA PHE B 207 -57.87 -51.28 4.24
C PHE B 207 -58.13 -52.78 4.25
N HIS B 208 -57.41 -53.53 5.08
CA HIS B 208 -57.71 -54.94 5.30
C HIS B 208 -58.48 -55.06 6.61
N ASN B 209 -59.77 -54.73 6.51
CA ASN B 209 -60.67 -54.73 7.66
C ASN B 209 -60.92 -56.16 8.16
N GLY B 210 -61.25 -57.08 7.24
CA GLY B 210 -61.49 -58.47 7.57
C GLY B 210 -60.28 -59.30 7.97
N ARG B 211 -59.71 -59.06 9.15
CA ARG B 211 -58.52 -59.78 9.59
C ARG B 211 -58.78 -60.43 10.95
N ASN B 212 -57.80 -61.17 11.44
CA ASN B 212 -57.85 -61.77 12.77
C ASN B 212 -57.36 -60.76 13.79
N TYR B 213 -58.10 -60.61 14.88
CA TYR B 213 -57.82 -59.59 15.89
C TYR B 213 -57.23 -60.17 17.17
N GLN B 214 -56.86 -61.45 17.19
CA GLN B 214 -56.22 -62.00 18.37
C GLN B 214 -54.84 -61.40 18.56
N VAL B 215 -54.53 -61.05 19.80
CA VAL B 215 -53.20 -60.56 20.17
C VAL B 215 -52.66 -61.49 21.24
N SER B 216 -51.53 -62.12 20.95
CA SER B 216 -50.99 -63.11 21.86
C SER B 216 -50.57 -62.47 23.18
N SER B 217 -50.86 -63.17 24.27
CA SER B 217 -50.41 -62.78 25.60
C SER B 217 -49.05 -63.40 25.93
N TYR B 218 -48.49 -64.18 25.00
CA TYR B 218 -47.23 -64.87 25.18
C TYR B 218 -46.29 -64.45 24.06
N LYS B 219 -45.11 -63.97 24.44
CA LYS B 219 -44.04 -63.65 23.51
C LYS B 219 -43.08 -64.82 23.42
N ASN B 220 -42.50 -65.02 22.23
CA ASN B 220 -41.57 -66.11 22.05
C ASN B 220 -40.31 -65.91 22.88
N ASN B 221 -39.82 -67.03 23.42
CA ASN B 221 -38.67 -67.07 24.32
C ASN B 221 -37.35 -66.99 23.54
N ASP B 222 -37.21 -67.83 22.52
CA ASP B 222 -36.00 -67.92 21.70
C ASP B 222 -36.04 -66.99 20.49
N THR B 223 -37.06 -67.12 19.65
CA THR B 223 -37.16 -66.34 18.43
C THR B 223 -37.62 -64.93 18.76
N LEU B 224 -36.81 -63.93 18.38
CA LEU B 224 -37.05 -62.56 18.79
C LEU B 224 -37.59 -61.65 17.69
N VAL B 225 -37.41 -62.00 16.42
CA VAL B 225 -37.70 -61.08 15.33
C VAL B 225 -38.60 -61.77 14.31
N TYR B 226 -39.66 -61.07 13.90
CA TYR B 226 -40.50 -61.45 12.78
C TYR B 226 -40.13 -60.62 11.56
N TRP B 227 -40.05 -61.27 10.39
CA TRP B 227 -39.87 -60.52 9.17
C TRP B 227 -40.54 -61.24 8.02
N SER B 228 -41.11 -60.48 7.10
CA SER B 228 -41.72 -61.06 5.91
C SER B 228 -41.54 -60.12 4.73
N SER B 229 -40.89 -60.62 3.68
CA SER B 229 -40.74 -59.90 2.43
C SER B 229 -40.73 -60.93 1.31
N SER B 230 -41.44 -60.61 0.22
CA SER B 230 -41.55 -61.51 -0.91
C SER B 230 -41.14 -60.87 -2.23
N ARG B 231 -40.85 -59.58 -2.26
CA ARG B 231 -40.27 -58.90 -3.41
C ARG B 231 -38.83 -58.59 -3.03
N CYS B 232 -37.89 -59.40 -3.50
CA CYS B 232 -36.51 -59.36 -3.03
C CYS B 232 -35.77 -58.21 -3.72
N LEU B 233 -35.59 -57.12 -2.99
CA LEU B 233 -34.81 -55.98 -3.46
C LEU B 233 -33.37 -56.11 -2.94
N PRO B 234 -32.38 -55.80 -3.78
CA PRO B 234 -30.99 -56.10 -3.40
C PRO B 234 -30.53 -55.44 -2.11
N GLN B 235 -30.67 -54.12 -1.99
CA GLN B 235 -30.21 -53.42 -0.81
CA GLN B 235 -30.20 -53.43 -0.80
C GLN B 235 -30.93 -53.90 0.44
N ARG B 236 -32.26 -54.05 0.36
CA ARG B 236 -33.03 -54.53 1.50
C ARG B 236 -32.63 -55.94 1.89
N ASN B 237 -32.41 -56.82 0.89
CA ASN B 237 -32.01 -58.18 1.19
C ASN B 237 -30.62 -58.24 1.82
N ARG B 238 -29.69 -57.39 1.37
CA ARG B 238 -28.37 -57.34 2.00
C ARG B 238 -28.48 -56.91 3.46
N LEU B 239 -29.24 -55.84 3.72
CA LEU B 239 -29.42 -55.36 5.09
C LEU B 239 -30.07 -56.42 5.95
N ALA B 240 -31.11 -57.08 5.42
CA ALA B 240 -31.82 -58.10 6.17
C ALA B 240 -30.94 -59.31 6.46
N LYS B 241 -30.15 -59.76 5.48
CA LYS B 241 -29.26 -60.89 5.71
C LYS B 241 -28.25 -60.57 6.80
N ASN B 242 -27.62 -59.39 6.72
CA ASN B 242 -26.62 -59.05 7.73
C ASN B 242 -27.24 -58.91 9.11
N LEU B 243 -28.42 -58.29 9.22
CA LEU B 243 -29.01 -58.08 10.54
C LEU B 243 -29.56 -59.39 11.11
N LEU B 244 -30.30 -60.16 10.31
CA LEU B 244 -30.91 -61.39 10.77
C LEU B 244 -29.90 -62.50 11.04
N SER B 245 -28.70 -62.42 10.46
CA SER B 245 -27.69 -63.40 10.86
C SER B 245 -27.28 -63.23 12.31
N LEU B 246 -27.54 -62.07 12.89
CA LEU B 246 -27.15 -61.76 14.27
C LEU B 246 -28.30 -61.90 15.26
N LEU B 247 -29.53 -62.20 14.80
CA LEU B 247 -30.68 -62.26 15.69
C LEU B 247 -31.52 -63.51 15.37
N PRO B 248 -31.91 -64.28 16.38
CA PRO B 248 -32.84 -65.39 16.12
C PRO B 248 -34.16 -64.84 15.60
N HIS B 249 -34.62 -65.42 14.49
CA HIS B 249 -35.69 -64.78 13.73
C HIS B 249 -36.50 -65.80 12.98
N HIS B 250 -37.70 -65.39 12.56
CA HIS B 250 -38.52 -66.14 11.63
C HIS B 250 -38.79 -65.25 10.41
N SER B 251 -38.45 -65.77 9.23
CA SER B 251 -38.62 -65.07 7.96
C SER B 251 -39.59 -65.85 7.09
N PHE B 252 -40.79 -65.31 6.89
CA PHE B 252 -41.86 -66.08 6.26
C PHE B 252 -42.02 -65.84 4.76
N GLY B 253 -41.43 -64.77 4.22
CA GLY B 253 -41.62 -64.44 2.82
C GLY B 253 -40.75 -65.26 1.89
N LYS B 254 -40.83 -64.92 0.60
CA LYS B 254 -40.01 -65.60 -0.39
C LYS B 254 -38.54 -65.22 -0.27
N CYS B 255 -38.26 -64.04 0.27
CA CYS B 255 -36.89 -63.55 0.43
C CYS B 255 -36.31 -64.01 1.76
N LEU B 256 -35.15 -64.65 1.71
CA LEU B 256 -34.41 -65.05 2.91
C LEU B 256 -35.25 -65.93 3.83
N ASN B 257 -36.01 -66.86 3.24
CA ASN B 257 -36.88 -67.74 4.01
C ASN B 257 -36.06 -68.68 4.89
N ASN B 258 -36.40 -68.75 6.19
CA ASN B 258 -35.74 -69.66 7.12
C ASN B 258 -36.74 -70.50 7.89
N VAL B 259 -37.97 -70.64 7.39
CA VAL B 259 -39.04 -71.36 8.07
C VAL B 259 -39.47 -72.62 7.35
N GLY B 260 -38.92 -72.90 6.17
CA GLY B 260 -39.23 -74.12 5.46
C GLY B 260 -40.15 -74.00 4.28
N GLY B 261 -40.44 -72.79 3.82
CA GLY B 261 -41.34 -72.58 2.72
C GLY B 261 -42.41 -71.56 3.02
N PRO B 262 -43.41 -71.46 2.14
CA PRO B 262 -44.46 -70.47 2.32
C PRO B 262 -45.56 -70.95 3.26
N ASP B 263 -46.43 -70.01 3.63
CA ASP B 263 -47.63 -70.26 4.43
C ASP B 263 -47.31 -70.94 5.76
N MET B 264 -46.12 -70.68 6.30
CA MET B 264 -45.70 -71.36 7.51
C MET B 264 -46.23 -70.70 8.78
N ALA B 265 -46.69 -69.45 8.70
CA ALA B 265 -47.19 -68.76 9.89
C ALA B 265 -48.39 -69.45 10.50
N LEU B 266 -49.34 -69.91 9.68
CA LEU B 266 -50.50 -70.63 10.19
C LEU B 266 -50.14 -72.01 10.73
N SER B 267 -49.01 -72.57 10.30
CA SER B 267 -48.57 -73.85 10.85
C SER B 267 -48.10 -73.69 12.30
N LEU B 268 -47.37 -72.63 12.61
CA LEU B 268 -46.90 -72.39 13.97
C LEU B 268 -48.00 -71.88 14.90
N TYR B 269 -48.93 -71.09 14.39
CA TYR B 269 -49.93 -70.40 15.20
C TYR B 269 -51.32 -70.62 14.63
N PRO B 270 -51.92 -71.78 14.89
CA PRO B 270 -53.25 -72.08 14.31
C PRO B 270 -54.35 -71.15 14.79
N GLU B 271 -54.21 -70.52 15.96
CA GLU B 271 -55.23 -69.61 16.48
C GLU B 271 -55.37 -68.34 15.65
N CYS B 272 -54.43 -68.06 14.75
CA CYS B 272 -54.47 -66.85 13.92
C CYS B 272 -55.32 -67.00 12.68
N ASN B 273 -55.98 -68.14 12.50
CA ASN B 273 -56.83 -68.34 11.34
C ASN B 273 -58.04 -67.41 11.37
N ASN B 274 -58.44 -66.95 10.19
CA ASN B 274 -59.62 -66.13 10.01
C ASN B 274 -60.80 -67.02 9.61
N ASP B 275 -61.73 -67.23 10.54
CA ASP B 275 -62.86 -68.12 10.30
C ASP B 275 -63.90 -67.44 9.39
N VAL B 278 -65.24 -66.90 6.27
CA VAL B 278 -64.65 -66.08 5.21
C VAL B 278 -63.48 -66.82 4.56
N LYS B 279 -63.28 -66.58 3.26
CA LYS B 279 -62.23 -67.26 2.53
C LYS B 279 -60.86 -66.83 3.03
N PRO B 280 -59.86 -67.72 2.97
CA PRO B 280 -58.53 -67.41 3.49
C PRO B 280 -57.73 -66.53 2.52
N ARG B 281 -57.40 -65.32 2.98
CA ARG B 281 -56.54 -64.36 2.29
C ARG B 281 -55.17 -64.27 2.95
N TRP B 282 -54.19 -63.76 2.18
CA TRP B 282 -52.82 -63.69 2.68
C TRP B 282 -52.66 -62.74 3.87
N TRP B 283 -53.54 -61.73 3.99
CA TRP B 283 -53.39 -60.69 5.02
C TRP B 283 -54.17 -60.98 6.29
N ASP B 284 -54.91 -62.09 6.36
CA ASP B 284 -55.84 -62.37 7.44
C ASP B 284 -55.17 -62.55 8.79
N HIS B 285 -53.87 -62.85 8.83
CA HIS B 285 -53.25 -63.30 10.06
C HIS B 285 -51.92 -62.62 10.38
N LEU B 286 -51.57 -61.54 9.67
CA LEU B 286 -50.28 -60.89 9.91
C LEU B 286 -50.20 -60.32 11.32
N HIS B 287 -51.20 -59.56 11.74
CA HIS B 287 -51.18 -58.96 13.06
C HIS B 287 -51.07 -60.03 14.14
N CYS B 288 -51.90 -61.06 14.04
CA CYS B 288 -51.92 -62.12 15.03
C CYS B 288 -50.57 -62.83 15.11
N ALA B 289 -49.99 -63.15 13.95
CA ALA B 289 -48.68 -63.78 13.94
C ALA B 289 -47.61 -62.87 14.54
N MET B 290 -47.63 -61.58 14.18
CA MET B 290 -46.64 -60.64 14.70
C MET B 290 -46.74 -60.52 16.22
N SER B 291 -47.93 -60.65 16.78
CA SER B 291 -48.10 -60.46 18.22
C SER B 291 -47.29 -61.46 19.05
N HIS B 292 -46.88 -62.58 18.45
CA HIS B 292 -46.09 -63.58 19.17
C HIS B 292 -44.63 -63.18 19.32
N TYR B 293 -44.16 -62.18 18.58
CA TYR B 293 -42.75 -61.83 18.54
C TYR B 293 -42.52 -60.51 19.26
N LYS B 294 -41.42 -60.45 20.01
CA LYS B 294 -41.08 -59.21 20.71
C LYS B 294 -40.76 -58.09 19.73
N PHE B 295 -40.26 -58.43 18.55
CA PHE B 295 -39.83 -57.43 17.58
C PHE B 295 -40.27 -57.83 16.18
N VAL B 296 -40.53 -56.81 15.36
CA VAL B 296 -40.86 -56.99 13.95
C VAL B 296 -39.89 -56.15 13.14
N LEU B 297 -39.26 -56.77 12.14
CA LEU B 297 -38.36 -56.05 11.25
C LEU B 297 -39.19 -55.40 10.14
N ALA B 298 -39.03 -54.08 9.99
CA ALA B 298 -39.77 -53.32 8.99
C ALA B 298 -38.78 -52.52 8.16
N ILE B 299 -38.58 -52.95 6.90
CA ILE B 299 -37.68 -52.28 5.97
C ILE B 299 -38.49 -51.85 4.77
N GLU B 300 -38.61 -50.55 4.56
CA GLU B 300 -39.37 -50.05 3.42
C GLU B 300 -38.68 -50.38 2.11
N ASN B 301 -39.47 -50.49 1.03
CA ASN B 301 -38.89 -50.73 -0.27
C ASN B 301 -38.19 -49.49 -0.83
N THR B 302 -38.41 -48.33 -0.22
CA THR B 302 -37.82 -47.08 -0.65
C THR B 302 -37.56 -46.23 0.59
N VAL B 303 -36.39 -45.61 0.63
CA VAL B 303 -36.04 -44.68 1.70
C VAL B 303 -36.25 -43.27 1.16
N THR B 304 -37.33 -42.62 1.58
CA THR B 304 -37.61 -41.25 1.15
C THR B 304 -38.46 -40.58 2.21
N GLU B 305 -38.56 -39.25 2.08
CA GLU B 305 -39.22 -38.44 3.10
C GLU B 305 -40.69 -38.82 3.21
N SER B 306 -41.13 -39.05 4.45
CA SER B 306 -42.52 -39.31 4.85
C SER B 306 -43.09 -40.62 4.33
N TYR B 307 -42.28 -41.49 3.73
CA TYR B 307 -42.79 -42.76 3.23
C TYR B 307 -42.69 -43.78 4.35
N VAL B 308 -43.73 -43.82 5.20
CA VAL B 308 -43.85 -44.80 6.28
C VAL B 308 -45.10 -45.62 6.00
N THR B 309 -44.93 -46.92 5.73
CA THR B 309 -46.03 -47.77 5.31
C THR B 309 -46.49 -48.65 6.46
N GLU B 310 -47.42 -49.56 6.17
CA GLU B 310 -48.01 -50.45 7.16
C GLU B 310 -47.01 -51.43 7.76
N LYS B 311 -45.82 -51.57 7.16
CA LYS B 311 -44.79 -52.45 7.73
C LYS B 311 -44.46 -52.07 9.17
N LEU B 312 -44.56 -50.79 9.51
CA LEU B 312 -44.37 -50.31 10.88
C LEU B 312 -45.69 -50.31 11.65
N PHE B 313 -46.74 -49.79 11.02
CA PHE B 313 -47.98 -49.55 11.73
C PHE B 313 -48.66 -50.84 12.17
N TYR B 314 -48.56 -51.90 11.37
CA TYR B 314 -49.15 -53.18 11.78
C TYR B 314 -48.47 -53.73 13.02
N ALA B 315 -47.15 -53.51 13.12
CA ALA B 315 -46.44 -53.90 14.34
C ALA B 315 -46.95 -53.10 15.52
N LEU B 316 -47.19 -51.80 15.33
CA LEU B 316 -47.82 -51.03 16.41
C LEU B 316 -49.24 -51.52 16.71
N ASP B 317 -49.94 -52.07 15.71
CA ASP B 317 -51.28 -52.58 15.90
C ASP B 317 -51.33 -53.93 16.61
N SER B 318 -50.20 -54.65 16.64
CA SER B 318 -50.19 -56.01 17.19
C SER B 318 -49.28 -56.14 18.41
N VAL B 319 -48.99 -55.03 19.10
CA VAL B 319 -48.24 -55.03 20.35
C VAL B 319 -46.86 -55.66 20.15
N SER B 320 -46.14 -55.20 19.13
CA SER B 320 -44.78 -55.63 18.88
C SER B 320 -43.96 -54.41 18.54
N VAL B 321 -42.71 -54.38 18.98
CA VAL B 321 -41.83 -53.23 18.79
C VAL B 321 -41.16 -53.39 17.42
N PRO B 322 -41.36 -52.46 16.49
CA PRO B 322 -40.74 -52.59 15.18
C PRO B 322 -39.30 -52.09 15.17
N ILE B 323 -38.45 -52.85 14.49
CA ILE B 323 -37.09 -52.43 14.16
C ILE B 323 -37.16 -51.86 12.75
N TYR B 324 -37.02 -50.55 12.61
CA TYR B 324 -37.45 -49.84 11.42
C TYR B 324 -36.27 -49.34 10.58
N PHE B 325 -36.34 -49.60 9.29
CA PHE B 325 -35.41 -49.06 8.29
C PHE B 325 -36.27 -48.40 7.21
N GLY B 326 -36.34 -47.07 7.23
CA GLY B 326 -37.23 -46.38 6.33
C GLY B 326 -37.05 -44.87 6.29
N ALA B 327 -38.18 -44.17 6.34
CA ALA B 327 -38.17 -42.73 6.11
C ALA B 327 -37.26 -42.03 7.11
N PRO B 328 -36.47 -41.05 6.67
CA PRO B 328 -35.60 -40.32 7.61
C PRO B 328 -36.38 -39.52 8.64
N ASN B 329 -37.61 -39.09 8.35
CA ASN B 329 -38.41 -38.31 9.29
C ASN B 329 -39.45 -39.15 10.02
N VAL B 330 -39.16 -40.43 10.25
CA VAL B 330 -40.16 -41.33 10.81
C VAL B 330 -40.62 -40.87 12.20
N TRP B 331 -39.74 -40.21 12.96
CA TRP B 331 -40.10 -39.85 14.32
C TRP B 331 -41.17 -38.77 14.37
N ASP B 332 -41.51 -38.14 13.24
CA ASP B 332 -42.65 -37.25 13.18
C ASP B 332 -43.98 -37.98 13.07
N PHE B 333 -43.93 -39.32 12.90
CA PHE B 333 -45.13 -40.11 12.65
C PHE B 333 -45.47 -41.07 13.77
N VAL B 334 -44.52 -41.40 14.64
CA VAL B 334 -44.69 -42.51 15.58
C VAL B 334 -44.80 -41.99 17.01
N PRO B 335 -45.33 -42.78 17.94
CA PRO B 335 -45.39 -42.35 19.34
C PRO B 335 -44.02 -42.33 19.97
N PRO B 336 -43.85 -41.64 21.10
CA PRO B 336 -42.54 -41.62 21.75
C PRO B 336 -42.13 -42.99 22.23
N HIS B 337 -40.84 -43.32 22.01
CA HIS B 337 -40.24 -44.57 22.48
C HIS B 337 -41.06 -45.78 22.03
N SER B 338 -41.45 -45.78 20.76
CA SER B 338 -42.33 -46.81 20.23
C SER B 338 -41.65 -47.74 19.24
N ILE B 339 -40.58 -47.29 18.58
CA ILE B 339 -39.90 -48.08 17.58
C ILE B 339 -38.41 -48.07 17.89
N ILE B 340 -37.69 -48.96 17.24
CA ILE B 340 -36.23 -48.96 17.25
C ILE B 340 -35.78 -48.56 15.86
N ASP B 341 -35.22 -47.35 15.74
CA ASP B 341 -34.72 -46.86 14.46
C ASP B 341 -33.35 -47.47 14.21
N GLY B 342 -33.26 -48.39 13.24
CA GLY B 342 -32.00 -49.07 13.01
C GLY B 342 -30.89 -48.18 12.50
N THR B 343 -31.24 -47.08 11.83
CA THR B 343 -30.23 -46.16 11.33
C THR B 343 -29.55 -45.35 12.43
N LYS B 344 -30.08 -45.38 13.65
CA LYS B 344 -29.51 -44.63 14.76
C LYS B 344 -28.44 -45.41 15.52
N PHE B 345 -27.90 -46.48 14.94
CA PHE B 345 -26.86 -47.27 15.58
C PHE B 345 -25.60 -47.26 14.72
N LYS B 346 -24.45 -47.38 15.39
CA LYS B 346 -23.18 -47.32 14.67
C LYS B 346 -22.99 -48.53 13.75
N SER B 347 -23.51 -49.68 14.14
CA SER B 347 -23.36 -50.88 13.33
C SER B 347 -24.57 -51.78 13.54
N LEU B 348 -24.79 -52.70 12.59
CA LEU B 348 -25.84 -53.69 12.74
C LEU B 348 -25.58 -54.62 13.93
N GLU B 349 -24.33 -54.87 14.26
CA GLU B 349 -23.99 -55.70 15.41
C GLU B 349 -24.37 -55.00 16.72
N ALA B 350 -24.18 -53.68 16.78
CA ALA B 350 -24.62 -52.93 17.95
C ALA B 350 -26.14 -52.95 18.07
N LEU B 351 -26.84 -52.86 16.94
CA LEU B 351 -28.30 -52.97 16.94
C LEU B 351 -28.74 -54.34 17.45
N ALA B 352 -28.09 -55.40 16.97
CA ALA B 352 -28.45 -56.75 17.40
C ALA B 352 -28.17 -56.94 18.88
N SER B 353 -27.06 -56.37 19.37
CA SER B 353 -26.75 -56.44 20.79
C SER B 353 -27.81 -55.72 21.62
N TYR B 354 -28.23 -54.52 21.18
CA TYR B 354 -29.28 -53.81 21.90
C TYR B 354 -30.58 -54.59 21.91
N VAL B 355 -30.95 -55.20 20.78
CA VAL B 355 -32.19 -55.97 20.71
C VAL B 355 -32.11 -57.20 21.62
N LYS B 356 -30.97 -57.90 21.61
CA LYS B 356 -30.81 -59.06 22.47
C LYS B 356 -30.88 -58.68 23.95
N ASP B 357 -30.25 -57.56 24.31
CA ASP B 357 -30.31 -57.09 25.70
C ASP B 357 -31.73 -56.70 26.07
N LEU B 358 -32.45 -56.07 25.15
CA LEU B 358 -33.83 -55.66 25.41
C LEU B 358 -34.75 -56.85 25.59
N ALA B 359 -34.54 -57.92 24.81
CA ALA B 359 -35.41 -59.09 24.88
C ALA B 359 -35.34 -59.79 26.24
N ASN B 360 -34.31 -59.52 27.04
CA ASN B 360 -34.15 -60.12 28.35
C ASN B 360 -34.39 -59.14 29.48
N ASP B 361 -34.97 -57.98 29.17
CA ASP B 361 -35.28 -56.95 30.17
C ASP B 361 -36.76 -56.58 30.03
N PRO B 362 -37.65 -57.29 30.72
CA PRO B 362 -39.09 -57.02 30.54
C PRO B 362 -39.50 -55.58 30.83
N VAL B 363 -38.88 -54.93 31.82
CA VAL B 363 -39.26 -53.56 32.15
C VAL B 363 -38.90 -52.61 31.02
N ALA B 364 -37.67 -52.72 30.51
CA ALA B 364 -37.24 -51.86 29.42
C ALA B 364 -38.03 -52.15 28.15
N TYR B 365 -38.43 -53.41 27.95
CA TYR B 365 -39.29 -53.73 26.82
C TYR B 365 -40.66 -53.08 26.97
N ALA B 366 -41.25 -53.13 28.16
CA ALA B 366 -42.58 -52.54 28.36
C ALA B 366 -42.56 -51.02 28.27
N GLU B 367 -41.41 -50.39 28.51
CA GLU B 367 -41.31 -48.95 28.24
C GLU B 367 -41.69 -48.63 26.79
N TYR B 368 -41.43 -49.55 25.87
CA TYR B 368 -41.77 -49.38 24.46
C TYR B 368 -43.26 -49.53 24.17
N HIS B 369 -44.05 -49.98 25.16
CA HIS B 369 -45.50 -50.03 25.06
C HIS B 369 -46.15 -48.98 25.95
N ALA B 370 -45.34 -48.27 26.74
CA ALA B 370 -45.88 -47.22 27.59
C ALA B 370 -46.63 -46.15 26.80
N TRP B 371 -46.29 -45.94 25.53
CA TRP B 371 -47.02 -44.94 24.74
C TRP B 371 -48.49 -45.32 24.63
N ARG B 372 -48.78 -46.60 24.41
CA ARG B 372 -50.15 -47.07 24.31
C ARG B 372 -50.79 -47.20 25.68
N ARG B 373 -50.07 -47.77 26.64
CA ARG B 373 -50.67 -48.06 27.94
C ARG B 373 -50.92 -46.78 28.74
N CYS B 374 -50.12 -45.74 28.54
CA CYS B 374 -50.31 -44.48 29.24
C CYS B 374 -51.01 -43.42 28.39
N GLY B 375 -51.39 -43.75 27.17
CA GLY B 375 -52.08 -42.79 26.32
C GLY B 375 -51.25 -41.59 25.93
N VAL B 376 -49.96 -41.79 25.67
CA VAL B 376 -49.10 -40.71 25.21
C VAL B 376 -48.77 -40.97 23.74
N LEU B 377 -49.59 -40.46 22.84
CA LEU B 377 -49.42 -40.76 21.43
C LEU B 377 -48.42 -39.84 20.74
N GLY B 378 -48.14 -38.68 21.31
CA GLY B 378 -47.23 -37.76 20.65
C GLY B 378 -47.79 -37.37 19.30
N ASN B 379 -47.01 -37.63 18.26
CA ASN B 379 -47.40 -37.31 16.89
C ASN B 379 -48.22 -38.42 16.24
N TYR B 380 -48.34 -39.58 16.89
CA TYR B 380 -49.09 -40.69 16.31
C TYR B 380 -50.56 -40.35 16.11
N GLY B 381 -51.12 -39.55 17.02
CA GLY B 381 -52.52 -39.16 16.88
C GLY B 381 -52.80 -38.42 15.59
N LYS B 382 -51.97 -37.43 15.26
CA LYS B 382 -52.13 -36.69 14.01
C LYS B 382 -51.94 -37.61 12.80
N THR B 383 -50.96 -38.51 12.89
CA THR B 383 -50.69 -39.45 11.81
C THR B 383 -51.94 -40.28 11.50
N ARG B 384 -52.55 -40.85 12.53
CA ARG B 384 -53.78 -41.61 12.33
C ARG B 384 -54.93 -40.70 11.94
N ALA B 385 -54.88 -39.43 12.34
CA ALA B 385 -55.94 -38.50 11.96
C ALA B 385 -55.96 -38.23 10.46
N VAL B 386 -54.82 -38.39 9.79
CA VAL B 386 -54.82 -38.16 8.34
C VAL B 386 -54.54 -39.43 7.55
N SER B 387 -55.01 -40.59 8.04
CA SER B 387 -54.84 -41.85 7.33
C SER B 387 -55.93 -42.03 6.28
N LEU B 388 -55.97 -43.21 5.66
CA LEU B 388 -56.98 -43.53 4.65
C LEU B 388 -58.38 -43.54 5.24
N ASP B 389 -58.52 -43.90 6.52
CA ASP B 389 -59.84 -44.04 7.12
C ASP B 389 -60.61 -42.71 7.08
N THR B 390 -59.91 -41.59 7.22
CA THR B 390 -60.52 -40.26 7.19
C THR B 390 -60.34 -39.57 5.86
N LEU B 391 -59.80 -40.27 4.86
CA LEU B 391 -59.59 -39.66 3.55
C LEU B 391 -60.88 -39.17 2.90
N PRO B 392 -62.00 -39.92 2.90
CA PRO B 392 -63.22 -39.39 2.26
C PRO B 392 -63.64 -38.03 2.78
N CYS B 393 -63.80 -37.89 4.10
CA CYS B 393 -64.22 -36.61 4.67
C CYS B 393 -63.27 -35.48 4.29
N ARG B 394 -61.96 -35.70 4.47
CA ARG B 394 -60.99 -34.65 4.19
C ARG B 394 -60.96 -34.27 2.70
N LEU B 395 -61.02 -35.26 1.81
CA LEU B 395 -61.11 -34.96 0.39
C LEU B 395 -62.38 -34.17 0.07
N CYS B 396 -63.51 -34.58 0.65
CA CYS B 396 -64.76 -33.87 0.43
C CYS B 396 -64.67 -32.43 0.91
N GLU B 397 -64.06 -32.21 2.08
CA GLU B 397 -63.88 -30.85 2.57
C GLU B 397 -63.04 -30.02 1.61
N ALA B 398 -61.94 -30.59 1.11
CA ALA B 398 -61.11 -29.87 0.16
C ALA B 398 -61.88 -29.55 -1.12
N VAL B 399 -62.66 -30.51 -1.62
CA VAL B 399 -63.48 -30.25 -2.81
C VAL B 399 -64.51 -29.16 -2.52
N SER B 400 -65.07 -29.16 -1.32
CA SER B 400 -66.06 -28.16 -0.94
C SER B 400 -65.46 -26.77 -0.91
N ARG B 401 -64.23 -26.65 -0.42
CA ARG B 401 -63.61 -25.34 -0.38
C ARG B 401 -63.29 -24.81 -1.78
N ARG B 402 -63.14 -25.71 -2.75
CA ARG B 402 -62.81 -25.33 -4.11
C ARG B 402 -64.04 -25.12 -4.99
N GLY B 403 -65.23 -25.41 -4.49
CA GLY B 403 -66.43 -25.30 -5.27
C GLY B 403 -66.79 -26.49 -6.13
N GLY B 404 -65.98 -27.54 -6.14
CA GLY B 404 -66.37 -28.75 -6.84
C GLY B 404 -66.42 -28.55 -8.34
N ARG B 405 -67.56 -28.90 -8.94
CA ARG B 405 -67.72 -28.81 -10.39
C ARG B 405 -67.54 -27.40 -10.92
N ASN B 406 -67.78 -26.40 -10.07
CA ASN B 406 -67.68 -24.99 -10.48
C ASN B 406 -66.33 -24.42 -10.10
N ALA B 407 -65.27 -25.05 -10.60
CA ALA B 407 -63.91 -24.59 -10.34
C ALA B 407 -63.21 -24.10 -11.59
N PRO C 54 -50.24 -9.56 -37.79
CA PRO C 54 -49.89 -10.87 -38.34
C PRO C 54 -48.52 -10.87 -39.03
N ASP C 55 -47.47 -11.08 -38.24
CA ASP C 55 -46.09 -11.06 -38.72
C ASP C 55 -45.42 -12.39 -38.42
N PRO C 56 -45.27 -13.28 -39.41
CA PRO C 56 -44.53 -14.54 -39.16
C PRO C 56 -43.04 -14.26 -39.04
N PHE C 57 -42.65 -13.55 -37.99
CA PHE C 57 -41.32 -12.97 -37.87
C PHE C 57 -40.22 -14.01 -37.79
N THR C 58 -39.04 -13.61 -38.24
CA THR C 58 -37.82 -14.40 -38.14
C THR C 58 -36.67 -13.65 -37.49
N ASP C 59 -36.69 -12.32 -37.49
CA ASP C 59 -35.64 -11.49 -36.91
C ASP C 59 -35.94 -11.28 -35.44
N ILE C 60 -35.22 -12.00 -34.58
CA ILE C 60 -35.46 -11.94 -33.13
C ILE C 60 -35.05 -10.57 -32.57
N ILE C 61 -33.94 -10.01 -33.07
CA ILE C 61 -33.46 -8.74 -32.58
C ILE C 61 -34.43 -7.62 -32.94
N SER C 62 -35.02 -7.69 -34.14
CA SER C 62 -36.03 -6.72 -34.52
C SER C 62 -37.22 -6.78 -33.58
N ALA C 63 -37.63 -8.00 -33.18
CA ALA C 63 -38.70 -8.14 -32.20
C ALA C 63 -38.31 -7.50 -30.87
N PHE C 64 -37.06 -7.69 -30.43
CA PHE C 64 -36.60 -7.06 -29.20
C PHE C 64 -36.71 -5.54 -29.29
N LYS C 65 -36.29 -4.97 -30.42
CA LYS C 65 -36.33 -3.51 -30.58
C LYS C 65 -37.76 -2.99 -30.59
N LYS C 66 -38.65 -3.68 -31.31
CA LYS C 66 -40.05 -3.28 -31.32
C LYS C 66 -40.63 -3.32 -29.91
N TRP C 67 -40.27 -4.36 -29.15
CA TRP C 67 -40.73 -4.45 -27.77
C TRP C 67 -40.18 -3.31 -26.93
N ASP C 68 -38.93 -2.92 -27.15
CA ASP C 68 -38.36 -1.80 -26.42
C ASP C 68 -39.14 -0.52 -26.67
N SER C 69 -39.49 -0.25 -27.94
CA SER C 69 -40.24 0.97 -28.22
C SER C 69 -41.67 0.91 -27.70
N GLN C 70 -42.34 -0.24 -27.86
CA GLN C 70 -43.76 -0.30 -27.56
C GLN C 70 -44.06 -0.61 -26.10
N VAL C 71 -43.25 -1.43 -25.43
CA VAL C 71 -43.50 -1.80 -24.04
C VAL C 71 -42.45 -1.19 -23.11
N GLY C 72 -41.21 -1.59 -23.25
CA GLY C 72 -40.16 -0.99 -22.44
C GLY C 72 -39.97 -1.66 -21.09
N CYS C 73 -38.72 -1.64 -20.63
CA CYS C 73 -38.38 -2.31 -19.38
C CYS C 73 -39.01 -1.63 -18.18
N ALA C 74 -39.28 -0.32 -18.26
CA ALA C 74 -39.94 0.36 -17.15
C ALA C 74 -41.33 -0.21 -16.94
N ARG C 75 -42.08 -0.39 -18.03
CA ARG C 75 -43.41 -1.00 -17.93
C ARG C 75 -43.30 -2.44 -17.45
N PHE C 76 -42.30 -3.18 -17.93
CA PHE C 76 -42.14 -4.56 -17.49
C PHE C 76 -41.86 -4.64 -15.98
N ARG C 77 -40.94 -3.80 -15.49
CA ARG C 77 -40.62 -3.82 -14.06
C ARG C 77 -41.81 -3.40 -13.22
N GLU C 78 -42.59 -2.43 -13.69
CA GLU C 78 -43.79 -2.04 -12.95
C GLU C 78 -44.79 -3.19 -12.90
N LYS C 79 -44.97 -3.89 -14.01
CA LYS C 79 -45.95 -4.98 -14.05
C LYS C 79 -45.54 -6.14 -13.15
N TYR C 80 -44.24 -6.33 -12.93
CA TYR C 80 -43.75 -7.44 -12.11
C TYR C 80 -42.85 -6.92 -10.98
N SER C 95 -38.91 -23.76 -1.61
CA SER C 95 -38.62 -24.50 -2.84
C SER C 95 -37.13 -24.49 -3.19
N LEU C 96 -36.40 -23.48 -2.71
CA LEU C 96 -34.98 -23.35 -2.98
C LEU C 96 -34.25 -23.07 -1.68
N GLN C 97 -32.98 -23.46 -1.63
CA GLN C 97 -32.17 -23.30 -0.42
C GLN C 97 -31.52 -21.93 -0.48
N GLU C 98 -32.27 -20.93 0.00
CA GLU C 98 -31.79 -19.56 0.01
C GLU C 98 -31.15 -19.24 1.35
N LYS C 103 -24.11 -16.63 8.15
CA LYS C 103 -23.09 -16.36 9.17
C LYS C 103 -21.96 -17.40 9.11
N CYS C 104 -20.75 -16.95 9.41
CA CYS C 104 -19.53 -17.76 9.31
C CYS C 104 -19.14 -18.42 10.63
N ASP C 105 -20.09 -18.71 11.50
CA ASP C 105 -19.80 -19.25 12.83
C ASP C 105 -19.81 -20.77 12.84
N GLY C 106 -20.76 -21.40 12.15
CA GLY C 106 -20.90 -22.85 12.22
C GLY C 106 -19.78 -23.64 11.56
N LEU C 107 -18.86 -22.99 10.86
CA LEU C 107 -17.78 -23.69 10.16
C LEU C 107 -16.69 -24.13 11.13
N LYS C 108 -16.63 -25.45 11.37
CA LYS C 108 -15.63 -26.05 12.23
C LYS C 108 -14.34 -26.38 11.48
N MET C 109 -14.35 -26.32 10.15
CA MET C 109 -13.20 -26.66 9.32
C MET C 109 -12.98 -25.57 8.29
N GLU C 110 -11.74 -25.08 8.19
CA GLU C 110 -11.44 -24.09 7.17
C GLU C 110 -11.14 -24.71 5.81
N HIS C 111 -10.87 -26.01 5.77
CA HIS C 111 -10.63 -26.71 4.52
C HIS C 111 -11.36 -28.05 4.56
N VAL C 112 -12.04 -28.37 3.46
CA VAL C 112 -12.77 -29.62 3.33
C VAL C 112 -12.41 -30.27 2.01
N SER C 113 -12.18 -31.58 2.04
CA SER C 113 -11.90 -32.35 0.84
C SER C 113 -13.02 -33.35 0.58
N VAL C 114 -13.42 -33.45 -0.68
CA VAL C 114 -14.46 -34.38 -1.13
C VAL C 114 -13.87 -35.25 -2.23
N LEU C 115 -13.87 -36.57 -1.99
CA LEU C 115 -13.48 -37.56 -2.98
C LEU C 115 -14.76 -38.16 -3.55
N VAL C 116 -14.95 -38.02 -4.86
CA VAL C 116 -16.08 -38.62 -5.56
C VAL C 116 -15.72 -40.10 -5.74
N LYS C 117 -16.24 -40.94 -4.85
CA LYS C 117 -15.84 -42.35 -4.82
C LYS C 117 -16.62 -43.18 -5.82
N GLY C 118 -17.92 -42.93 -5.97
CA GLY C 118 -18.73 -43.65 -6.92
C GLY C 118 -19.64 -42.70 -7.64
N TRP C 119 -19.83 -42.91 -8.94
CA TRP C 119 -20.65 -42.00 -9.74
C TRP C 119 -21.09 -42.72 -10.98
N THR C 120 -22.10 -42.17 -11.63
CA THR C 120 -22.59 -42.64 -12.92
C THR C 120 -22.54 -41.58 -14.00
N TRP C 121 -22.75 -40.31 -13.64
CA TRP C 121 -22.76 -39.23 -14.62
C TRP C 121 -21.99 -38.00 -14.15
N ILE C 122 -21.58 -37.91 -12.89
CA ILE C 122 -20.93 -36.73 -12.34
C ILE C 122 -19.72 -36.36 -13.20
N PRO C 123 -19.65 -35.12 -13.68
CA PRO C 123 -18.61 -34.76 -14.65
C PRO C 123 -17.26 -34.52 -14.00
N ASP C 124 -16.21 -34.78 -14.79
CA ASP C 124 -14.85 -34.52 -14.31
C ASP C 124 -14.59 -33.04 -14.08
N ASN C 125 -15.15 -32.17 -14.95
CA ASN C 125 -14.81 -30.76 -14.86
C ASN C 125 -15.40 -30.06 -13.64
N LEU C 126 -16.01 -30.79 -12.71
CA LEU C 126 -16.27 -30.24 -11.39
C LEU C 126 -15.02 -30.25 -10.52
N ASP C 127 -14.02 -31.05 -10.89
CA ASP C 127 -12.81 -31.18 -10.09
C ASP C 127 -12.13 -29.82 -9.99
N ASN C 128 -11.88 -29.37 -8.75
CA ASN C 128 -11.23 -28.09 -8.57
C ASN C 128 -10.91 -27.91 -7.09
N LEU C 129 -9.98 -27.01 -6.81
CA LEU C 129 -9.75 -26.50 -5.46
C LEU C 129 -10.48 -25.16 -5.39
N TYR C 130 -11.74 -25.22 -4.95
CA TYR C 130 -12.59 -24.05 -4.90
C TYR C 130 -12.26 -23.20 -3.69
N SER C 131 -12.38 -21.88 -3.87
CA SER C 131 -12.36 -20.93 -2.77
C SER C 131 -13.79 -20.50 -2.52
N CYS C 132 -14.30 -20.81 -1.34
CA CYS C 132 -15.69 -20.59 -0.99
C CYS C 132 -15.79 -19.41 -0.03
N ARG C 133 -17.02 -19.14 0.41
CA ARG C 133 -17.25 -18.05 1.33
C ARG C 133 -16.65 -18.36 2.70
N CYS C 134 -16.51 -17.32 3.52
CA CYS C 134 -15.98 -17.42 4.89
C CYS C 134 -14.56 -18.00 4.93
N GLY C 135 -13.79 -17.81 3.85
CA GLY C 135 -12.44 -18.31 3.83
C GLY C 135 -12.33 -19.82 3.83
N LEU C 136 -13.35 -20.53 3.34
CA LEU C 136 -13.34 -21.98 3.29
C LEU C 136 -12.78 -22.44 1.95
N SER C 137 -11.85 -23.38 1.99
CA SER C 137 -11.34 -24.01 0.78
C SER C 137 -11.93 -25.40 0.65
N CYS C 138 -12.15 -25.81 -0.59
CA CYS C 138 -12.93 -27.02 -0.89
C CYS C 138 -12.26 -27.76 -2.03
N LEU C 139 -11.63 -28.89 -1.73
CA LEU C 139 -10.93 -29.66 -2.75
C LEU C 139 -11.85 -30.79 -3.20
N TRP C 140 -12.41 -30.66 -4.41
CA TRP C 140 -13.35 -31.63 -4.96
C TRP C 140 -12.68 -32.37 -6.10
N THR C 141 -12.62 -33.70 -6.00
CA THR C 141 -11.94 -34.45 -7.05
C THR C 141 -12.44 -35.89 -7.07
N LYS C 142 -12.19 -36.56 -8.20
CA LYS C 142 -12.35 -37.99 -8.29
C LYS C 142 -11.05 -38.76 -8.08
N SER C 143 -9.93 -38.07 -7.82
CA SER C 143 -8.62 -38.70 -7.75
C SER C 143 -8.23 -38.92 -6.29
N SER C 144 -7.99 -40.18 -5.92
CA SER C 144 -7.51 -40.46 -4.58
C SER C 144 -6.05 -40.07 -4.40
N VAL C 145 -5.35 -39.68 -5.47
CA VAL C 145 -4.02 -39.11 -5.31
C VAL C 145 -4.10 -37.65 -4.87
N LEU C 146 -5.02 -36.88 -5.47
CA LEU C 146 -5.25 -35.51 -5.01
C LEU C 146 -5.78 -35.48 -3.59
N VAL C 147 -6.69 -36.40 -3.26
CA VAL C 147 -7.22 -36.57 -1.91
C VAL C 147 -7.11 -38.03 -1.54
N ASP C 148 -6.13 -38.34 -0.68
CA ASP C 148 -5.96 -39.69 -0.15
C ASP C 148 -6.61 -39.89 1.20
N LYS C 149 -6.97 -38.81 1.90
CA LYS C 149 -7.69 -38.88 3.18
C LYS C 149 -8.85 -37.89 3.16
N PRO C 150 -9.91 -38.19 2.40
CA PRO C 150 -11.01 -37.23 2.24
C PRO C 150 -11.83 -37.06 3.52
N ASP C 151 -12.34 -35.84 3.70
CA ASP C 151 -13.28 -35.59 4.78
C ASP C 151 -14.67 -36.16 4.50
N ALA C 152 -15.00 -36.35 3.22
CA ALA C 152 -16.30 -36.85 2.84
C ALA C 152 -16.16 -37.66 1.56
N LEU C 153 -16.92 -38.74 1.47
CA LEU C 153 -16.98 -39.56 0.26
C LEU C 153 -18.32 -39.34 -0.41
N LEU C 154 -18.31 -39.01 -1.69
CA LEU C 154 -19.54 -38.80 -2.45
C LEU C 154 -19.83 -40.06 -3.26
N PHE C 155 -21.05 -40.56 -3.14
CA PHE C 155 -21.52 -41.66 -3.98
C PHE C 155 -22.73 -41.16 -4.72
N GLU C 156 -22.59 -41.01 -6.03
CA GLU C 156 -23.69 -40.57 -6.88
C GLU C 156 -24.29 -41.81 -7.52
N THR C 157 -25.52 -42.16 -7.09
CA THR C 157 -26.26 -43.33 -7.58
C THR C 157 -25.42 -44.60 -7.46
N THR C 158 -24.66 -44.71 -6.38
CA THR C 158 -23.86 -45.89 -6.09
C THR C 158 -23.93 -46.18 -4.60
N THR C 159 -23.73 -47.43 -4.24
CA THR C 159 -23.99 -47.89 -2.88
C THR C 159 -22.88 -47.43 -1.93
N PRO C 160 -23.20 -46.68 -0.88
CA PRO C 160 -22.20 -46.29 0.11
C PRO C 160 -21.83 -47.46 1.00
N PRO C 161 -20.84 -47.30 1.89
CA PRO C 161 -20.49 -48.39 2.81
C PRO C 161 -21.63 -48.75 3.75
N LEU C 162 -21.68 -50.03 4.15
CA LEU C 162 -22.76 -50.52 4.99
C LEU C 162 -22.68 -49.94 6.40
N GLN C 163 -21.49 -49.57 6.85
CA GLN C 163 -21.31 -48.99 8.17
C GLN C 163 -20.30 -47.87 8.09
N ARG C 164 -20.39 -46.94 9.04
CA ARG C 164 -19.40 -45.89 9.20
C ARG C 164 -18.97 -45.88 10.65
N ARG C 165 -17.69 -46.12 10.89
CA ARG C 165 -17.15 -45.93 12.22
C ARG C 165 -16.71 -44.49 12.35
N SER C 166 -16.87 -43.92 13.54
CA SER C 166 -16.54 -42.51 13.71
C SER C 166 -15.05 -42.30 13.50
N GLY C 167 -14.71 -41.20 12.83
CA GLY C 167 -13.38 -40.98 12.34
C GLY C 167 -13.16 -41.45 10.91
N ASP C 168 -14.13 -42.14 10.33
CA ASP C 168 -14.18 -42.40 8.91
C ASP C 168 -14.78 -41.20 8.19
N PRO C 169 -14.51 -41.06 6.89
CA PRO C 169 -15.13 -39.94 6.15
C PRO C 169 -16.65 -40.02 6.14
N LEU C 170 -17.28 -38.85 6.13
CA LEU C 170 -18.74 -38.79 6.01
C LEU C 170 -19.17 -39.37 4.67
N ARG C 171 -20.28 -40.10 4.70
CA ARG C 171 -20.84 -40.72 3.50
C ARG C 171 -21.91 -39.82 2.92
N VAL C 172 -21.71 -39.40 1.67
CA VAL C 172 -22.65 -38.52 0.99
C VAL C 172 -23.19 -39.28 -0.22
N TYR C 173 -24.51 -39.38 -0.30
CA TYR C 173 -25.19 -40.02 -1.41
C TYR C 173 -25.96 -38.96 -2.18
N MET C 174 -25.97 -39.11 -3.50
CA MET C 174 -26.53 -38.10 -4.38
C MET C 174 -27.36 -38.79 -5.44
N ASP C 175 -28.57 -38.28 -5.66
CA ASP C 175 -29.44 -38.74 -6.73
C ASP C 175 -30.31 -37.56 -7.14
N LEU C 176 -30.23 -37.16 -8.40
CA LEU C 176 -31.04 -36.07 -8.90
C LEU C 176 -32.26 -36.55 -9.65
N GLU C 177 -32.45 -37.86 -9.74
CA GLU C 177 -33.65 -38.38 -10.37
C GLU C 177 -34.85 -38.14 -9.47
N ALA C 178 -36.02 -38.04 -10.10
CA ALA C 178 -37.25 -37.75 -9.37
C ALA C 178 -37.51 -38.82 -8.32
N GLY C 179 -37.94 -38.39 -7.14
CA GLY C 179 -38.30 -39.29 -6.06
C GLY C 179 -37.54 -39.08 -4.77
N ARG C 180 -36.37 -38.45 -4.82
CA ARG C 180 -35.56 -38.22 -3.63
C ARG C 180 -35.29 -39.54 -2.89
N LYS C 181 -34.92 -40.56 -3.66
CA LYS C 181 -34.71 -41.89 -3.10
C LYS C 181 -33.32 -41.97 -2.48
N ARG C 182 -33.27 -42.25 -1.18
CA ARG C 182 -32.01 -42.40 -0.46
C ARG C 182 -31.51 -43.84 -0.54
N SER C 183 -30.25 -44.02 -0.20
CA SER C 183 -29.69 -45.36 -0.09
C SER C 183 -29.86 -45.95 1.31
N GLY C 184 -30.20 -45.14 2.30
CA GLY C 184 -30.28 -45.62 3.66
C GLY C 184 -28.95 -45.84 4.33
N LEU C 185 -27.84 -45.62 3.62
CA LEU C 185 -26.50 -45.84 4.13
C LEU C 185 -25.68 -44.55 4.12
N GLU C 186 -26.34 -43.40 4.16
CA GLU C 186 -25.68 -42.10 4.04
C GLU C 186 -25.80 -41.27 5.30
N ASP C 187 -24.82 -40.41 5.50
CA ASP C 187 -24.89 -39.37 6.52
C ASP C 187 -25.43 -38.06 5.98
N MET C 188 -25.36 -37.85 4.65
CA MET C 188 -25.88 -36.66 4.01
C MET C 188 -26.45 -37.04 2.65
N PHE C 189 -27.54 -36.40 2.27
CA PHE C 189 -28.23 -36.69 1.02
C PHE C 189 -28.33 -35.43 0.15
N ILE C 190 -27.96 -35.57 -1.12
CA ILE C 190 -28.06 -34.50 -2.10
C ILE C 190 -29.14 -34.86 -3.12
N SER C 191 -30.07 -33.94 -3.36
CA SER C 191 -31.08 -34.13 -4.38
C SER C 191 -31.42 -32.77 -4.99
N TYR C 192 -32.43 -32.75 -5.84
CA TYR C 192 -32.95 -31.54 -6.46
C TYR C 192 -33.86 -30.73 -5.55
N HIS C 193 -34.23 -31.29 -4.39
CA HIS C 193 -35.24 -30.72 -3.52
C HIS C 193 -34.60 -29.89 -2.41
N ALA C 194 -35.26 -28.81 -2.02
CA ALA C 194 -34.70 -27.91 -1.02
C ALA C 194 -34.76 -28.49 0.39
N LYS C 195 -35.63 -29.47 0.64
CA LYS C 195 -35.82 -30.02 1.98
C LYS C 195 -34.88 -31.17 2.27
N ASP C 196 -33.95 -31.46 1.36
CA ASP C 196 -32.90 -32.42 1.64
C ASP C 196 -31.67 -31.70 2.18
N ASP C 197 -30.60 -32.45 2.42
CA ASP C 197 -29.45 -31.87 3.12
C ASP C 197 -28.78 -30.78 2.30
N VAL C 198 -28.40 -31.09 1.05
CA VAL C 198 -27.82 -30.12 0.15
C VAL C 198 -28.56 -30.23 -1.18
N GLN C 199 -29.06 -29.10 -1.66
CA GLN C 199 -29.84 -29.07 -2.89
C GLN C 199 -28.93 -28.83 -4.09
N SER C 200 -29.24 -29.49 -5.20
CA SER C 200 -28.54 -29.26 -6.47
C SER C 200 -29.59 -29.18 -7.57
N THR C 201 -29.92 -27.96 -7.98
CA THR C 201 -30.87 -27.80 -9.07
C THR C 201 -30.18 -28.07 -10.41
N TYR C 202 -30.99 -28.14 -11.45
CA TYR C 202 -30.52 -28.43 -12.80
C TYR C 202 -30.13 -27.19 -13.58
N ALA C 203 -30.27 -25.99 -13.00
CA ALA C 203 -30.00 -24.75 -13.72
C ALA C 203 -28.52 -24.36 -13.62
N GLY C 204 -27.66 -25.21 -14.17
CA GLY C 204 -26.23 -24.98 -14.14
C GLY C 204 -25.63 -25.05 -15.53
N ALA C 205 -24.39 -24.53 -15.63
CA ALA C 205 -23.70 -24.48 -16.90
C ALA C 205 -22.47 -25.37 -16.98
N LEU C 206 -21.99 -25.93 -15.88
CA LEU C 206 -20.72 -26.64 -15.90
C LEU C 206 -20.86 -28.02 -16.52
N PHE C 207 -21.94 -28.72 -16.21
CA PHE C 207 -22.22 -29.99 -16.86
C PHE C 207 -22.43 -29.77 -18.35
N HIS C 208 -21.72 -30.55 -19.16
CA HIS C 208 -21.69 -30.39 -20.62
C HIS C 208 -21.23 -28.99 -21.02
N ASN C 209 -20.06 -28.61 -20.48
CA ASN C 209 -19.47 -27.32 -20.81
C ASN C 209 -19.07 -27.27 -22.27
N GLY C 210 -18.45 -28.34 -22.78
CA GLY C 210 -17.98 -28.44 -24.14
C GLY C 210 -19.06 -28.44 -25.21
N ARG C 211 -19.88 -27.41 -25.24
CA ARG C 211 -20.97 -27.29 -26.20
C ARG C 211 -20.69 -26.17 -27.19
N ASN C 212 -21.50 -26.14 -28.24
CA ASN C 212 -21.53 -25.01 -29.14
C ASN C 212 -22.31 -23.87 -28.49
N TYR C 213 -21.74 -22.66 -28.54
CA TYR C 213 -22.33 -21.51 -27.87
C TYR C 213 -22.99 -20.53 -28.83
N GLN C 214 -23.14 -20.89 -30.10
CA GLN C 214 -23.82 -20.01 -31.04
C GLN C 214 -25.28 -19.90 -30.67
N VAL C 215 -25.81 -18.69 -30.73
CA VAL C 215 -27.22 -18.42 -30.55
C VAL C 215 -27.71 -17.76 -31.81
N SER C 216 -28.65 -18.42 -32.50
CA SER C 216 -29.10 -17.96 -33.80
C SER C 216 -29.82 -16.62 -33.68
N SER C 217 -29.59 -15.76 -34.66
CA SER C 217 -30.32 -14.51 -34.77
C SER C 217 -31.57 -14.65 -35.61
N TYR C 218 -31.82 -15.84 -36.15
CA TYR C 218 -32.96 -16.10 -37.03
C TYR C 218 -33.80 -17.24 -36.45
N LYS C 219 -35.10 -16.99 -36.28
CA LYS C 219 -36.06 -18.01 -35.89
C LYS C 219 -36.76 -18.54 -37.13
N ASN C 220 -37.03 -19.85 -37.15
CA ASN C 220 -37.76 -20.43 -38.27
C ASN C 220 -39.21 -19.94 -38.25
N ASN C 221 -39.73 -19.53 -39.41
CA ASN C 221 -41.12 -19.10 -39.38
C ASN C 221 -42.09 -20.26 -39.59
N ASP C 222 -41.69 -21.31 -40.31
CA ASP C 222 -42.59 -22.43 -40.55
C ASP C 222 -42.61 -23.40 -39.37
N THR C 223 -41.45 -23.97 -39.03
CA THR C 223 -41.38 -24.92 -37.92
C THR C 223 -41.29 -24.16 -36.62
N LEU C 224 -42.24 -24.38 -35.71
CA LEU C 224 -42.30 -23.53 -34.52
C LEU C 224 -41.78 -24.18 -33.24
N VAL C 225 -41.72 -25.50 -33.16
CA VAL C 225 -41.46 -26.17 -31.89
C VAL C 225 -40.30 -27.14 -32.09
N TYR C 226 -39.35 -27.09 -31.17
CA TYR C 226 -38.24 -28.03 -31.09
C TYR C 226 -38.54 -29.05 -30.00
N TRP C 227 -38.24 -30.31 -30.28
CA TRP C 227 -38.35 -31.31 -29.22
C TRP C 227 -37.28 -32.37 -29.42
N SER C 228 -36.73 -32.85 -28.31
CA SER C 228 -35.76 -33.94 -28.37
C SER C 228 -35.93 -34.81 -27.14
N SER C 229 -36.24 -36.08 -27.37
CA SER C 229 -36.36 -37.07 -26.31
C SER C 229 -35.93 -38.40 -26.88
N SER C 230 -35.21 -39.18 -26.08
CA SER C 230 -34.72 -40.47 -26.53
C SER C 230 -35.08 -41.64 -25.62
N ARG C 231 -35.69 -41.38 -24.46
CA ARG C 231 -36.25 -42.43 -23.60
C ARG C 231 -37.77 -42.29 -23.67
N CYS C 232 -38.41 -43.09 -24.52
CA CYS C 232 -39.82 -42.89 -24.85
C CYS C 232 -40.69 -43.51 -23.77
N LEU C 233 -41.19 -42.68 -22.86
CA LEU C 233 -42.12 -43.14 -21.83
C LEU C 233 -43.57 -42.95 -22.28
N PRO C 234 -44.45 -43.91 -21.99
CA PRO C 234 -45.80 -43.87 -22.57
C PRO C 234 -46.58 -42.61 -22.25
N GLN C 235 -46.57 -42.13 -21.01
CA GLN C 235 -47.31 -40.92 -20.67
C GLN C 235 -46.75 -39.71 -21.41
N ARG C 236 -45.43 -39.51 -21.33
CA ARG C 236 -44.80 -38.39 -22.02
C ARG C 236 -44.95 -38.51 -23.52
N ASN C 237 -44.76 -39.70 -24.08
CA ASN C 237 -44.89 -39.85 -25.53
C ASN C 237 -46.31 -39.60 -26.00
N ARG C 238 -47.31 -40.04 -25.23
CA ARG C 238 -48.69 -39.76 -25.60
C ARG C 238 -48.94 -38.25 -25.62
N LEU C 239 -48.52 -37.56 -24.55
CA LEU C 239 -48.72 -36.11 -24.50
C LEU C 239 -47.99 -35.41 -25.63
N ALA C 240 -46.73 -35.82 -25.90
CA ALA C 240 -45.95 -35.19 -26.95
C ALA C 240 -46.58 -35.43 -28.31
N LYS C 241 -47.01 -36.66 -28.58
CA LYS C 241 -47.65 -36.97 -29.85
C LYS C 241 -48.91 -36.12 -30.04
N ASN C 242 -49.73 -36.01 -29.00
CA ASN C 242 -50.96 -35.25 -29.13
C ASN C 242 -50.68 -33.77 -29.39
N LEU C 243 -49.73 -33.18 -28.67
CA LEU C 243 -49.49 -31.74 -28.82
C LEU C 243 -48.77 -31.46 -30.14
N LEU C 244 -47.76 -32.26 -30.48
CA LEU C 244 -46.99 -32.05 -31.69
C LEU C 244 -47.81 -32.29 -32.95
N SER C 245 -48.90 -33.04 -32.84
CA SER C 245 -49.82 -33.16 -33.98
C SER C 245 -50.52 -31.83 -34.27
N LEU C 246 -50.55 -30.91 -33.30
CA LEU C 246 -51.21 -29.61 -33.46
C LEU C 246 -50.25 -28.47 -33.77
N LEU C 247 -48.94 -28.71 -33.79
CA LEU C 247 -47.98 -27.63 -33.98
C LEU C 247 -46.88 -28.09 -34.93
N PRO C 248 -46.54 -27.28 -35.94
CA PRO C 248 -45.40 -27.63 -36.80
C PRO C 248 -44.14 -27.72 -35.95
N HIS C 249 -43.39 -28.81 -36.13
CA HIS C 249 -42.35 -29.14 -35.16
C HIS C 249 -41.24 -29.95 -35.81
N HIS C 250 -40.08 -29.92 -35.16
CA HIS C 250 -38.97 -30.82 -35.48
C HIS C 250 -38.61 -31.59 -34.21
N SER C 251 -38.60 -32.91 -34.32
CA SER C 251 -38.28 -33.80 -33.20
C SER C 251 -37.02 -34.55 -33.58
N PHE C 252 -35.90 -34.19 -32.93
CA PHE C 252 -34.59 -34.67 -33.34
C PHE C 252 -34.11 -35.89 -32.56
N GLY C 253 -34.75 -36.21 -31.44
CA GLY C 253 -34.34 -37.34 -30.62
C GLY C 253 -34.86 -38.65 -31.19
N LYS C 254 -34.65 -39.72 -30.43
CA LYS C 254 -35.10 -41.03 -30.88
C LYS C 254 -36.62 -41.16 -30.82
N CYS C 255 -37.30 -40.40 -29.96
CA CYS C 255 -38.75 -40.52 -29.82
C CYS C 255 -39.45 -39.61 -30.83
N LEU C 256 -40.35 -40.21 -31.61
CA LEU C 256 -41.18 -39.49 -32.58
C LEU C 256 -40.31 -38.70 -33.55
N ASN C 257 -39.22 -39.31 -34.01
CA ASN C 257 -38.31 -38.62 -34.92
C ASN C 257 -38.98 -38.37 -36.25
N ASN C 258 -38.99 -37.10 -36.68
CA ASN C 258 -39.61 -36.69 -37.93
C ASN C 258 -38.66 -35.86 -38.79
N VAL C 259 -37.37 -35.97 -38.55
CA VAL C 259 -36.35 -35.20 -39.26
C VAL C 259 -35.45 -36.06 -40.12
N GLY C 260 -35.60 -37.38 -40.06
CA GLY C 260 -34.83 -38.25 -40.92
C GLY C 260 -33.70 -39.02 -40.27
N GLY C 261 -33.69 -39.14 -38.94
CA GLY C 261 -32.62 -39.85 -38.27
C GLY C 261 -31.87 -39.02 -37.25
N PRO C 262 -30.75 -39.55 -36.78
CA PRO C 262 -29.96 -38.85 -35.77
C PRO C 262 -29.04 -37.79 -36.36
N ASP C 263 -28.64 -36.85 -35.50
CA ASP C 263 -27.71 -35.77 -35.85
C ASP C 263 -28.16 -34.97 -37.07
N MET C 264 -29.48 -34.84 -37.26
CA MET C 264 -30.00 -34.10 -38.39
C MET C 264 -29.96 -32.60 -38.16
N ALA C 265 -29.91 -32.17 -36.90
CA ALA C 265 -29.79 -30.74 -36.61
C ALA C 265 -28.50 -30.18 -37.17
N LEU C 266 -27.41 -30.97 -37.09
CA LEU C 266 -26.15 -30.51 -37.67
C LEU C 266 -26.23 -30.45 -39.19
N SER C 267 -27.12 -31.25 -39.79
CA SER C 267 -27.35 -31.14 -41.22
C SER C 267 -28.13 -29.89 -41.56
N LEU C 268 -29.15 -29.57 -40.74
CA LEU C 268 -29.95 -28.38 -40.99
C LEU C 268 -29.21 -27.11 -40.61
N TYR C 269 -28.39 -27.18 -39.56
CA TYR C 269 -27.72 -26.00 -39.00
C TYR C 269 -26.25 -26.35 -38.86
N PRO C 270 -25.48 -26.30 -39.94
CA PRO C 270 -24.07 -26.71 -39.86
C PRO C 270 -23.24 -25.86 -38.92
N GLU C 271 -23.64 -24.61 -38.66
CA GLU C 271 -22.91 -23.78 -37.74
C GLU C 271 -22.99 -24.28 -36.30
N CYS C 272 -23.92 -25.20 -36.01
CA CYS C 272 -24.02 -25.73 -34.66
C CYS C 272 -23.05 -26.87 -34.42
N ASN C 273 -22.28 -27.26 -35.42
CA ASN C 273 -21.32 -28.32 -35.22
C ASN C 273 -20.20 -27.81 -34.33
N ASN C 274 -19.77 -28.67 -33.39
CA ASN C 274 -18.69 -28.34 -32.48
C ASN C 274 -17.39 -28.91 -33.03
N ASP C 275 -16.45 -28.03 -33.37
CA ASP C 275 -15.17 -28.38 -34.00
C ASP C 275 -14.55 -29.70 -33.52
N VAL C 278 -14.79 -32.65 -31.60
CA VAL C 278 -15.41 -33.87 -31.09
C VAL C 278 -16.10 -34.63 -32.22
N LYS C 279 -16.43 -35.90 -31.96
CA LYS C 279 -17.35 -36.64 -32.80
C LYS C 279 -18.76 -36.42 -32.28
N PRO C 280 -19.72 -35.97 -33.13
CA PRO C 280 -20.97 -35.36 -32.62
C PRO C 280 -21.69 -36.13 -31.52
N ARG C 281 -21.81 -35.49 -30.36
CA ARG C 281 -22.61 -35.95 -29.24
C ARG C 281 -23.89 -35.13 -29.15
N TRP C 282 -24.93 -35.72 -28.54
CA TRP C 282 -26.25 -35.09 -28.55
C TRP C 282 -26.25 -33.77 -27.79
N TRP C 283 -25.39 -33.61 -26.81
CA TRP C 283 -25.43 -32.41 -25.99
C TRP C 283 -24.50 -31.30 -26.46
N ASP C 284 -23.62 -31.56 -27.44
CA ASP C 284 -22.69 -30.52 -27.85
C ASP C 284 -23.35 -29.46 -28.73
N HIS C 285 -24.54 -29.73 -29.28
CA HIS C 285 -25.20 -28.83 -30.21
C HIS C 285 -26.66 -28.58 -29.86
N LEU C 286 -27.10 -28.97 -28.66
CA LEU C 286 -28.51 -28.82 -28.29
C LEU C 286 -28.92 -27.36 -28.24
N HIS C 287 -28.17 -26.53 -27.50
CA HIS C 287 -28.52 -25.12 -27.36
C HIS C 287 -28.57 -24.43 -28.72
N CYS C 288 -27.54 -24.65 -29.53
CA CYS C 288 -27.47 -24.00 -30.83
C CYS C 288 -28.65 -24.39 -31.71
N ALA C 289 -29.00 -25.68 -31.72
CA ALA C 289 -30.15 -26.13 -32.49
C ALA C 289 -31.44 -25.51 -31.97
N MET C 290 -31.62 -25.51 -30.64
CA MET C 290 -32.84 -24.95 -30.06
C MET C 290 -33.01 -23.48 -30.38
N SER C 291 -31.90 -22.74 -30.50
CA SER C 291 -31.98 -21.31 -30.73
C SER C 291 -32.69 -20.96 -32.03
N HIS C 292 -32.76 -21.89 -32.97
CA HIS C 292 -33.43 -21.64 -34.24
C HIS C 292 -34.95 -21.70 -34.13
N TYR C 293 -35.49 -22.22 -33.03
CA TYR C 293 -36.92 -22.41 -32.90
C TYR C 293 -37.49 -21.44 -31.86
N LYS C 294 -38.68 -20.90 -32.16
CA LYS C 294 -39.31 -19.97 -31.23
C LYS C 294 -39.69 -20.63 -29.92
N PHE C 295 -39.98 -21.94 -29.95
CA PHE C 295 -40.47 -22.63 -28.77
C PHE C 295 -39.77 -23.97 -28.63
N VAL C 296 -39.63 -24.42 -27.38
CA VAL C 296 -39.05 -25.71 -27.05
C VAL C 296 -40.06 -26.48 -26.22
N LEU C 297 -40.36 -27.70 -26.64
CA LEU C 297 -41.25 -28.55 -25.86
C LEU C 297 -40.43 -29.25 -24.78
N ALA C 298 -40.84 -29.08 -23.53
CA ALA C 298 -40.14 -29.65 -22.37
C ALA C 298 -41.14 -30.45 -21.54
N ILE C 299 -41.04 -31.77 -21.61
CA ILE C 299 -41.90 -32.67 -20.85
C ILE C 299 -41.02 -33.50 -19.94
N GLU C 300 -41.17 -33.32 -18.62
CA GLU C 300 -40.39 -34.10 -17.68
C GLU C 300 -40.81 -35.57 -17.73
N ASN C 301 -39.87 -36.45 -17.37
CA ASN C 301 -40.20 -37.87 -17.29
C ASN C 301 -41.07 -38.21 -16.09
N THR C 302 -41.19 -37.30 -15.13
CA THR C 302 -41.98 -37.49 -13.92
C THR C 302 -42.52 -36.13 -13.51
N VAL C 303 -43.79 -36.11 -13.11
CA VAL C 303 -44.43 -34.91 -12.60
C VAL C 303 -44.40 -35.02 -11.07
N THR C 304 -43.49 -34.29 -10.43
CA THR C 304 -43.42 -34.29 -8.98
C THR C 304 -42.82 -32.98 -8.51
N GLU C 305 -42.94 -32.73 -7.22
CA GLU C 305 -42.60 -31.43 -6.64
C GLU C 305 -41.11 -31.11 -6.85
N SER C 306 -40.85 -29.90 -7.33
CA SER C 306 -39.53 -29.31 -7.49
C SER C 306 -38.66 -30.01 -8.53
N TYR C 307 -39.20 -30.97 -9.28
CA TYR C 307 -38.40 -31.71 -10.25
C TYR C 307 -38.45 -30.94 -11.56
N VAL C 308 -37.55 -29.97 -11.70
CA VAL C 308 -37.39 -29.17 -12.91
C VAL C 308 -35.98 -29.42 -13.46
N THR C 309 -35.90 -30.00 -14.65
CA THR C 309 -34.62 -30.42 -15.19
C THR C 309 -34.15 -29.44 -16.28
N GLU C 310 -33.05 -29.81 -16.93
CA GLU C 310 -32.43 -28.99 -17.96
C GLU C 310 -33.31 -28.86 -19.19
N LYS C 311 -34.36 -29.67 -19.31
CA LYS C 311 -35.28 -29.56 -20.44
C LYS C 311 -35.87 -28.17 -20.56
N LEU C 312 -36.07 -27.48 -19.44
CA LEU C 312 -36.53 -26.10 -19.41
C LEU C 312 -35.36 -25.11 -19.42
N PHE C 313 -34.37 -25.38 -18.58
CA PHE C 313 -33.30 -24.41 -18.35
C PHE C 313 -32.45 -24.21 -19.58
N TYR C 314 -32.22 -25.28 -20.36
CA TYR C 314 -31.44 -25.13 -21.59
C TYR C 314 -32.16 -24.26 -22.60
N ALA C 315 -33.49 -24.36 -22.66
CA ALA C 315 -34.24 -23.45 -23.51
C ALA C 315 -34.06 -22.01 -23.06
N LEU C 316 -34.10 -21.79 -21.73
CA LEU C 316 -33.81 -20.44 -21.24
C LEU C 316 -32.39 -20.00 -21.58
N ASP C 317 -31.45 -20.94 -21.71
CA ASP C 317 -30.08 -20.64 -22.08
C ASP C 317 -29.93 -20.35 -23.57
N SER C 318 -30.92 -20.68 -24.40
CA SER C 318 -30.78 -20.60 -25.85
C SER C 318 -31.74 -19.59 -26.47
N VAL C 319 -32.31 -18.68 -25.68
CA VAL C 319 -33.22 -17.64 -26.16
C VAL C 319 -34.39 -18.29 -26.92
N SER C 320 -35.04 -19.28 -26.29
CA SER C 320 -36.23 -19.90 -26.83
C SER C 320 -37.22 -20.10 -25.68
N VAL C 321 -38.50 -19.94 -25.97
CA VAL C 321 -39.52 -20.02 -24.92
C VAL C 321 -39.94 -21.48 -24.74
N PRO C 322 -39.80 -22.03 -23.53
CA PRO C 322 -40.18 -23.42 -23.33
C PRO C 322 -41.67 -23.58 -23.07
N ILE C 323 -42.25 -24.58 -23.73
CA ILE C 323 -43.60 -25.06 -23.45
C ILE C 323 -43.45 -26.23 -22.49
N TYR C 324 -43.83 -26.01 -21.23
CA TYR C 324 -43.40 -26.86 -20.13
C TYR C 324 -44.55 -27.71 -19.59
N PHE C 325 -44.28 -28.99 -19.41
CA PHE C 325 -45.17 -29.93 -18.72
C PHE C 325 -44.33 -30.60 -17.64
N GLY C 326 -44.50 -30.19 -16.39
CA GLY C 326 -43.64 -30.69 -15.34
C GLY C 326 -44.04 -30.35 -13.93
N ALA C 327 -43.08 -29.93 -13.11
CA ALA C 327 -43.33 -29.80 -11.69
C ALA C 327 -44.46 -28.82 -11.43
N PRO C 328 -45.37 -29.13 -10.51
CA PRO C 328 -46.49 -28.20 -10.24
C PRO C 328 -46.03 -26.87 -9.67
N ASN C 329 -44.86 -26.83 -9.02
CA ASN C 329 -44.33 -25.60 -8.44
C ASN C 329 -43.27 -24.97 -9.32
N VAL C 330 -43.37 -25.14 -10.65
CA VAL C 330 -42.32 -24.69 -11.55
C VAL C 330 -42.10 -23.19 -11.45
N TRP C 331 -43.16 -22.42 -11.15
CA TRP C 331 -43.01 -20.97 -11.10
C TRP C 331 -42.18 -20.48 -9.92
N ASP C 332 -41.83 -21.34 -8.98
CA ASP C 332 -40.89 -20.95 -7.94
C ASP C 332 -39.45 -20.98 -8.42
N PHE C 333 -39.19 -21.50 -9.62
CA PHE C 333 -37.83 -21.70 -10.11
C PHE C 333 -37.47 -20.82 -11.29
N VAL C 334 -38.45 -20.27 -12.01
CA VAL C 334 -38.21 -19.65 -13.31
C VAL C 334 -38.41 -18.15 -13.21
N PRO C 335 -37.87 -17.35 -14.14
CA PRO C 335 -38.10 -15.91 -14.10
C PRO C 335 -39.54 -15.58 -14.47
N PRO C 336 -40.01 -14.38 -14.14
CA PRO C 336 -41.40 -14.03 -14.47
C PRO C 336 -41.64 -14.02 -15.96
N HIS C 337 -42.79 -14.58 -16.36
CA HIS C 337 -43.23 -14.57 -17.76
C HIS C 337 -42.16 -15.11 -18.70
N SER C 338 -41.58 -16.25 -18.31
CA SER C 338 -40.49 -16.86 -19.04
C SER C 338 -40.85 -18.16 -19.74
N ILE C 339 -41.90 -18.85 -19.29
CA ILE C 339 -42.31 -20.14 -19.82
C ILE C 339 -43.79 -20.12 -20.14
N ILE C 340 -44.21 -21.10 -20.92
CA ILE C 340 -45.62 -21.36 -21.14
C ILE C 340 -45.93 -22.68 -20.45
N ASP C 341 -46.65 -22.62 -19.33
CA ASP C 341 -47.02 -23.83 -18.59
C ASP C 341 -48.21 -24.47 -19.28
N GLY C 342 -47.98 -25.61 -19.92
CA GLY C 342 -49.03 -26.26 -20.69
C GLY C 342 -50.21 -26.71 -19.85
N THR C 343 -49.98 -27.00 -18.57
CA THR C 343 -51.07 -27.43 -17.70
C THR C 343 -52.03 -26.30 -17.37
N LYS C 344 -51.66 -25.05 -17.66
CA LYS C 344 -52.51 -23.90 -17.38
C LYS C 344 -53.48 -23.59 -18.51
N PHE C 345 -53.71 -24.55 -19.41
CA PHE C 345 -54.65 -24.40 -20.50
C PHE C 345 -55.74 -25.46 -20.39
N LYS C 346 -56.95 -25.10 -20.85
CA LYS C 346 -58.08 -26.01 -20.74
C LYS C 346 -57.91 -27.22 -21.64
N SER C 347 -57.25 -27.05 -22.79
CA SER C 347 -57.06 -28.16 -23.73
C SER C 347 -55.75 -27.96 -24.47
N LEU C 348 -55.26 -29.05 -25.07
CA LEU C 348 -54.08 -28.94 -25.93
C LEU C 348 -54.36 -28.07 -27.16
N GLU C 349 -55.61 -28.07 -27.63
CA GLU C 349 -55.94 -27.23 -28.79
C GLU C 349 -55.85 -25.75 -28.42
N ALA C 350 -56.29 -25.39 -27.21
CA ALA C 350 -56.17 -24.00 -26.77
C ALA C 350 -54.71 -23.59 -26.65
N LEU C 351 -53.86 -24.49 -26.14
CA LEU C 351 -52.43 -24.21 -26.05
C LEU C 351 -51.83 -24.02 -27.43
N ALA C 352 -52.17 -24.90 -28.38
CA ALA C 352 -51.65 -24.76 -29.74
C ALA C 352 -52.12 -23.46 -30.38
N SER C 353 -53.37 -23.08 -30.13
CA SER C 353 -53.88 -21.80 -30.65
C SER C 353 -53.09 -20.63 -30.07
N TYR C 354 -52.83 -20.66 -28.77
CA TYR C 354 -52.04 -19.60 -28.15
C TYR C 354 -50.64 -19.53 -28.75
N VAL C 355 -50.01 -20.68 -28.95
CA VAL C 355 -48.65 -20.72 -29.48
C VAL C 355 -48.62 -20.21 -30.91
N LYS C 356 -49.60 -20.61 -31.73
CA LYS C 356 -49.65 -20.14 -33.11
C LYS C 356 -49.87 -18.63 -33.17
N ASP C 357 -50.74 -18.10 -32.30
CA ASP C 357 -50.93 -16.66 -32.25
C ASP C 357 -49.66 -15.94 -31.81
N LEU C 358 -48.96 -16.51 -30.83
CA LEU C 358 -47.72 -15.92 -30.34
C LEU C 358 -46.65 -15.89 -31.42
N ALA C 359 -46.62 -16.92 -32.27
CA ALA C 359 -45.62 -16.99 -33.32
C ALA C 359 -45.76 -15.86 -34.34
N ASN C 360 -46.91 -15.17 -34.38
CA ASN C 360 -47.12 -14.07 -35.30
C ASN C 360 -47.20 -12.71 -34.60
N ASP C 361 -46.81 -12.64 -33.33
CA ASP C 361 -46.86 -11.40 -32.56
C ASP C 361 -45.47 -11.17 -31.97
N PRO C 362 -44.58 -10.52 -32.72
CA PRO C 362 -43.19 -10.37 -32.24
C PRO C 362 -43.08 -9.68 -30.89
N VAL C 363 -43.93 -8.67 -30.62
CA VAL C 363 -43.85 -7.96 -29.34
C VAL C 363 -44.25 -8.88 -28.19
N ALA C 364 -45.34 -9.63 -28.35
CA ALA C 364 -45.76 -10.53 -27.30
C ALA C 364 -44.74 -11.64 -27.09
N TYR C 365 -44.07 -12.07 -28.17
CA TYR C 365 -43.00 -13.04 -28.03
C TYR C 365 -41.83 -12.46 -27.24
N ALA C 366 -41.46 -11.20 -27.53
CA ALA C 366 -40.35 -10.57 -26.82
C ALA C 366 -40.66 -10.30 -25.35
N GLU C 367 -41.94 -10.21 -25.01
CA GLU C 367 -42.31 -10.16 -23.58
C GLU C 367 -41.74 -11.36 -22.84
N TYR C 368 -41.61 -12.51 -23.51
CA TYR C 368 -41.07 -13.69 -22.84
C TYR C 368 -39.56 -13.63 -22.67
N HIS C 369 -38.88 -12.67 -23.29
CA HIS C 369 -37.44 -12.47 -23.07
C HIS C 369 -37.13 -11.22 -22.25
N ALA C 370 -38.17 -10.46 -21.90
CA ALA C 370 -37.95 -9.28 -21.07
C ALA C 370 -37.29 -9.61 -19.73
N TRP C 371 -37.48 -10.82 -19.20
CA TRP C 371 -36.84 -11.17 -17.93
C TRP C 371 -35.33 -11.11 -18.06
N ARG C 372 -34.81 -11.56 -19.19
CA ARG C 372 -33.37 -11.53 -19.42
C ARG C 372 -32.92 -10.14 -19.82
N ARG C 373 -33.63 -9.51 -20.75
CA ARG C 373 -33.17 -8.21 -21.26
C ARG C 373 -33.34 -7.10 -20.23
N CYS C 374 -34.30 -7.20 -19.33
CA CYS C 374 -34.49 -6.18 -18.31
C CYS C 374 -33.91 -6.57 -16.96
N GLY C 375 -33.30 -7.74 -16.86
CA GLY C 375 -32.71 -8.13 -15.59
C GLY C 375 -33.71 -8.36 -14.48
N VAL C 376 -34.86 -8.96 -14.77
CA VAL C 376 -35.82 -9.32 -13.74
C VAL C 376 -35.88 -10.84 -13.65
N LEU C 377 -35.03 -11.42 -12.80
CA LEU C 377 -34.95 -12.87 -12.71
C LEU C 377 -35.91 -13.48 -11.71
N GLY C 378 -36.43 -12.70 -10.77
CA GLY C 378 -37.29 -13.28 -9.76
C GLY C 378 -36.52 -14.32 -8.97
N ASN C 379 -37.05 -15.54 -8.93
CA ASN C 379 -36.41 -16.63 -8.21
C ASN C 379 -35.40 -17.39 -9.05
N TYR C 380 -35.29 -17.10 -10.34
CA TYR C 380 -34.32 -17.78 -11.18
C TYR C 380 -32.92 -17.58 -10.65
N GLY C 381 -32.65 -16.42 -10.05
CA GLY C 381 -31.33 -16.19 -9.46
C GLY C 381 -31.00 -17.20 -8.39
N LYS C 382 -31.93 -17.43 -7.46
CA LYS C 382 -31.70 -18.42 -6.41
C LYS C 382 -31.55 -19.83 -7.00
N THR C 383 -32.37 -20.13 -8.01
CA THR C 383 -32.28 -21.44 -8.66
C THR C 383 -30.88 -21.66 -9.22
N ARG C 384 -30.35 -20.66 -9.93
CA ARG C 384 -29.00 -20.78 -10.46
C ARG C 384 -27.98 -20.82 -9.34
N ALA C 385 -28.28 -20.17 -8.21
CA ALA C 385 -27.36 -20.13 -7.09
C ALA C 385 -27.19 -21.49 -6.44
N VAL C 386 -28.18 -22.38 -6.53
CA VAL C 386 -28.02 -23.68 -5.88
C VAL C 386 -27.96 -24.80 -6.92
N SER C 387 -27.39 -24.52 -8.08
CA SER C 387 -27.25 -25.54 -9.11
C SER C 387 -26.01 -26.40 -8.82
N LEU C 388 -25.70 -27.31 -9.74
CA LEU C 388 -24.53 -28.18 -9.59
C LEU C 388 -23.23 -27.38 -9.55
N ASP C 389 -23.20 -26.24 -10.25
CA ASP C 389 -21.97 -25.46 -10.36
C ASP C 389 -21.46 -25.04 -8.99
N THR C 390 -22.35 -24.75 -8.05
CA THR C 390 -21.98 -24.35 -6.71
C THR C 390 -22.10 -25.49 -5.70
N LEU C 391 -22.40 -26.70 -6.16
CA LEU C 391 -22.54 -27.82 -5.23
C LEU C 391 -21.28 -28.10 -4.41
N PRO C 392 -20.06 -28.11 -4.99
CA PRO C 392 -18.88 -28.42 -4.15
C PRO C 392 -18.78 -27.54 -2.93
N CYS C 393 -18.72 -26.22 -3.15
CA CYS C 393 -18.59 -25.29 -2.03
C CYS C 393 -19.69 -25.50 -1.01
N ARG C 394 -20.94 -25.54 -1.49
CA ARG C 394 -22.05 -25.70 -0.56
C ARG C 394 -21.96 -27.02 0.17
N LEU C 395 -21.63 -28.11 -0.55
CA LEU C 395 -21.45 -29.38 0.16
C LEU C 395 -20.32 -29.25 1.16
N CYS C 396 -19.20 -28.65 0.74
CA CYS C 396 -18.09 -28.48 1.65
C CYS C 396 -18.52 -27.69 2.87
N GLU C 397 -19.30 -26.63 2.67
CA GLU C 397 -19.72 -25.83 3.81
C GLU C 397 -20.48 -26.68 4.80
N ALA C 398 -21.40 -27.51 4.30
CA ALA C 398 -22.17 -28.36 5.19
C ALA C 398 -21.27 -29.31 5.95
N VAL C 399 -20.30 -29.92 5.25
CA VAL C 399 -19.39 -30.83 5.95
C VAL C 399 -18.64 -30.07 7.03
N SER C 400 -18.25 -28.82 6.74
CA SER C 400 -17.53 -28.05 7.73
C SER C 400 -18.38 -27.81 8.97
N ARG C 401 -19.69 -27.59 8.77
CA ARG C 401 -20.54 -27.34 9.92
C ARG C 401 -20.73 -28.59 10.77
N ARG C 402 -20.56 -29.78 10.19
CA ARG C 402 -20.72 -31.01 10.94
C ARG C 402 -19.43 -31.50 11.59
N GLY C 403 -18.30 -30.87 11.28
CA GLY C 403 -17.03 -31.35 11.79
C GLY C 403 -16.39 -32.43 10.94
N GLY C 404 -17.06 -32.86 9.87
CA GLY C 404 -16.47 -33.82 8.95
C GLY C 404 -16.29 -35.20 9.58
N ARG C 405 -15.06 -35.71 9.46
CA ARG C 405 -14.71 -37.03 9.96
C ARG C 405 -14.89 -37.21 11.45
N ASN C 406 -14.85 -36.12 12.22
CA ASN C 406 -14.97 -36.20 13.66
C ASN C 406 -16.41 -36.05 14.13
N ALA C 407 -17.36 -36.29 13.23
CA ALA C 407 -18.78 -36.27 13.58
C ALA C 407 -19.13 -37.55 14.32
N ARG C 408 -20.17 -37.46 15.16
CA ARG C 408 -20.57 -38.60 15.97
C ARG C 408 -21.34 -39.61 15.14
N ALA C 409 -21.07 -40.89 15.38
CA ALA C 409 -21.81 -41.97 14.74
C ALA C 409 -23.04 -42.36 15.58
N PRO D 54 17.52 -44.81 1.30
CA PRO D 54 17.25 -44.06 0.06
C PRO D 54 16.33 -44.83 -0.90
N ASP D 55 15.16 -44.28 -1.21
CA ASP D 55 14.15 -44.98 -2.00
C ASP D 55 13.75 -44.21 -3.24
N PRO D 56 14.12 -44.66 -4.45
CA PRO D 56 13.59 -44.04 -5.67
C PRO D 56 12.13 -44.40 -5.87
N PHE D 57 11.27 -43.87 -5.01
CA PHE D 57 9.88 -44.31 -4.92
C PHE D 57 9.11 -44.01 -6.20
N THR D 58 8.06 -44.82 -6.42
CA THR D 58 7.10 -44.59 -7.49
C THR D 58 5.66 -44.53 -6.99
N ASP D 59 5.37 -45.08 -5.82
CA ASP D 59 4.03 -45.03 -5.21
C ASP D 59 3.98 -43.79 -4.34
N ILE D 60 3.31 -42.74 -4.84
CA ILE D 60 3.26 -41.49 -4.10
C ILE D 60 2.40 -41.63 -2.85
N ILE D 61 1.36 -42.47 -2.91
CA ILE D 61 0.47 -42.65 -1.77
C ILE D 61 1.22 -43.26 -0.60
N SER D 62 2.15 -44.18 -0.88
CA SER D 62 3.00 -44.74 0.17
C SER D 62 3.81 -43.64 0.87
N ALA D 63 4.35 -42.70 0.08
CA ALA D 63 5.08 -41.58 0.66
C ALA D 63 4.17 -40.75 1.55
N PHE D 64 2.93 -40.51 1.10
CA PHE D 64 1.98 -39.78 1.92
C PHE D 64 1.75 -40.48 3.25
N LYS D 65 1.59 -41.80 3.21
CA LYS D 65 1.33 -42.54 4.45
C LYS D 65 2.52 -42.48 5.41
N LYS D 66 3.74 -42.68 4.90
CA LYS D 66 4.92 -42.59 5.76
C LYS D 66 5.08 -41.20 6.34
N TRP D 67 4.81 -40.16 5.53
CA TRP D 67 4.88 -38.80 6.05
C TRP D 67 3.86 -38.58 7.15
N ASP D 68 2.66 -39.14 7.00
CA ASP D 68 1.65 -39.03 8.05
C ASP D 68 2.15 -39.66 9.34
N SER D 69 2.81 -40.81 9.23
CA SER D 69 3.30 -41.50 10.43
C SER D 69 4.44 -40.72 11.09
N GLN D 70 5.39 -40.20 10.31
CA GLN D 70 6.55 -39.56 10.93
C GLN D 70 6.34 -38.08 11.19
N VAL D 71 5.66 -37.37 10.31
CA VAL D 71 5.53 -35.93 10.44
C VAL D 71 4.10 -35.57 10.81
N GLY D 72 3.15 -35.82 9.91
CA GLY D 72 1.77 -35.63 10.33
C GLY D 72 1.35 -34.18 10.26
N CYS D 73 0.05 -33.94 10.07
CA CYS D 73 -0.46 -32.58 9.89
C CYS D 73 -0.33 -31.71 11.14
N ALA D 74 -0.32 -32.29 12.34
CA ALA D 74 -0.19 -31.46 13.54
C ALA D 74 1.16 -30.75 13.57
N ARG D 75 2.24 -31.50 13.28
CA ARG D 75 3.56 -30.89 13.25
C ARG D 75 3.64 -29.84 12.15
N PHE D 76 3.06 -30.13 10.97
CA PHE D 76 3.07 -29.18 9.87
C PHE D 76 2.35 -27.89 10.24
N ARG D 77 1.14 -28.01 10.82
CA ARG D 77 0.41 -26.81 11.21
C ARG D 77 1.15 -26.04 12.30
N GLU D 78 1.81 -26.75 13.20
CA GLU D 78 2.58 -26.05 14.23
C GLU D 78 3.71 -25.23 13.59
N LYS D 79 4.42 -25.81 12.62
CA LYS D 79 5.55 -25.08 12.04
C LYS D 79 5.09 -23.84 11.25
N TYR D 80 3.88 -23.85 10.72
CA TYR D 80 3.42 -22.73 9.89
C TYR D 80 2.13 -22.13 10.42
N SER D 95 0.82 -9.27 -3.59
CA SER D 95 -0.43 -8.62 -3.20
C SER D 95 -1.60 -9.13 -4.04
N LEU D 96 -2.75 -9.33 -3.38
CA LEU D 96 -3.95 -9.87 -4.00
C LEU D 96 -5.15 -9.01 -3.61
N GLN D 97 -6.20 -9.12 -4.42
CA GLN D 97 -7.44 -8.38 -4.20
C GLN D 97 -8.37 -9.20 -3.29
N GLU D 98 -8.64 -8.71 -2.09
CA GLU D 98 -9.61 -9.36 -1.22
C GLU D 98 -10.86 -8.48 -1.13
N LYS D 103 -19.06 -4.77 1.72
CA LYS D 103 -20.48 -4.88 2.03
C LYS D 103 -21.31 -4.77 0.78
N CYS D 104 -22.63 -4.97 0.90
CA CYS D 104 -23.51 -4.96 -0.25
C CYS D 104 -24.10 -3.58 -0.49
N ASP D 105 -23.45 -2.55 0.02
CA ASP D 105 -23.88 -1.17 -0.15
C ASP D 105 -23.03 -0.55 -1.24
N GLY D 106 -23.68 0.01 -2.24
CA GLY D 106 -23.00 0.57 -3.40
C GLY D 106 -23.28 -0.14 -4.70
N LEU D 107 -23.96 -1.29 -4.67
CA LEU D 107 -24.35 -1.95 -5.91
C LEU D 107 -25.57 -1.22 -6.45
N LYS D 108 -25.39 -0.48 -7.53
CA LYS D 108 -26.49 0.27 -8.11
C LYS D 108 -27.35 -0.57 -9.03
N MET D 109 -26.86 -1.76 -9.41
CA MET D 109 -27.56 -2.63 -10.34
C MET D 109 -27.61 -4.02 -9.76
N GLU D 110 -28.81 -4.61 -9.73
CA GLU D 110 -28.92 -5.99 -9.26
C GLU D 110 -28.66 -6.99 -10.39
N HIS D 111 -28.65 -6.55 -11.63
CA HIS D 111 -28.31 -7.40 -12.76
C HIS D 111 -27.38 -6.63 -13.69
N VAL D 112 -26.33 -7.32 -14.15
CA VAL D 112 -25.35 -6.74 -15.05
C VAL D 112 -25.12 -7.71 -16.20
N SER D 113 -25.05 -7.18 -17.42
CA SER D 113 -24.73 -7.98 -18.59
C SER D 113 -23.37 -7.55 -19.15
N VAL D 114 -22.57 -8.54 -19.52
CA VAL D 114 -21.27 -8.32 -20.13
C VAL D 114 -21.25 -9.07 -21.45
N LEU D 115 -21.03 -8.33 -22.53
CA LEU D 115 -20.84 -8.90 -23.85
C LEU D 115 -19.35 -8.88 -24.19
N VAL D 116 -18.78 -10.06 -24.41
CA VAL D 116 -17.39 -10.19 -24.83
C VAL D 116 -17.37 -9.83 -26.31
N LYS D 117 -17.01 -8.59 -26.62
CA LYS D 117 -17.09 -8.10 -28.00
C LYS D 117 -15.87 -8.51 -28.81
N GLY D 118 -14.68 -8.47 -28.21
CA GLY D 118 -13.46 -8.88 -28.89
C GLY D 118 -12.58 -9.73 -28.00
N TRP D 119 -11.92 -10.74 -28.56
CA TRP D 119 -11.11 -11.66 -27.77
C TRP D 119 -10.13 -12.36 -28.67
N THR D 120 -9.15 -13.02 -28.04
CA THR D 120 -8.21 -13.85 -28.78
C THR D 120 -8.18 -15.25 -28.18
N TRP D 121 -8.37 -15.34 -26.87
CA TRP D 121 -8.30 -16.63 -26.19
C TRP D 121 -9.38 -16.88 -25.16
N ILE D 122 -10.18 -15.88 -24.76
CA ILE D 122 -11.14 -16.10 -23.67
C ILE D 122 -12.07 -17.26 -24.00
N PRO D 123 -12.21 -18.24 -23.13
CA PRO D 123 -12.95 -19.45 -23.47
C PRO D 123 -14.46 -19.26 -23.46
N ASP D 124 -15.13 -20.05 -24.28
CA ASP D 124 -16.59 -20.05 -24.29
C ASP D 124 -17.16 -20.48 -22.96
N ASN D 125 -16.48 -21.41 -22.25
CA ASN D 125 -17.03 -21.96 -21.02
C ASN D 125 -17.11 -20.94 -19.89
N LEU D 126 -16.71 -19.69 -20.11
CA LEU D 126 -17.04 -18.65 -19.16
C LEU D 126 -18.47 -18.16 -19.32
N ASP D 127 -19.08 -18.38 -20.49
CA ASP D 127 -20.42 -17.88 -20.75
C ASP D 127 -21.41 -18.52 -19.77
N ASN D 128 -22.14 -17.69 -19.04
CA ASN D 128 -23.08 -18.20 -18.06
C ASN D 128 -23.91 -17.04 -17.51
N LEU D 129 -25.04 -17.39 -16.92
CA LEU D 129 -25.82 -16.47 -16.10
C LEU D 129 -25.44 -16.80 -14.66
N TYR D 130 -24.44 -16.08 -14.14
CA TYR D 130 -23.92 -16.30 -12.81
C TYR D 130 -24.81 -15.66 -11.75
N SER D 131 -24.89 -16.32 -10.61
CA SER D 131 -25.49 -15.74 -9.41
C SER D 131 -24.36 -15.41 -8.45
N CYS D 132 -24.17 -14.12 -8.16
CA CYS D 132 -23.06 -13.59 -7.39
C CYS D 132 -23.56 -13.19 -6.01
N ARG D 133 -22.66 -12.64 -5.20
CA ARG D 133 -23.06 -12.23 -3.87
C ARG D 133 -23.96 -11.01 -3.93
N CYS D 134 -24.60 -10.71 -2.80
CA CYS D 134 -25.49 -9.55 -2.65
C CYS D 134 -26.66 -9.61 -3.62
N GLY D 135 -27.07 -10.80 -4.01
CA GLY D 135 -28.20 -10.95 -4.90
C GLY D 135 -27.99 -10.39 -6.28
N LEU D 136 -26.75 -10.30 -6.74
CA LEU D 136 -26.43 -9.75 -8.05
C LEU D 136 -26.41 -10.87 -9.07
N SER D 137 -27.04 -10.66 -10.22
CA SER D 137 -26.95 -11.59 -11.33
C SER D 137 -26.06 -11.00 -12.42
N CYS D 138 -25.35 -11.89 -13.12
CA CYS D 138 -24.30 -11.48 -14.04
C CYS D 138 -24.39 -12.34 -15.29
N LEU D 139 -24.84 -11.76 -16.40
CA LEU D 139 -24.98 -12.52 -17.65
C LEU D 139 -23.77 -12.22 -18.52
N TRP D 140 -22.88 -13.21 -18.63
CA TRP D 140 -21.63 -13.09 -19.37
C TRP D 140 -21.76 -13.93 -20.63
N THR D 141 -21.57 -13.31 -21.79
CA THR D 141 -21.75 -14.05 -23.04
C THR D 141 -20.96 -13.42 -24.16
N LYS D 142 -20.71 -14.22 -25.20
CA LYS D 142 -20.20 -13.71 -26.47
C LYS D 142 -21.30 -13.50 -27.50
N SER D 143 -22.56 -13.76 -27.14
CA SER D 143 -23.67 -13.72 -28.08
C SER D 143 -24.44 -12.41 -27.91
N SER D 144 -24.53 -11.64 -28.99
CA SER D 144 -25.31 -10.41 -28.97
C SER D 144 -26.82 -10.68 -29.02
N VAL D 145 -27.25 -11.93 -29.24
CA VAL D 145 -28.67 -12.25 -29.11
C VAL D 145 -29.05 -12.44 -27.64
N LEU D 146 -28.21 -13.13 -26.88
CA LEU D 146 -28.46 -13.26 -25.44
C LEU D 146 -28.42 -11.91 -24.75
N VAL D 147 -27.50 -11.04 -25.15
CA VAL D 147 -27.41 -9.67 -24.65
C VAL D 147 -27.29 -8.74 -25.86
N ASP D 148 -28.36 -8.04 -26.19
CA ASP D 148 -28.33 -7.05 -27.26
C ASP D 148 -28.13 -5.63 -26.76
N LYS D 149 -28.27 -5.38 -25.46
CA LYS D 149 -28.02 -4.07 -24.85
C LYS D 149 -27.10 -4.25 -23.66
N PRO D 150 -25.82 -4.53 -23.90
CA PRO D 150 -24.91 -4.82 -22.79
C PRO D 150 -24.63 -3.61 -21.93
N ASP D 151 -24.43 -3.85 -20.63
CA ASP D 151 -23.96 -2.81 -19.73
C ASP D 151 -22.46 -2.57 -19.87
N ALA D 152 -21.71 -3.57 -20.34
CA ALA D 152 -20.28 -3.46 -20.47
C ALA D 152 -19.83 -4.32 -21.64
N LEU D 153 -18.85 -3.82 -22.37
CA LEU D 153 -18.22 -4.52 -23.47
C LEU D 153 -16.81 -4.90 -23.02
N LEU D 154 -16.47 -6.18 -23.18
CA LEU D 154 -15.15 -6.67 -22.84
C LEU D 154 -14.33 -6.81 -24.10
N PHE D 155 -13.13 -6.23 -24.10
CA PHE D 155 -12.18 -6.38 -25.19
C PHE D 155 -10.92 -7.01 -24.62
N GLU D 156 -10.65 -8.25 -24.99
CA GLU D 156 -9.45 -8.95 -24.56
C GLU D 156 -8.46 -8.90 -25.71
N THR D 157 -7.38 -8.15 -25.52
CA THR D 157 -6.32 -7.97 -26.52
C THR D 157 -6.91 -7.54 -27.87
N THR D 158 -7.91 -6.68 -27.80
CA THR D 158 -8.52 -6.07 -28.98
C THR D 158 -8.85 -4.62 -28.65
N THR D 159 -8.86 -3.79 -29.68
CA THR D 159 -8.96 -2.35 -29.48
C THR D 159 -10.39 -1.95 -29.14
N PRO D 160 -10.62 -1.27 -28.02
CA PRO D 160 -11.97 -0.77 -27.71
C PRO D 160 -12.32 0.42 -28.58
N PRO D 161 -13.55 0.92 -28.50
CA PRO D 161 -13.92 2.11 -29.30
C PRO D 161 -13.11 3.33 -28.91
N LEU D 162 -12.92 4.23 -29.88
CA LEU D 162 -12.07 5.39 -29.66
C LEU D 162 -12.69 6.37 -28.66
N GLN D 163 -14.02 6.42 -28.58
CA GLN D 163 -14.68 7.29 -27.63
C GLN D 163 -15.92 6.61 -27.07
N ARG D 164 -16.33 7.05 -25.90
CA ARG D 164 -17.57 6.59 -25.26
C ARG D 164 -18.43 7.77 -24.87
N ARG D 165 -19.64 7.85 -25.43
CA ARG D 165 -20.63 8.80 -24.96
C ARG D 165 -21.46 8.17 -23.84
N SER D 166 -22.00 9.01 -22.97
CA SER D 166 -22.77 8.51 -21.85
C SER D 166 -24.02 7.80 -22.34
N GLY D 167 -24.34 6.67 -21.70
CA GLY D 167 -25.37 5.77 -22.16
C GLY D 167 -24.88 4.68 -23.09
N ASP D 168 -23.62 4.75 -23.52
CA ASP D 168 -22.99 3.63 -24.19
C ASP D 168 -22.45 2.67 -23.15
N PRO D 169 -22.28 1.39 -23.51
CA PRO D 169 -21.73 0.43 -22.55
C PRO D 169 -20.31 0.79 -22.12
N LEU D 170 -19.99 0.44 -20.88
CA LEU D 170 -18.63 0.64 -20.38
C LEU D 170 -17.66 -0.19 -21.22
N ARG D 171 -16.50 0.39 -21.50
CA ARG D 171 -15.46 -0.29 -22.26
C ARG D 171 -14.48 -0.91 -21.27
N VAL D 172 -14.35 -2.23 -21.33
CA VAL D 172 -13.47 -2.99 -20.45
C VAL D 172 -12.41 -3.63 -21.34
N TYR D 173 -11.14 -3.37 -21.03
CA TYR D 173 -10.02 -3.97 -21.74
C TYR D 173 -9.29 -4.92 -20.81
N MET D 174 -8.83 -6.04 -21.36
CA MET D 174 -8.24 -7.11 -20.58
C MET D 174 -6.99 -7.62 -21.27
N ASP D 175 -5.91 -7.77 -20.50
CA ASP D 175 -4.67 -8.36 -20.99
C ASP D 175 -3.97 -9.02 -19.82
N LEU D 176 -3.73 -10.32 -19.92
CA LEU D 176 -3.05 -11.06 -18.87
C LEU D 176 -1.57 -11.28 -19.14
N GLU D 177 -1.05 -10.78 -20.26
CA GLU D 177 0.37 -10.90 -20.52
C GLU D 177 1.15 -9.94 -19.62
N ALA D 178 2.40 -10.31 -19.34
CA ALA D 178 3.22 -9.52 -18.43
C ALA D 178 3.39 -8.10 -18.96
N GLY D 179 3.31 -7.12 -18.07
CA GLY D 179 3.50 -5.72 -18.41
C GLY D 179 2.34 -4.83 -18.05
N ARG D 180 1.15 -5.38 -17.88
CA ARG D 180 -0.05 -4.60 -17.55
C ARG D 180 -0.26 -3.48 -18.57
N LYS D 181 -0.11 -3.82 -19.84
CA LYS D 181 -0.22 -2.83 -20.91
C LYS D 181 -1.68 -2.58 -21.23
N ARG D 182 -2.11 -1.32 -21.13
CA ARG D 182 -3.48 -0.96 -21.44
C ARG D 182 -3.59 -0.49 -22.89
N SER D 183 -4.83 -0.24 -23.30
CA SER D 183 -5.08 0.30 -24.63
C SER D 183 -5.25 1.80 -24.64
N GLY D 184 -5.46 2.42 -23.48
CA GLY D 184 -5.76 3.83 -23.44
C GLY D 184 -7.18 4.18 -23.84
N LEU D 185 -7.97 3.19 -24.25
CA LEU D 185 -9.35 3.40 -24.69
C LEU D 185 -10.36 2.64 -23.83
N GLU D 186 -10.00 2.30 -22.60
CA GLU D 186 -10.88 1.53 -21.72
C GLU D 186 -11.30 2.38 -20.54
N ASP D 187 -12.46 2.06 -20.00
CA ASP D 187 -12.90 2.63 -18.73
C ASP D 187 -12.50 1.77 -17.55
N MET D 188 -12.21 0.49 -17.80
CA MET D 188 -11.78 -0.46 -16.77
C MET D 188 -10.74 -1.38 -17.38
N PHE D 189 -9.73 -1.74 -16.59
CA PHE D 189 -8.63 -2.59 -17.04
C PHE D 189 -8.56 -3.84 -16.18
N ILE D 190 -8.47 -5.00 -16.83
CA ILE D 190 -8.31 -6.28 -16.16
C ILE D 190 -6.92 -6.82 -16.48
N SER D 191 -6.19 -7.20 -15.44
CA SER D 191 -4.88 -7.83 -15.62
C SER D 191 -4.68 -8.85 -14.52
N TYR D 192 -3.48 -9.42 -14.46
CA TYR D 192 -3.11 -10.36 -13.42
C TYR D 192 -2.74 -9.66 -12.11
N HIS D 193 -2.63 -8.33 -12.13
CA HIS D 193 -2.08 -7.57 -11.03
C HIS D 193 -3.19 -7.01 -10.14
N ALA D 194 -2.89 -6.94 -8.84
CA ALA D 194 -3.89 -6.53 -7.86
C ALA D 194 -4.18 -5.04 -7.88
N LYS D 195 -3.28 -4.21 -8.41
CA LYS D 195 -3.47 -2.77 -8.39
C LYS D 195 -4.19 -2.23 -9.62
N ASP D 196 -4.65 -3.11 -10.52
CA ASP D 196 -5.48 -2.69 -11.62
C ASP D 196 -6.95 -2.78 -11.19
N ASP D 197 -7.87 -2.52 -12.12
CA ASP D 197 -9.27 -2.36 -11.73
C ASP D 197 -9.85 -3.67 -11.20
N VAL D 198 -9.74 -4.75 -11.98
CA VAL D 198 -10.18 -6.07 -11.56
C VAL D 198 -9.07 -7.06 -11.84
N GLN D 199 -8.68 -7.82 -10.83
CA GLN D 199 -7.59 -8.78 -10.96
C GLN D 199 -8.11 -10.11 -11.44
N SER D 200 -7.32 -10.78 -12.30
CA SER D 200 -7.63 -12.13 -12.75
C SER D 200 -6.33 -12.94 -12.72
N THR D 201 -6.17 -13.76 -11.69
CA THR D 201 -4.98 -14.60 -11.59
C THR D 201 -5.13 -15.81 -12.50
N TYR D 202 -4.03 -16.54 -12.65
CA TYR D 202 -3.99 -17.74 -13.48
C TYR D 202 -4.38 -19.00 -12.73
N ALA D 203 -4.64 -18.89 -11.42
CA ALA D 203 -4.93 -20.06 -10.59
C ALA D 203 -6.43 -20.40 -10.65
N GLY D 204 -6.88 -20.71 -11.87
CA GLY D 204 -8.26 -21.05 -12.12
C GLY D 204 -8.38 -22.33 -12.90
N ALA D 205 -9.61 -22.85 -12.95
CA ALA D 205 -9.89 -24.09 -13.66
C ALA D 205 -10.64 -23.86 -14.96
N LEU D 206 -11.14 -22.65 -15.19
CA LEU D 206 -11.92 -22.34 -16.38
C LEU D 206 -11.07 -21.98 -17.58
N PHE D 207 -9.75 -21.79 -17.41
CA PHE D 207 -8.87 -21.54 -18.55
C PHE D 207 -8.96 -22.69 -19.55
N HIS D 208 -8.89 -23.92 -19.04
CA HIS D 208 -8.82 -25.15 -19.83
C HIS D 208 -9.71 -26.21 -19.21
N ASN D 209 -10.98 -25.86 -18.98
CA ASN D 209 -11.92 -26.77 -18.31
C ASN D 209 -12.15 -28.06 -19.10
N GLY D 210 -12.10 -27.99 -20.43
CA GLY D 210 -12.25 -29.17 -21.27
C GLY D 210 -11.17 -30.24 -21.19
N ARG D 211 -10.29 -30.18 -20.19
CA ARG D 211 -9.08 -30.99 -20.16
C ARG D 211 -9.37 -32.44 -19.72
N ASN D 212 -8.31 -33.24 -19.73
CA ASN D 212 -8.31 -34.56 -19.12
C ASN D 212 -7.98 -34.43 -17.63
N TYR D 213 -8.75 -35.11 -16.78
CA TYR D 213 -8.63 -34.94 -15.33
C TYR D 213 -7.97 -36.12 -14.63
N GLN D 214 -7.40 -37.06 -15.38
CA GLN D 214 -6.73 -38.19 -14.75
C GLN D 214 -5.45 -37.75 -14.05
N VAL D 215 -5.21 -38.32 -12.87
CA VAL D 215 -4.01 -38.08 -12.08
C VAL D 215 -3.30 -39.40 -11.90
N SER D 216 -2.05 -39.47 -12.35
CA SER D 216 -1.32 -40.74 -12.33
C SER D 216 -1.13 -41.24 -10.90
N SER D 217 -1.24 -42.56 -10.74
CA SER D 217 -1.04 -43.19 -9.45
C SER D 217 0.42 -43.58 -9.20
N TYR D 218 1.29 -43.42 -10.19
CA TYR D 218 2.70 -43.76 -10.09
C TYR D 218 3.55 -42.59 -10.57
N LYS D 219 4.61 -42.29 -9.84
CA LYS D 219 5.61 -41.33 -10.28
C LYS D 219 6.72 -42.07 -11.02
N ASN D 220 7.28 -41.40 -12.03
CA ASN D 220 8.38 -42.02 -12.77
C ASN D 220 9.60 -42.21 -11.88
N ASN D 221 10.25 -43.35 -12.08
CA ASN D 221 11.37 -43.79 -11.26
C ASN D 221 12.68 -43.15 -11.68
N ASP D 222 12.96 -43.13 -12.99
CA ASP D 222 14.21 -42.55 -13.53
C ASP D 222 14.07 -41.06 -13.85
N THR D 223 13.11 -40.73 -14.72
CA THR D 223 12.90 -39.35 -15.18
C THR D 223 12.19 -38.56 -14.09
N LEU D 224 12.81 -37.46 -13.66
CA LEU D 224 12.30 -36.73 -12.51
C LEU D 224 11.60 -35.42 -12.84
N VAL D 225 11.85 -34.84 -14.02
CA VAL D 225 11.43 -33.49 -14.31
C VAL D 225 10.63 -33.48 -15.59
N TYR D 226 9.49 -32.81 -15.56
CA TYR D 226 8.69 -32.52 -16.74
C TYR D 226 8.97 -31.09 -17.17
N TRP D 227 9.11 -30.88 -18.48
CA TRP D 227 9.22 -29.52 -19.00
C TRP D 227 8.58 -29.49 -20.38
N SER D 228 7.91 -28.38 -20.69
CA SER D 228 7.33 -28.22 -22.01
C SER D 228 7.36 -26.75 -22.38
N SER D 229 8.04 -26.43 -23.48
CA SER D 229 8.09 -25.08 -24.00
C SER D 229 8.18 -25.15 -25.51
N SER D 230 7.45 -24.26 -26.18
CA SER D 230 7.44 -24.23 -27.64
C SER D 230 7.75 -22.85 -28.22
N ARG D 231 7.86 -21.81 -27.40
CA ARG D 231 8.32 -20.49 -27.83
C ARG D 231 9.71 -20.29 -27.23
N CYS D 232 10.74 -20.57 -28.03
CA CYS D 232 12.11 -20.66 -27.52
C CYS D 232 12.70 -19.26 -27.36
N LEU D 233 12.75 -18.78 -26.11
CA LEU D 233 13.35 -17.53 -25.67
C LEU D 233 14.79 -17.78 -25.19
N PRO D 234 15.70 -16.86 -25.53
CA PRO D 234 17.14 -17.10 -25.27
C PRO D 234 17.48 -17.35 -23.81
N GLN D 235 17.14 -16.43 -22.91
CA GLN D 235 17.51 -16.59 -21.51
C GLN D 235 16.86 -17.83 -20.90
N ARG D 236 15.56 -18.05 -21.19
CA ARG D 236 14.87 -19.22 -20.66
C ARG D 236 15.47 -20.50 -21.20
N ASN D 237 15.78 -20.55 -22.50
CA ASN D 237 16.39 -21.75 -23.06
C ASN D 237 17.77 -22.00 -22.48
N ARG D 238 18.55 -20.94 -22.23
CA ARG D 238 19.85 -21.13 -21.59
C ARG D 238 19.68 -21.74 -20.21
N LEU D 239 18.77 -21.19 -19.41
CA LEU D 239 18.54 -21.72 -18.06
C LEU D 239 18.03 -23.16 -18.12
N ALA D 240 17.09 -23.45 -19.01
CA ALA D 240 16.52 -24.79 -19.12
C ALA D 240 17.56 -25.80 -19.58
N LYS D 241 18.34 -25.45 -20.61
CA LYS D 241 19.39 -26.37 -21.07
C LYS D 241 20.40 -26.64 -19.97
N ASN D 242 20.82 -25.60 -19.25
CA ASN D 242 21.81 -25.80 -18.20
C ASN D 242 21.26 -26.65 -17.07
N LEU D 243 20.03 -26.40 -16.63
CA LEU D 243 19.49 -27.15 -15.50
C LEU D 243 19.11 -28.57 -15.89
N LEU D 244 18.46 -28.73 -17.04
CA LEU D 244 18.00 -30.05 -17.48
C LEU D 244 19.15 -30.97 -17.84
N SER D 245 20.33 -30.42 -18.13
CA SER D 245 21.51 -31.24 -18.31
C SER D 245 21.94 -31.90 -17.00
N LEU D 246 21.50 -31.38 -15.86
CA LEU D 246 21.87 -31.90 -14.56
C LEU D 246 20.81 -32.80 -13.92
N LEU D 247 19.64 -32.93 -14.54
CA LEU D 247 18.53 -33.70 -13.98
C LEU D 247 17.89 -34.51 -15.09
N PRO D 248 17.64 -35.80 -14.86
CA PRO D 248 16.89 -36.59 -15.85
C PRO D 248 15.50 -36.01 -16.07
N HIS D 249 15.10 -35.88 -17.33
CA HIS D 249 13.94 -35.06 -17.65
C HIS D 249 13.29 -35.53 -18.95
N HIS D 250 12.03 -35.14 -19.12
CA HIS D 250 11.30 -35.24 -20.38
C HIS D 250 10.84 -33.85 -20.80
N SER D 251 11.24 -33.45 -22.01
CA SER D 251 10.89 -32.15 -22.57
C SER D 251 10.05 -32.39 -23.82
N PHE D 252 8.77 -32.06 -23.75
CA PHE D 252 7.80 -32.42 -24.77
C PHE D 252 7.55 -31.31 -25.78
N GLY D 253 7.95 -30.08 -25.50
CA GLY D 253 7.70 -28.98 -26.40
C GLY D 253 8.68 -28.94 -27.55
N LYS D 254 8.55 -27.90 -28.36
CA LYS D 254 9.46 -27.73 -29.49
C LYS D 254 10.86 -27.35 -29.03
N CYS D 255 10.99 -26.72 -27.87
CA CYS D 255 12.27 -26.27 -27.37
C CYS D 255 12.95 -27.38 -26.57
N LEU D 256 14.18 -27.71 -26.96
CA LEU D 256 15.02 -28.68 -26.26
C LEU D 256 14.32 -30.03 -26.14
N ASN D 257 13.66 -30.45 -27.22
CA ASN D 257 12.94 -31.72 -27.23
C ASN D 257 13.91 -32.88 -27.13
N ASN D 258 13.65 -33.80 -26.18
CA ASN D 258 14.48 -34.98 -25.99
C ASN D 258 13.64 -36.25 -25.94
N VAL D 259 12.42 -36.20 -26.48
CA VAL D 259 11.50 -37.32 -26.47
C VAL D 259 11.20 -37.85 -27.86
N GLY D 260 11.72 -37.21 -28.91
CA GLY D 260 11.56 -37.71 -30.26
C GLY D 260 10.58 -37.00 -31.15
N GLY D 261 10.03 -35.87 -30.71
CA GLY D 261 9.05 -35.18 -31.50
C GLY D 261 7.85 -34.73 -30.70
N PRO D 262 6.81 -34.28 -31.39
CA PRO D 262 5.62 -33.78 -30.71
C PRO D 262 4.67 -34.91 -30.33
N ASP D 263 3.67 -34.55 -29.53
CA ASP D 263 2.58 -35.44 -29.14
C ASP D 263 3.08 -36.71 -28.47
N MET D 264 4.22 -36.64 -27.78
CA MET D 264 4.76 -37.84 -27.16
C MET D 264 4.11 -38.15 -25.81
N ALA D 265 3.50 -37.15 -25.17
CA ALA D 265 2.85 -37.41 -23.89
C ALA D 265 1.69 -38.39 -24.04
N LEU D 266 0.89 -38.23 -25.11
CA LEU D 266 -0.19 -39.17 -25.35
C LEU D 266 0.33 -40.53 -25.79
N SER D 267 1.54 -40.58 -26.35
CA SER D 267 2.15 -41.85 -26.70
C SER D 267 2.61 -42.62 -25.47
N LEU D 268 3.17 -41.91 -24.49
CA LEU D 268 3.63 -42.54 -23.26
C LEU D 268 2.51 -42.89 -22.29
N TYR D 269 1.45 -42.08 -22.23
CA TYR D 269 0.41 -42.21 -21.20
C TYR D 269 -0.98 -42.25 -21.81
N PRO D 270 -1.42 -43.43 -22.25
CA PRO D 270 -2.72 -43.51 -22.94
C PRO D 270 -3.90 -43.10 -22.08
N GLU D 271 -3.79 -43.17 -20.74
CA GLU D 271 -4.89 -42.73 -19.90
C GLU D 271 -5.12 -41.24 -19.97
N CYS D 272 -4.19 -40.48 -20.56
CA CYS D 272 -4.35 -39.04 -20.69
C CYS D 272 -5.09 -38.63 -21.97
N ASN D 273 -5.47 -39.58 -22.82
CA ASN D 273 -6.23 -39.24 -24.03
C ASN D 273 -7.65 -38.82 -23.71
N ASN D 274 -8.13 -37.79 -24.40
CA ASN D 274 -9.51 -37.32 -24.28
C ASN D 274 -10.42 -37.78 -25.41
N ASP D 275 -9.91 -38.61 -26.33
CA ASP D 275 -10.65 -39.08 -27.51
C ASP D 275 -12.14 -39.35 -27.29
N VAL D 278 -13.33 -36.45 -27.86
CA VAL D 278 -12.82 -35.10 -28.04
C VAL D 278 -11.58 -35.10 -28.92
N LYS D 279 -11.34 -33.97 -29.59
CA LYS D 279 -10.24 -33.82 -30.51
C LYS D 279 -8.94 -33.48 -29.78
N PRO D 280 -7.79 -33.74 -30.41
CA PRO D 280 -6.49 -33.44 -29.76
C PRO D 280 -6.23 -31.95 -29.63
N ARG D 281 -6.00 -31.50 -28.39
CA ARG D 281 -5.53 -30.14 -28.11
C ARG D 281 -4.28 -30.22 -27.23
N TRP D 282 -3.41 -29.21 -27.33
CA TRP D 282 -2.13 -29.24 -26.61
C TRP D 282 -2.35 -29.19 -25.10
N TRP D 283 -3.44 -28.55 -24.68
CA TRP D 283 -3.74 -28.37 -23.27
C TRP D 283 -4.63 -29.47 -22.72
N ASP D 284 -5.11 -30.42 -23.55
CA ASP D 284 -6.00 -31.45 -23.04
C ASP D 284 -5.32 -32.42 -22.09
N HIS D 285 -3.99 -32.51 -22.12
CA HIS D 285 -3.33 -33.56 -21.36
C HIS D 285 -2.16 -33.07 -20.52
N LEU D 286 -2.01 -31.76 -20.33
CA LEU D 286 -0.87 -31.27 -19.57
C LEU D 286 -0.90 -31.78 -18.13
N HIS D 287 -2.02 -31.55 -17.43
CA HIS D 287 -2.10 -31.95 -16.03
C HIS D 287 -1.82 -33.42 -15.87
N CYS D 288 -2.50 -34.23 -16.68
CA CYS D 288 -2.34 -35.68 -16.57
C CYS D 288 -0.89 -36.06 -16.82
N ALA D 289 -0.28 -35.47 -17.86
CA ALA D 289 1.12 -35.77 -18.13
C ALA D 289 1.97 -35.32 -16.96
N MET D 290 1.72 -34.12 -16.43
CA MET D 290 2.53 -33.62 -15.33
C MET D 290 2.43 -34.54 -14.13
N SER D 291 1.27 -35.18 -13.93
CA SER D 291 1.09 -35.99 -12.74
C SER D 291 2.05 -37.17 -12.70
N HIS D 292 2.62 -37.56 -13.84
CA HIS D 292 3.54 -38.70 -13.84
C HIS D 292 4.92 -38.37 -13.31
N TYR D 293 5.27 -37.09 -13.18
CA TYR D 293 6.62 -36.67 -12.82
C TYR D 293 6.65 -36.07 -11.42
N LYS D 294 7.73 -36.37 -10.69
CA LYS D 294 7.88 -35.83 -9.34
C LYS D 294 8.03 -34.32 -9.36
N PHE D 295 8.59 -33.75 -10.43
CA PHE D 295 8.88 -32.32 -10.49
C PHE D 295 8.49 -31.77 -11.85
N VAL D 296 8.11 -30.51 -11.87
CA VAL D 296 7.80 -29.79 -13.11
C VAL D 296 8.65 -28.53 -13.16
N LEU D 297 9.36 -28.34 -14.27
CA LEU D 297 10.15 -27.13 -14.44
C LEU D 297 9.24 -26.04 -14.99
N ALA D 298 9.16 -24.93 -14.28
CA ALA D 298 8.28 -23.82 -14.64
C ALA D 298 9.12 -22.56 -14.72
N ILE D 299 9.37 -22.08 -15.94
CA ILE D 299 10.14 -20.87 -16.17
C ILE D 299 9.26 -19.90 -16.93
N GLU D 300 8.91 -18.79 -16.29
CA GLU D 300 8.07 -17.79 -16.93
C GLU D 300 8.81 -17.13 -18.08
N ASN D 301 8.04 -16.63 -19.06
CA ASN D 301 8.64 -15.90 -20.17
C ASN D 301 9.10 -14.51 -19.75
N THR D 302 8.68 -14.04 -18.59
CA THR D 302 9.03 -12.71 -18.10
C THR D 302 9.13 -12.76 -16.59
N VAL D 303 10.16 -12.11 -16.04
CA VAL D 303 10.32 -11.97 -14.60
C VAL D 303 9.82 -10.57 -14.25
N THR D 304 8.61 -10.50 -13.70
CA THR D 304 8.04 -9.22 -13.29
C THR D 304 7.05 -9.49 -12.17
N GLU D 305 6.66 -8.42 -11.49
CA GLU D 305 5.87 -8.52 -10.28
C GLU D 305 4.50 -9.13 -10.54
N SER D 306 4.13 -10.12 -9.72
CA SER D 306 2.82 -10.77 -9.69
C SER D 306 2.51 -11.58 -10.94
N TYR D 307 3.47 -11.74 -11.85
CA TYR D 307 3.22 -12.51 -13.07
C TYR D 307 3.54 -13.97 -12.78
N VAL D 308 2.54 -14.67 -12.26
CA VAL D 308 2.62 -16.11 -12.00
C VAL D 308 1.58 -16.79 -12.87
N THR D 309 2.02 -17.63 -13.81
CA THR D 309 1.12 -18.21 -14.78
C THR D 309 0.82 -19.67 -14.43
N GLU D 310 0.10 -20.34 -15.33
CA GLU D 310 -0.32 -21.72 -15.11
C GLU D 310 0.86 -22.68 -15.08
N LYS D 311 2.05 -22.24 -15.50
CA LYS D 311 3.24 -23.10 -15.45
C LYS D 311 3.50 -23.63 -14.05
N LEU D 312 3.15 -22.85 -13.02
CA LEU D 312 3.22 -23.28 -11.63
C LEU D 312 1.92 -23.92 -11.15
N PHE D 313 0.79 -23.24 -11.42
CA PHE D 313 -0.48 -23.63 -10.81
C PHE D 313 -0.97 -24.98 -11.33
N TYR D 314 -0.75 -25.27 -12.61
CA TYR D 314 -1.19 -26.57 -13.13
C TYR D 314 -0.42 -27.71 -12.47
N ALA D 315 0.86 -27.48 -12.18
CA ALA D 315 1.62 -28.46 -11.43
C ALA D 315 1.04 -28.64 -10.03
N LEU D 316 0.67 -27.55 -9.38
CA LEU D 316 -0.03 -27.68 -8.09
C LEU D 316 -1.37 -28.40 -8.26
N ASP D 317 -2.00 -28.30 -9.42
CA ASP D 317 -3.26 -29.00 -9.67
C ASP D 317 -3.07 -30.49 -9.94
N SER D 318 -1.88 -30.91 -10.35
CA SER D 318 -1.69 -32.29 -10.80
C SER D 318 -0.69 -33.06 -9.94
N VAL D 319 -0.52 -32.65 -8.68
CA VAL D 319 0.30 -33.35 -7.69
C VAL D 319 1.73 -33.50 -8.18
N SER D 320 2.34 -32.39 -8.60
CA SER D 320 3.76 -32.36 -8.94
C SER D 320 4.35 -31.10 -8.35
N VAL D 321 5.60 -31.18 -7.91
CA VAL D 321 6.27 -30.06 -7.27
C VAL D 321 6.93 -29.21 -8.36
N PRO D 322 6.58 -27.95 -8.49
CA PRO D 322 7.19 -27.12 -9.53
C PRO D 322 8.53 -26.54 -9.09
N ILE D 323 9.50 -26.61 -9.99
CA ILE D 323 10.76 -25.90 -9.85
C ILE D 323 10.61 -24.59 -10.62
N TYR D 324 10.50 -23.48 -9.88
CA TYR D 324 9.95 -22.25 -10.42
C TYR D 324 11.00 -21.17 -10.60
N PHE D 325 10.99 -20.54 -11.78
CA PHE D 325 11.81 -19.36 -12.10
C PHE D 325 10.85 -18.28 -12.61
N GLY D 326 10.54 -17.29 -11.79
CA GLY D 326 9.53 -16.34 -12.18
C GLY D 326 9.37 -15.11 -11.29
N ALA D 327 8.13 -14.78 -10.96
CA ALA D 327 7.84 -13.51 -10.30
C ALA D 327 8.59 -13.43 -8.98
N PRO D 328 9.20 -12.28 -8.66
CA PRO D 328 9.94 -12.16 -7.40
C PRO D 328 9.05 -12.30 -6.17
N ASN D 329 7.76 -11.98 -6.27
CA ASN D 329 6.85 -12.08 -5.14
C ASN D 329 5.97 -13.33 -5.20
N VAL D 330 6.49 -14.42 -5.77
CA VAL D 330 5.68 -15.61 -5.99
C VAL D 330 5.16 -16.19 -4.68
N TRP D 331 5.91 -16.02 -3.59
CA TRP D 331 5.49 -16.61 -2.32
C TRP D 331 4.25 -15.94 -1.72
N ASP D 332 3.81 -14.81 -2.27
CA ASP D 332 2.54 -14.23 -1.87
C ASP D 332 1.34 -14.93 -2.50
N PHE D 333 1.58 -15.86 -3.44
CA PHE D 333 0.51 -16.48 -4.20
C PHE D 333 0.36 -17.97 -3.91
N VAL D 334 1.37 -18.62 -3.36
CA VAL D 334 1.41 -20.08 -3.29
C VAL D 334 1.30 -20.56 -1.85
N PRO D 335 0.92 -21.82 -1.61
CA PRO D 335 0.85 -22.33 -0.23
C PRO D 335 2.24 -22.52 0.35
N PRO D 336 2.35 -22.62 1.68
CA PRO D 336 3.66 -22.83 2.30
C PRO D 336 4.29 -24.14 1.86
N HIS D 337 5.59 -24.11 1.61
CA HIS D 337 6.38 -25.28 1.29
C HIS D 337 5.76 -26.08 0.14
N SER D 338 5.37 -25.36 -0.91
CA SER D 338 4.68 -25.96 -2.04
C SER D 338 5.50 -25.95 -3.32
N ILE D 339 6.47 -25.04 -3.46
CA ILE D 339 7.26 -24.92 -4.66
C ILE D 339 8.74 -24.89 -4.28
N ILE D 340 9.58 -25.14 -5.27
CA ILE D 340 11.02 -24.97 -5.14
C ILE D 340 11.40 -23.76 -5.98
N ASP D 341 11.76 -22.67 -5.30
CA ASP D 341 12.17 -21.43 -5.96
C ASP D 341 13.62 -21.57 -6.41
N GLY D 342 13.83 -21.72 -7.71
CA GLY D 342 15.18 -21.95 -8.21
C GLY D 342 16.11 -20.78 -8.00
N THR D 343 15.57 -19.55 -7.91
CA THR D 343 16.43 -18.40 -7.67
C THR D 343 16.97 -18.36 -6.26
N LYS D 344 16.44 -19.19 -5.36
CA LYS D 344 16.88 -19.22 -3.97
C LYS D 344 18.05 -20.18 -3.76
N PHE D 345 18.74 -20.59 -4.81
CA PHE D 345 19.91 -21.45 -4.69
C PHE D 345 21.14 -20.74 -5.24
N LYS D 346 22.30 -21.06 -4.66
CA LYS D 346 23.54 -20.42 -5.07
C LYS D 346 23.97 -20.86 -6.48
N SER D 347 23.65 -22.09 -6.87
CA SER D 347 24.01 -22.57 -8.19
C SER D 347 22.98 -23.56 -8.69
N LEU D 348 22.97 -23.77 -10.01
CA LEU D 348 22.12 -24.79 -10.60
C LEU D 348 22.51 -26.19 -10.14
N GLU D 349 23.81 -26.40 -9.87
CA GLU D 349 24.26 -27.71 -9.41
C GLU D 349 23.73 -28.00 -8.01
N ALA D 350 23.69 -26.99 -7.14
CA ALA D 350 23.12 -27.18 -5.82
C ALA D 350 21.61 -27.47 -5.91
N LEU D 351 20.92 -26.78 -6.81
CA LEU D 351 19.50 -27.05 -7.02
C LEU D 351 19.28 -28.48 -7.53
N ALA D 352 20.09 -28.91 -8.50
CA ALA D 352 19.96 -30.27 -9.02
C ALA D 352 20.27 -31.29 -7.95
N SER D 353 21.27 -31.02 -7.11
CA SER D 353 21.58 -31.92 -6.00
C SER D 353 20.42 -32.01 -5.01
N TYR D 354 19.82 -30.86 -4.67
CA TYR D 354 18.67 -30.87 -3.77
C TYR D 354 17.50 -31.66 -4.36
N VAL D 355 17.24 -31.47 -5.65
CA VAL D 355 16.14 -32.15 -6.30
C VAL D 355 16.39 -33.66 -6.36
N LYS D 356 17.62 -34.06 -6.70
CA LYS D 356 17.94 -35.49 -6.76
C LYS D 356 17.84 -36.12 -5.38
N ASP D 357 18.28 -35.41 -4.35
CA ASP D 357 18.15 -35.93 -2.99
C ASP D 357 16.68 -36.04 -2.60
N LEU D 358 15.87 -35.06 -2.98
CA LEU D 358 14.45 -35.06 -2.65
C LEU D 358 13.73 -36.22 -3.34
N ALA D 359 14.13 -36.55 -4.56
CA ALA D 359 13.48 -37.62 -5.30
C ALA D 359 13.67 -38.98 -4.66
N ASN D 360 14.64 -39.13 -3.76
CA ASN D 360 14.89 -40.39 -3.07
C ASN D 360 14.53 -40.33 -1.60
N ASP D 361 13.81 -39.28 -1.18
CA ASP D 361 13.37 -39.11 0.20
C ASP D 361 11.87 -38.90 0.18
N PRO D 362 11.09 -39.99 0.19
CA PRO D 362 9.62 -39.83 0.08
C PRO D 362 8.99 -38.95 1.16
N VAL D 363 9.48 -39.00 2.40
CA VAL D 363 8.89 -38.17 3.46
C VAL D 363 9.13 -36.69 3.16
N ALA D 364 10.38 -36.33 2.80
CA ALA D 364 10.68 -34.95 2.47
C ALA D 364 9.94 -34.52 1.21
N TYR D 365 9.73 -35.43 0.26
CA TYR D 365 8.92 -35.10 -0.91
C TYR D 365 7.48 -34.79 -0.52
N ALA D 366 6.90 -35.61 0.36
CA ALA D 366 5.51 -35.43 0.79
C ALA D 366 5.32 -34.17 1.62
N GLU D 367 6.41 -33.68 2.23
CA GLU D 367 6.32 -32.37 2.87
C GLU D 367 5.80 -31.31 1.92
N TYR D 368 6.12 -31.43 0.63
CA TYR D 368 5.68 -30.49 -0.38
C TYR D 368 4.21 -30.65 -0.77
N HIS D 369 3.55 -31.72 -0.33
CA HIS D 369 2.11 -31.89 -0.54
C HIS D 369 1.33 -31.75 0.75
N ALA D 370 2.02 -31.56 1.88
CA ALA D 370 1.33 -31.37 3.14
C ALA D 370 0.40 -30.17 3.12
N TRP D 371 0.69 -29.16 2.29
CA TRP D 371 -0.20 -28.01 2.22
C TRP D 371 -1.59 -28.42 1.75
N ARG D 372 -1.65 -29.34 0.78
CA ARG D 372 -2.92 -29.82 0.26
C ARG D 372 -3.54 -30.84 1.18
N ARG D 373 -2.74 -31.79 1.67
CA ARG D 373 -3.29 -32.88 2.46
C ARG D 373 -3.76 -32.40 3.84
N CYS D 374 -3.13 -31.36 4.38
CA CYS D 374 -3.48 -30.81 5.68
C CYS D 374 -4.33 -29.57 5.60
N GLY D 375 -4.69 -29.12 4.40
CA GLY D 375 -5.53 -27.94 4.28
C GLY D 375 -4.87 -26.66 4.77
N VAL D 376 -3.59 -26.47 4.49
CA VAL D 376 -2.91 -25.22 4.83
C VAL D 376 -2.57 -24.50 3.53
N LEU D 377 -3.50 -23.68 3.03
CA LEU D 377 -3.30 -23.00 1.76
C LEU D 377 -2.58 -21.68 1.87
N GLY D 378 -2.53 -21.07 3.04
CA GLY D 378 -1.92 -19.75 3.15
C GLY D 378 -2.70 -18.78 2.28
N ASN D 379 -2.00 -18.13 1.36
CA ASN D 379 -2.62 -17.18 0.45
C ASN D 379 -3.13 -17.82 -0.85
N TYR D 380 -2.85 -19.12 -1.05
CA TYR D 380 -3.29 -19.78 -2.29
C TYR D 380 -4.81 -19.71 -2.44
N GLY D 381 -5.53 -19.80 -1.32
CA GLY D 381 -6.98 -19.69 -1.40
C GLY D 381 -7.41 -18.36 -1.98
N LYS D 382 -6.82 -17.26 -1.50
CA LYS D 382 -7.14 -15.94 -2.03
C LYS D 382 -6.75 -15.84 -3.50
N THR D 383 -5.61 -16.42 -3.87
CA THR D 383 -5.16 -16.42 -5.26
C THR D 383 -6.20 -17.06 -6.16
N ARG D 384 -6.67 -18.24 -5.79
CA ARG D 384 -7.71 -18.90 -6.58
C ARG D 384 -9.03 -18.16 -6.49
N ALA D 385 -9.25 -17.43 -5.40
CA ALA D 385 -10.47 -16.65 -5.25
C ALA D 385 -10.55 -15.49 -6.22
N VAL D 386 -9.41 -14.98 -6.69
CA VAL D 386 -9.47 -13.89 -7.66
C VAL D 386 -8.92 -14.33 -9.01
N SER D 387 -9.13 -15.60 -9.34
CA SER D 387 -8.68 -16.14 -10.61
C SER D 387 -9.70 -15.84 -11.71
N LEU D 388 -9.48 -16.41 -12.88
CA LEU D 388 -10.41 -16.22 -13.99
C LEU D 388 -11.79 -16.79 -13.68
N ASP D 389 -11.84 -17.85 -12.85
CA ASP D 389 -13.10 -18.53 -12.57
C ASP D 389 -14.14 -17.57 -11.98
N THR D 390 -13.70 -16.64 -11.14
CA THR D 390 -14.58 -15.67 -10.52
C THR D 390 -14.56 -14.31 -11.20
N LEU D 391 -13.87 -14.20 -12.35
CA LEU D 391 -13.80 -12.91 -13.02
C LEU D 391 -15.15 -12.35 -13.44
N PRO D 392 -16.09 -13.11 -14.02
CA PRO D 392 -17.36 -12.50 -14.40
C PRO D 392 -18.04 -11.80 -13.24
N CYS D 393 -18.31 -12.54 -12.16
CA CYS D 393 -19.02 -11.96 -11.03
C CYS D 393 -18.32 -10.70 -10.53
N ARG D 394 -17.02 -10.80 -10.28
CA ARG D 394 -16.29 -9.64 -9.75
C ARG D 394 -16.33 -8.49 -10.73
N LEU D 395 -16.16 -8.76 -12.03
CA LEU D 395 -16.30 -7.69 -13.00
C LEU D 395 -17.70 -7.11 -12.93
N CYS D 396 -18.70 -8.00 -12.89
CA CYS D 396 -20.08 -7.52 -12.82
C CYS D 396 -20.27 -6.68 -11.57
N GLU D 397 -19.71 -7.12 -10.44
CA GLU D 397 -19.89 -6.34 -9.23
C GLU D 397 -19.32 -4.95 -9.41
N ALA D 398 -18.13 -4.85 -10.00
CA ALA D 398 -17.54 -3.54 -10.23
C ALA D 398 -18.41 -2.70 -11.15
N VAL D 399 -18.94 -3.31 -12.22
CA VAL D 399 -19.80 -2.56 -13.13
C VAL D 399 -21.03 -2.06 -12.38
N SER D 400 -21.56 -2.88 -11.47
CA SER D 400 -22.72 -2.46 -10.70
C SER D 400 -22.39 -1.23 -9.87
N ARG D 401 -21.17 -1.18 -9.33
CA ARG D 401 -20.77 -0.03 -8.53
C ARG D 401 -20.55 1.22 -9.39
N ARG D 402 -20.27 1.05 -10.69
CA ARG D 402 -20.02 2.17 -11.58
C ARG D 402 -21.28 2.72 -12.23
N GLY D 403 -22.44 2.08 -12.04
CA GLY D 403 -23.66 2.50 -12.68
C GLY D 403 -23.86 1.99 -14.08
N GLY D 404 -22.92 1.22 -14.60
CA GLY D 404 -23.13 0.62 -15.91
C GLY D 404 -23.12 1.66 -17.01
N ARG D 405 -24.18 1.66 -17.84
CA ARG D 405 -24.22 2.57 -18.98
C ARG D 405 -24.24 4.04 -18.59
N ASN D 406 -24.67 4.39 -17.38
CA ASN D 406 -24.71 5.80 -17.01
C ASN D 406 -23.44 6.23 -16.27
N ALA D 407 -22.30 6.02 -16.92
CA ALA D 407 -21.00 6.41 -16.38
C ALA D 407 -20.31 7.47 -17.24
N PRO E 56 -5.22 36.00 -29.87
CA PRO E 56 -4.17 35.03 -30.20
C PRO E 56 -2.83 35.48 -29.64
N PHE E 57 -2.68 35.48 -28.32
CA PHE E 57 -1.54 36.10 -27.69
C PHE E 57 -0.24 35.41 -28.08
N THR E 58 0.85 36.18 -28.06
CA THR E 58 2.18 35.65 -28.30
C THR E 58 3.19 36.01 -27.22
N ASP E 59 2.96 37.07 -26.45
CA ASP E 59 3.89 37.50 -25.41
C ASP E 59 3.55 36.73 -24.14
N ILE E 60 4.36 35.71 -23.81
CA ILE E 60 4.06 34.85 -22.68
C ILE E 60 4.24 35.60 -21.36
N ILE E 61 5.24 36.49 -21.29
CA ILE E 61 5.47 37.24 -20.06
C ILE E 61 4.31 38.19 -19.78
N SER E 62 3.75 38.79 -20.84
CA SER E 62 2.56 39.61 -20.67
C SER E 62 1.40 38.80 -20.12
N ALA E 63 1.24 37.57 -20.59
CA ALA E 63 0.20 36.69 -20.05
C ALA E 63 0.45 36.42 -18.56
N PHE E 64 1.70 36.19 -18.18
CA PHE E 64 2.03 35.98 -16.77
C PHE E 64 1.65 37.20 -15.94
N LYS E 65 1.97 38.40 -16.44
CA LYS E 65 1.65 39.62 -15.71
C LYS E 65 0.15 39.81 -15.57
N LYS E 66 -0.59 39.58 -16.67
CA LYS E 66 -2.04 39.68 -16.62
C LYS E 66 -2.62 38.70 -15.61
N TRP E 67 -2.09 37.48 -15.59
CA TRP E 67 -2.54 36.49 -14.60
C TRP E 67 -2.22 36.95 -13.19
N ASP E 68 -1.05 37.58 -13.00
CA ASP E 68 -0.70 38.09 -11.67
C ASP E 68 -1.71 39.13 -11.22
N SER E 69 -2.14 40.00 -12.14
CA SER E 69 -3.11 41.03 -11.78
C SER E 69 -4.48 40.42 -11.49
N GLN E 70 -4.92 39.47 -12.32
CA GLN E 70 -6.30 39.01 -12.23
C GLN E 70 -6.51 37.85 -11.27
N VAL E 71 -5.58 36.90 -11.16
CA VAL E 71 -5.75 35.73 -10.31
C VAL E 71 -4.82 35.77 -9.11
N GLY E 72 -3.52 35.75 -9.35
CA GLY E 72 -2.56 35.91 -8.26
C GLY E 72 -2.21 34.61 -7.57
N CYS E 73 -0.97 34.57 -7.07
CA CYS E 73 -0.45 33.37 -6.44
C CYS E 73 -1.18 33.06 -5.15
N ALA E 74 -1.73 34.08 -4.48
CA ALA E 74 -2.49 33.82 -3.27
C ALA E 74 -3.74 33.01 -3.59
N ARG E 75 -4.49 33.43 -4.61
CA ARG E 75 -5.67 32.67 -5.01
C ARG E 75 -5.29 31.29 -5.51
N PHE E 76 -4.22 31.18 -6.30
CA PHE E 76 -3.80 29.87 -6.78
C PHE E 76 -3.41 28.95 -5.63
N ARG E 77 -2.58 29.45 -4.72
CA ARG E 77 -2.06 28.64 -3.63
C ARG E 77 -3.17 28.21 -2.70
N GLU E 78 -4.14 29.09 -2.46
CA GLU E 78 -5.31 28.70 -1.67
C GLU E 78 -6.11 27.63 -2.39
N LYS E 79 -6.31 27.78 -3.70
CA LYS E 79 -7.13 26.85 -4.47
C LYS E 79 -6.52 25.45 -4.51
N TYR E 80 -5.21 25.33 -4.40
CA TYR E 80 -4.56 24.03 -4.50
C TYR E 80 -3.68 23.76 -3.27
N SER E 95 2.97 5.90 -5.12
CA SER E 95 3.40 6.03 -6.51
C SER E 95 4.85 6.48 -6.61
N LEU E 96 5.36 7.07 -5.53
CA LEU E 96 6.73 7.55 -5.48
C LEU E 96 7.38 7.13 -4.17
N GLN E 97 8.70 7.02 -4.19
CA GLN E 97 9.49 6.59 -3.05
C GLN E 97 9.84 7.80 -2.20
N GLU E 98 9.37 7.82 -0.96
CA GLU E 98 9.66 8.92 -0.03
C GLU E 98 10.66 8.50 1.04
N LYS E 103 16.57 9.48 9.01
CA LYS E 103 16.43 8.09 8.62
C LYS E 103 17.81 7.45 8.43
N CYS E 104 18.71 7.76 9.37
CA CYS E 104 20.11 7.36 9.33
C CYS E 104 20.41 6.12 10.16
N ASP E 105 19.45 5.21 10.34
CA ASP E 105 19.69 4.12 11.26
C ASP E 105 20.23 2.86 10.59
N GLY E 106 19.64 2.45 9.48
CA GLY E 106 20.00 1.20 8.83
C GLY E 106 21.30 1.21 8.05
N LEU E 107 22.01 2.33 7.99
CA LEU E 107 23.21 2.42 7.17
C LEU E 107 24.36 1.63 7.77
N LYS E 108 24.69 0.49 7.16
CA LYS E 108 25.81 -0.35 7.60
C LYS E 108 27.14 0.02 6.97
N MET E 109 27.15 0.87 5.93
CA MET E 109 28.39 1.26 5.26
C MET E 109 28.43 2.78 5.13
N GLU E 110 29.55 3.37 5.53
CA GLU E 110 29.75 4.79 5.38
C GLU E 110 30.21 5.19 3.98
N HIS E 111 30.71 4.24 3.19
CA HIS E 111 31.09 4.51 1.82
C HIS E 111 30.67 3.33 0.95
N VAL E 112 30.09 3.63 -0.20
CA VAL E 112 29.66 2.59 -1.13
C VAL E 112 30.16 2.94 -2.51
N SER E 113 30.66 1.93 -3.23
CA SER E 113 31.10 2.08 -4.61
C SER E 113 30.22 1.27 -5.53
N VAL E 114 29.85 1.87 -6.66
CA VAL E 114 29.05 1.23 -7.70
C VAL E 114 29.83 1.29 -9.00
N LEU E 115 30.14 0.13 -9.57
CA LEU E 115 30.75 0.02 -10.87
C LEU E 115 29.69 -0.37 -11.89
N VAL E 116 29.49 0.50 -12.88
CA VAL E 116 28.57 0.23 -13.99
C VAL E 116 29.28 -0.71 -14.95
N LYS E 117 28.99 -2.01 -14.83
CA LYS E 117 29.66 -3.00 -15.66
C LYS E 117 29.03 -3.13 -17.04
N GLY E 118 27.70 -3.00 -17.13
CA GLY E 118 27.02 -3.07 -18.42
C GLY E 118 25.94 -2.02 -18.58
N TRP E 119 25.79 -1.48 -19.78
CA TRP E 119 24.84 -0.40 -20.02
C TRP E 119 24.55 -0.31 -21.51
N THR E 120 23.52 0.47 -21.86
CA THR E 120 23.21 0.74 -23.25
C THR E 120 23.10 2.23 -23.45
N TRP E 121 22.59 2.94 -22.44
CA TRP E 121 22.37 4.37 -22.56
C TRP E 121 22.77 5.21 -21.35
N ILE E 122 23.02 4.63 -20.18
CA ILE E 122 23.25 5.50 -19.01
C ILE E 122 24.43 6.42 -19.27
N PRO E 123 24.31 7.71 -19.03
CA PRO E 123 25.32 8.67 -19.49
C PRO E 123 26.59 8.65 -18.66
N ASP E 124 27.70 9.05 -19.32
CA ASP E 124 28.99 9.13 -18.64
C ASP E 124 28.94 10.15 -17.52
N ASN E 125 28.24 11.26 -17.73
CA ASN E 125 28.25 12.32 -16.72
C ASN E 125 27.47 11.95 -15.44
N LEU E 126 26.96 10.74 -15.23
CA LEU E 126 26.56 10.35 -13.88
C LEU E 126 27.76 10.00 -13.01
N ASP E 127 28.92 9.72 -13.62
CA ASP E 127 30.10 9.32 -12.85
C ASP E 127 30.51 10.44 -11.91
N ASN E 128 30.62 10.13 -10.62
CA ASN E 128 31.02 11.13 -9.65
C ASN E 128 31.23 10.45 -8.30
N LEU E 129 31.95 11.15 -7.42
CA LEU E 129 32.04 10.80 -6.01
C LEU E 129 31.04 11.72 -5.30
N TYR E 130 29.83 11.22 -5.12
CA TYR E 130 28.75 11.98 -4.52
C TYR E 130 28.88 12.00 -3.01
N SER E 131 28.46 13.11 -2.42
CA SER E 131 28.28 13.22 -0.98
C SER E 131 26.78 13.14 -0.70
N CYS E 132 26.36 12.10 0.01
CA CYS E 132 24.95 11.82 0.22
C CYS E 132 24.57 12.16 1.67
N ARG E 133 23.31 11.92 1.99
CA ARG E 133 22.80 12.21 3.33
C ARG E 133 23.40 11.21 4.33
N CYS E 134 23.29 11.56 5.62
CA CYS E 134 23.77 10.72 6.72
C CYS E 134 25.27 10.44 6.62
N GLY E 135 26.03 11.37 6.02
CA GLY E 135 27.46 11.20 5.93
C GLY E 135 27.92 10.05 5.05
N LEU E 136 27.10 9.67 4.08
CA LEU E 136 27.44 8.57 3.18
C LEU E 136 28.12 9.12 1.93
N SER E 137 29.22 8.48 1.53
CA SER E 137 29.88 8.80 0.27
C SER E 137 29.61 7.70 -0.74
N CYS E 138 29.51 8.09 -2.01
CA CYS E 138 29.01 7.19 -3.05
C CYS E 138 29.85 7.38 -4.31
N LEU E 139 30.67 6.41 -4.64
CA LEU E 139 31.55 6.49 -5.80
C LEU E 139 30.92 5.72 -6.95
N TRP E 140 30.39 6.44 -7.94
CA TRP E 140 29.68 5.85 -9.07
C TRP E 140 30.54 6.04 -10.32
N THR E 141 30.89 4.93 -10.98
CA THR E 141 31.78 5.06 -12.14
C THR E 141 31.61 3.88 -13.08
N LYS E 142 32.08 4.08 -14.32
CA LYS E 142 32.23 3.00 -15.29
C LYS E 142 33.67 2.48 -15.36
N SER E 143 34.59 3.00 -14.54
CA SER E 143 36.00 2.67 -14.63
C SER E 143 36.37 1.64 -13.56
N SER E 144 36.89 0.49 -14.00
CA SER E 144 37.37 -0.50 -13.06
C SER E 144 38.68 -0.10 -12.40
N VAL E 145 39.33 0.98 -12.86
CA VAL E 145 40.50 1.51 -12.16
C VAL E 145 40.08 2.37 -10.98
N LEU E 146 39.08 3.24 -11.17
CA LEU E 146 38.56 4.03 -10.05
C LEU E 146 37.95 3.13 -8.97
N VAL E 147 37.24 2.09 -9.38
CA VAL E 147 36.71 1.07 -8.47
C VAL E 147 37.11 -0.29 -9.00
N ASP E 148 38.10 -0.92 -8.36
CA ASP E 148 38.52 -2.26 -8.73
C ASP E 148 37.89 -3.34 -7.88
N LYS E 149 37.31 -2.98 -6.74
CA LYS E 149 36.58 -3.92 -5.88
C LYS E 149 35.22 -3.32 -5.52
N PRO E 150 34.30 -3.27 -6.48
CA PRO E 150 33.03 -2.60 -6.23
C PRO E 150 32.17 -3.32 -5.22
N ASP E 151 31.39 -2.54 -4.46
CA ASP E 151 30.39 -3.11 -3.58
C ASP E 151 29.15 -3.57 -4.35
N ALA E 152 28.89 -3.01 -5.52
CA ALA E 152 27.73 -3.36 -6.31
C ALA E 152 28.06 -3.18 -7.78
N LEU E 153 27.55 -4.09 -8.60
CA LEU E 153 27.69 -4.01 -10.05
C LEU E 153 26.33 -3.65 -10.64
N LEU E 154 26.31 -2.61 -11.46
CA LEU E 154 25.09 -2.18 -12.13
C LEU E 154 25.10 -2.69 -13.56
N PHE E 155 24.02 -3.35 -13.95
CA PHE E 155 23.80 -3.79 -15.32
C PHE E 155 22.52 -3.15 -15.80
N GLU E 156 22.63 -2.22 -16.73
CA GLU E 156 21.48 -1.56 -17.32
C GLU E 156 21.20 -2.25 -18.65
N THR E 157 20.07 -2.97 -18.71
CA THR E 157 19.64 -3.70 -19.91
C THR E 157 20.75 -4.60 -20.43
N THR E 158 21.48 -5.21 -19.51
CA THR E 158 22.52 -6.18 -19.83
C THR E 158 22.47 -7.29 -18.78
N THR E 159 22.93 -8.47 -19.17
CA THR E 159 22.73 -9.66 -18.35
C THR E 159 23.69 -9.67 -17.15
N PRO E 160 23.18 -9.77 -15.92
CA PRO E 160 24.05 -9.87 -14.76
C PRO E 160 24.69 -11.24 -14.68
N PRO E 161 25.63 -11.46 -13.74
CA PRO E 161 26.23 -12.79 -13.60
C PRO E 161 25.21 -13.85 -13.25
N LEU E 162 25.47 -15.07 -13.70
CA LEU E 162 24.50 -16.15 -13.56
C LEU E 162 24.35 -16.60 -12.10
N GLN E 163 25.39 -16.43 -11.28
CA GLN E 163 25.31 -16.76 -9.87
C GLN E 163 26.14 -15.75 -9.09
N ARG E 164 25.78 -15.59 -7.81
CA ARG E 164 26.54 -14.73 -6.91
C ARG E 164 26.92 -15.55 -5.68
N ARG E 165 28.21 -15.71 -5.47
CA ARG E 165 28.73 -16.32 -4.26
C ARG E 165 28.90 -15.25 -3.19
N SER E 166 28.86 -15.68 -1.92
CA SER E 166 28.97 -14.74 -0.83
C SER E 166 30.33 -14.03 -0.89
N GLY E 167 30.31 -12.72 -0.67
CA GLY E 167 31.48 -11.88 -0.86
C GLY E 167 31.65 -11.32 -2.25
N ASP E 168 30.80 -11.70 -3.20
CA ASP E 168 30.81 -11.06 -4.51
C ASP E 168 30.05 -9.75 -4.44
N PRO E 169 30.32 -8.80 -5.34
CA PRO E 169 29.55 -7.56 -5.35
C PRO E 169 28.08 -7.84 -5.67
N LEU E 170 27.21 -7.03 -5.07
CA LEU E 170 25.79 -7.14 -5.34
C LEU E 170 25.50 -6.89 -6.82
N ARG E 171 24.58 -7.67 -7.38
CA ARG E 171 24.19 -7.53 -8.78
C ARG E 171 22.95 -6.67 -8.86
N VAL E 172 23.06 -5.54 -9.56
CA VAL E 172 21.96 -4.60 -9.72
C VAL E 172 21.61 -4.52 -11.20
N TYR E 173 20.36 -4.80 -11.53
CA TYR E 173 19.88 -4.70 -12.90
C TYR E 173 18.88 -3.56 -13.01
N MET E 174 18.94 -2.85 -14.14
CA MET E 174 18.15 -1.66 -14.32
C MET E 174 17.54 -1.65 -15.72
N ASP E 175 16.24 -1.35 -15.78
CA ASP E 175 15.54 -1.18 -17.05
C ASP E 175 14.42 -0.19 -16.79
N LEU E 176 14.43 0.92 -17.54
CA LEU E 176 13.40 1.93 -17.39
C LEU E 176 12.30 1.82 -18.42
N GLU E 177 12.37 0.83 -19.32
CA GLU E 177 11.30 0.64 -20.29
C GLU E 177 10.07 0.07 -19.59
N ALA E 178 8.91 0.34 -20.18
CA ALA E 178 7.65 -0.08 -19.59
C ALA E 178 7.61 -1.59 -19.41
N GLY E 179 7.08 -2.02 -18.27
CA GLY E 179 6.90 -3.43 -17.97
C GLY E 179 7.57 -3.90 -16.71
N ARG E 180 8.57 -3.17 -16.21
CA ARG E 180 9.32 -3.56 -15.02
C ARG E 180 9.89 -4.97 -15.17
N LYS E 181 10.49 -5.23 -16.34
CA LYS E 181 11.00 -6.55 -16.65
C LYS E 181 12.35 -6.76 -15.98
N ARG E 182 12.46 -7.81 -15.17
CA ARG E 182 13.70 -8.19 -14.51
CA ARG E 182 13.71 -8.16 -14.53
C ARG E 182 14.46 -9.21 -15.35
N SER E 183 15.71 -9.43 -14.98
CA SER E 183 16.53 -10.45 -15.62
C SER E 183 16.46 -11.79 -14.90
N GLY E 184 15.95 -11.83 -13.68
CA GLY E 184 15.98 -13.03 -12.88
C GLY E 184 17.33 -13.33 -12.25
N LEU E 185 18.34 -12.51 -12.52
CA LEU E 185 19.70 -12.71 -12.03
C LEU E 185 20.16 -11.57 -11.13
N GLU E 186 19.24 -10.85 -10.50
CA GLU E 186 19.59 -9.68 -9.71
C GLU E 186 19.28 -9.87 -8.23
N ASP E 187 20.07 -9.16 -7.43
CA ASP E 187 19.78 -8.98 -6.02
C ASP E 187 19.01 -7.68 -5.76
N MET E 188 19.08 -6.73 -6.70
CA MET E 188 18.36 -5.47 -6.63
C MET E 188 17.92 -5.07 -8.03
N PHE E 189 16.72 -4.49 -8.13
CA PHE E 189 16.14 -4.09 -9.40
C PHE E 189 15.80 -2.61 -9.40
N ILE E 190 16.19 -1.91 -10.46
CA ILE E 190 15.89 -0.49 -10.65
C ILE E 190 14.95 -0.34 -11.85
N SER E 191 13.85 0.38 -11.64
CA SER E 191 12.93 0.72 -12.72
C SER E 191 12.32 2.08 -12.42
N TYR E 192 11.33 2.46 -13.21
CA TYR E 192 10.60 3.70 -13.01
C TYR E 192 9.55 3.59 -11.90
N HIS E 193 9.32 2.39 -11.39
CA HIS E 193 8.21 2.13 -10.48
C HIS E 193 8.65 2.19 -9.03
N ALA E 194 7.76 2.68 -8.16
CA ALA E 194 8.08 2.88 -6.76
C ALA E 194 8.13 1.58 -5.97
N LYS E 195 7.49 0.51 -6.47
CA LYS E 195 7.45 -0.75 -5.74
C LYS E 195 8.63 -1.65 -6.07
N ASP E 196 9.56 -1.18 -6.87
CA ASP E 196 10.80 -1.92 -7.08
C ASP E 196 11.83 -1.45 -6.06
N ASP E 197 13.04 -2.00 -6.14
CA ASP E 197 14.02 -1.77 -5.07
C ASP E 197 14.41 -0.30 -5.00
N VAL E 198 14.84 0.28 -6.11
CA VAL E 198 15.19 1.69 -6.18
C VAL E 198 14.51 2.28 -7.40
N GLN E 199 13.78 3.37 -7.21
CA GLN E 199 13.02 4.00 -8.28
C GLN E 199 13.87 5.05 -8.98
N SER E 200 13.70 5.16 -10.30
CA SER E 200 14.34 6.21 -11.09
C SER E 200 13.29 6.76 -12.05
N THR E 201 12.72 7.92 -11.73
CA THR E 201 11.77 8.55 -12.63
C THR E 201 12.51 9.24 -13.78
N TYR E 202 11.74 9.69 -14.76
CA TYR E 202 12.28 10.37 -15.93
C TYR E 202 12.42 11.88 -15.74
N ALA E 203 12.02 12.41 -14.59
CA ALA E 203 12.06 13.86 -14.36
C ALA E 203 13.42 14.29 -13.83
N GLY E 204 14.45 14.08 -14.66
CA GLY E 204 15.80 14.43 -14.30
C GLY E 204 16.43 15.32 -15.35
N ALA E 205 17.54 15.96 -14.95
CA ALA E 205 18.23 16.89 -15.83
C ALA E 205 19.60 16.42 -16.30
N LEU E 206 20.15 15.36 -15.73
CA LEU E 206 21.54 15.02 -16.03
C LEU E 206 21.67 14.30 -17.37
N PHE E 207 20.74 13.41 -17.69
CA PHE E 207 20.75 12.79 -19.00
C PHE E 207 20.53 13.85 -20.07
N HIS E 208 21.39 13.84 -21.09
CA HIS E 208 21.44 14.86 -22.15
C HIS E 208 21.42 16.28 -21.58
N ASN E 209 22.24 16.52 -20.55
CA ASN E 209 22.29 17.88 -20.03
C ASN E 209 23.03 18.85 -20.94
N GLY E 210 23.70 18.35 -21.99
CA GLY E 210 24.41 19.19 -22.93
C GLY E 210 23.50 19.65 -24.06
N ARG E 211 22.59 20.56 -23.74
CA ARG E 211 21.56 21.01 -24.65
CA ARG E 211 21.57 21.01 -24.68
C ARG E 211 21.56 22.53 -24.69
N ASN E 212 20.63 23.07 -25.48
CA ASN E 212 20.40 24.50 -25.53
C ASN E 212 19.35 24.86 -24.47
N TYR E 213 19.62 25.91 -23.71
CA TYR E 213 18.76 26.28 -22.58
C TYR E 213 17.90 27.52 -22.86
N GLN E 214 17.87 28.00 -24.10
CA GLN E 214 17.00 29.12 -24.45
C GLN E 214 15.54 28.72 -24.33
N VAL E 215 14.75 29.62 -23.76
CA VAL E 215 13.30 29.47 -23.67
C VAL E 215 12.69 30.67 -24.36
N SER E 216 11.88 30.44 -25.39
CA SER E 216 11.34 31.54 -26.16
C SER E 216 10.43 32.40 -25.30
N SER E 217 10.50 33.71 -25.51
CA SER E 217 9.59 34.63 -24.84
C SER E 217 8.33 34.87 -25.66
N TYR E 218 8.24 34.29 -26.85
CA TYR E 218 7.10 34.43 -27.74
C TYR E 218 6.59 33.06 -28.13
N LYS E 219 5.29 32.86 -27.99
CA LYS E 219 4.62 31.65 -28.46
C LYS E 219 4.08 31.89 -29.87
N ASN E 220 4.07 30.83 -30.68
CA ASN E 220 3.53 30.92 -32.02
C ASN E 220 2.03 31.22 -31.97
N ASN E 221 1.57 32.12 -32.84
CA ASN E 221 0.15 32.45 -32.84
C ASN E 221 -0.67 31.45 -33.63
N ASP E 222 -0.16 31.00 -34.78
CA ASP E 222 -0.90 30.08 -35.65
C ASP E 222 -0.73 28.62 -35.26
N THR E 223 0.50 28.13 -35.22
CA THR E 223 0.79 26.74 -34.89
C THR E 223 0.71 26.55 -33.38
N LEU E 224 -0.15 25.64 -32.92
CA LEU E 224 -0.35 25.53 -31.48
C LEU E 224 0.31 24.33 -30.84
N VAL E 225 0.61 23.27 -31.59
CA VAL E 225 1.03 22.01 -30.99
C VAL E 225 2.33 21.54 -31.63
N TYR E 226 3.28 21.14 -30.79
CA TYR E 226 4.51 20.50 -31.18
C TYR E 226 4.38 19.00 -30.99
N TRP E 227 4.86 18.22 -31.96
CA TRP E 227 4.91 16.79 -31.77
C TRP E 227 6.11 16.24 -32.52
N SER E 228 6.74 15.23 -31.94
CA SER E 228 7.85 14.55 -32.59
C SER E 228 7.82 13.08 -32.17
N SER E 229 7.68 12.21 -33.15
CA SER E 229 7.75 10.77 -32.95
C SER E 229 8.36 10.15 -34.19
N SER E 230 9.24 9.16 -33.99
CA SER E 230 9.90 8.50 -35.10
C SER E 230 9.77 6.99 -35.10
N ARG E 231 9.21 6.39 -34.05
CA ARG E 231 8.88 4.96 -34.02
C ARG E 231 7.36 4.88 -34.12
N CYS E 232 6.85 4.63 -35.32
CA CYS E 232 5.42 4.76 -35.60
C CYS E 232 4.70 3.51 -35.12
N LEU E 233 4.06 3.60 -33.96
CA LEU E 233 3.23 2.53 -33.44
C LEU E 233 1.78 2.78 -33.85
N PRO E 234 1.07 1.74 -34.30
CA PRO E 234 -0.27 1.98 -34.88
C PRO E 234 -1.26 2.65 -33.95
N GLN E 235 -1.29 2.27 -32.67
CA GLN E 235 -2.23 2.90 -31.74
C GLN E 235 -1.91 4.38 -31.55
N ARG E 236 -0.65 4.68 -31.25
CA ARG E 236 -0.22 6.07 -31.07
C ARG E 236 -0.41 6.88 -32.34
N ASN E 237 -0.07 6.31 -33.50
CA ASN E 237 -0.25 7.05 -34.75
C ASN E 237 -1.73 7.31 -35.04
N ARG E 238 -2.60 6.34 -34.75
CA ARG E 238 -4.04 6.56 -34.93
C ARG E 238 -4.51 7.73 -34.08
N LEU E 239 -4.13 7.71 -32.80
CA LEU E 239 -4.54 8.78 -31.89
C LEU E 239 -3.97 10.13 -32.32
N ALA E 240 -2.68 10.16 -32.68
CA ALA E 240 -2.04 11.41 -33.07
C ALA E 240 -2.63 11.97 -34.35
N LYS E 241 -2.86 11.14 -35.37
CA LYS E 241 -3.44 11.63 -36.60
C LYS E 241 -4.82 12.20 -36.36
N ASN E 242 -5.65 11.50 -35.58
CA ASN E 242 -7.00 12.01 -35.35
C ASN E 242 -6.97 13.34 -34.60
N LEU E 243 -6.11 13.47 -33.58
CA LEU E 243 -6.09 14.72 -32.81
C LEU E 243 -5.47 15.85 -33.60
N LEU E 244 -4.34 15.60 -34.27
CA LEU E 244 -3.66 16.65 -35.01
C LEU E 244 -4.44 17.11 -36.23
N SER E 245 -5.39 16.30 -36.72
CA SER E 245 -6.24 16.81 -37.80
C SER E 245 -7.11 17.96 -37.32
N LEU E 246 -7.32 18.11 -36.02
CA LEU E 246 -8.16 19.16 -35.46
C LEU E 246 -7.38 20.33 -34.89
N LEU E 247 -6.04 20.29 -34.89
CA LEU E 247 -5.24 21.33 -34.27
C LEU E 247 -4.08 21.71 -35.18
N PRO E 248 -3.87 22.99 -35.44
CA PRO E 248 -2.66 23.40 -36.18
C PRO E 248 -1.42 23.00 -35.41
N HIS E 249 -0.46 22.38 -36.11
CA HIS E 249 0.62 21.68 -35.44
C HIS E 249 1.84 21.62 -36.33
N HIS E 250 2.98 21.36 -35.69
CA HIS E 250 4.21 20.99 -36.39
C HIS E 250 4.64 19.63 -35.86
N SER E 251 4.82 18.67 -36.76
CA SER E 251 5.24 17.32 -36.43
C SER E 251 6.60 17.08 -37.08
N PHE E 252 7.65 16.99 -36.26
CA PHE E 252 9.02 17.00 -36.77
C PHE E 252 9.62 15.61 -36.97
N GLY E 253 9.05 14.57 -36.39
CA GLY E 253 9.60 13.24 -36.48
C GLY E 253 9.26 12.54 -37.78
N LYS E 254 9.64 11.26 -37.85
CA LYS E 254 9.34 10.47 -39.04
C LYS E 254 7.85 10.14 -39.15
N CYS E 255 7.13 10.10 -38.03
CA CYS E 255 5.71 9.75 -38.04
C CYS E 255 4.87 11.00 -38.25
N LEU E 256 4.01 10.97 -39.26
CA LEU E 256 3.08 12.06 -39.55
C LEU E 256 3.81 13.38 -39.73
N ASN E 257 4.95 13.33 -40.42
CA ASN E 257 5.78 14.51 -40.62
C ASN E 257 5.08 15.52 -41.53
N ASN E 258 5.03 16.78 -41.10
CA ASN E 258 4.42 17.82 -41.93
C ASN E 258 5.31 19.05 -42.08
N VAL E 259 6.60 18.95 -41.77
CA VAL E 259 7.53 20.06 -41.91
C VAL E 259 8.68 19.77 -42.86
N GLY E 260 8.87 18.54 -43.31
CA GLY E 260 9.94 18.27 -44.24
C GLY E 260 11.13 17.54 -43.65
N GLY E 261 12.33 18.08 -43.84
CA GLY E 261 13.54 17.40 -43.41
C GLY E 261 13.81 17.46 -41.92
N PRO E 262 14.99 16.96 -41.53
CA PRO E 262 15.33 16.89 -40.10
C PRO E 262 15.89 18.18 -39.54
N ASP E 263 16.23 19.17 -40.37
CA ASP E 263 16.77 20.43 -39.89
C ASP E 263 15.74 21.56 -39.91
N MET E 264 14.44 21.25 -39.79
CA MET E 264 13.46 22.32 -39.87
C MET E 264 13.29 23.07 -38.55
N ALA E 265 13.52 22.41 -37.42
CA ALA E 265 13.42 23.11 -36.14
C ALA E 265 14.47 24.20 -36.02
N LEU E 266 15.70 23.90 -36.44
CA LEU E 266 16.77 24.89 -36.39
C LEU E 266 16.59 25.97 -37.45
N SER E 267 15.93 25.66 -38.55
CA SER E 267 15.64 26.69 -39.54
C SER E 267 14.56 27.64 -39.03
N LEU E 268 13.55 27.08 -38.35
CA LEU E 268 12.47 27.90 -37.82
C LEU E 268 12.92 28.71 -36.61
N TYR E 269 13.80 28.16 -35.79
CA TYR E 269 14.21 28.77 -34.51
C TYR E 269 15.73 28.75 -34.47
N PRO E 270 16.38 29.68 -35.16
CA PRO E 270 17.86 29.64 -35.26
C PRO E 270 18.57 29.79 -33.94
N GLU E 271 17.95 30.44 -32.94
CA GLU E 271 18.59 30.58 -31.64
C GLU E 271 18.72 29.25 -30.90
N CYS E 272 18.06 28.20 -31.37
CA CYS E 272 18.11 26.92 -30.69
C CYS E 272 19.34 26.11 -31.06
N ASN E 273 20.21 26.66 -31.89
CA ASN E 273 21.45 25.98 -32.25
C ASN E 273 22.34 25.85 -31.03
N ASN E 274 23.08 24.75 -30.95
CA ASN E 274 23.98 24.58 -29.83
C ASN E 274 25.36 25.15 -30.19
N ASP E 275 26.16 25.39 -29.14
CA ASP E 275 27.49 25.98 -29.27
C ASP E 275 28.25 25.46 -30.48
N ALA E 276 28.97 26.37 -31.15
CA ALA E 276 29.79 25.98 -32.28
C ALA E 276 30.92 25.06 -31.85
N SER E 277 31.35 25.15 -30.59
CA SER E 277 32.42 24.30 -30.08
C SER E 277 31.96 22.88 -29.76
N VAL E 278 30.66 22.61 -29.85
CA VAL E 278 30.10 21.30 -29.55
C VAL E 278 29.37 20.79 -30.78
N LYS E 279 29.55 19.50 -31.09
CA LYS E 279 28.95 18.91 -32.27
C LYS E 279 27.43 18.82 -32.12
N PRO E 280 26.69 18.97 -33.21
CA PRO E 280 25.22 18.95 -33.15
C PRO E 280 24.67 17.55 -32.92
N ARG E 281 23.94 17.38 -31.81
CA ARG E 281 23.21 16.16 -31.49
C ARG E 281 21.70 16.35 -31.68
N TRP E 282 20.99 15.22 -31.88
CA TRP E 282 19.57 15.31 -32.18
C TRP E 282 18.75 15.88 -31.03
N TRP E 283 19.22 15.73 -29.79
CA TRP E 283 18.44 16.17 -28.63
C TRP E 283 18.82 17.56 -28.15
N ASP E 284 19.86 18.18 -28.71
CA ASP E 284 20.41 19.38 -28.09
C ASP E 284 19.50 20.60 -28.20
N HIS E 285 18.47 20.55 -29.05
CA HIS E 285 17.65 21.74 -29.31
C HIS E 285 16.17 21.45 -29.11
N LEU E 286 15.83 20.30 -28.52
CA LEU E 286 14.44 19.92 -28.37
C LEU E 286 13.67 20.89 -27.48
N HIS E 287 14.20 21.15 -26.28
CA HIS E 287 13.54 22.05 -25.33
C HIS E 287 13.33 23.43 -25.95
N CYS E 288 14.37 23.97 -26.57
CA CYS E 288 14.30 25.31 -27.13
C CYS E 288 13.22 25.40 -28.20
N ALA E 289 13.16 24.41 -29.11
CA ALA E 289 12.12 24.40 -30.11
C ALA E 289 10.74 24.29 -29.49
N MET E 290 10.59 23.40 -28.50
CA MET E 290 9.31 23.19 -27.84
C MET E 290 8.81 24.47 -27.17
N SER E 291 9.73 25.30 -26.66
CA SER E 291 9.32 26.51 -25.96
C SER E 291 8.56 27.47 -26.87
N HIS E 292 8.66 27.33 -28.19
CA HIS E 292 7.93 28.20 -29.10
C HIS E 292 6.45 27.85 -29.22
N TYR E 293 6.03 26.69 -28.75
CA TYR E 293 4.66 26.23 -28.92
C TYR E 293 3.92 26.29 -27.59
N LYS E 294 2.66 26.71 -27.65
CA LYS E 294 1.85 26.75 -26.44
C LYS E 294 1.61 25.34 -25.90
N PHE E 295 1.59 24.34 -26.78
CA PHE E 295 1.27 22.98 -26.37
C PHE E 295 2.22 21.99 -27.02
N VAL E 296 2.48 20.90 -26.29
CA VAL E 296 3.29 19.79 -26.77
C VAL E 296 2.46 18.52 -26.65
N LEU E 297 2.38 17.77 -27.74
CA LEU E 297 1.66 16.50 -27.72
C LEU E 297 2.62 15.42 -27.22
N ALA E 298 2.22 14.73 -26.16
CA ALA E 298 3.04 13.70 -25.53
C ALA E 298 2.22 12.42 -25.44
N ILE E 299 2.56 11.43 -26.27
CA ILE E 299 1.88 10.15 -26.27
C ILE E 299 2.93 9.08 -25.98
N GLU E 300 2.78 8.41 -24.84
CA GLU E 300 3.70 7.34 -24.48
C GLU E 300 3.54 6.16 -25.43
N ASN E 301 4.61 5.39 -25.60
CA ASN E 301 4.54 4.18 -26.41
C ASN E 301 3.79 3.05 -25.72
N THR E 302 3.54 3.17 -24.41
CA THR E 302 2.87 2.15 -23.64
C THR E 302 2.06 2.83 -22.56
N VAL E 303 0.83 2.35 -22.35
CA VAL E 303 -0.04 2.84 -21.29
C VAL E 303 0.03 1.83 -20.15
N THR E 304 0.77 2.18 -19.09
CA THR E 304 0.88 1.31 -17.93
C THR E 304 1.18 2.17 -16.71
N GLU E 305 1.02 1.57 -15.54
CA GLU E 305 1.11 2.30 -14.28
C GLU E 305 2.49 2.90 -14.07
N SER E 306 2.52 4.19 -13.72
CA SER E 306 3.71 4.95 -13.34
C SER E 306 4.70 5.16 -14.49
N TYR E 307 4.35 4.79 -15.72
CA TYR E 307 5.28 4.95 -16.84
C TYR E 307 5.05 6.32 -17.46
N VAL E 308 5.72 7.33 -16.90
CA VAL E 308 5.71 8.70 -17.40
C VAL E 308 7.12 9.05 -17.81
N THR E 309 7.34 9.32 -19.10
CA THR E 309 8.69 9.53 -19.60
C THR E 309 8.96 11.01 -19.82
N GLU E 310 10.13 11.30 -20.40
CA GLU E 310 10.55 12.66 -20.66
C GLU E 310 9.66 13.37 -21.67
N LYS E 311 8.81 12.61 -22.39
CA LYS E 311 7.87 13.23 -23.32
C LYS E 311 7.00 14.27 -22.63
N LEU E 312 6.69 14.05 -21.35
CA LEU E 312 5.96 15.04 -20.57
C LEU E 312 6.90 16.04 -19.91
N PHE E 313 7.96 15.54 -19.27
CA PHE E 313 8.79 16.37 -18.40
C PHE E 313 9.56 17.43 -19.18
N TYR E 314 9.98 17.14 -20.41
CA TYR E 314 10.69 18.15 -21.17
C TYR E 314 9.83 19.39 -21.45
N ALA E 315 8.52 19.19 -21.64
CA ALA E 315 7.62 20.32 -21.81
C ALA E 315 7.56 21.19 -20.55
N LEU E 316 7.49 20.55 -19.38
CA LEU E 316 7.58 21.32 -18.14
C LEU E 316 8.93 22.00 -17.99
N ASP E 317 9.97 21.43 -18.59
CA ASP E 317 11.28 22.08 -18.55
C ASP E 317 11.37 23.26 -19.50
N SER E 318 10.49 23.33 -20.51
CA SER E 318 10.61 24.35 -21.54
C SER E 318 9.40 25.28 -21.61
N VAL E 319 8.65 25.40 -20.51
CA VAL E 319 7.54 26.35 -20.38
C VAL E 319 6.50 26.12 -21.48
N SER E 320 6.10 24.87 -21.65
CA SER E 320 5.05 24.51 -22.60
C SER E 320 4.13 23.50 -21.93
N VAL E 321 2.84 23.59 -22.23
CA VAL E 321 1.82 22.75 -21.60
C VAL E 321 1.70 21.46 -22.39
N PRO E 322 1.92 20.30 -21.79
CA PRO E 322 1.78 19.05 -22.54
C PRO E 322 0.33 18.57 -22.59
N ILE E 323 -0.07 18.11 -23.77
CA ILE E 323 -1.31 17.36 -23.95
C ILE E 323 -0.92 15.89 -23.89
N TYR E 324 -1.29 15.23 -22.80
CA TYR E 324 -0.67 13.97 -22.39
C TYR E 324 -1.63 12.79 -22.58
N PHE E 325 -1.13 11.73 -23.21
CA PHE E 325 -1.81 10.44 -23.31
C PHE E 325 -0.84 9.38 -22.80
N GLY E 326 -1.06 8.89 -21.58
CA GLY E 326 -0.08 8.00 -20.97
C GLY E 326 -0.53 7.31 -19.70
N ALA E 327 0.33 7.33 -18.68
CA ALA E 327 0.11 6.53 -17.49
C ALA E 327 -1.22 6.91 -16.82
N PRO E 328 -2.00 5.93 -16.39
CA PRO E 328 -3.29 6.25 -15.74
C PRO E 328 -3.13 7.00 -14.43
N ASN E 329 -2.01 6.83 -13.72
CA ASN E 329 -1.79 7.53 -12.46
C ASN E 329 -0.87 8.74 -12.62
N VAL E 330 -0.91 9.38 -13.79
CA VAL E 330 0.04 10.46 -14.09
C VAL E 330 -0.11 11.62 -13.10
N TRP E 331 -1.31 11.83 -12.56
CA TRP E 331 -1.52 12.97 -11.67
C TRP E 331 -0.78 12.81 -10.34
N ASP E 332 -0.24 11.63 -10.05
CA ASP E 332 0.62 11.47 -8.90
C ASP E 332 2.05 11.95 -9.14
N PHE E 333 2.38 12.33 -10.38
CA PHE E 333 3.74 12.69 -10.73
C PHE E 333 3.93 14.16 -11.10
N VAL E 334 2.87 14.86 -11.47
CA VAL E 334 2.99 16.17 -12.09
C VAL E 334 2.49 17.26 -11.13
N PRO E 335 2.84 18.52 -11.33
CA PRO E 335 2.34 19.59 -10.45
C PRO E 335 0.86 19.83 -10.69
N PRO E 336 0.18 20.50 -9.76
CA PRO E 336 -1.25 20.78 -9.95
C PRO E 336 -1.49 21.68 -11.15
N HIS E 337 -2.52 21.34 -11.93
CA HIS E 337 -2.98 22.13 -13.07
C HIS E 337 -1.82 22.44 -14.02
N SER E 338 -1.03 21.41 -14.33
CA SER E 338 0.17 21.57 -15.14
C SER E 338 0.09 20.90 -16.51
N ILE E 339 -0.78 19.90 -16.67
CA ILE E 339 -0.88 19.15 -17.92
C ILE E 339 -2.34 19.09 -18.34
N ILE E 340 -2.55 18.73 -19.60
CA ILE E 340 -3.86 18.44 -20.13
C ILE E 340 -3.90 16.94 -20.40
N ASP E 341 -4.64 16.21 -19.57
CA ASP E 341 -4.78 14.76 -19.73
C ASP E 341 -5.83 14.49 -20.79
N GLY E 342 -5.39 14.04 -21.97
CA GLY E 342 -6.31 13.84 -23.08
C GLY E 342 -7.35 12.77 -22.82
N THR E 343 -7.03 11.80 -21.96
CA THR E 343 -8.00 10.75 -21.66
C THR E 343 -9.18 11.25 -20.84
N LYS E 344 -9.10 12.45 -20.28
CA LYS E 344 -10.15 13.00 -19.44
C LYS E 344 -11.19 13.81 -20.23
N PHE E 345 -11.25 13.62 -21.54
CA PHE E 345 -12.24 14.29 -22.39
C PHE E 345 -13.12 13.26 -23.06
N LYS E 346 -14.37 13.66 -23.33
CA LYS E 346 -15.34 12.74 -23.92
C LYS E 346 -14.97 12.36 -25.35
N SER E 347 -14.32 13.26 -26.08
CA SER E 347 -13.90 12.99 -27.45
C SER E 347 -12.64 13.78 -27.76
N LEU E 348 -11.96 13.37 -28.83
CA LEU E 348 -10.83 14.16 -29.31
C LEU E 348 -11.28 15.54 -29.77
N GLU E 349 -12.51 15.66 -30.26
CA GLU E 349 -13.02 16.96 -30.69
C GLU E 349 -13.20 17.91 -29.52
N ALA E 350 -13.67 17.39 -28.38
CA ALA E 350 -13.79 18.23 -27.18
C ALA E 350 -12.41 18.68 -26.70
N LEU E 351 -11.42 17.78 -26.76
CA LEU E 351 -10.06 18.16 -26.38
C LEU E 351 -9.50 19.24 -27.30
N ALA E 352 -9.68 19.07 -28.61
CA ALA E 352 -9.16 20.08 -29.54
C ALA E 352 -9.87 21.42 -29.35
N SER E 353 -11.18 21.39 -29.11
CA SER E 353 -11.90 22.65 -28.87
C SER E 353 -11.40 23.33 -27.60
N TYR E 354 -11.18 22.56 -26.54
CA TYR E 354 -10.63 23.13 -25.31
C TYR E 354 -9.26 23.74 -25.54
N VAL E 355 -8.41 23.05 -26.30
CA VAL E 355 -7.06 23.56 -26.56
C VAL E 355 -7.13 24.85 -27.38
N LYS E 356 -7.98 24.87 -28.41
CA LYS E 356 -8.09 26.07 -29.24
C LYS E 356 -8.58 27.25 -28.43
N ASP E 357 -9.55 27.02 -27.55
CA ASP E 357 -10.07 28.10 -26.72
C ASP E 357 -9.01 28.56 -25.72
N LEU E 358 -8.24 27.62 -25.17
CA LEU E 358 -7.18 27.98 -24.22
C LEU E 358 -6.11 28.83 -24.89
N ALA E 359 -5.83 28.55 -26.16
CA ALA E 359 -4.80 29.29 -26.88
C ALA E 359 -5.15 30.76 -27.05
N ASN E 360 -6.41 31.14 -26.85
CA ASN E 360 -6.84 32.53 -27.00
C ASN E 360 -7.17 33.18 -25.66
N ASP E 361 -6.81 32.54 -24.55
CA ASP E 361 -7.08 33.07 -23.22
C ASP E 361 -5.78 33.10 -22.44
N PRO E 362 -5.02 34.21 -22.53
CA PRO E 362 -3.71 34.25 -21.86
C PRO E 362 -3.78 34.00 -20.35
N VAL E 363 -4.81 34.48 -19.66
CA VAL E 363 -4.90 34.27 -18.23
C VAL E 363 -5.10 32.79 -17.91
N ALA E 364 -6.03 32.14 -18.63
CA ALA E 364 -6.25 30.73 -18.43
C ALA E 364 -5.04 29.90 -18.84
N TYR E 365 -4.31 30.35 -19.87
CA TYR E 365 -3.07 29.67 -20.25
C TYR E 365 -2.02 29.77 -19.14
N ALA E 366 -1.85 30.96 -18.56
CA ALA E 366 -0.85 31.17 -17.52
C ALA E 366 -1.20 30.45 -16.22
N GLU E 367 -2.48 30.15 -16.02
CA GLU E 367 -2.85 29.30 -14.89
C GLU E 367 -2.08 27.99 -14.92
N TYR E 368 -1.73 27.51 -16.11
CA TYR E 368 -0.97 26.26 -16.29
C TYR E 368 0.50 26.41 -15.94
N HIS E 369 0.99 27.63 -15.75
CA HIS E 369 2.35 27.89 -15.31
C HIS E 369 2.40 28.40 -13.88
N ALA E 370 1.25 28.64 -13.28
CA ALA E 370 1.24 29.11 -11.88
C ALA E 370 1.94 28.13 -10.94
N TRP E 371 1.98 26.84 -11.27
CA TRP E 371 2.67 25.90 -10.40
C TRP E 371 4.15 26.25 -10.28
N ARG E 372 4.77 26.67 -11.38
CA ARG E 372 6.16 27.06 -11.39
C ARG E 372 6.34 28.46 -10.86
N ARG E 373 5.50 29.39 -11.31
CA ARG E 373 5.71 30.79 -10.93
C ARG E 373 5.41 31.05 -9.46
N CYS E 374 4.50 30.27 -8.86
CA CYS E 374 4.13 30.43 -7.47
C CYS E 374 4.79 29.41 -6.55
N GLY E 375 5.60 28.51 -7.08
CA GLY E 375 6.27 27.52 -6.26
C GLY E 375 5.35 26.52 -5.60
N VAL E 376 4.30 26.09 -6.30
CA VAL E 376 3.42 25.04 -5.78
C VAL E 376 3.63 23.81 -6.62
N LEU E 377 4.58 22.96 -6.21
CA LEU E 377 4.97 21.83 -7.02
C LEU E 377 4.09 20.61 -6.84
N GLY E 378 3.37 20.51 -5.73
CA GLY E 378 2.55 19.34 -5.48
C GLY E 378 3.41 18.10 -5.40
N ASN E 379 3.09 17.12 -6.24
CA ASN E 379 3.82 15.86 -6.25
C ASN E 379 5.06 15.90 -7.15
N TYR E 380 5.24 16.96 -7.93
CA TYR E 380 6.40 17.06 -8.82
C TYR E 380 7.71 17.07 -8.03
N GLY E 381 7.70 17.66 -6.83
CA GLY E 381 8.91 17.69 -6.03
C GLY E 381 9.44 16.30 -5.71
N LYS E 382 8.55 15.40 -5.25
CA LYS E 382 8.96 14.03 -4.96
C LYS E 382 9.42 13.32 -6.24
N THR E 383 8.71 13.57 -7.34
CA THR E 383 9.07 12.95 -8.61
C THR E 383 10.49 13.31 -9.00
N ARG E 384 10.83 14.60 -8.95
CA ARG E 384 12.19 15.00 -9.27
C ARG E 384 13.18 14.53 -8.20
N ALA E 385 12.71 14.34 -6.96
CA ALA E 385 13.59 13.84 -5.91
C ALA E 385 14.03 12.41 -6.18
N VAL E 386 13.24 11.63 -6.92
CA VAL E 386 13.66 10.25 -7.19
C VAL E 386 13.95 10.04 -8.67
N SER E 387 14.49 11.06 -9.33
CA SER E 387 14.85 10.96 -10.74
C SER E 387 16.22 10.30 -10.89
N LEU E 388 16.72 10.24 -12.13
CA LEU E 388 18.04 9.66 -12.38
C LEU E 388 19.13 10.46 -11.70
N ASP E 389 18.94 11.78 -11.58
CA ASP E 389 19.98 12.63 -11.03
C ASP E 389 20.39 12.19 -9.63
N THR E 390 19.42 11.72 -8.83
CA THR E 390 19.68 11.28 -7.47
C THR E 390 19.77 9.77 -7.36
N LEU E 391 19.77 9.05 -8.48
CA LEU E 391 19.84 7.59 -8.41
C LEU E 391 21.12 7.07 -7.74
N PRO E 392 22.35 7.60 -8.01
CA PRO E 392 23.53 7.03 -7.36
C PRO E 392 23.44 7.01 -5.83
N CYS E 393 23.23 8.18 -5.22
CA CYS E 393 23.15 8.24 -3.77
C CYS E 393 22.09 7.30 -3.25
N ARG E 394 20.89 7.37 -3.82
CA ARG E 394 19.79 6.53 -3.36
C ARG E 394 20.13 5.05 -3.57
N LEU E 395 20.77 4.72 -4.70
CA LEU E 395 21.23 3.34 -4.84
C LEU E 395 22.27 3.01 -3.79
N CYS E 396 23.24 3.89 -3.60
CA CYS E 396 24.30 3.61 -2.63
C CYS E 396 23.71 3.41 -1.25
N GLU E 397 22.76 4.26 -0.87
CA GLU E 397 22.13 4.13 0.43
C GLU E 397 21.48 2.77 0.56
N ALA E 398 20.76 2.32 -0.47
CA ALA E 398 20.13 1.02 -0.40
C ALA E 398 21.18 -0.07 -0.24
N VAL E 399 22.26 0.02 -1.01
CA VAL E 399 23.33 -0.97 -0.87
C VAL E 399 23.91 -0.91 0.53
N SER E 400 24.02 0.30 1.09
CA SER E 400 24.56 0.42 2.44
C SER E 400 23.68 -0.29 3.44
N ARG E 401 22.36 -0.21 3.28
CA ARG E 401 21.49 -0.92 4.21
C ARG E 401 21.53 -2.43 3.96
N ARG E 402 21.94 -2.86 2.77
CA ARG E 402 21.98 -4.27 2.41
C ARG E 402 23.27 -4.96 2.85
N GLY E 403 24.25 -4.22 3.36
CA GLY E 403 25.53 -4.78 3.75
C GLY E 403 26.55 -4.90 2.65
N GLY E 404 26.20 -4.52 1.41
CA GLY E 404 27.17 -4.50 0.33
C GLY E 404 27.64 -5.90 -0.08
N ARG E 405 28.97 -6.07 -0.13
CA ARG E 405 29.54 -7.33 -0.60
C ARG E 405 29.13 -8.50 0.28
N ASN E 406 28.86 -8.24 1.56
CA ASN E 406 28.41 -9.25 2.51
C ASN E 406 26.89 -9.11 2.64
N ALA E 407 26.16 -9.86 1.83
CA ALA E 407 24.70 -9.80 1.89
C ALA E 407 24.05 -11.14 1.54
N PRO F 56 59.83 -0.73 -11.40
CA PRO F 56 59.23 0.42 -12.08
C PRO F 56 57.85 0.04 -12.59
N PHE F 57 56.91 -0.17 -11.68
CA PHE F 57 55.63 -0.79 -12.01
C PHE F 57 54.84 0.08 -12.98
N THR F 58 54.00 -0.58 -13.76
CA THR F 58 53.06 0.09 -14.66
C THR F 58 51.62 -0.35 -14.51
N ASP F 59 51.36 -1.54 -13.97
CA ASP F 59 50.00 -2.04 -13.78
C ASP F 59 49.50 -1.57 -12.42
N ILE F 60 48.62 -0.56 -12.44
CA ILE F 60 48.14 0.04 -11.20
C ILE F 60 47.28 -0.93 -10.41
N ILE F 61 46.47 -1.73 -11.11
CA ILE F 61 45.60 -2.68 -10.43
C ILE F 61 46.41 -3.77 -9.74
N SER F 62 47.53 -4.17 -10.35
CA SER F 62 48.43 -5.10 -9.67
C SER F 62 48.96 -4.50 -8.38
N ALA F 63 49.29 -3.21 -8.39
CA ALA F 63 49.73 -2.54 -7.18
C ALA F 63 48.64 -2.55 -6.12
N PHE F 64 47.39 -2.31 -6.55
CA PHE F 64 46.26 -2.36 -5.61
C PHE F 64 46.15 -3.74 -4.97
N LYS F 65 46.27 -4.80 -5.78
CA LYS F 65 46.16 -6.16 -5.23
C LYS F 65 47.31 -6.46 -4.27
N LYS F 66 48.53 -6.07 -4.64
CA LYS F 66 49.68 -6.27 -3.75
C LYS F 66 49.47 -5.54 -2.43
N TRP F 67 48.97 -4.30 -2.50
CA TRP F 67 48.67 -3.55 -1.28
C TRP F 67 47.62 -4.26 -0.46
N ASP F 68 46.63 -4.88 -1.12
CA ASP F 68 45.64 -5.66 -0.39
C ASP F 68 46.27 -6.82 0.36
N SER F 69 47.22 -7.51 -0.27
CA SER F 69 47.85 -8.64 0.40
C SER F 69 48.73 -8.20 1.55
N GLN F 70 49.49 -7.12 1.35
CA GLN F 70 50.50 -6.75 2.33
C GLN F 70 49.98 -5.80 3.41
N VAL F 71 49.08 -4.87 3.09
CA VAL F 71 48.60 -3.88 4.07
C VAL F 71 47.13 -4.10 4.40
N GLY F 72 46.25 -3.92 3.43
CA GLY F 72 44.84 -4.17 3.73
C GLY F 72 44.15 -2.95 4.31
N CYS F 73 42.84 -2.85 4.04
CA CYS F 73 42.06 -1.69 4.46
C CYS F 73 41.87 -1.61 5.97
N ALA F 74 41.89 -2.75 6.67
CA ALA F 74 41.70 -2.71 8.12
C ALA F 74 42.83 -1.94 8.80
N ARG F 75 44.07 -2.21 8.40
CA ARG F 75 45.20 -1.47 8.97
C ARG F 75 45.12 0.01 8.63
N PHE F 76 44.70 0.33 7.40
CA PHE F 76 44.56 1.73 7.01
C PHE F 76 43.53 2.44 7.88
N ARG F 77 42.38 1.80 8.10
CA ARG F 77 41.35 2.42 8.93
C ARG F 77 41.82 2.56 10.38
N GLU F 78 42.58 1.57 10.88
CA GLU F 78 43.11 1.69 12.23
C GLU F 78 44.07 2.86 12.35
N LYS F 79 44.94 3.05 11.34
CA LYS F 79 45.92 4.13 11.40
C LYS F 79 45.26 5.51 11.39
N TYR F 80 44.05 5.63 10.85
CA TYR F 80 43.39 6.93 10.76
C TYR F 80 42.00 6.88 11.42
N SER F 95 38.89 25.54 6.94
CA SER F 95 37.77 24.66 7.28
C SER F 95 36.66 24.73 6.22
N LEU F 96 35.57 24.01 6.49
CA LEU F 96 34.46 23.88 5.56
C LEU F 96 33.13 24.12 6.26
N GLN F 97 32.12 24.43 5.45
CA GLN F 97 30.77 24.74 5.93
C GLN F 97 30.00 23.43 6.10
N GLU F 98 29.56 23.14 7.32
CA GLU F 98 28.75 21.95 7.57
C GLU F 98 27.29 22.30 7.83
N ARG F 102 21.92 20.31 10.52
CA ARG F 102 21.11 21.52 10.53
C ARG F 102 19.63 21.16 10.69
N LYS F 103 18.81 22.14 11.08
CA LYS F 103 17.40 21.95 11.39
C LYS F 103 16.53 22.60 10.33
N CYS F 104 15.37 21.99 10.08
CA CYS F 104 14.47 22.42 9.02
C CYS F 104 13.42 23.41 9.49
N ASP F 105 13.67 24.14 10.58
CA ASP F 105 12.68 25.06 11.11
C ASP F 105 12.91 26.51 10.71
N GLY F 106 14.08 26.83 10.17
CA GLY F 106 14.38 28.19 9.79
C GLY F 106 13.98 28.55 8.38
N LEU F 107 13.49 27.57 7.62
CA LEU F 107 13.11 27.79 6.23
C LEU F 107 11.79 28.54 6.15
N LYS F 108 11.85 29.80 5.76
CA LYS F 108 10.65 30.62 5.62
C LYS F 108 10.00 30.47 4.26
N MET F 109 10.67 29.82 3.29
CA MET F 109 10.14 29.65 1.95
C MET F 109 10.21 28.18 1.55
N GLU F 110 9.10 27.69 1.02
CA GLU F 110 9.00 26.32 0.54
C GLU F 110 9.58 26.14 -0.86
N HIS F 111 9.70 27.23 -1.61
CA HIS F 111 10.27 27.23 -2.95
C HIS F 111 11.11 28.50 -3.13
N VAL F 112 12.26 28.35 -3.77
CA VAL F 112 13.15 29.47 -4.05
C VAL F 112 13.54 29.40 -5.52
N SER F 113 13.51 30.54 -6.20
CA SER F 113 13.97 30.65 -7.58
C SER F 113 15.20 31.55 -7.64
N VAL F 114 16.20 31.12 -8.41
CA VAL F 114 17.42 31.87 -8.62
C VAL F 114 17.62 32.08 -10.12
N LEU F 115 17.65 33.34 -10.54
CA LEU F 115 17.97 33.71 -11.91
C LEU F 115 19.42 34.17 -11.97
N VAL F 116 20.21 33.47 -12.77
CA VAL F 116 21.60 33.83 -13.01
C VAL F 116 21.58 35.00 -13.99
N LYS F 117 21.67 36.22 -13.44
CA LYS F 117 21.51 37.42 -14.27
C LYS F 117 22.82 37.81 -14.94
N GLY F 118 23.95 37.64 -14.26
CA GLY F 118 25.23 37.96 -14.85
C GLY F 118 26.28 36.90 -14.56
N TRP F 119 27.09 36.57 -15.56
CA TRP F 119 28.06 35.50 -15.38
C TRP F 119 29.17 35.64 -16.41
N THR F 120 30.29 34.98 -16.12
CA THR F 120 31.39 34.85 -17.06
C THR F 120 31.70 33.41 -17.41
N TRP F 121 31.54 32.48 -16.46
CA TRP F 121 31.86 31.07 -16.66
C TRP F 121 30.81 30.10 -16.13
N ILE F 122 29.81 30.53 -15.37
CA ILE F 122 28.85 29.64 -14.72
C ILE F 122 28.22 28.72 -15.76
N PRO F 123 28.26 27.41 -15.55
CA PRO F 123 27.86 26.49 -16.62
C PRO F 123 26.35 26.43 -16.79
N ASP F 124 25.92 26.20 -18.04
CA ASP F 124 24.50 26.04 -18.31
C ASP F 124 23.92 24.82 -17.61
N ASN F 125 24.69 23.74 -17.56
CA ASN F 125 24.18 22.50 -16.97
C ASN F 125 24.02 22.58 -15.45
N LEU F 126 24.21 23.73 -14.81
CA LEU F 126 23.70 23.89 -13.45
C LEU F 126 22.20 24.12 -13.44
N ASP F 127 21.61 24.54 -14.57
CA ASP F 127 20.19 24.85 -14.64
C ASP F 127 19.35 23.62 -14.36
N ASN F 128 18.44 23.73 -13.39
CA ASN F 128 17.59 22.60 -13.04
C ASN F 128 16.55 23.07 -12.03
N LEU F 129 15.48 22.27 -11.91
CA LEU F 129 14.54 22.40 -10.81
C LEU F 129 14.94 21.33 -9.79
N TYR F 130 15.78 21.72 -8.84
CA TYR F 130 16.31 20.82 -7.84
C TYR F 130 15.30 20.59 -6.73
N SER F 131 15.31 19.39 -6.18
CA SER F 131 14.59 19.06 -4.96
C SER F 131 15.62 18.95 -3.84
N CYS F 132 15.51 19.82 -2.85
CA CYS F 132 16.51 19.92 -1.79
C CYS F 132 15.97 19.31 -0.51
N ARG F 133 16.79 19.36 0.55
CA ARG F 133 16.37 18.79 1.81
C ARG F 133 15.27 19.65 2.43
N CYS F 134 14.58 19.08 3.42
CA CYS F 134 13.50 19.74 4.15
C CYS F 134 12.35 20.10 3.22
N GLY F 135 12.20 19.35 2.13
CA GLY F 135 11.12 19.57 1.19
C GLY F 135 11.18 20.88 0.43
N LEU F 136 12.37 21.45 0.28
CA LEU F 136 12.54 22.72 -0.41
C LEU F 136 12.81 22.49 -1.89
N SER F 137 12.13 23.23 -2.74
CA SER F 137 12.39 23.20 -4.17
C SER F 137 13.16 24.44 -4.59
N CYS F 138 14.03 24.27 -5.58
CA CYS F 138 15.00 25.30 -5.95
C CYS F 138 15.11 25.34 -7.47
N LEU F 139 14.60 26.40 -8.09
CA LEU F 139 14.62 26.53 -9.53
C LEU F 139 15.78 27.45 -9.93
N TRP F 140 16.84 26.88 -10.48
CA TRP F 140 18.06 27.61 -10.86
C TRP F 140 18.13 27.69 -12.37
N THR F 141 18.18 28.90 -12.91
CA THR F 141 18.15 29.02 -14.37
C THR F 141 18.78 30.33 -14.82
N LYS F 142 19.16 30.37 -16.10
CA LYS F 142 19.53 31.61 -16.78
C LYS F 142 18.41 32.22 -17.60
N SER F 143 17.21 31.63 -17.58
CA SER F 143 16.12 32.06 -18.44
C SER F 143 15.14 32.93 -17.66
N SER F 144 14.91 34.16 -18.15
CA SER F 144 13.90 35.02 -17.56
C SER F 144 12.48 34.58 -17.89
N VAL F 145 12.31 33.64 -18.81
CA VAL F 145 10.99 33.06 -19.05
C VAL F 145 10.68 31.97 -18.02
N LEU F 146 11.68 31.14 -17.70
CA LEU F 146 11.49 30.13 -16.66
C LEU F 146 11.23 30.77 -15.30
N VAL F 147 11.96 31.83 -14.97
CA VAL F 147 11.71 32.59 -13.75
C VAL F 147 11.62 34.06 -14.15
N ASP F 148 10.41 34.60 -14.16
CA ASP F 148 10.20 36.01 -14.45
C ASP F 148 10.12 36.86 -13.20
N LYS F 149 9.95 36.26 -12.03
CA LYS F 149 9.94 36.97 -10.76
C LYS F 149 10.86 36.23 -9.78
N PRO F 150 12.17 36.31 -9.99
CA PRO F 150 13.10 35.57 -9.13
C PRO F 150 13.15 36.10 -7.71
N ASP F 151 13.37 35.19 -6.78
CA ASP F 151 13.62 35.57 -5.39
C ASP F 151 15.03 36.07 -5.18
N ALA F 152 15.97 35.69 -6.05
CA ALA F 152 17.36 36.07 -5.92
C ALA F 152 17.97 36.16 -7.32
N LEU F 153 18.85 37.16 -7.51
CA LEU F 153 19.61 37.31 -8.73
C LEU F 153 21.08 37.00 -8.43
N LEU F 154 21.67 36.13 -9.24
CA LEU F 154 23.07 35.77 -9.08
C LEU F 154 23.92 36.54 -10.09
N PHE F 155 24.97 37.18 -9.59
CA PHE F 155 25.95 37.83 -10.45
C PHE F 155 27.30 37.19 -10.18
N GLU F 156 27.82 36.48 -11.17
CA GLU F 156 29.13 35.86 -11.09
C GLU F 156 30.12 36.75 -11.83
N THR F 157 31.00 37.39 -11.06
CA THR F 157 32.02 38.31 -11.58
C THR F 157 31.39 39.36 -12.49
N THR F 158 30.21 39.85 -12.10
CA THR F 158 29.52 40.92 -12.78
C THR F 158 28.87 41.82 -11.74
N THR F 159 28.70 43.09 -12.11
CA THR F 159 28.30 44.09 -11.14
C THR F 159 26.82 43.98 -10.80
N PRO F 160 26.46 43.79 -9.53
CA PRO F 160 25.05 43.76 -9.15
C PRO F 160 24.43 45.14 -9.21
N PRO F 161 23.12 45.26 -8.97
CA PRO F 161 22.49 46.58 -8.98
C PRO F 161 23.05 47.47 -7.87
N LEU F 162 23.05 48.79 -8.15
CA LEU F 162 23.65 49.75 -7.23
C LEU F 162 22.84 49.89 -5.95
N GLN F 163 21.54 49.62 -6.00
CA GLN F 163 20.67 49.73 -4.85
C GLN F 163 19.65 48.59 -4.85
N ARG F 164 19.15 48.26 -3.67
CA ARG F 164 18.06 47.30 -3.52
C ARG F 164 16.96 47.89 -2.66
N ARG F 165 15.77 48.03 -3.23
CA ARG F 165 14.60 48.36 -2.44
C ARG F 165 13.96 47.07 -1.94
N SER F 166 13.29 47.14 -0.80
CA SER F 166 12.67 45.94 -0.25
C SER F 166 11.56 45.48 -1.20
N GLY F 167 11.47 44.16 -1.38
CA GLY F 167 10.62 43.58 -2.40
C GLY F 167 11.30 43.37 -3.73
N ASP F 168 12.54 43.84 -3.89
CA ASP F 168 13.37 43.49 -5.02
C ASP F 168 14.03 42.14 -4.74
N PRO F 169 14.44 41.42 -5.78
CA PRO F 169 15.14 40.15 -5.54
C PRO F 169 16.45 40.40 -4.81
N LEU F 170 16.84 39.43 -3.99
CA LEU F 170 18.13 39.51 -3.31
C LEU F 170 19.27 39.50 -4.33
N ARG F 171 20.28 40.32 -4.07
CA ARG F 171 21.45 40.41 -4.92
C ARG F 171 22.53 39.49 -4.36
N VAL F 172 22.95 38.52 -5.17
CA VAL F 172 23.96 37.53 -4.78
C VAL F 172 25.15 37.71 -5.73
N TYR F 173 26.33 37.93 -5.16
CA TYR F 173 27.55 38.07 -5.94
C TYR F 173 28.46 36.88 -5.69
N MET F 174 29.13 36.43 -6.75
CA MET F 174 29.94 35.22 -6.69
C MET F 174 31.27 35.45 -7.38
N ASP F 175 32.35 35.06 -6.71
CA ASP F 175 33.70 35.08 -7.27
C ASP F 175 34.48 33.97 -6.59
N LEU F 176 34.97 33.03 -7.37
CA LEU F 176 35.75 31.92 -6.84
C LEU F 176 37.25 32.13 -6.98
N GLU F 177 37.68 33.27 -7.54
CA GLU F 177 39.10 33.57 -7.63
C GLU F 177 39.66 33.93 -6.26
N ALA F 178 40.96 33.69 -6.10
CA ALA F 178 41.60 33.94 -4.80
C ALA F 178 41.45 35.39 -4.38
N GLY F 179 41.20 35.60 -3.10
CA GLY F 179 41.10 36.93 -2.53
C GLY F 179 39.79 37.24 -1.84
N ARG F 180 38.72 36.52 -2.17
CA ARG F 180 37.40 36.76 -1.62
C ARG F 180 36.98 38.21 -1.80
N LYS F 181 37.20 38.73 -3.00
CA LYS F 181 36.89 40.12 -3.31
C LYS F 181 35.39 40.25 -3.60
N ARG F 182 34.68 40.96 -2.74
CA ARG F 182 33.27 41.23 -2.98
C ARG F 182 33.11 42.44 -3.88
N SER F 183 31.87 42.70 -4.28
CA SER F 183 31.54 43.84 -5.12
C SER F 183 31.08 45.05 -4.33
N GLY F 184 30.70 44.86 -3.06
CA GLY F 184 30.12 45.91 -2.26
C GLY F 184 28.67 46.21 -2.56
N LEU F 185 28.08 45.54 -3.55
CA LEU F 185 26.69 45.77 -3.94
C LEU F 185 25.83 44.52 -3.79
N GLU F 186 26.24 43.58 -2.96
CA GLU F 186 25.54 42.31 -2.80
C GLU F 186 24.95 42.18 -1.41
N ASP F 187 23.87 41.42 -1.32
CA ASP F 187 23.32 41.02 -0.04
C ASP F 187 23.86 39.68 0.43
N MET F 188 24.41 38.89 -0.49
CA MET F 188 25.01 37.59 -0.19
C MET F 188 26.23 37.41 -1.06
N PHE F 189 27.28 36.81 -0.50
CA PHE F 189 28.54 36.61 -1.20
C PHE F 189 28.88 35.13 -1.22
N ILE F 190 29.21 34.63 -2.41
CA ILE F 190 29.64 33.26 -2.62
C ILE F 190 31.11 33.26 -3.02
N SER F 191 31.91 32.46 -2.32
CA SER F 191 33.31 32.29 -2.69
C SER F 191 33.71 30.87 -2.33
N TYR F 192 35.01 30.58 -2.45
CA TYR F 192 35.57 29.28 -2.10
C TYR F 192 35.76 29.12 -0.60
N HIS F 193 35.57 30.18 0.18
CA HIS F 193 35.92 30.20 1.59
C HIS F 193 34.71 29.89 2.45
N ALA F 194 34.95 29.20 3.57
CA ALA F 194 33.86 28.78 4.44
C ALA F 194 33.26 29.92 5.24
N LYS F 195 33.98 31.03 5.40
CA LYS F 195 33.52 32.14 6.22
C LYS F 195 32.73 33.18 5.43
N ASP F 196 32.45 32.94 4.16
CA ASP F 196 31.54 33.79 3.42
C ASP F 196 30.12 33.21 3.53
N ASP F 197 29.16 33.84 2.84
CA ASP F 197 27.76 33.49 3.06
C ASP F 197 27.46 32.06 2.60
N VAL F 198 27.81 31.72 1.37
CA VAL F 198 27.66 30.36 0.86
C VAL F 198 28.96 29.95 0.23
N GLN F 199 29.50 28.80 0.65
CA GLN F 199 30.78 28.33 0.15
C GLN F 199 30.57 27.48 -1.09
N SER F 200 31.51 27.60 -2.04
CA SER F 200 31.52 26.76 -3.23
C SER F 200 32.96 26.30 -3.47
N THR F 201 33.27 25.08 -3.06
CA THR F 201 34.60 24.54 -3.28
C THR F 201 34.74 24.07 -4.73
N TYR F 202 35.98 23.77 -5.11
CA TYR F 202 36.27 23.33 -6.47
C TYR F 202 36.17 21.82 -6.65
N ALA F 203 35.88 21.08 -5.59
CA ALA F 203 35.84 19.62 -5.65
C ALA F 203 34.48 19.13 -6.13
N GLY F 204 34.12 19.55 -7.35
CA GLY F 204 32.86 19.20 -7.95
C GLY F 204 33.06 18.65 -9.35
N ALA F 205 31.98 18.06 -9.88
CA ALA F 205 32.00 17.48 -11.20
C ALA F 205 31.21 18.27 -12.22
N LEU F 206 30.45 19.29 -11.80
CA LEU F 206 29.56 19.98 -12.71
C LEU F 206 30.25 21.03 -13.57
N PHE F 207 31.29 21.70 -13.09
CA PHE F 207 32.15 22.38 -14.06
C PHE F 207 32.79 21.31 -14.93
N HIS F 208 32.73 21.51 -16.25
CA HIS F 208 33.38 20.63 -17.21
C HIS F 208 32.73 19.24 -17.18
N ASN F 209 31.40 19.22 -17.21
CA ASN F 209 30.66 17.96 -17.15
C ASN F 209 30.85 17.13 -18.41
N GLY F 210 30.84 17.77 -19.58
CA GLY F 210 31.01 17.05 -20.84
C GLY F 210 32.46 16.78 -21.17
N ARG F 211 33.07 15.81 -20.49
CA ARG F 211 34.48 15.49 -20.64
CA ARG F 211 34.48 15.49 -20.65
C ARG F 211 34.64 14.01 -20.96
N ASN F 212 35.88 13.62 -21.22
CA ASN F 212 36.21 12.21 -21.44
C ASN F 212 36.44 11.56 -20.09
N TYR F 213 35.83 10.38 -19.88
CA TYR F 213 35.87 9.70 -18.59
C TYR F 213 36.78 8.48 -18.58
N GLN F 214 37.58 8.27 -19.62
CA GLN F 214 38.51 7.15 -19.61
C GLN F 214 39.55 7.34 -18.51
N VAL F 215 39.84 6.27 -17.79
CA VAL F 215 40.89 6.24 -16.78
C VAL F 215 41.84 5.12 -17.15
N SER F 216 43.10 5.48 -17.40
CA SER F 216 44.07 4.50 -17.86
C SER F 216 44.38 3.46 -16.79
N SER F 217 44.49 2.20 -17.22
CA SER F 217 44.91 1.09 -16.37
C SER F 217 46.41 0.87 -16.41
N TYR F 218 47.14 1.67 -17.19
CA TYR F 218 48.58 1.56 -17.35
C TYR F 218 49.22 2.90 -16.98
N LYS F 219 50.17 2.85 -16.05
CA LYS F 219 50.97 4.02 -15.66
C LYS F 219 52.29 4.03 -16.43
N ASN F 220 52.76 5.23 -16.74
CA ASN F 220 54.05 5.36 -17.40
C ASN F 220 55.18 4.92 -16.48
N ASN F 221 56.15 4.21 -17.06
CA ASN F 221 57.31 3.68 -16.35
C ASN F 221 58.40 4.74 -16.16
N ASP F 222 58.71 5.47 -17.24
CA ASP F 222 59.77 6.48 -17.27
C ASP F 222 59.30 7.87 -16.84
N THR F 223 58.32 8.42 -17.55
CA THR F 223 57.81 9.75 -17.25
C THR F 223 56.90 9.67 -16.05
N LEU F 224 57.22 10.41 -14.98
CA LEU F 224 56.51 10.24 -13.74
C LEU F 224 55.55 11.38 -13.41
N VAL F 225 55.72 12.56 -13.98
CA VAL F 225 55.00 13.74 -13.55
C VAL F 225 54.32 14.37 -14.75
N TYR F 226 53.03 14.69 -14.60
CA TYR F 226 52.28 15.47 -15.56
C TYR F 226 52.21 16.91 -15.07
N TRP F 227 52.40 17.86 -15.98
CA TRP F 227 52.19 19.25 -15.62
C TRP F 227 51.65 19.99 -16.83
N SER F 228 50.77 20.95 -16.58
CA SER F 228 50.24 21.79 -17.66
C SER F 228 49.96 23.17 -17.10
N SER F 229 50.60 24.18 -17.67
CA SER F 229 50.34 25.57 -17.33
C SER F 229 50.57 26.42 -18.56
N SER F 230 49.69 27.40 -18.77
CA SER F 230 49.79 28.28 -19.93
C SER F 230 49.79 29.77 -19.60
N ARG F 231 49.59 30.14 -18.34
CA ARG F 231 49.77 31.51 -17.87
C ARG F 231 51.02 31.49 -17.01
N CYS F 232 52.16 31.87 -17.61
CA CYS F 232 53.46 31.66 -17.00
C CYS F 232 53.71 32.76 -15.96
N LEU F 233 53.53 32.42 -14.69
CA LEU F 233 53.85 33.32 -13.59
C LEU F 233 55.27 33.06 -13.10
N PRO F 234 56.03 34.11 -12.82
CA PRO F 234 57.47 33.93 -12.53
C PRO F 234 57.78 33.02 -11.36
N GLN F 235 57.14 33.22 -10.21
CA GLN F 235 57.43 32.38 -9.05
C GLN F 235 57.06 30.93 -9.31
N ARG F 236 55.87 30.69 -9.88
CA ARG F 236 55.45 29.33 -10.19
C ARG F 236 56.38 28.70 -11.21
N ASN F 237 56.79 29.45 -12.23
CA ASN F 237 57.69 28.90 -13.23
C ASN F 237 59.06 28.56 -12.64
N ARG F 238 59.57 29.39 -11.74
CA ARG F 238 60.84 29.07 -11.09
C ARG F 238 60.73 27.77 -10.32
N LEU F 239 59.67 27.64 -9.52
CA LEU F 239 59.47 26.42 -8.74
C LEU F 239 59.33 25.20 -9.65
N ALA F 240 58.54 25.35 -10.73
CA ALA F 240 58.31 24.24 -11.65
C ALA F 240 59.59 23.82 -12.35
N LYS F 241 60.36 24.79 -12.85
CA LYS F 241 61.61 24.44 -13.53
C LYS F 241 62.55 23.70 -12.58
N ASN F 242 62.70 24.21 -11.36
CA ASN F 242 63.62 23.55 -10.43
C ASN F 242 63.16 22.14 -10.08
N LEU F 243 61.86 21.94 -9.85
CA LEU F 243 61.41 20.61 -9.47
C LEU F 243 61.42 19.65 -10.64
N LEU F 244 60.94 20.09 -11.81
CA LEU F 244 60.86 19.22 -12.98
C LEU F 244 62.24 18.88 -13.53
N SER F 245 63.26 19.68 -13.24
CA SER F 245 64.61 19.29 -13.65
C SER F 245 65.08 18.03 -12.93
N LEU F 246 64.47 17.68 -11.80
CA LEU F 246 64.83 16.51 -11.03
C LEU F 246 63.91 15.32 -11.27
N LEU F 247 62.85 15.48 -12.06
CA LEU F 247 61.88 14.42 -12.27
C LEU F 247 61.56 14.29 -13.75
N PRO F 248 61.61 13.07 -14.30
CA PRO F 248 61.15 12.88 -15.67
C PRO F 248 59.67 13.24 -15.77
N HIS F 249 59.32 14.05 -16.76
CA HIS F 249 58.02 14.69 -16.75
C HIS F 249 57.56 14.99 -18.16
N HIS F 250 56.26 15.20 -18.30
CA HIS F 250 55.67 15.74 -19.51
C HIS F 250 54.94 17.02 -19.14
N SER F 251 55.30 18.12 -19.81
CA SER F 251 54.71 19.43 -19.59
C SER F 251 54.00 19.82 -20.88
N PHE F 252 52.67 19.83 -20.86
CA PHE F 252 51.90 19.98 -22.09
C PHE F 252 51.46 21.41 -22.36
N GLY F 253 51.54 22.30 -21.38
CA GLY F 253 51.08 23.66 -21.56
C GLY F 253 52.10 24.52 -22.29
N LYS F 254 51.78 25.81 -22.41
CA LYS F 254 52.68 26.74 -23.07
C LYS F 254 53.93 27.00 -22.25
N CYS F 255 53.86 26.85 -20.93
CA CYS F 255 54.99 27.14 -20.06
C CYS F 255 55.86 25.89 -19.92
N LEU F 256 57.16 26.05 -20.20
CA LEU F 256 58.13 24.97 -20.01
C LEU F 256 57.73 23.72 -20.79
N ASN F 257 57.24 23.92 -22.01
CA ASN F 257 56.78 22.81 -22.82
C ASN F 257 57.94 21.92 -23.23
N ASN F 258 57.80 20.61 -22.99
CA ASN F 258 58.82 19.64 -23.36
C ASN F 258 58.23 18.46 -24.14
N VAL F 259 57.05 18.64 -24.74
CA VAL F 259 56.36 17.59 -25.47
C VAL F 259 56.24 17.90 -26.96
N GLY F 260 56.68 19.07 -27.39
CA GLY F 260 56.70 19.39 -28.82
C GLY F 260 55.64 20.36 -29.29
N GLY F 261 54.91 21.01 -28.39
CA GLY F 261 53.89 21.94 -28.80
C GLY F 261 52.56 21.65 -28.14
N PRO F 262 51.51 22.31 -28.63
CA PRO F 262 50.18 22.13 -28.05
C PRO F 262 49.51 20.88 -28.59
N ASP F 263 48.40 20.53 -27.95
CA ASP F 263 47.57 19.40 -28.36
C ASP F 263 48.35 18.09 -28.43
N MET F 264 49.41 17.97 -27.64
CA MET F 264 50.20 16.75 -27.69
C MET F 264 49.58 15.64 -26.86
N ALA F 265 48.75 15.98 -25.87
CA ALA F 265 48.13 14.95 -25.05
C ALA F 265 47.25 14.03 -25.90
N LEU F 266 46.50 14.60 -26.84
CA LEU F 266 45.70 13.77 -27.72
C LEU F 266 46.56 12.99 -28.71
N SER F 267 47.76 13.47 -29.03
CA SER F 267 48.65 12.70 -29.89
C SER F 267 49.20 11.49 -29.16
N LEU F 268 49.61 11.66 -27.91
CA LEU F 268 50.12 10.53 -27.14
C LEU F 268 49.00 9.59 -26.71
N TYR F 269 47.81 10.13 -26.46
CA TYR F 269 46.70 9.34 -25.90
C TYR F 269 45.45 9.60 -26.74
N PRO F 270 45.36 8.98 -27.93
CA PRO F 270 44.20 9.25 -28.79
C PRO F 270 42.88 8.83 -28.19
N GLU F 271 42.88 7.85 -27.27
CA GLU F 271 41.66 7.40 -26.64
C GLU F 271 41.05 8.46 -25.73
N CYS F 272 41.78 9.53 -25.43
CA CYS F 272 41.30 10.61 -24.58
C CYS F 272 40.49 11.65 -25.33
N ASN F 273 40.25 11.46 -26.63
CA ASN F 273 39.47 12.42 -27.39
C ASN F 273 38.02 12.45 -26.92
N ASN F 274 37.46 13.66 -26.86
CA ASN F 274 36.07 13.92 -26.51
C ASN F 274 35.24 14.13 -27.78
N ASP F 275 34.67 13.03 -28.29
CA ASP F 275 33.86 13.03 -29.51
C ASP F 275 32.97 14.26 -29.69
N ALA F 276 32.43 14.81 -28.59
CA ALA F 276 31.51 15.93 -28.68
C ALA F 276 32.20 17.18 -29.21
N SER F 277 33.42 17.46 -28.76
CA SER F 277 34.08 18.72 -29.06
C SER F 277 34.45 18.80 -30.55
N VAL F 278 33.90 19.80 -31.24
CA VAL F 278 34.37 20.09 -32.59
C VAL F 278 35.83 20.51 -32.56
N LYS F 279 36.17 21.41 -31.64
CA LYS F 279 37.55 21.80 -31.38
C LYS F 279 37.91 21.42 -29.95
N PRO F 280 39.00 20.67 -29.74
CA PRO F 280 39.32 20.19 -28.39
C PRO F 280 39.70 21.33 -27.45
N ARG F 281 39.03 21.38 -26.31
CA ARG F 281 39.33 22.32 -25.24
C ARG F 281 40.15 21.63 -24.16
N TRP F 282 40.87 22.44 -23.38
CA TRP F 282 41.85 21.90 -22.43
C TRP F 282 41.19 21.01 -21.39
N TRP F 283 39.91 21.23 -21.08
CA TRP F 283 39.27 20.48 -20.01
C TRP F 283 38.54 19.24 -20.47
N ASP F 284 38.35 19.04 -21.79
CA ASP F 284 37.57 17.89 -22.23
C ASP F 284 38.36 16.59 -22.15
N HIS F 285 39.69 16.65 -22.04
CA HIS F 285 40.54 15.47 -22.04
C HIS F 285 41.58 15.49 -20.92
N LEU F 286 41.46 16.41 -19.96
CA LEU F 286 42.48 16.56 -18.92
C LEU F 286 42.57 15.33 -18.02
N HIS F 287 41.42 14.87 -17.49
CA HIS F 287 41.43 13.73 -16.58
C HIS F 287 42.05 12.50 -17.24
N CYS F 288 41.63 12.22 -18.48
CA CYS F 288 42.12 11.04 -19.17
C CYS F 288 43.64 11.10 -19.37
N ALA F 289 44.15 12.26 -19.79
CA ALA F 289 45.59 12.41 -19.96
C ALA F 289 46.33 12.23 -18.64
N MET F 290 45.84 12.87 -17.58
CA MET F 290 46.51 12.79 -16.28
C MET F 290 46.52 11.36 -15.75
N SER F 291 45.52 10.55 -16.08
CA SER F 291 45.47 9.20 -15.53
C SER F 291 46.66 8.35 -15.92
N HIS F 292 47.39 8.71 -16.99
CA HIS F 292 48.55 7.93 -17.42
C HIS F 292 49.79 8.16 -16.55
N TYR F 293 49.81 9.20 -15.73
CA TYR F 293 51.00 9.55 -14.96
C TYR F 293 50.79 9.23 -13.49
N LYS F 294 51.84 8.72 -12.84
CA LYS F 294 51.75 8.41 -11.42
C LYS F 294 51.55 9.66 -10.58
N PHE F 295 52.04 10.81 -11.05
CA PHE F 295 51.98 12.04 -10.29
C PHE F 295 51.56 13.20 -11.18
N VAL F 296 50.86 14.17 -10.59
CA VAL F 296 50.47 15.40 -11.26
C VAL F 296 50.99 16.56 -10.42
N LEU F 297 51.71 17.47 -11.06
CA LEU F 297 52.23 18.64 -10.38
C LEU F 297 51.15 19.72 -10.38
N ALA F 298 50.79 20.19 -9.19
CA ALA F 298 49.72 21.18 -9.02
C ALA F 298 50.26 22.35 -8.22
N ILE F 299 50.46 23.48 -8.90
CA ILE F 299 50.94 24.71 -8.29
C ILE F 299 49.88 25.79 -8.53
N GLU F 300 49.27 26.27 -7.44
CA GLU F 300 48.26 27.30 -7.54
C GLU F 300 48.88 28.62 -7.98
N ASN F 301 48.06 29.47 -8.60
CA ASN F 301 48.51 30.81 -8.97
C ASN F 301 48.61 31.75 -7.79
N THR F 302 48.03 31.40 -6.64
CA THR F 302 48.05 32.22 -5.45
C THR F 302 48.08 31.30 -4.24
N VAL F 303 48.92 31.63 -3.27
CA VAL F 303 48.99 30.87 -2.02
C VAL F 303 48.22 31.67 -0.99
N THR F 304 47.00 31.23 -0.68
CA THR F 304 46.16 31.90 0.30
C THR F 304 45.22 30.88 0.92
N GLU F 305 44.60 31.29 2.03
CA GLU F 305 43.81 30.37 2.83
C GLU F 305 42.62 29.83 2.05
N SER F 306 42.43 28.51 2.10
CA SER F 306 41.31 27.75 1.54
C SER F 306 41.25 27.78 0.01
N TYR F 307 42.25 28.32 -0.67
CA TYR F 307 42.21 28.41 -2.13
C TYR F 307 42.82 27.12 -2.68
N VAL F 308 41.98 26.09 -2.80
CA VAL F 308 42.35 24.81 -3.39
C VAL F 308 41.47 24.61 -4.63
N THR F 309 42.09 24.59 -5.79
CA THR F 309 41.35 24.55 -7.04
C THR F 309 41.39 23.15 -7.64
N GLU F 310 40.84 23.03 -8.86
CA GLU F 310 40.74 21.74 -9.55
C GLU F 310 42.10 21.17 -9.92
N LYS F 311 43.18 21.96 -9.84
CA LYS F 311 44.50 21.41 -10.12
C LYS F 311 44.80 20.21 -9.21
N LEU F 312 44.28 20.21 -8.00
CA LEU F 312 44.41 19.07 -7.09
C LEU F 312 43.26 18.08 -7.27
N PHE F 313 42.03 18.59 -7.29
CA PHE F 313 40.87 17.71 -7.24
C PHE F 313 40.75 16.86 -8.49
N TYR F 314 41.10 17.41 -9.66
CA TYR F 314 41.06 16.62 -10.88
C TYR F 314 42.06 15.48 -10.84
N ALA F 315 43.22 15.70 -10.19
CA ALA F 315 44.15 14.59 -10.00
C ALA F 315 43.51 13.51 -9.13
N LEU F 316 42.82 13.93 -8.06
CA LEU F 316 42.11 12.93 -7.26
C LEU F 316 41.01 12.23 -8.07
N ASP F 317 40.48 12.90 -9.11
CA ASP F 317 39.48 12.29 -9.98
C ASP F 317 40.08 11.32 -10.98
N SER F 318 41.39 11.34 -11.20
CA SER F 318 42.00 10.58 -12.29
C SER F 318 42.95 9.49 -11.80
N VAL F 319 42.84 9.08 -10.54
CA VAL F 319 43.66 8.03 -9.96
C VAL F 319 45.12 8.42 -10.17
N SER F 320 45.44 9.66 -9.82
CA SER F 320 46.81 10.16 -9.88
C SER F 320 47.09 10.96 -8.61
N VAL F 321 48.31 10.83 -8.10
CA VAL F 321 48.71 11.48 -6.85
C VAL F 321 49.24 12.87 -7.18
N PRO F 322 48.65 13.94 -6.62
CA PRO F 322 49.16 15.28 -6.89
C PRO F 322 50.31 15.68 -5.97
N ILE F 323 51.32 16.31 -6.57
CA ILE F 323 52.40 16.98 -5.84
C ILE F 323 51.99 18.44 -5.75
N TYR F 324 51.60 18.88 -4.55
CA TYR F 324 50.82 20.10 -4.40
C TYR F 324 51.60 21.23 -3.76
N PHE F 325 51.53 22.41 -4.39
CA PHE F 325 52.06 23.67 -3.85
C PHE F 325 50.91 24.68 -3.90
N GLY F 326 50.31 24.96 -2.74
CA GLY F 326 49.13 25.80 -2.70
C GLY F 326 48.69 26.23 -1.32
N ALA F 327 47.39 26.13 -1.05
CA ALA F 327 46.83 26.68 0.17
C ALA F 327 47.50 26.08 1.41
N PRO F 328 47.84 26.89 2.41
CA PRO F 328 48.48 26.35 3.61
C PRO F 328 47.59 25.40 4.39
N ASN F 329 46.27 25.53 4.31
CA ASN F 329 45.36 24.65 5.03
C ASN F 329 44.79 23.55 4.13
N VAL F 330 45.56 23.11 3.14
CA VAL F 330 45.03 22.17 2.15
C VAL F 330 44.61 20.87 2.80
N TRP F 331 45.26 20.46 3.90
CA TRP F 331 44.94 19.19 4.52
C TRP F 331 43.57 19.18 5.17
N ASP F 332 42.90 20.33 5.30
CA ASP F 332 41.52 20.35 5.74
C ASP F 332 40.54 19.98 4.63
N PHE F 333 41.02 19.84 3.39
CA PHE F 333 40.15 19.64 2.24
C PHE F 333 40.30 18.28 1.59
N VAL F 334 41.39 17.56 1.85
CA VAL F 334 41.75 16.38 1.06
C VAL F 334 41.62 15.12 1.91
N PRO F 335 41.55 13.94 1.30
CA PRO F 335 41.48 12.69 2.08
C PRO F 335 42.82 12.40 2.75
N PRO F 336 42.83 11.53 3.76
CA PRO F 336 44.10 11.20 4.42
C PRO F 336 45.06 10.52 3.45
N HIS F 337 46.33 10.93 3.52
CA HIS F 337 47.42 10.31 2.76
C HIS F 337 47.08 10.24 1.27
N SER F 338 46.60 11.35 0.73
CA SER F 338 46.15 11.43 -0.65
C SER F 338 47.00 12.30 -1.53
N ILE F 339 47.70 13.28 -0.96
CA ILE F 339 48.50 14.23 -1.73
C ILE F 339 49.91 14.27 -1.16
N ILE F 340 50.83 14.83 -1.94
CA ILE F 340 52.17 15.13 -1.48
C ILE F 340 52.28 16.65 -1.42
N ASP F 341 52.32 17.19 -0.20
CA ASP F 341 52.46 18.63 -0.02
C ASP F 341 53.94 18.99 -0.17
N GLY F 342 54.29 19.63 -1.28
CA GLY F 342 55.68 19.92 -1.56
C GLY F 342 56.31 20.88 -0.57
N THR F 343 55.49 21.74 0.06
CA THR F 343 56.03 22.69 1.02
C THR F 343 56.50 22.03 2.30
N LYS F 344 56.16 20.77 2.54
CA LYS F 344 56.57 20.06 3.75
C LYS F 344 57.91 19.36 3.60
N PHE F 345 58.70 19.73 2.59
CA PHE F 345 60.02 19.14 2.41
C PHE F 345 61.08 20.21 2.56
N LYS F 346 62.24 19.80 3.06
CA LYS F 346 63.33 20.74 3.32
C LYS F 346 63.88 21.30 2.00
N SER F 347 63.88 20.49 0.95
CA SER F 347 64.41 20.92 -0.33
C SER F 347 63.62 20.24 -1.44
N LEU F 348 63.71 20.83 -2.63
CA LEU F 348 63.11 20.22 -3.80
C LEU F 348 63.76 18.90 -4.15
N GLU F 349 65.06 18.76 -3.86
CA GLU F 349 65.77 17.51 -4.14
C GLU F 349 65.24 16.38 -3.27
N ALA F 350 64.95 16.66 -2.00
CA ALA F 350 64.37 15.64 -1.14
C ALA F 350 62.98 15.23 -1.63
N LEU F 351 62.20 16.20 -2.09
CA LEU F 351 60.88 15.89 -2.65
C LEU F 351 61.01 14.99 -3.88
N ALA F 352 61.92 15.32 -4.79
CA ALA F 352 62.09 14.51 -5.99
C ALA F 352 62.60 13.11 -5.64
N SER F 353 63.50 13.01 -4.65
CA SER F 353 63.98 11.71 -4.22
C SER F 353 62.84 10.87 -3.66
N TYR F 354 61.98 11.49 -2.84
CA TYR F 354 60.82 10.78 -2.30
C TYR F 354 59.90 10.31 -3.41
N VAL F 355 59.66 11.17 -4.40
CA VAL F 355 58.76 10.81 -5.51
C VAL F 355 59.34 9.68 -6.33
N LYS F 356 60.63 9.75 -6.65
CA LYS F 356 61.25 8.70 -7.46
C LYS F 356 61.26 7.36 -6.72
N ASP F 357 61.57 7.36 -5.42
CA ASP F 357 61.51 6.10 -4.68
C ASP F 357 60.07 5.59 -4.61
N LEU F 358 59.11 6.50 -4.46
CA LEU F 358 57.71 6.11 -4.39
C LEU F 358 57.27 5.45 -5.69
N ALA F 359 57.79 5.93 -6.83
CA ALA F 359 57.44 5.36 -8.12
C ALA F 359 57.89 3.92 -8.30
N ASN F 360 58.82 3.45 -7.46
CA ASN F 360 59.32 2.08 -7.54
C ASN F 360 58.82 1.21 -6.39
N ASP F 361 57.85 1.69 -5.62
CA ASP F 361 57.30 0.95 -4.49
C ASP F 361 55.80 0.87 -4.69
N PRO F 362 55.32 -0.13 -5.43
CA PRO F 362 53.87 -0.21 -5.72
C PRO F 362 53.00 -0.23 -4.47
N VAL F 363 53.45 -0.89 -3.40
CA VAL F 363 52.65 -0.92 -2.17
C VAL F 363 52.55 0.48 -1.57
N ALA F 364 53.67 1.18 -1.48
CA ALA F 364 53.66 2.53 -0.93
C ALA F 364 52.90 3.49 -1.84
N TYR F 365 52.95 3.27 -3.15
CA TYR F 365 52.17 4.10 -4.06
C TYR F 365 50.67 3.86 -3.87
N ALA F 366 50.26 2.60 -3.74
CA ALA F 366 48.85 2.28 -3.56
C ALA F 366 48.33 2.76 -2.21
N GLU F 367 49.22 2.94 -1.24
CA GLU F 367 48.81 3.58 0.01
C GLU F 367 48.17 4.93 -0.27
N TYR F 368 48.62 5.63 -1.32
CA TYR F 368 48.03 6.93 -1.65
C TYR F 368 46.65 6.83 -2.29
N HIS F 369 46.19 5.63 -2.66
CA HIS F 369 44.84 5.44 -3.16
C HIS F 369 43.96 4.69 -2.17
N ALA F 370 44.55 4.26 -1.04
CA ALA F 370 43.75 3.57 -0.03
C ALA F 370 42.58 4.42 0.47
N TRP F 371 42.69 5.75 0.40
CA TRP F 371 41.57 6.60 0.84
C TRP F 371 40.33 6.33 0.00
N ARG F 372 40.50 6.17 -1.31
CA ARG F 372 39.39 5.89 -2.21
C ARG F 372 38.97 4.44 -2.11
N ARG F 373 39.94 3.52 -2.12
CA ARG F 373 39.61 2.09 -2.17
C ARG F 373 39.01 1.60 -0.85
N CYS F 374 39.37 2.21 0.27
CA CYS F 374 38.86 1.79 1.56
C CYS F 374 37.74 2.68 2.08
N GLY F 375 37.34 3.68 1.30
CA GLY F 375 36.25 4.55 1.71
C GLY F 375 36.55 5.35 2.95
N VAL F 376 37.78 5.84 3.09
CA VAL F 376 38.13 6.73 4.18
C VAL F 376 38.39 8.10 3.60
N LEU F 377 37.35 8.92 3.52
CA LEU F 377 37.44 10.21 2.86
C LEU F 377 37.94 11.31 3.78
N GLY F 378 37.83 11.13 5.07
CA GLY F 378 38.22 12.18 6.00
C GLY F 378 37.38 13.40 5.76
N ASN F 379 38.03 14.53 5.51
CA ASN F 379 37.31 15.77 5.28
C ASN F 379 36.91 15.95 3.82
N TYR F 380 37.43 15.10 2.92
CA TYR F 380 37.13 15.25 1.51
C TYR F 380 35.63 15.18 1.25
N GLY F 381 34.92 14.34 2.00
CA GLY F 381 33.48 14.28 1.81
C GLY F 381 32.84 15.62 2.05
N LYS F 382 33.22 16.28 3.14
CA LYS F 382 32.68 17.60 3.42
C LYS F 382 33.04 18.56 2.30
N THR F 383 34.26 18.45 1.78
CA THR F 383 34.67 19.32 0.68
C THR F 383 33.75 19.12 -0.51
N ARG F 384 33.53 17.86 -0.90
CA ARG F 384 32.66 17.61 -2.04
C ARG F 384 31.21 17.96 -1.72
N ALA F 385 30.83 17.93 -0.45
CA ALA F 385 29.47 18.29 -0.11
C ALA F 385 29.20 19.77 -0.36
N VAL F 386 30.23 20.62 -0.34
CA VAL F 386 29.99 22.05 -0.53
C VAL F 386 30.66 22.55 -1.81
N SER F 387 30.71 21.71 -2.83
CA SER F 387 31.26 22.10 -4.12
C SER F 387 30.20 22.85 -4.93
N LEU F 388 30.53 23.16 -6.18
CA LEU F 388 29.58 23.82 -7.07
C LEU F 388 28.38 22.93 -7.34
N ASP F 389 28.57 21.60 -7.34
CA ASP F 389 27.51 20.68 -7.68
C ASP F 389 26.30 20.86 -6.79
N THR F 390 26.52 21.18 -5.51
CA THR F 390 25.45 21.38 -4.55
C THR F 390 25.17 22.86 -4.29
N LEU F 391 25.79 23.77 -5.03
CA LEU F 391 25.59 25.19 -4.77
C LEU F 391 24.14 25.64 -4.92
N PRO F 392 23.37 25.25 -5.95
CA PRO F 392 21.99 25.74 -6.05
C PRO F 392 21.17 25.50 -4.80
N CYS F 393 21.05 24.23 -4.40
CA CYS F 393 20.23 23.92 -3.22
C CYS F 393 20.69 24.71 -2.02
N ARG F 394 21.99 24.68 -1.73
CA ARG F 394 22.50 25.39 -0.56
C ARG F 394 22.22 26.89 -0.66
N LEU F 395 22.46 27.48 -1.84
CA LEU F 395 22.12 28.89 -2.00
C LEU F 395 20.63 29.10 -1.78
N CYS F 396 19.81 28.24 -2.38
CA CYS F 396 18.38 28.37 -2.20
C CYS F 396 18.02 28.28 -0.73
N GLU F 397 18.66 27.33 -0.02
CA GLU F 397 18.34 27.20 1.40
C GLU F 397 18.63 28.50 2.13
N ALA F 398 19.79 29.10 1.83
CA ALA F 398 20.13 30.35 2.49
C ALA F 398 19.12 31.44 2.15
N VAL F 399 18.72 31.51 0.87
CA VAL F 399 17.73 32.51 0.49
C VAL F 399 16.43 32.27 1.24
N SER F 400 16.05 31.00 1.40
CA SER F 400 14.81 30.70 2.10
C SER F 400 14.89 31.16 3.54
N ARG F 401 16.06 31.04 4.17
CA ARG F 401 16.17 31.46 5.55
C ARG F 401 16.08 32.97 5.70
N ARG F 402 16.39 33.73 4.63
CA ARG F 402 16.30 35.18 4.71
C ARG F 402 14.94 35.73 4.31
N GLY F 403 14.02 34.89 3.85
CA GLY F 403 12.74 35.36 3.39
C GLY F 403 12.67 35.79 1.94
N GLY F 404 13.77 35.70 1.20
CA GLY F 404 13.71 36.00 -0.23
C GLY F 404 13.48 37.47 -0.51
N ARG F 405 12.46 37.75 -1.32
CA ARG F 405 12.19 39.13 -1.74
C ARG F 405 11.91 40.05 -0.56
N ASN F 406 11.52 39.50 0.59
CA ASN F 406 11.23 40.29 1.78
C ASN F 406 12.49 40.32 2.64
N ALA F 407 13.25 41.40 2.54
CA ALA F 407 14.47 41.57 3.33
C ALA F 407 14.92 43.02 3.35
N PRO G 54 17.26 71.87 14.62
CA PRO G 54 17.61 72.60 13.39
C PRO G 54 18.75 73.59 13.64
N ASP G 55 19.98 73.11 13.56
CA ASP G 55 21.14 73.87 14.02
C ASP G 55 22.37 73.44 13.23
N PRO G 56 22.72 74.17 12.16
CA PRO G 56 23.96 73.87 11.44
C PRO G 56 25.17 74.24 12.28
N PHE G 57 25.37 73.49 13.36
CA PHE G 57 26.32 73.88 14.40
C PHE G 57 27.74 73.91 13.84
N THR G 58 28.59 74.73 14.46
CA THR G 58 29.99 74.78 14.10
C THR G 58 30.95 74.63 15.27
N ASP G 59 30.50 74.88 16.50
CA ASP G 59 31.34 74.78 17.68
C ASP G 59 31.30 73.34 18.16
N ILE G 60 32.37 72.58 17.90
CA ILE G 60 32.37 71.16 18.26
C ILE G 60 32.40 71.00 19.78
N ILE G 61 33.13 71.89 20.47
CA ILE G 61 33.20 71.80 21.93
C ILE G 61 31.85 72.13 22.55
N SER G 62 31.13 73.11 21.99
CA SER G 62 29.79 73.39 22.46
C SER G 62 28.87 72.19 22.23
N ALA G 63 29.01 71.51 21.10
CA ALA G 63 28.23 70.30 20.85
C ALA G 63 28.55 69.23 21.90
N PHE G 64 29.83 69.06 22.23
CA PHE G 64 30.20 68.10 23.28
C PHE G 64 29.55 68.47 24.60
N LYS G 65 29.58 69.75 24.95
CA LYS G 65 28.98 70.18 26.22
C LYS G 65 27.47 69.96 26.22
N LYS G 66 26.81 70.29 25.11
CA LYS G 66 25.37 70.06 25.03
C LYS G 66 25.04 68.57 25.17
N TRP G 67 25.83 67.71 24.52
CA TRP G 67 25.62 66.27 24.66
C TRP G 67 25.83 65.82 26.09
N ASP G 68 26.85 66.38 26.75
CA ASP G 68 27.10 66.04 28.15
C ASP G 68 25.90 66.42 29.01
N SER G 69 25.30 67.57 28.74
CA SER G 69 24.14 68.00 29.52
C SER G 69 22.92 67.13 29.25
N GLN G 70 22.67 66.78 27.98
CA GLN G 70 21.43 66.09 27.65
C GLN G 70 21.50 64.57 27.78
N VAL G 71 22.63 63.95 27.45
CA VAL G 71 22.76 62.49 27.44
C VAL G 71 23.69 62.00 28.55
N GLY G 72 24.96 62.38 28.49
CA GLY G 72 25.87 61.98 29.56
C GLY G 72 26.49 60.61 29.30
N CYS G 73 27.70 60.43 29.85
CA CYS G 73 28.44 59.20 29.62
C CYS G 73 27.81 57.99 30.30
N ALA G 74 27.09 58.20 31.41
CA ALA G 74 26.47 57.08 32.11
C ALA G 74 25.40 56.41 31.24
N ARG G 75 24.55 57.22 30.61
CA ARG G 75 23.54 56.66 29.72
C ARG G 75 24.18 55.96 28.54
N PHE G 76 25.26 56.54 28.01
CA PHE G 76 25.96 55.93 26.88
C PHE G 76 26.53 54.56 27.27
N ARG G 77 27.18 54.48 28.44
CA ARG G 77 27.74 53.20 28.86
C ARG G 77 26.66 52.16 29.10
N GLU G 78 25.52 52.58 29.66
CA GLU G 78 24.41 51.65 29.83
C GLU G 78 23.89 51.14 28.49
N LYS G 79 23.77 52.04 27.50
CA LYS G 79 23.19 51.69 26.20
C LYS G 79 24.06 50.69 25.42
N TYR G 80 25.37 50.66 25.66
CA TYR G 80 26.28 49.80 24.91
C TYR G 80 27.04 48.89 25.87
N ARG G 81 26.57 47.65 25.99
CA ARG G 81 27.13 46.65 26.89
C ARG G 81 27.25 47.17 28.32
N SER G 95 37.63 38.60 15.37
CA SER G 95 38.30 39.06 14.16
C SER G 95 39.67 39.67 14.48
N LEU G 96 40.09 39.57 15.75
CA LEU G 96 41.36 40.13 16.18
C LEU G 96 42.11 39.10 17.01
N GLN G 97 43.44 39.23 17.02
CA GLN G 97 44.32 38.27 17.69
C GLN G 97 44.56 38.65 19.14
N GLU G 98 44.07 37.83 20.06
CA GLU G 98 44.33 38.03 21.48
C GLU G 98 45.24 36.93 22.04
N LYS G 103 50.79 31.75 29.60
CA LYS G 103 51.02 33.09 29.07
C LYS G 103 52.49 33.29 28.73
N CYS G 104 53.34 33.40 29.76
CA CYS G 104 54.75 33.68 29.53
C CYS G 104 55.59 32.43 29.39
N ASP G 105 54.96 31.26 29.35
CA ASP G 105 55.69 30.02 29.18
C ASP G 105 55.56 29.61 27.70
N GLY G 106 56.57 28.91 27.23
CA GLY G 106 56.70 28.57 25.84
C GLY G 106 57.63 29.49 25.08
N LEU G 107 58.11 30.55 25.73
CA LEU G 107 59.07 31.46 25.12
C LEU G 107 60.43 30.79 25.20
N LYS G 108 60.93 30.33 24.06
CA LYS G 108 62.21 29.60 24.03
C LYS G 108 63.41 30.53 23.96
N MET G 109 63.19 31.82 23.69
CA MET G 109 64.26 32.81 23.58
C MET G 109 63.89 34.03 24.40
N GLU G 110 64.81 34.50 25.25
CA GLU G 110 64.55 35.75 25.97
C GLU G 110 64.90 36.98 25.13
N HIS G 111 65.64 36.81 24.04
CA HIS G 111 65.98 37.92 23.15
C HIS G 111 65.83 37.45 21.72
N VAL G 112 65.17 38.27 20.89
CA VAL G 112 64.94 37.95 19.49
C VAL G 112 65.37 39.16 18.65
N SER G 113 66.07 38.89 17.56
CA SER G 113 66.47 39.92 16.62
C SER G 113 65.77 39.70 15.28
N VAL G 114 65.25 40.78 14.71
CA VAL G 114 64.57 40.77 13.43
C VAL G 114 65.28 41.76 12.52
N LEU G 115 65.80 41.25 11.41
CA LEU G 115 66.40 42.06 10.37
C LEU G 115 65.41 42.20 9.22
N VAL G 116 65.00 43.43 8.93
CA VAL G 116 64.15 43.72 7.79
C VAL G 116 65.04 43.69 6.56
N LYS G 117 65.05 42.56 5.85
CA LYS G 117 65.96 42.36 4.73
C LYS G 117 65.42 42.97 3.44
N GLY G 118 64.11 42.86 3.22
CA GLY G 118 63.49 43.44 2.03
C GLY G 118 62.18 44.11 2.36
N TRP G 119 61.91 45.26 1.74
CA TRP G 119 60.68 46.00 2.03
C TRP G 119 60.38 46.94 0.87
N THR G 120 59.14 47.42 0.83
CA THR G 120 58.77 48.48 -0.08
C THR G 120 58.29 49.74 0.62
N TRP G 121 57.64 49.61 1.79
CA TRP G 121 57.09 50.76 2.50
C TRP G 121 57.37 50.77 3.99
N ILE G 122 57.87 49.68 4.58
CA ILE G 122 58.01 49.62 6.04
C ILE G 122 58.87 50.79 6.52
N PRO G 123 58.41 51.57 7.49
CA PRO G 123 59.11 52.81 7.85
C PRO G 123 60.36 52.54 8.69
N ASP G 124 61.33 53.43 8.55
CA ASP G 124 62.55 53.31 9.34
C ASP G 124 62.28 53.47 10.83
N ASN G 125 61.36 54.35 11.19
CA ASN G 125 61.17 54.62 12.63
C ASN G 125 60.51 53.45 13.38
N LEU G 126 60.28 52.28 12.77
CA LEU G 126 59.99 51.07 13.55
C LEU G 126 61.24 50.48 14.18
N ASP G 127 62.42 50.83 13.69
CA ASP G 127 63.66 50.26 14.20
C ASP G 127 63.86 50.65 15.66
N ASN G 128 64.03 49.65 16.53
CA ASN G 128 64.24 49.92 17.94
C ASN G 128 64.58 48.62 18.65
N LEU G 129 65.14 48.78 19.86
CA LEU G 129 65.31 47.69 20.81
C LEU G 129 64.14 47.78 21.79
N TYR G 130 63.08 47.03 21.48
CA TYR G 130 61.86 47.03 22.26
C TYR G 130 61.97 46.14 23.48
N SER G 131 61.28 46.57 24.55
CA SER G 131 61.06 45.74 25.73
C SER G 131 59.61 45.27 25.68
N CYS G 132 59.43 43.96 25.54
CA CYS G 132 58.14 43.34 25.32
C CYS G 132 57.68 42.64 26.59
N ARG G 133 56.55 41.94 26.50
CA ARG G 133 56.01 41.26 27.66
C ARG G 133 56.92 40.10 28.06
N CYS G 134 56.74 39.63 29.29
CA CYS G 134 57.46 38.46 29.83
C CYS G 134 58.98 38.65 29.79
N GLY G 135 59.44 39.89 29.89
CA GLY G 135 60.87 40.16 29.89
C GLY G 135 61.56 39.86 28.57
N LEU G 136 60.85 39.93 27.46
CA LEU G 136 61.42 39.64 26.15
C LEU G 136 61.97 40.93 25.53
N SER G 137 63.18 40.84 24.99
CA SER G 137 63.75 41.94 24.24
C SER G 137 63.70 41.64 22.75
N CYS G 138 63.49 42.69 21.96
CA CYS G 138 63.18 42.53 20.54
C CYS G 138 63.93 43.61 19.77
N LEU G 139 64.97 43.21 19.05
CA LEU G 139 65.80 44.16 18.30
C LEU G 139 65.37 44.13 16.84
N TRP G 140 64.65 45.16 16.42
CA TRP G 140 64.08 45.26 15.08
C TRP G 140 64.87 46.34 14.32
N THR G 141 65.47 45.96 13.19
CA THR G 141 66.27 46.95 12.48
C THR G 141 66.37 46.58 11.01
N LYS G 142 66.73 47.57 10.19
CA LYS G 142 67.08 47.36 8.79
C LYS G 142 68.59 47.28 8.58
N SER G 143 69.39 47.38 9.64
CA SER G 143 70.85 47.45 9.52
C SER G 143 71.46 46.08 9.85
N SER G 144 72.21 45.52 8.91
CA SER G 144 72.92 44.27 9.15
C SER G 144 74.13 44.44 10.05
N VAL G 145 74.55 45.67 10.34
CA VAL G 145 75.61 45.90 11.33
C VAL G 145 75.04 45.81 12.74
N LEU G 146 73.86 46.41 12.95
CA LEU G 146 73.18 46.28 14.23
C LEU G 146 72.82 44.83 14.54
N VAL G 147 72.36 44.09 13.52
CA VAL G 147 72.10 42.65 13.63
C VAL G 147 72.79 41.95 12.48
N ASP G 148 73.88 41.26 12.78
CA ASP G 148 74.61 40.47 11.80
C ASP G 148 74.22 38.99 11.82
N LYS G 149 73.56 38.53 12.87
CA LYS G 149 73.07 37.15 12.95
C LYS G 149 71.61 37.17 13.37
N PRO G 150 70.71 37.61 12.50
CA PRO G 150 69.31 37.73 12.88
C PRO G 150 68.69 36.37 13.13
N ASP G 151 67.76 36.34 14.09
CA ASP G 151 66.96 35.16 14.32
C ASP G 151 65.84 35.01 13.29
N ALA G 152 65.44 36.12 12.66
CA ALA G 152 64.37 36.10 11.68
C ALA G 152 64.62 37.19 10.64
N LEU G 153 64.33 36.87 9.39
CA LEU G 153 64.44 37.82 8.30
C LEU G 153 63.04 38.19 7.84
N LEU G 154 62.76 39.49 7.76
CA LEU G 154 61.46 39.97 7.32
C LEU G 154 61.55 40.41 5.86
N PHE G 155 60.63 39.92 5.06
CA PHE G 155 60.48 40.33 3.67
C PHE G 155 59.07 40.90 3.52
N GLU G 156 58.99 42.21 3.30
CA GLU G 156 57.72 42.87 3.09
C GLU G 156 57.56 43.09 1.59
N THR G 157 56.62 42.34 1.00
CA THR G 157 56.33 42.38 -0.44
C THR G 157 57.61 42.17 -1.26
N THR G 158 58.46 41.26 -0.78
CA THR G 158 59.69 40.87 -1.47
C THR G 158 59.88 39.37 -1.31
N THR G 159 60.56 38.77 -2.28
CA THR G 159 60.64 37.31 -2.36
C THR G 159 61.64 36.76 -1.36
N PRO G 160 61.23 35.87 -0.45
CA PRO G 160 62.18 35.26 0.49
C PRO G 160 63.03 34.20 -0.20
N PRO G 161 64.03 33.64 0.50
CA PRO G 161 64.83 32.56 -0.09
C PRO G 161 64.01 31.31 -0.38
N LEU G 162 64.46 30.55 -1.39
CA LEU G 162 63.72 29.37 -1.84
C LEU G 162 63.76 28.24 -0.83
N GLN G 163 64.82 28.16 -0.03
CA GLN G 163 64.98 27.10 0.95
C GLN G 163 65.59 27.66 2.22
N ARG G 164 65.38 26.96 3.32
CA ARG G 164 65.99 27.30 4.60
C ARG G 164 66.76 26.07 5.06
N ARG G 165 68.08 26.19 5.13
CA ARG G 165 68.97 25.14 5.59
C ARG G 165 69.09 25.19 7.12
N SER G 166 69.81 24.22 7.66
CA SER G 166 69.94 24.10 9.10
C SER G 166 70.64 25.32 9.70
N GLY G 167 70.07 25.87 10.76
CA GLY G 167 70.66 27.04 11.36
C GLY G 167 70.29 28.36 10.72
N ASP G 168 69.52 28.35 9.63
CA ASP G 168 69.21 29.61 8.98
C ASP G 168 68.10 30.36 9.69
N PRO G 169 68.06 31.69 9.54
CA PRO G 169 66.99 32.49 10.16
C PRO G 169 65.63 32.16 9.56
N LEU G 170 64.60 32.30 10.39
CA LEU G 170 63.23 32.11 9.94
C LEU G 170 62.87 33.14 8.87
N ARG G 171 62.15 32.68 7.86
CA ARG G 171 61.71 33.55 6.77
C ARG G 171 60.31 34.05 7.08
N VAL G 172 60.16 35.36 7.19
CA VAL G 172 58.90 36.00 7.50
C VAL G 172 58.53 36.86 6.30
N TYR G 173 57.34 36.62 5.74
CA TYR G 173 56.84 37.41 4.64
C TYR G 173 55.65 38.22 5.12
N MET G 174 55.55 39.45 4.64
CA MET G 174 54.56 40.38 5.13
C MET G 174 53.92 41.10 3.96
N ASP G 175 52.59 41.14 3.95
CA ASP G 175 51.83 41.89 2.96
C ASP G 175 50.53 42.33 3.61
N LEU G 176 50.30 43.64 3.64
CA LEU G 176 49.07 44.18 4.21
C LEU G 176 48.03 44.51 3.14
N GLU G 177 48.33 44.29 1.87
CA GLU G 177 47.34 44.51 0.82
C GLU G 177 46.29 43.42 0.85
N ALA G 178 45.10 43.76 0.37
CA ALA G 178 43.97 42.83 0.44
C ALA G 178 44.28 41.54 -0.31
N GLY G 179 43.86 40.42 0.27
CA GLY G 179 43.97 39.11 -0.37
C GLY G 179 44.74 38.08 0.42
N ARG G 180 45.60 38.50 1.36
CA ARG G 180 46.41 37.56 2.15
C ARG G 180 47.22 36.64 1.24
N LYS G 181 47.86 37.25 0.24
CA LYS G 181 48.63 36.50 -0.75
C LYS G 181 49.99 36.15 -0.16
N ARG G 182 50.19 34.88 0.16
CA ARG G 182 51.50 34.45 0.63
C ARG G 182 52.46 34.28 -0.54
N SER G 183 53.76 34.28 -0.21
CA SER G 183 54.79 34.02 -1.20
C SER G 183 55.05 32.54 -1.41
N GLY G 184 54.61 31.69 -0.49
CA GLY G 184 54.90 30.27 -0.54
C GLY G 184 56.30 29.91 -0.11
N LEU G 185 57.15 30.89 0.21
CA LEU G 185 58.54 30.63 0.60
C LEU G 185 58.84 31.14 2.01
N GLU G 186 57.82 31.28 2.84
CA GLU G 186 57.97 31.82 4.19
C GLU G 186 57.65 30.76 5.24
N ASP G 187 58.25 30.93 6.42
CA ASP G 187 57.88 30.13 7.58
C ASP G 187 56.82 30.81 8.43
N MET G 188 56.65 32.13 8.30
CA MET G 188 55.60 32.86 8.98
C MET G 188 55.08 33.95 8.05
N PHE G 189 53.78 34.20 8.13
CA PHE G 189 53.11 35.16 7.27
C PHE G 189 52.45 36.23 8.13
N ILE G 190 52.68 37.48 7.77
CA ILE G 190 52.08 38.63 8.44
C ILE G 190 51.11 39.28 7.47
N SER G 191 49.87 39.50 7.91
CA SER G 191 48.89 40.21 7.10
C SER G 191 48.00 41.00 8.04
N TYR G 192 46.94 41.60 7.48
CA TYR G 192 45.95 42.33 8.27
C TYR G 192 44.95 41.40 8.95
N HIS G 193 44.96 40.11 8.61
CA HIS G 193 43.92 39.19 9.03
C HIS G 193 44.35 38.41 10.27
N ALA G 194 43.37 38.11 11.13
CA ALA G 194 43.64 37.47 12.40
C ALA G 194 43.99 35.99 12.25
N LYS G 195 43.62 35.36 11.14
CA LYS G 195 43.85 33.93 10.95
C LYS G 195 45.19 33.63 10.31
N ASP G 196 46.03 34.64 10.11
CA ASP G 196 47.41 34.43 9.68
C ASP G 196 48.32 34.33 10.90
N ASP G 197 49.63 34.23 10.67
CA ASP G 197 50.54 33.95 11.78
C ASP G 197 50.59 35.11 12.77
N VAL G 198 50.87 36.31 12.30
CA VAL G 198 50.87 37.50 13.14
C VAL G 198 50.07 38.60 12.45
N GLN G 199 49.11 39.17 13.16
CA GLN G 199 48.23 40.18 12.59
C GLN G 199 48.82 41.57 12.75
N SER G 200 48.61 42.41 11.74
CA SER G 200 49.01 43.82 11.80
C SER G 200 47.87 44.66 11.22
N THR G 201 47.05 45.25 12.09
CA THR G 201 45.98 46.11 11.64
C THR G 201 46.53 47.47 11.25
N TYR G 202 45.67 48.29 10.64
CA TYR G 202 46.04 49.62 10.17
C TYR G 202 45.87 50.71 11.22
N ALA G 203 45.37 50.39 12.41
CA ALA G 203 45.08 51.39 13.43
C ALA G 203 46.32 51.69 14.28
N GLY G 204 47.36 52.20 13.60
CA GLY G 204 48.61 52.53 14.26
C GLY G 204 49.03 53.96 13.97
N ALA G 205 49.99 54.43 14.75
CA ALA G 205 50.50 55.79 14.64
C ALA G 205 51.93 55.88 14.13
N LEU G 206 52.67 54.77 14.06
CA LEU G 206 54.09 54.88 13.73
C LEU G 206 54.33 55.06 12.24
N PHE G 207 53.46 54.55 11.39
CA PHE G 207 53.54 54.89 9.98
C PHE G 207 52.98 56.30 9.80
N HIS G 208 53.70 57.12 9.02
CA HIS G 208 53.40 58.53 8.87
C HIS G 208 53.38 59.22 10.24
N ASN G 209 54.43 58.94 11.01
CA ASN G 209 54.59 59.47 12.37
C ASN G 209 54.83 60.97 12.39
N GLY G 210 55.66 61.48 11.49
CA GLY G 210 55.99 62.91 11.47
C GLY G 210 54.99 63.79 10.76
N ARG G 211 53.80 63.92 11.31
CA ARG G 211 52.70 64.65 10.69
CA ARG G 211 52.72 64.67 10.68
C ARG G 211 52.35 65.88 11.53
N ASN G 212 51.34 66.61 11.08
CA ASN G 212 50.78 67.72 11.84
C ASN G 212 49.70 67.17 12.76
N TYR G 213 49.73 67.58 14.03
CA TYR G 213 48.82 67.03 15.03
C TYR G 213 47.72 67.99 15.45
N GLN G 214 47.57 69.13 14.77
CA GLN G 214 46.51 70.07 15.11
C GLN G 214 45.15 69.50 14.79
N VAL G 215 44.20 69.71 15.70
CA VAL G 215 42.81 69.29 15.50
C VAL G 215 41.91 70.52 15.63
N SER G 216 41.16 70.81 14.57
CA SER G 216 40.32 72.01 14.54
C SER G 216 39.21 71.93 15.56
N SER G 217 38.92 73.08 16.20
CA SER G 217 37.78 73.19 17.11
C SER G 217 36.52 73.69 16.42
N TYR G 218 36.57 73.95 15.13
CA TYR G 218 35.42 74.43 14.38
C TYR G 218 35.16 73.50 13.21
N LYS G 219 33.94 73.03 13.08
CA LYS G 219 33.52 72.24 11.93
C LYS G 219 32.86 73.14 10.89
N ASN G 220 33.10 72.84 9.62
CA ASN G 220 32.48 73.60 8.56
C ASN G 220 30.97 73.39 8.57
N ASN G 221 30.23 74.47 8.41
CA ASN G 221 28.77 74.39 8.37
C ASN G 221 28.25 74.05 6.97
N ASP G 222 28.87 74.58 5.91
CA ASP G 222 28.38 74.28 4.57
C ASP G 222 28.92 72.96 4.06
N THR G 223 30.25 72.83 3.96
CA THR G 223 30.84 71.60 3.47
C THR G 223 30.85 70.55 4.56
N LEU G 224 30.26 69.39 4.27
CA LEU G 224 30.09 68.36 5.29
C LEU G 224 31.00 67.16 5.13
N VAL G 225 31.57 66.92 3.95
CA VAL G 225 32.28 65.68 3.67
C VAL G 225 33.66 65.99 3.10
N TYR G 226 34.67 65.32 3.63
CA TYR G 226 36.03 65.31 3.09
C TYR G 226 36.27 63.99 2.35
N TRP G 227 36.90 64.06 1.18
CA TRP G 227 37.32 62.84 0.49
C TRP G 227 38.59 63.12 -0.31
N SER G 228 39.46 62.11 -0.39
CA SER G 228 40.69 62.20 -1.17
C SER G 228 41.06 60.84 -1.73
N SER G 229 41.17 60.75 -3.05
CA SER G 229 41.64 59.54 -3.71
C SER G 229 42.41 59.92 -4.96
N SER G 230 43.50 59.20 -5.22
CA SER G 230 44.34 59.46 -6.38
C SER G 230 44.60 58.23 -7.24
N ARG G 231 44.15 57.05 -6.82
CA ARG G 231 44.15 55.85 -7.65
C ARG G 231 42.69 55.60 -8.00
N CYS G 232 42.30 56.03 -9.20
CA CYS G 232 40.89 56.08 -9.58
C CYS G 232 40.43 54.70 -10.03
N LEU G 233 39.71 54.02 -9.15
CA LEU G 233 39.11 52.74 -9.52
C LEU G 233 37.67 52.95 -9.99
N PRO G 234 37.28 52.24 -11.05
CA PRO G 234 35.95 52.52 -11.67
C PRO G 234 34.79 52.33 -10.70
N GLN G 235 34.77 51.24 -9.93
CA GLN G 235 33.67 51.01 -9.01
C GLN G 235 33.67 52.02 -7.88
N ARG G 236 34.84 52.27 -7.29
CA ARG G 236 34.94 53.25 -6.22
C ARG G 236 34.58 54.64 -6.73
N ASN G 237 35.06 55.01 -7.92
CA ASN G 237 34.74 56.32 -8.47
C ASN G 237 33.25 56.44 -8.76
N ARG G 238 32.64 55.33 -9.21
CA ARG G 238 31.20 55.30 -9.46
C ARG G 238 30.43 55.60 -8.18
N LEU G 239 30.76 54.87 -7.11
CA LEU G 239 30.08 55.07 -5.83
C LEU G 239 30.32 56.48 -5.30
N ALA G 240 31.56 56.95 -5.37
CA ALA G 240 31.90 58.26 -4.84
C ALA G 240 31.19 59.37 -5.59
N LYS G 241 31.16 59.30 -6.93
CA LYS G 241 30.47 60.34 -7.69
C LYS G 241 28.98 60.37 -7.34
N ASN G 242 28.35 59.19 -7.30
CA ASN G 242 26.92 59.17 -6.99
C ASN G 242 26.64 59.71 -5.59
N LEU G 243 27.47 59.33 -4.60
CA LEU G 243 27.20 59.77 -3.24
C LEU G 243 27.52 61.25 -3.05
N LEU G 244 28.67 61.71 -3.56
CA LEU G 244 29.08 63.09 -3.37
C LEU G 244 28.20 64.07 -4.13
N SER G 245 27.47 63.61 -5.16
CA SER G 245 26.51 64.53 -5.78
C SER G 245 25.40 64.94 -4.82
N LEU G 246 25.19 64.19 -3.74
CA LEU G 246 24.10 64.45 -2.81
C LEU G 246 24.53 65.18 -1.54
N LEU G 247 25.83 65.42 -1.35
CA LEU G 247 26.32 66.03 -0.11
C LEU G 247 27.38 67.10 -0.41
N PRO G 248 27.29 68.27 0.21
CA PRO G 248 28.34 69.28 0.05
C PRO G 248 29.67 68.73 0.55
N HIS G 249 30.71 68.89 -0.27
CA HIS G 249 31.93 68.13 -0.05
C HIS G 249 33.14 68.84 -0.64
N HIS G 250 34.31 68.44 -0.15
CA HIS G 250 35.60 68.78 -0.74
C HIS G 250 36.36 67.51 -1.08
N SER G 251 36.79 67.40 -2.34
CA SER G 251 37.55 66.26 -2.84
C SER G 251 38.93 66.75 -3.29
N PHE G 252 39.98 66.39 -2.55
CA PHE G 252 41.30 66.97 -2.79
C PHE G 252 42.21 66.10 -3.66
N GLY G 253 41.88 64.83 -3.85
CA GLY G 253 42.75 63.93 -4.57
C GLY G 253 42.67 64.10 -6.08
N LYS G 254 43.40 63.21 -6.78
CA LYS G 254 43.39 63.27 -8.23
C LYS G 254 42.06 62.84 -8.81
N CYS G 255 41.31 62.01 -8.10
CA CYS G 255 40.03 61.52 -8.60
C CYS G 255 38.92 62.49 -8.19
N LEU G 256 38.17 62.98 -9.18
CA LEU G 256 36.97 63.81 -8.94
C LEU G 256 37.26 65.05 -8.11
N ASN G 257 38.37 65.74 -8.42
CA ASN G 257 38.75 66.93 -7.67
C ASN G 257 37.75 68.06 -7.89
N ASN G 258 37.30 68.68 -6.79
CA ASN G 258 36.35 69.79 -6.84
C ASN G 258 36.86 70.97 -6.03
N VAL G 259 38.17 71.03 -5.77
CA VAL G 259 38.77 72.06 -4.95
C VAL G 259 39.69 72.97 -5.74
N GLY G 260 39.92 72.69 -7.01
CA GLY G 260 40.74 73.52 -7.85
C GLY G 260 42.11 72.98 -8.18
N GLY G 261 42.34 71.67 -8.05
CA GLY G 261 43.64 71.10 -8.32
C GLY G 261 44.27 70.53 -7.06
N PRO G 262 45.54 70.19 -7.14
CA PRO G 262 46.24 69.59 -6.01
C PRO G 262 46.73 70.67 -5.04
N ASP G 263 47.33 70.20 -3.94
CA ASP G 263 47.93 71.04 -2.91
C ASP G 263 46.94 72.05 -2.35
N MET G 264 45.65 71.78 -2.47
CA MET G 264 44.65 72.74 -2.07
C MET G 264 44.28 72.67 -0.59
N ALA G 265 44.57 71.54 0.06
CA ALA G 265 44.27 71.42 1.48
C ALA G 265 45.03 72.45 2.30
N LEU G 266 46.31 72.67 1.96
CA LEU G 266 47.11 73.66 2.66
C LEU G 266 46.67 75.09 2.35
N SER G 267 46.00 75.32 1.21
CA SER G 267 45.53 76.68 0.91
C SER G 267 44.36 77.07 1.79
N LEU G 268 43.39 76.17 2.00
CA LEU G 268 42.28 76.51 2.88
C LEU G 268 42.69 76.48 4.34
N TYR G 269 43.64 75.62 4.70
CA TYR G 269 44.01 75.39 6.09
C TYR G 269 45.53 75.52 6.20
N PRO G 270 46.05 76.75 6.23
CA PRO G 270 47.51 76.93 6.28
C PRO G 270 48.13 76.41 7.57
N GLU G 271 47.36 76.35 8.66
CA GLU G 271 47.90 75.87 9.93
C GLU G 271 48.23 74.39 9.91
N CYS G 272 47.80 73.67 8.89
CA CYS G 272 48.05 72.24 8.80
C CYS G 272 49.40 71.92 8.19
N ASN G 273 50.19 72.94 7.83
CA ASN G 273 51.51 72.71 7.28
C ASN G 273 52.41 72.10 8.35
N ASN G 274 53.31 71.22 7.91
CA ASN G 274 54.26 70.60 8.82
C ASN G 274 55.54 71.43 8.86
N ASP G 275 55.48 72.50 9.66
CA ASP G 275 56.56 73.47 9.84
C ASP G 275 57.96 72.86 9.84
N VAL G 278 59.10 70.43 7.93
CA VAL G 278 60.26 69.67 7.51
C VAL G 278 60.34 69.61 5.98
N LYS G 279 59.31 69.02 5.36
CA LYS G 279 59.17 69.00 3.91
C LYS G 279 57.72 68.70 3.60
N PRO G 280 57.17 69.26 2.51
CA PRO G 280 55.73 69.13 2.22
C PRO G 280 55.36 67.77 1.63
N ARG G 281 55.57 66.71 2.43
CA ARG G 281 55.12 65.38 2.03
C ARG G 281 53.59 65.32 2.01
N TRP G 282 53.06 64.41 1.19
CA TRP G 282 51.63 64.36 0.96
C TRP G 282 50.84 63.99 2.21
N TRP G 283 51.46 63.27 3.15
CA TRP G 283 50.80 62.73 4.33
C TRP G 283 50.88 63.63 5.57
N ASP G 284 51.54 64.78 5.47
CA ASP G 284 51.82 65.62 6.64
C ASP G 284 50.58 66.32 7.20
N HIS G 285 49.51 66.43 6.42
CA HIS G 285 48.41 67.30 6.78
C HIS G 285 47.03 66.67 6.67
N LEU G 286 46.94 65.34 6.47
CA LEU G 286 45.64 64.71 6.28
C LEU G 286 44.77 64.85 7.52
N HIS G 287 45.32 64.51 8.69
CA HIS G 287 44.53 64.56 9.92
C HIS G 287 44.03 65.97 10.19
N CYS G 288 44.92 66.94 10.08
CA CYS G 288 44.57 68.32 10.36
C CYS G 288 43.46 68.81 9.42
N ALA G 289 43.58 68.50 8.13
CA ALA G 289 42.56 68.89 7.17
C ALA G 289 41.22 68.21 7.46
N MET G 290 41.25 66.90 7.72
CA MET G 290 40.03 66.16 8.00
C MET G 290 39.30 66.71 9.21
N SER G 291 40.05 67.20 10.19
CA SER G 291 39.43 67.69 11.42
C SER G 291 38.47 68.84 11.17
N HIS G 292 38.60 69.52 10.03
CA HIS G 292 37.72 70.64 9.73
C HIS G 292 36.33 70.19 9.27
N TYR G 293 36.18 68.93 8.87
CA TYR G 293 34.94 68.46 8.26
C TYR G 293 34.19 67.54 9.22
N LYS G 294 32.87 67.69 9.24
CA LYS G 294 32.06 66.86 10.13
C LYS G 294 32.11 65.38 9.73
N PHE G 295 32.31 65.09 8.44
CA PHE G 295 32.29 63.72 7.95
C PHE G 295 33.44 63.51 6.98
N VAL G 296 33.94 62.27 6.96
CA VAL G 296 34.98 61.86 6.02
C VAL G 296 34.49 60.63 5.25
N LEU G 297 34.59 60.69 3.93
CA LEU G 297 34.23 59.57 3.08
C LEU G 297 35.42 58.61 2.96
N ALA G 298 35.21 57.34 3.30
CA ALA G 298 36.27 56.33 3.28
C ALA G 298 35.82 55.14 2.46
N ILE G 299 36.38 54.97 1.26
CA ILE G 299 36.04 53.86 0.39
C ILE G 299 37.29 53.06 0.09
N GLU G 300 37.31 51.81 0.54
CA GLU G 300 38.44 50.92 0.31
C GLU G 300 38.57 50.54 -1.16
N ASN G 301 39.79 50.22 -1.57
CA ASN G 301 40.01 49.75 -2.93
C ASN G 301 39.50 48.32 -3.15
N THR G 302 39.22 47.59 -2.08
CA THR G 302 38.76 46.21 -2.15
C THR G 302 37.82 45.97 -0.98
N VAL G 303 36.70 45.29 -1.24
CA VAL G 303 35.77 44.90 -0.19
C VAL G 303 36.02 43.42 0.10
N THR G 304 36.69 43.14 1.23
CA THR G 304 36.95 41.77 1.64
C THR G 304 37.09 41.74 3.16
N GLU G 305 37.06 40.53 3.71
CA GLU G 305 36.98 40.35 5.15
C GLU G 305 38.20 40.93 5.86
N SER G 306 37.93 41.73 6.89
CA SER G 306 38.92 42.33 7.81
C SER G 306 39.83 43.35 7.15
N TYR G 307 39.60 43.73 5.89
CA TYR G 307 40.46 44.72 5.24
C TYR G 307 39.91 46.11 5.53
N VAL G 308 40.32 46.67 6.67
CA VAL G 308 39.98 48.02 7.07
C VAL G 308 41.28 48.81 7.17
N THR G 309 41.43 49.83 6.33
CA THR G 309 42.69 50.55 6.24
C THR G 309 42.60 51.87 6.99
N GLU G 310 43.66 52.68 6.87
CA GLU G 310 43.77 53.95 7.57
C GLU G 310 42.74 54.97 7.09
N LYS G 311 42.04 54.70 5.98
CA LYS G 311 40.99 55.59 5.51
C LYS G 311 39.93 55.85 6.57
N LEU G 312 39.67 54.86 7.44
CA LEU G 312 38.74 55.02 8.55
C LEU G 312 39.46 55.52 9.82
N PHE G 313 40.59 54.89 10.12
CA PHE G 313 41.26 55.14 11.40
C PHE G 313 41.79 56.56 11.51
N TYR G 314 42.25 57.15 10.41
CA TYR G 314 42.73 58.53 10.48
C TYR G 314 41.60 59.49 10.79
N ALA G 315 40.40 59.23 10.27
CA ALA G 315 39.23 60.03 10.65
C ALA G 315 38.93 59.88 12.13
N LEU G 316 39.02 58.66 12.66
CA LEU G 316 38.88 58.51 14.10
C LEU G 316 39.98 59.23 14.87
N ASP G 317 41.17 59.37 14.27
CA ASP G 317 42.27 60.12 14.87
C ASP G 317 42.06 61.62 14.78
N SER G 318 41.14 62.08 13.93
CA SER G 318 40.98 63.51 13.66
C SER G 318 39.64 64.06 14.11
N VAL G 319 38.94 63.35 15.01
CA VAL G 319 37.66 63.78 15.57
C VAL G 319 36.68 64.06 14.42
N SER G 320 36.58 63.11 13.50
CA SER G 320 35.62 63.20 12.39
C SER G 320 34.96 61.85 12.21
N VAL G 321 33.68 61.88 11.84
CA VAL G 321 32.88 60.67 11.69
C VAL G 321 33.09 60.15 10.26
N PRO G 322 33.59 58.93 10.08
CA PRO G 322 33.77 58.42 8.73
C PRO G 322 32.50 57.79 8.18
N ILE G 323 32.22 58.10 6.91
CA ILE G 323 31.20 57.39 6.13
C ILE G 323 31.93 56.31 5.36
N TYR G 324 31.73 55.05 5.76
CA TYR G 324 32.62 53.95 5.40
C TYR G 324 31.95 52.99 4.44
N PHE G 325 32.67 52.64 3.37
CA PHE G 325 32.28 51.58 2.42
C PHE G 325 33.48 50.64 2.34
N GLY G 326 33.39 49.48 2.99
CA GLY G 326 34.54 48.60 3.07
C GLY G 326 34.23 47.22 3.64
N ALA G 327 35.08 46.75 4.55
CA ALA G 327 35.01 45.38 5.01
C ALA G 327 33.65 45.06 5.62
N PRO G 328 33.07 43.90 5.30
CA PRO G 328 31.76 43.55 5.89
C PRO G 328 31.80 43.37 7.39
N ASN G 329 32.94 42.99 7.96
CA ASN G 329 33.05 42.80 9.41
C ASN G 329 33.66 43.99 10.11
N VAL G 330 33.46 45.19 9.57
CA VAL G 330 34.11 46.39 10.09
C VAL G 330 33.71 46.65 11.54
N TRP G 331 32.50 46.25 11.93
CA TRP G 331 32.00 46.55 13.26
C TRP G 331 32.75 45.79 14.36
N ASP G 332 33.56 44.79 13.99
CA ASP G 332 34.46 44.13 14.93
C ASP G 332 35.73 44.92 15.20
N PHE G 333 35.96 46.01 14.48
CA PHE G 333 37.20 46.76 14.57
C PHE G 333 37.04 48.15 15.16
N VAL G 334 35.83 48.71 15.18
CA VAL G 334 35.63 50.11 15.51
C VAL G 334 34.91 50.25 16.84
N PRO G 335 34.96 51.41 17.49
CA PRO G 335 34.22 51.60 18.75
C PRO G 335 32.73 51.67 18.50
N PRO G 336 31.92 51.48 19.54
CA PRO G 336 30.46 51.55 19.35
C PRO G 336 30.01 52.92 18.88
N HIS G 337 29.09 52.94 17.93
CA HIS G 337 28.45 54.16 17.44
C HIS G 337 29.51 55.19 17.02
N SER G 338 30.51 54.72 16.28
CA SER G 338 31.63 55.55 15.89
C SER G 338 31.69 55.87 14.40
N ILE G 339 31.10 55.03 13.56
CA ILE G 339 31.16 55.20 12.12
C ILE G 339 29.74 55.13 11.55
N ILE G 340 29.61 55.59 10.31
CA ILE G 340 28.39 55.42 9.53
C ILE G 340 28.71 54.44 8.42
N ASP G 341 28.16 53.23 8.52
CA ASP G 341 28.34 52.20 7.50
C ASP G 341 27.37 52.47 6.35
N GLY G 342 27.92 52.92 5.21
CA GLY G 342 27.07 53.30 4.09
C GLY G 342 26.29 52.14 3.51
N THR G 343 26.79 50.91 3.65
CA THR G 343 26.09 49.76 3.13
C THR G 343 24.82 49.42 3.89
N LYS G 344 24.62 50.00 5.08
CA LYS G 344 23.46 49.71 5.90
C LYS G 344 22.27 50.60 5.58
N PHE G 345 22.28 51.26 4.42
CA PHE G 345 21.19 52.12 3.99
C PHE G 345 20.59 51.56 2.70
N LYS G 346 19.27 51.81 2.54
CA LYS G 346 18.57 51.29 1.36
C LYS G 346 19.04 51.96 0.08
N SER G 347 19.41 53.24 0.14
CA SER G 347 19.88 53.95 -1.02
C SER G 347 20.88 55.01 -0.59
N LEU G 348 21.68 55.49 -1.54
CA LEU G 348 22.60 56.59 -1.27
C LEU G 348 21.87 57.87 -0.87
N GLU G 349 20.65 58.06 -1.38
CA GLU G 349 19.87 59.25 -1.03
C GLU G 349 19.44 59.23 0.44
N ALA G 350 19.07 58.05 0.94
CA ALA G 350 18.73 57.94 2.36
C ALA G 350 19.96 58.20 3.23
N LEU G 351 21.13 57.72 2.80
CA LEU G 351 22.37 58.00 3.50
C LEU G 351 22.67 59.49 3.53
N ALA G 352 22.53 60.16 2.38
CA ALA G 352 22.78 61.60 2.33
C ALA G 352 21.79 62.37 3.20
N SER G 353 20.53 61.93 3.22
CA SER G 353 19.55 62.55 4.09
C SER G 353 19.93 62.40 5.56
N TYR G 354 20.37 61.20 5.95
CA TYR G 354 20.81 61.00 7.32
C TYR G 354 22.00 61.89 7.66
N VAL G 355 22.95 62.02 6.73
CA VAL G 355 24.14 62.84 6.96
C VAL G 355 23.76 64.31 7.10
N LYS G 356 22.88 64.80 6.22
CA LYS G 356 22.44 66.19 6.30
C LYS G 356 21.69 66.45 7.60
N ASP G 357 20.86 65.49 8.02
CA ASP G 357 20.17 65.61 9.30
C ASP G 357 21.15 65.63 10.46
N LEU G 358 22.17 64.78 10.39
CA LEU G 358 23.16 64.72 11.46
C LEU G 358 23.95 66.01 11.57
N ALA G 359 24.25 66.63 10.43
CA ALA G 359 25.03 67.87 10.44
C ALA G 359 24.30 69.01 11.13
N ASN G 360 22.99 68.91 11.30
CA ASN G 360 22.21 69.95 11.94
C ASN G 360 21.71 69.57 13.32
N ASP G 361 22.21 68.46 13.88
CA ASP G 361 21.84 67.98 15.20
C ASP G 361 23.12 67.77 15.99
N PRO G 362 23.65 68.82 16.64
CA PRO G 362 24.94 68.68 17.33
C PRO G 362 24.97 67.60 18.40
N VAL G 363 23.87 67.39 19.13
CA VAL G 363 23.85 66.38 20.18
C VAL G 363 24.00 64.97 19.59
N ALA G 364 23.23 64.69 18.55
CA ALA G 364 23.34 63.39 17.89
C ALA G 364 24.71 63.22 17.24
N TYR G 365 25.29 64.32 16.75
CA TYR G 365 26.65 64.26 16.21
C TYR G 365 27.65 63.88 17.30
N ALA G 366 27.52 64.48 18.49
CA ALA G 366 28.43 64.21 19.59
C ALA G 366 28.26 62.80 20.13
N GLU G 367 27.08 62.19 19.91
CA GLU G 367 26.94 60.78 20.23
C GLU G 367 27.99 59.94 19.53
N TYR G 368 28.42 60.36 18.33
CA TYR G 368 29.44 59.65 17.56
C TYR G 368 30.84 59.85 18.11
N HIS G 369 31.03 60.77 19.04
CA HIS G 369 32.32 60.95 19.72
C HIS G 369 32.28 60.51 21.17
N ALA G 370 31.10 60.09 21.64
CA ALA G 370 30.98 59.60 23.01
C ALA G 370 31.90 58.42 23.28
N TRP G 371 32.24 57.63 22.26
CA TRP G 371 33.16 56.50 22.50
C TRP G 371 34.51 56.98 22.99
N ARG G 372 35.01 58.07 22.42
CA ARG G 372 36.30 58.61 22.85
C ARG G 372 36.16 59.39 24.14
N ARG G 373 35.14 60.24 24.22
CA ARG G 373 35.02 61.11 25.40
C ARG G 373 34.66 60.32 26.66
N CYS G 374 33.94 59.20 26.52
CA CYS G 374 33.57 58.40 27.68
C CYS G 374 34.45 57.18 27.88
N GLY G 375 35.46 56.98 27.03
CA GLY G 375 36.34 55.84 27.19
C GLY G 375 35.65 54.50 27.02
N VAL G 376 34.72 54.41 26.06
CA VAL G 376 34.08 53.15 25.73
C VAL G 376 34.58 52.72 24.36
N LEU G 377 35.67 51.96 24.34
CA LEU G 377 36.33 51.63 23.08
C LEU G 377 35.73 50.42 22.40
N GLY G 378 35.02 49.57 23.11
CA GLY G 378 34.51 48.35 22.52
C GLY G 378 35.65 47.50 22.02
N ASN G 379 35.62 47.15 20.73
CA ASN G 379 36.66 46.33 20.14
C ASN G 379 37.82 47.14 19.59
N TYR G 380 37.70 48.47 19.56
CA TYR G 380 38.77 49.31 19.02
C TYR G 380 40.07 49.12 19.79
N GLY G 381 39.98 48.88 21.10
CA GLY G 381 41.19 48.67 21.88
C GLY G 381 42.02 47.50 21.38
N LYS G 382 41.37 46.36 21.13
CA LYS G 382 42.09 45.21 20.59
C LYS G 382 42.67 45.51 19.22
N THR G 383 41.92 46.23 18.39
CA THR G 383 42.40 46.60 17.07
C THR G 383 43.69 47.38 17.15
N ARG G 384 43.73 48.42 18.01
CA ARG G 384 44.97 49.18 18.14
C ARG G 384 46.06 48.35 18.82
N ALA G 385 45.66 47.39 19.66
CA ALA G 385 46.63 46.53 20.33
C ALA G 385 47.36 45.63 19.34
N VAL G 386 46.77 45.34 18.18
CA VAL G 386 47.45 44.50 17.21
C VAL G 386 47.77 45.28 15.94
N SER G 387 48.06 46.57 16.08
CA SER G 387 48.42 47.40 14.94
C SER G 387 49.92 47.23 14.61
N LEU G 388 50.40 48.01 13.65
CA LEU G 388 51.82 47.93 13.29
C LEU G 388 52.71 48.35 14.44
N ASP G 389 52.23 49.25 15.29
CA ASP G 389 53.06 49.79 16.36
C ASP G 389 53.59 48.68 17.27
N THR G 390 52.78 47.64 17.49
CA THR G 390 53.16 46.52 18.34
C THR G 390 53.60 45.30 17.53
N LEU G 391 53.74 45.43 16.22
CA LEU G 391 54.14 44.27 15.42
C LEU G 391 55.50 43.70 15.81
N PRO G 392 56.57 44.52 16.03
CA PRO G 392 57.87 43.91 16.39
C PRO G 392 57.76 42.98 17.59
N CYS G 393 57.28 43.50 18.72
CA CYS G 393 57.19 42.69 19.92
C CYS G 393 56.42 41.42 19.66
N ARG G 394 55.21 41.56 19.10
CA ARG G 394 54.38 40.38 18.85
C ARG G 394 55.05 39.45 17.85
N LEU G 395 55.71 40.00 16.83
CA LEU G 395 56.46 39.12 15.93
C LEU G 395 57.58 38.43 16.69
N CYS G 396 58.33 39.19 17.48
CA CYS G 396 59.46 38.62 18.22
C CYS G 396 59.00 37.49 19.13
N GLU G 397 57.89 37.70 19.84
CA GLU G 397 57.37 36.68 20.72
C GLU G 397 57.06 35.41 19.93
N ALA G 398 56.44 35.56 18.76
CA ALA G 398 56.14 34.38 17.97
C ALA G 398 57.42 33.66 17.60
N VAL G 399 58.44 34.42 17.20
CA VAL G 399 59.72 33.81 16.87
C VAL G 399 60.28 33.10 18.09
N SER G 400 60.09 33.70 19.27
CA SER G 400 60.59 33.09 20.50
C SER G 400 59.92 31.74 20.73
N ARG G 401 58.63 31.64 20.43
CA ARG G 401 57.96 30.36 20.61
C ARG G 401 58.40 29.33 19.59
N ARG G 402 58.96 29.76 18.45
CA ARG G 402 59.39 28.83 17.41
C ARG G 402 60.80 28.32 17.62
N GLY G 403 61.54 28.84 18.59
CA GLY G 403 62.92 28.45 18.77
C GLY G 403 63.89 29.21 17.89
N GLY G 404 63.39 30.11 17.04
CA GLY G 404 64.28 30.93 16.24
C GLY G 404 65.02 30.11 15.21
N ARG G 405 66.34 30.26 15.18
CA ARG G 405 67.16 29.59 14.18
C ARG G 405 67.08 28.06 14.30
N ASN G 406 66.76 27.54 15.47
CA ASN G 406 66.69 26.10 15.70
C ASN G 406 65.26 25.58 15.55
N ALA G 407 64.65 25.83 14.40
CA ALA G 407 63.30 25.35 14.13
C ALA G 407 63.29 24.37 12.98
N PRO H 54 97.42 42.62 16.51
CA PRO H 54 97.90 43.94 16.07
C PRO H 54 97.25 44.38 14.76
N ASP H 55 96.02 44.87 14.86
CA ASP H 55 95.27 45.26 13.67
C ASP H 55 94.56 46.58 13.93
N PRO H 56 94.92 47.66 13.22
CA PRO H 56 94.05 48.83 13.28
C PRO H 56 92.76 48.43 12.60
N PHE H 57 92.03 47.51 13.25
CA PHE H 57 90.94 46.83 12.57
C PHE H 57 89.92 47.87 12.17
N THR H 58 89.26 47.64 11.03
CA THR H 58 88.28 48.54 10.47
C THR H 58 86.99 47.90 9.99
N ASP H 59 86.99 46.61 9.64
CA ASP H 59 85.76 45.91 9.28
C ASP H 59 85.20 45.33 10.57
N ILE H 60 84.15 45.98 11.09
CA ILE H 60 83.60 45.57 12.38
C ILE H 60 82.94 44.20 12.29
N ILE H 61 82.35 43.87 11.15
CA ILE H 61 81.70 42.58 10.98
C ILE H 61 82.74 41.46 11.05
N SER H 62 83.94 41.73 10.54
CA SER H 62 85.04 40.77 10.69
C SER H 62 85.33 40.53 12.16
N ALA H 63 85.31 41.59 12.96
CA ALA H 63 85.50 41.45 14.40
C ALA H 63 84.41 40.61 15.02
N PHE H 64 83.15 40.81 14.60
CA PHE H 64 82.05 40.01 15.12
C PHE H 64 82.28 38.53 14.83
N LYS H 65 82.67 38.20 13.59
CA LYS H 65 82.89 36.81 13.23
C LYS H 65 84.05 36.20 13.99
N LYS H 66 85.16 36.95 14.10
CA LYS H 66 86.32 36.45 14.84
C LYS H 66 85.95 36.19 16.30
N TRP H 67 85.19 37.10 16.91
CA TRP H 67 84.75 36.90 18.29
C TRP H 67 83.86 35.67 18.40
N ASP H 68 82.97 35.45 17.42
CA ASP H 68 82.14 34.26 17.45
C ASP H 68 82.97 32.99 17.39
N SER H 69 84.02 32.99 16.56
CA SER H 69 84.84 31.78 16.46
C SER H 69 85.68 31.57 17.71
N GLN H 70 86.26 32.63 18.27
CA GLN H 70 87.23 32.46 19.35
C GLN H 70 86.58 32.38 20.74
N VAL H 71 85.50 33.14 20.95
CA VAL H 71 84.86 33.24 22.25
C VAL H 71 83.49 32.56 22.25
N GLY H 72 82.57 33.06 21.42
CA GLY H 72 81.29 32.42 21.32
C GLY H 72 80.31 32.90 22.37
N CYS H 73 79.02 32.88 22.01
CA CYS H 73 78.00 33.40 22.90
C CYS H 73 77.82 32.54 24.14
N ALA H 74 78.12 31.24 24.04
CA ALA H 74 78.00 30.35 25.20
C ALA H 74 78.98 30.77 26.30
N ARG H 75 80.24 31.05 25.91
CA ARG H 75 81.22 31.51 26.89
C ARG H 75 80.81 32.85 27.49
N PHE H 76 80.28 33.76 26.66
CA PHE H 76 79.85 35.06 27.17
C PHE H 76 78.75 34.90 28.21
N ARG H 77 77.74 34.08 27.90
CA ARG H 77 76.65 33.88 28.87
C ARG H 77 77.14 33.17 30.12
N GLU H 78 78.09 32.25 29.99
CA GLU H 78 78.66 31.63 31.18
C GLU H 78 79.36 32.66 32.06
N LYS H 79 80.09 33.60 31.44
CA LYS H 79 80.81 34.60 32.22
C LYS H 79 79.85 35.54 32.95
N TYR H 80 78.64 35.72 32.45
CA TYR H 80 77.69 36.64 33.07
C TYR H 80 76.36 35.96 33.39
N SER H 95 67.02 50.89 41.22
CA SER H 95 67.37 52.05 40.40
C SER H 95 66.38 52.23 39.25
N LEU H 96 65.50 51.25 39.05
CA LEU H 96 64.51 51.27 37.99
C LEU H 96 63.17 50.81 38.54
N GLN H 97 62.09 51.24 37.88
CA GLN H 97 60.73 50.94 38.29
C GLN H 97 60.23 49.65 37.63
N GLU H 98 60.00 48.61 38.43
CA GLU H 98 59.44 47.34 37.95
C GLU H 98 58.03 47.18 38.54
N ASP H 99 57.02 47.62 37.78
CA ASP H 99 55.64 47.47 38.23
C ASP H 99 54.85 46.52 37.33
N LYS H 103 49.99 42.55 37.89
CA LYS H 103 48.91 42.81 38.84
C LYS H 103 47.94 43.83 38.27
N CYS H 104 46.83 43.35 37.71
CA CYS H 104 45.87 44.24 37.05
C CYS H 104 44.76 44.70 37.98
N ASP H 105 44.94 44.56 39.28
CA ASP H 105 43.95 45.04 40.23
C ASP H 105 44.45 46.35 40.80
N GLY H 106 43.53 47.11 41.37
CA GLY H 106 43.81 48.45 41.80
C GLY H 106 43.66 49.48 40.71
N LEU H 107 43.45 49.03 39.47
CA LEU H 107 43.16 49.91 38.35
C LEU H 107 41.70 50.29 38.44
N LYS H 108 41.41 51.53 38.83
CA LYS H 108 40.03 51.95 38.95
C LYS H 108 39.44 52.45 37.65
N MET H 109 40.25 52.67 36.62
CA MET H 109 39.80 53.22 35.35
C MET H 109 40.30 52.34 34.21
N GLU H 110 39.39 51.95 33.32
CA GLU H 110 39.77 51.18 32.15
C GLU H 110 40.29 52.04 31.01
N HIS H 111 40.00 53.34 31.02
CA HIS H 111 40.49 54.29 30.03
C HIS H 111 40.91 55.58 30.70
N VAL H 112 42.08 56.10 30.32
CA VAL H 112 42.64 57.33 30.88
C VAL H 112 43.07 58.24 29.75
N SER H 113 42.75 59.52 29.87
CA SER H 113 43.18 60.53 28.92
C SER H 113 44.14 61.50 29.58
N VAL H 114 45.21 61.83 28.86
CA VAL H 114 46.24 62.78 29.31
C VAL H 114 46.35 63.88 28.27
N LEU H 115 46.10 65.11 28.70
CA LEU H 115 46.27 66.30 27.87
C LEU H 115 47.57 66.98 28.27
N VAL H 116 48.50 67.06 27.33
CA VAL H 116 49.77 67.76 27.54
C VAL H 116 49.48 69.25 27.40
N LYS H 117 49.33 69.93 28.55
CA LYS H 117 48.94 71.34 28.52
C LYS H 117 50.14 72.26 28.36
N GLY H 118 51.27 71.94 28.96
CA GLY H 118 52.45 72.77 28.83
C GLY H 118 53.71 71.94 28.63
N TRP H 119 54.63 72.45 27.81
CA TRP H 119 55.83 71.69 27.51
C TRP H 119 56.91 72.62 26.97
N THR H 120 58.12 72.09 26.92
CA THR H 120 59.30 72.75 26.37
C THR H 120 59.93 71.95 25.24
N TRP H 121 59.95 70.63 25.35
CA TRP H 121 60.58 69.75 24.38
C TRP H 121 59.76 68.51 24.06
N ILE H 122 58.67 68.24 24.78
CA ILE H 122 57.91 67.00 24.64
C ILE H 122 57.51 66.88 23.17
N PRO H 123 57.83 65.77 22.51
CA PRO H 123 57.60 65.66 21.07
C PRO H 123 56.14 65.40 20.74
N ASP H 124 55.74 65.88 19.56
CA ASP H 124 54.38 65.66 19.07
C ASP H 124 54.10 64.19 18.83
N ASN H 125 55.09 63.44 18.35
CA ASN H 125 54.86 62.05 18.02
C ASN H 125 54.69 61.13 19.23
N LEU H 126 54.64 61.62 20.48
CA LEU H 126 54.12 60.78 21.56
C LEU H 126 52.60 60.68 21.52
N ASP H 127 51.94 61.60 20.82
CA ASP H 127 50.48 61.60 20.76
C ASP H 127 49.99 60.32 20.11
N ASN H 128 49.10 59.61 20.81
CA ASN H 128 48.53 58.37 20.31
C ASN H 128 47.44 57.91 21.26
N LEU H 129 46.60 57.00 20.76
CA LEU H 129 45.67 56.26 21.61
C LEU H 129 46.33 54.90 21.84
N TYR H 130 47.09 54.80 22.93
CA TYR H 130 47.84 53.60 23.25
C TYR H 130 46.92 52.56 23.86
N SER H 131 47.20 51.29 23.55
CA SER H 131 46.58 50.15 24.19
C SER H 131 47.61 49.54 25.13
N CYS H 132 47.30 49.55 26.43
CA CYS H 132 48.25 49.17 27.47
C CYS H 132 47.89 47.81 28.04
N ARG H 133 48.66 47.41 29.04
CA ARG H 133 48.41 46.16 29.74
C ARG H 133 47.10 46.24 30.53
N CYS H 134 46.60 45.07 30.90
CA CYS H 134 45.38 44.95 31.69
C CYS H 134 44.19 45.58 30.99
N GLY H 135 44.21 45.61 29.66
CA GLY H 135 43.11 46.16 28.90
C GLY H 135 42.90 47.64 29.10
N LEU H 136 43.94 48.37 29.48
CA LEU H 136 43.84 49.80 29.74
C LEU H 136 44.16 50.55 28.46
N SER H 137 43.31 51.51 28.11
CA SER H 137 43.57 52.41 26.99
C SER H 137 43.96 53.78 27.51
N CYS H 138 44.84 54.44 26.76
CA CYS H 138 45.51 55.64 27.21
C CYS H 138 45.58 56.62 26.06
N LEU H 139 44.80 57.68 26.10
CA LEU H 139 44.76 58.66 25.03
C LEU H 139 45.65 59.83 25.42
N TRP H 140 46.81 59.93 24.78
CA TRP H 140 47.81 60.95 25.09
C TRP H 140 47.85 61.94 23.94
N THR H 141 47.59 63.22 24.24
CA THR H 141 47.52 64.19 23.15
C THR H 141 47.81 65.59 23.66
N LYS H 142 48.18 66.47 22.72
CA LYS H 142 48.29 67.90 22.97
C LYS H 142 47.05 68.67 22.55
N SER H 143 46.02 67.99 22.04
CA SER H 143 44.85 68.67 21.50
C SER H 143 43.71 68.63 22.51
N SER H 144 43.24 69.82 22.90
CA SER H 144 42.08 69.89 23.77
C SER H 144 40.78 69.57 23.02
N VAL H 145 40.84 69.43 21.69
CA VAL H 145 39.68 68.94 20.95
C VAL H 145 39.58 67.41 21.06
N LEU H 146 40.71 66.71 20.92
CA LEU H 146 40.71 65.27 21.10
C LEU H 146 40.33 64.90 22.53
N VAL H 147 40.84 65.64 23.51
CA VAL H 147 40.49 65.47 24.92
C VAL H 147 40.10 66.85 25.46
N ASP H 148 38.79 67.05 25.64
CA ASP H 148 38.28 68.29 26.21
C ASP H 148 38.00 68.21 27.70
N LYS H 149 37.94 67.00 28.26
CA LYS H 149 37.75 66.81 29.69
C LYS H 149 38.81 65.80 30.16
N PRO H 150 40.07 66.21 30.22
CA PRO H 150 41.13 65.25 30.55
C PRO H 150 41.06 64.75 31.99
N ASP H 151 41.48 63.51 32.18
CA ASP H 151 41.65 62.99 33.53
C ASP H 151 42.92 63.52 34.19
N ALA H 152 43.91 63.93 33.39
CA ALA H 152 45.17 64.42 33.92
C ALA H 152 45.75 65.46 32.96
N LEU H 153 46.37 66.48 33.53
CA LEU H 153 47.07 67.51 32.77
C LEU H 153 48.56 67.36 33.01
N LEU H 154 49.33 67.27 31.93
CA LEU H 154 50.78 67.18 32.02
C LEU H 154 51.41 68.54 31.77
N PHE H 155 52.30 68.96 32.65
CA PHE H 155 53.09 70.18 32.46
C PHE H 155 54.56 69.79 32.52
N GLU H 156 55.27 69.91 31.40
CA GLU H 156 56.69 69.62 31.34
C GLU H 156 57.47 70.94 31.40
N THR H 157 58.17 71.15 32.53
CA THR H 157 58.93 72.39 32.79
C THR H 157 58.04 73.62 32.63
N THR H 158 56.79 73.50 33.08
CA THR H 158 55.84 74.60 33.09
C THR H 158 54.98 74.51 34.34
N THR H 159 54.45 75.65 34.75
CA THR H 159 53.79 75.74 36.06
C THR H 159 52.39 75.13 36.01
N PRO H 160 52.11 74.13 36.85
CA PRO H 160 50.76 73.54 36.92
C PRO H 160 49.79 74.47 37.62
N PRO H 161 48.50 74.11 37.69
CA PRO H 161 47.56 74.95 38.45
C PRO H 161 47.95 75.05 39.92
N LEU H 162 47.62 76.21 40.51
CA LEU H 162 48.04 76.49 41.88
C LEU H 162 47.30 75.62 42.90
N GLN H 163 46.08 75.20 42.57
CA GLN H 163 45.28 74.38 43.47
C GLN H 163 44.51 73.34 42.66
N ARG H 164 44.20 72.23 43.31
CA ARG H 164 43.32 71.22 42.73
C ARG H 164 42.27 70.80 43.76
N ARG H 165 41.01 71.06 43.45
CA ARG H 165 39.93 70.48 44.23
C ARG H 165 39.54 69.15 43.59
N SER H 166 39.00 68.24 44.41
CA SER H 166 38.63 66.93 43.88
C SER H 166 37.56 67.08 42.81
N GLY H 167 37.67 66.29 41.75
CA GLY H 167 36.89 66.47 40.54
C GLY H 167 37.55 67.32 39.47
N ASP H 168 38.70 67.95 39.78
CA ASP H 168 39.57 68.56 38.80
C ASP H 168 40.53 67.52 38.23
N PRO H 169 41.07 67.74 37.04
CA PRO H 169 42.06 66.80 36.51
C PRO H 169 43.30 66.78 37.38
N LEU H 170 43.93 65.61 37.46
CA LEU H 170 45.19 65.47 38.17
C LEU H 170 46.27 66.30 37.50
N ARG H 171 47.10 66.94 38.30
CA ARG H 171 48.20 67.78 37.81
C ARG H 171 49.48 66.97 37.80
N VAL H 172 50.07 66.82 36.61
CA VAL H 172 51.31 66.07 36.44
C VAL H 172 52.38 67.04 35.95
N TYR H 173 53.49 67.11 36.67
CA TYR H 173 54.64 67.92 36.31
C TYR H 173 55.81 67.01 35.95
N MET H 174 56.60 67.42 34.96
CA MET H 174 57.67 66.58 34.44
C MET H 174 58.93 67.40 34.20
N ASP H 175 60.06 66.87 34.68
CA ASP H 175 61.37 67.47 34.42
C ASP H 175 62.40 66.36 34.43
N LEU H 176 63.13 66.21 33.33
CA LEU H 176 64.17 65.19 33.22
C LEU H 176 65.57 65.73 33.47
N GLU H 177 65.71 67.03 33.74
CA GLU H 177 67.01 67.60 34.04
C GLU H 177 67.47 67.17 35.43
N ALA H 178 68.81 67.16 35.60
CA ALA H 178 69.38 66.74 36.87
C ALA H 178 68.87 67.62 38.01
N GLY H 179 68.57 66.98 39.14
CA GLY H 179 68.14 67.68 40.34
C GLY H 179 66.79 67.24 40.86
N ARG H 180 65.94 66.65 40.01
CA ARG H 180 64.60 66.21 40.40
C ARG H 180 63.82 67.34 41.05
N LYS H 181 63.87 68.52 40.42
CA LYS H 181 63.24 69.72 40.97
C LYS H 181 61.75 69.72 40.67
N ARG H 182 60.95 69.45 41.71
CA ARG H 182 59.51 69.54 41.62
C ARG H 182 59.07 70.99 41.54
N SER H 183 57.82 71.18 41.13
CA SER H 183 57.21 72.51 41.15
C SER H 183 56.47 72.80 42.44
N GLY H 184 56.15 71.76 43.22
CA GLY H 184 55.33 71.94 44.39
C GLY H 184 53.85 72.12 44.12
N LEU H 185 53.45 72.16 42.84
CA LEU H 185 52.06 72.38 42.48
C LEU H 185 51.48 71.20 41.70
N GLU H 186 52.10 70.02 41.83
CA GLU H 186 51.70 68.84 41.09
C GLU H 186 51.22 67.77 42.06
N ASP H 187 50.34 66.90 41.56
CA ASP H 187 49.94 65.71 42.28
C ASP H 187 50.82 64.51 41.94
N MET H 188 51.53 64.55 40.82
CA MET H 188 52.49 63.53 40.43
C MET H 188 53.68 64.19 39.76
N PHE H 189 54.85 63.62 39.98
CA PHE H 189 56.10 64.14 39.44
C PHE H 189 56.74 63.07 38.58
N ILE H 190 57.17 63.45 37.38
CA ILE H 190 57.88 62.58 36.46
C ILE H 190 59.31 63.07 36.38
N SER H 191 60.27 62.18 36.58
CA SER H 191 61.68 62.52 36.43
C SER H 191 62.42 61.29 35.91
N TYR H 192 63.75 61.41 35.86
CA TYR H 192 64.61 60.30 35.45
C TYR H 192 64.84 59.29 36.57
N HIS H 193 64.41 59.60 37.79
CA HIS H 193 64.77 58.81 38.97
C HIS H 193 63.64 57.84 39.30
N ALA H 194 64.01 56.66 39.79
CA ALA H 194 63.03 55.62 40.07
C ALA H 194 62.23 55.92 41.34
N LYS H 195 62.72 56.76 42.22
CA LYS H 195 62.06 57.02 43.50
C LYS H 195 61.04 58.15 43.41
N ASP H 196 60.80 58.68 42.21
CA ASP H 196 59.72 59.63 42.03
C ASP H 196 58.46 58.88 41.57
N ASP H 197 57.40 59.63 41.29
CA ASP H 197 56.09 59.01 41.05
C ASP H 197 56.10 58.13 39.80
N VAL H 198 56.53 58.68 38.67
CA VAL H 198 56.66 57.90 37.44
C VAL H 198 58.03 58.20 36.84
N GLN H 199 58.79 57.15 36.54
CA GLN H 199 60.13 57.29 36.01
C GLN H 199 60.11 57.34 34.49
N SER H 200 60.98 58.15 33.91
CA SER H 200 61.18 58.18 32.45
C SER H 200 62.67 58.27 32.18
N THR H 201 63.28 57.15 31.81
CA THR H 201 64.69 57.13 31.47
C THR H 201 64.91 57.68 30.06
N TYR H 202 66.18 57.87 29.72
CA TYR H 202 66.59 58.41 28.43
C TYR H 202 66.80 57.34 27.38
N ALA H 203 66.64 56.06 27.72
CA ALA H 203 66.90 54.98 26.79
C ALA H 203 65.65 54.70 25.95
N GLY H 204 65.24 55.71 25.17
CA GLY H 204 64.09 55.61 24.33
C GLY H 204 64.40 56.00 22.89
N ALA H 205 63.46 55.66 22.00
CA ALA H 205 63.61 55.95 20.58
C ALA H 205 62.64 57.00 20.08
N LEU H 206 61.65 57.38 20.87
CA LEU H 206 60.57 58.24 20.37
C LEU H 206 60.90 59.72 20.36
N PHE H 207 62.01 60.16 20.97
CA PHE H 207 62.29 61.60 20.97
C PHE H 207 62.66 62.09 19.58
N HIS H 208 63.79 61.64 19.07
CA HIS H 208 64.27 62.01 17.74
C HIS H 208 63.97 60.90 16.74
N ASN H 209 62.68 60.64 16.58
CA ASN H 209 62.22 59.56 15.70
C ASN H 209 62.64 59.83 14.26
N GLY H 210 62.40 61.04 13.77
CA GLY H 210 62.80 61.43 12.43
C GLY H 210 64.29 61.58 12.19
N ARG H 211 65.09 60.55 12.44
CA ARG H 211 66.54 60.61 12.30
CA ARG H 211 66.53 60.62 12.29
C ARG H 211 67.00 59.73 11.15
N ASN H 212 68.30 59.78 10.86
CA ASN H 212 68.92 58.90 9.88
C ASN H 212 69.31 57.61 10.59
N TYR H 213 68.95 56.47 9.99
CA TYR H 213 69.14 55.17 10.64
C TYR H 213 70.27 54.36 10.03
N GLN H 214 71.08 54.97 9.16
CA GLN H 214 72.21 54.26 8.58
C GLN H 214 73.25 53.99 9.65
N VAL H 215 73.80 52.77 9.63
CA VAL H 215 74.89 52.38 10.54
C VAL H 215 76.07 51.92 9.69
N SER H 216 77.19 52.61 9.83
CA SER H 216 78.36 52.32 9.01
C SER H 216 78.93 50.95 9.35
N SER H 217 79.35 50.22 8.32
CA SER H 217 80.00 48.93 8.48
C SER H 217 81.52 49.03 8.58
N TYR H 218 82.08 50.23 8.45
CA TYR H 218 83.52 50.45 8.47
C TYR H 218 83.86 51.48 9.55
N LYS H 219 84.75 51.12 10.46
CA LYS H 219 85.21 52.05 11.49
C LYS H 219 86.52 52.71 11.08
N ASN H 220 86.67 53.98 11.45
CA ASN H 220 87.88 54.73 11.14
C ASN H 220 89.09 54.17 11.90
N ASN H 221 90.23 54.07 11.20
CA ASN H 221 91.46 53.59 11.81
C ASN H 221 92.26 54.70 12.50
N ASP H 222 92.33 55.91 11.91
CA ASP H 222 93.13 56.97 12.51
C ASP H 222 92.39 57.68 13.64
N THR H 223 91.21 58.22 13.36
CA THR H 223 90.41 58.87 14.39
C THR H 223 89.60 57.82 15.16
N LEU H 224 89.77 57.79 16.48
CA LEU H 224 89.11 56.77 17.30
C LEU H 224 87.92 57.28 18.11
N VAL H 225 87.80 58.58 18.35
CA VAL H 225 86.83 59.09 19.32
C VAL H 225 85.97 60.18 18.67
N TYR H 226 84.66 60.07 18.88
CA TYR H 226 83.68 61.10 18.54
C TYR H 226 83.28 61.88 19.78
N TRP H 227 83.17 63.20 19.65
CA TRP H 227 82.61 64.00 20.73
C TRP H 227 81.86 65.17 20.13
N SER H 228 80.76 65.55 20.76
CA SER H 228 80.00 66.71 20.31
C SER H 228 79.39 67.39 21.51
N SER H 229 79.76 68.65 21.72
CA SER H 229 79.17 69.47 22.75
C SER H 229 79.16 70.90 22.24
N SER H 230 78.06 71.60 22.48
CA SER H 230 77.92 72.98 22.05
C SER H 230 77.52 73.91 23.18
N ARG H 231 77.24 73.38 24.37
CA ARG H 231 77.03 74.17 25.57
C ARG H 231 78.27 73.94 26.43
N CYS H 232 79.21 74.87 26.36
CA CYS H 232 80.55 74.68 26.88
C CYS H 232 80.54 74.94 28.38
N LEU H 233 80.57 73.85 29.16
CA LEU H 233 80.73 74.08 30.58
C LEU H 233 82.21 74.02 30.94
N PRO H 234 82.72 74.94 31.75
CA PRO H 234 84.17 74.99 32.00
C PRO H 234 84.74 73.70 32.57
N GLN H 235 84.02 73.05 33.48
CA GLN H 235 84.52 71.81 34.09
C GLN H 235 84.52 70.65 33.09
N ARG H 236 83.39 70.46 32.40
CA ARG H 236 83.33 69.43 31.36
C ARG H 236 84.33 69.73 30.26
N ASN H 237 84.48 71.00 29.89
CA ASN H 237 85.44 71.35 28.86
C ASN H 237 86.86 71.04 29.31
N ARG H 238 87.16 71.24 30.60
CA ARG H 238 88.47 70.87 31.12
C ARG H 238 88.70 69.38 30.98
N LEU H 239 87.73 68.57 31.39
CA LEU H 239 87.87 67.11 31.27
C LEU H 239 88.04 66.68 29.82
N ALA H 240 87.23 67.24 28.93
CA ALA H 240 87.28 66.89 27.52
C ALA H 240 88.62 67.30 26.91
N LYS H 241 89.09 68.50 27.22
CA LYS H 241 90.37 68.95 26.70
C LYS H 241 91.49 68.03 27.18
N ASN H 242 91.46 67.65 28.46
CA ASN H 242 92.52 66.80 29.00
C ASN H 242 92.53 65.44 28.31
N LEU H 243 91.35 64.82 28.15
CA LEU H 243 91.34 63.47 27.60
C LEU H 243 91.55 63.45 26.08
N LEU H 244 90.90 64.34 25.34
CA LEU H 244 90.98 64.33 23.89
C LEU H 244 92.37 64.71 23.37
N SER H 245 93.18 65.39 24.18
CA SER H 245 94.56 65.64 23.78
C SER H 245 95.38 64.35 23.72
N LEU H 246 94.93 63.28 24.37
CA LEU H 246 95.66 62.01 24.42
C LEU H 246 95.15 60.99 23.42
N LEU H 247 94.06 61.27 22.70
CA LEU H 247 93.44 60.33 21.78
C LEU H 247 93.06 61.07 20.49
N PRO H 248 93.39 60.51 19.32
CA PRO H 248 92.92 61.13 18.07
C PRO H 248 91.40 61.17 18.05
N HIS H 249 90.84 62.33 17.70
CA HIS H 249 89.42 62.54 17.91
C HIS H 249 88.88 63.53 16.90
N HIS H 250 87.55 63.50 16.74
CA HIS H 250 86.81 64.54 16.04
C HIS H 250 85.75 65.09 16.99
N SER H 251 85.76 66.41 17.16
CA SER H 251 84.81 67.13 18.02
C SER H 251 84.02 68.09 17.13
N PHE H 252 82.74 67.81 16.94
CA PHE H 252 81.95 68.54 15.96
C PHE H 252 81.16 69.70 16.54
N GLY H 253 81.01 69.76 17.86
CA GLY H 253 80.19 70.79 18.46
C GLY H 253 80.91 72.13 18.53
N LYS H 254 80.23 73.10 19.13
CA LYS H 254 80.81 74.43 19.26
C LYS H 254 81.97 74.44 20.24
N CYS H 255 82.00 73.49 21.18
CA CYS H 255 83.05 73.43 22.18
C CYS H 255 84.22 72.60 21.66
N LEU H 256 85.42 73.19 21.69
CA LEU H 256 86.66 72.49 21.34
C LEU H 256 86.61 71.90 19.93
N ASN H 257 86.04 72.64 18.99
CA ASN H 257 85.90 72.13 17.63
C ASN H 257 87.27 71.97 16.98
N ASN H 258 87.53 70.78 16.44
CA ASN H 258 88.78 70.46 15.78
C ASN H 258 88.55 69.86 14.39
N VAL H 259 87.38 70.11 13.81
CA VAL H 259 86.98 69.57 12.52
C VAL H 259 86.86 70.65 11.46
N GLY H 260 87.10 71.91 11.83
CA GLY H 260 87.10 73.03 10.91
C GLY H 260 85.93 73.98 11.07
N GLY H 261 84.81 73.52 11.61
CA GLY H 261 83.67 74.38 11.80
C GLY H 261 82.41 73.62 12.12
N PRO H 262 81.27 74.32 12.08
CA PRO H 262 80.00 73.65 12.29
C PRO H 262 79.54 72.99 11.00
N ASP H 263 78.58 72.09 11.13
CA ASP H 263 77.99 71.38 10.00
C ASP H 263 79.02 70.54 9.25
N MET H 264 80.09 70.11 9.93
CA MET H 264 81.12 69.33 9.25
C MET H 264 80.83 67.84 9.22
N ALA H 265 80.00 67.35 10.13
CA ALA H 265 79.70 65.92 10.15
C ALA H 265 79.05 65.47 8.86
N LEU H 266 78.13 66.28 8.33
CA LEU H 266 77.49 65.96 7.05
C LEU H 266 78.46 66.09 5.87
N SER H 267 79.49 66.92 6.02
CA SER H 267 80.50 67.03 4.96
C SER H 267 81.40 65.80 4.91
N LEU H 268 81.81 65.28 6.08
CA LEU H 268 82.67 64.10 6.08
C LEU H 268 81.92 62.84 5.68
N TYR H 269 80.64 62.73 6.03
CA TYR H 269 79.82 61.54 5.81
C TYR H 269 78.53 61.98 5.15
N PRO H 270 78.56 62.24 3.84
CA PRO H 270 77.35 62.76 3.17
C PRO H 270 76.17 61.80 3.17
N GLU H 271 76.38 60.51 3.34
CA GLU H 271 75.29 59.54 3.37
C GLU H 271 74.37 59.72 4.57
N CYS H 272 74.76 60.52 5.55
CA CYS H 272 73.97 60.70 6.76
C CYS H 272 72.87 61.74 6.59
N ASN H 273 72.71 62.32 5.39
CA ASN H 273 71.64 63.25 5.14
C ASN H 273 70.29 62.56 5.22
N ASN H 274 69.28 63.31 5.67
CA ASN H 274 67.93 62.80 5.85
C ASN H 274 67.05 62.94 4.62
N ASP H 275 67.18 64.04 3.88
CA ASP H 275 66.30 64.37 2.75
C ASP H 275 64.86 64.56 3.21
N ALA H 276 64.67 64.83 4.51
CA ALA H 276 63.36 65.02 5.12
C ALA H 276 63.13 66.44 5.59
N SER H 277 64.10 67.07 6.24
CA SER H 277 64.03 68.47 6.61
C SER H 277 65.28 69.16 6.08
N VAL H 278 65.10 70.21 5.29
CA VAL H 278 66.24 70.89 4.69
C VAL H 278 67.14 71.47 5.78
N LYS H 279 66.54 72.00 6.84
CA LYS H 279 67.33 72.47 7.96
C LYS H 279 68.06 71.30 8.59
N PRO H 280 69.39 71.31 8.62
CA PRO H 280 70.11 70.18 9.23
C PRO H 280 69.90 70.19 10.73
N ARG H 281 68.73 69.75 11.18
CA ARG H 281 68.49 69.63 12.61
C ARG H 281 69.68 68.90 13.23
N TRP H 282 70.06 69.34 14.43
CA TRP H 282 71.31 68.80 14.98
C TRP H 282 71.18 67.32 15.29
N TRP H 283 69.97 66.85 15.57
CA TRP H 283 69.71 65.50 16.03
C TRP H 283 69.41 64.48 14.94
N ASP H 284 69.25 64.90 13.69
CA ASP H 284 68.85 63.96 12.65
C ASP H 284 69.98 63.03 12.21
N HIS H 285 71.23 63.34 12.53
CA HIS H 285 72.36 62.59 11.99
C HIS H 285 73.40 62.16 13.02
N LEU H 286 73.12 62.25 14.33
CA LEU H 286 74.13 61.85 15.32
C LEU H 286 74.48 60.38 15.18
N HIS H 287 73.47 59.51 15.15
CA HIS H 287 73.72 58.07 15.14
C HIS H 287 74.57 57.67 13.94
N CYS H 288 74.20 58.17 12.74
CA CYS H 288 74.91 57.80 11.53
C CYS H 288 76.38 58.22 11.58
N ALA H 289 76.65 59.46 11.99
CA ALA H 289 78.03 59.94 12.11
C ALA H 289 78.79 59.16 13.17
N MET H 290 78.17 58.96 14.33
CA MET H 290 78.81 58.26 15.45
C MET H 290 79.18 56.83 15.10
N SER H 291 78.38 56.18 14.23
CA SER H 291 78.65 54.78 13.90
C SER H 291 80.00 54.58 13.23
N HIS H 292 80.58 55.65 12.66
CA HIS H 292 81.88 55.53 12.02
C HIS H 292 83.04 55.49 13.01
N TYR H 293 82.81 55.86 14.27
CA TYR H 293 83.88 55.95 15.24
C TYR H 293 83.78 54.81 16.24
N LYS H 294 84.94 54.25 16.61
CA LYS H 294 84.97 53.14 17.55
C LYS H 294 84.51 53.56 18.94
N PHE H 295 84.69 54.83 19.30
CA PHE H 295 84.39 55.30 20.64
C PHE H 295 83.67 56.64 20.60
N VAL H 296 82.81 56.85 21.58
CA VAL H 296 82.08 58.11 21.75
C VAL H 296 82.35 58.62 23.17
N LEU H 297 82.75 59.88 23.28
CA LEU H 297 82.96 60.48 24.58
C LEU H 297 81.63 61.01 25.11
N ALA H 298 81.24 60.55 26.29
CA ALA H 298 79.98 60.93 26.90
C ALA H 298 80.26 61.46 28.30
N ILE H 299 80.18 62.77 28.46
CA ILE H 299 80.37 63.43 29.75
C ILE H 299 79.09 64.17 30.07
N GLU H 300 78.41 63.75 31.14
CA GLU H 300 77.20 64.43 31.54
C GLU H 300 77.52 65.83 32.05
N ASN H 301 76.55 66.73 31.93
CA ASN H 301 76.72 68.06 32.48
C ASN H 301 76.63 68.08 34.00
N THR H 302 76.16 66.99 34.61
CA THR H 302 76.04 66.88 36.05
C THR H 302 76.27 65.43 36.44
N VAL H 303 77.01 65.23 37.52
CA VAL H 303 77.25 63.91 38.08
C VAL H 303 76.28 63.74 39.24
N THR H 304 75.23 62.96 39.05
CA THR H 304 74.28 62.69 40.12
C THR H 304 73.62 61.34 39.87
N GLU H 305 72.97 60.82 40.90
CA GLU H 305 72.44 59.47 40.89
C GLU H 305 71.34 59.32 39.83
N SER H 306 71.46 58.26 39.03
CA SER H 306 70.47 57.83 38.03
C SER H 306 70.34 58.81 36.87
N TYR H 307 71.20 59.83 36.78
CA TYR H 307 71.14 60.78 35.67
C TYR H 307 72.05 60.29 34.56
N VAL H 308 71.51 59.41 33.72
CA VAL H 308 72.19 58.90 32.54
C VAL H 308 71.39 59.34 31.33
N THR H 309 71.98 60.17 30.48
CA THR H 309 71.27 60.78 29.37
C THR H 309 71.61 60.08 28.05
N GLU H 310 71.09 60.63 26.96
CA GLU H 310 71.26 60.08 25.63
C GLU H 310 72.69 60.10 25.14
N LYS H 311 73.59 60.82 25.81
CA LYS H 311 75.00 60.80 25.41
C LYS H 311 75.56 59.39 25.40
N LEU H 312 75.10 58.52 26.30
CA LEU H 312 75.49 57.11 26.35
C LEU H 312 74.57 56.24 25.47
N PHE H 313 73.26 56.43 25.62
CA PHE H 313 72.32 55.52 24.98
C PHE H 313 72.38 55.64 23.47
N TYR H 314 72.62 56.84 22.95
CA TYR H 314 72.76 56.99 21.50
C TYR H 314 73.98 56.23 21.00
N ALA H 315 75.05 56.19 21.79
CA ALA H 315 76.20 55.37 21.44
C ALA H 315 75.82 53.90 21.40
N LEU H 316 75.06 53.42 22.40
CA LEU H 316 74.59 52.04 22.34
C LEU H 316 73.67 51.82 21.14
N ASP H 317 72.98 52.86 20.68
CA ASP H 317 72.13 52.75 19.50
C ASP H 317 72.92 52.75 18.19
N SER H 318 74.20 53.14 18.21
CA SER H 318 74.95 53.36 16.98
C SER H 318 76.17 52.44 16.84
N VAL H 319 76.21 51.34 17.59
CA VAL H 319 77.30 50.35 17.52
C VAL H 319 78.63 51.04 17.75
N SER H 320 78.70 51.83 18.83
CA SER H 320 79.94 52.49 19.25
C SER H 320 80.03 52.38 20.76
N VAL H 321 81.26 52.23 21.26
CA VAL H 321 81.51 52.04 22.68
C VAL H 321 81.61 53.43 23.33
N PRO H 322 80.76 53.75 24.31
CA PRO H 322 80.85 55.05 24.96
C PRO H 322 81.88 55.07 26.08
N ILE H 323 82.67 56.13 26.12
CA ILE H 323 83.55 56.43 27.25
C ILE H 323 82.78 57.42 28.14
N TYR H 324 82.33 56.95 29.29
CA TYR H 324 81.28 57.61 30.05
C TYR H 324 81.83 58.22 31.33
N PHE H 325 81.47 59.48 31.56
CA PHE H 325 81.72 60.18 32.81
C PHE H 325 80.38 60.73 33.28
N GLY H 326 79.78 60.08 34.28
CA GLY H 326 78.43 60.45 34.68
C GLY H 326 77.95 59.79 35.95
N ALA H 327 76.71 59.30 35.91
CA ALA H 327 76.04 58.85 37.11
C ALA H 327 76.86 57.77 37.82
N PRO H 328 76.97 57.84 39.15
CA PRO H 328 77.75 56.81 39.86
C PRO H 328 77.14 55.43 39.77
N ASN H 329 75.82 55.32 39.60
CA ASN H 329 75.14 54.03 39.51
C ASN H 329 74.84 53.64 38.06
N VAL H 330 75.69 54.06 37.12
CA VAL H 330 75.42 53.85 35.70
C VAL H 330 75.29 52.37 35.38
N TRP H 331 75.99 51.51 36.11
CA TRP H 331 75.98 50.08 35.83
C TRP H 331 74.65 49.43 36.18
N ASP H 332 73.75 50.15 36.86
CA ASP H 332 72.39 49.65 37.03
C ASP H 332 71.53 49.87 35.80
N PHE H 333 72.04 50.61 34.79
CA PHE H 333 71.23 50.98 33.64
C PHE H 333 71.70 50.37 32.33
N VAL H 334 72.95 49.91 32.25
CA VAL H 334 73.53 49.56 30.97
C VAL H 334 73.69 48.04 30.88
N PRO H 335 73.81 47.47 29.68
CA PRO H 335 74.00 46.02 29.56
C PRO H 335 75.40 45.62 30.02
N PRO H 336 75.61 44.33 30.31
CA PRO H 336 76.92 43.89 30.80
C PRO H 336 78.02 44.11 29.77
N HIS H 337 79.17 44.59 30.27
CA HIS H 337 80.38 44.79 29.47
C HIS H 337 80.06 45.61 28.23
N SER H 338 79.34 46.71 28.44
CA SER H 338 78.87 47.53 27.33
C SER H 338 79.50 48.92 27.26
N ILE H 339 79.96 49.46 28.39
CA ILE H 339 80.51 50.80 28.42
C ILE H 339 81.88 50.77 29.09
N ILE H 340 82.62 51.85 28.91
CA ILE H 340 83.87 52.10 29.59
C ILE H 340 83.62 53.22 30.59
N ASP H 341 83.58 52.88 31.88
CA ASP H 341 83.35 53.87 32.93
C ASP H 341 84.66 54.60 33.20
N GLY H 342 84.73 55.87 32.76
CA GLY H 342 85.97 56.62 32.87
C GLY H 342 86.40 56.88 34.30
N THR H 343 85.45 56.92 35.24
CA THR H 343 85.77 57.16 36.63
C THR H 343 86.46 55.97 37.30
N LYS H 344 86.44 54.79 36.68
CA LYS H 344 87.03 53.59 37.26
C LYS H 344 88.50 53.40 36.86
N PHE H 345 89.17 54.44 36.39
CA PHE H 345 90.57 54.33 36.00
C PHE H 345 91.43 55.24 36.87
N LYS H 346 92.67 54.82 37.11
CA LYS H 346 93.55 55.58 37.98
C LYS H 346 93.98 56.90 37.35
N SER H 347 94.12 56.94 36.03
CA SER H 347 94.55 58.17 35.36
C SER H 347 93.94 58.23 33.97
N LEU H 348 93.91 59.45 33.42
CA LEU H 348 93.51 59.60 32.02
C LEU H 348 94.47 58.87 31.10
N GLU H 349 95.75 58.79 31.48
CA GLU H 349 96.71 58.07 30.67
C GLU H 349 96.41 56.58 30.66
N ALA H 350 96.01 56.02 31.81
CA ALA H 350 95.63 54.61 31.85
C ALA H 350 94.38 54.34 31.02
N LEU H 351 93.40 55.24 31.09
CA LEU H 351 92.19 55.09 30.28
C LEU H 351 92.52 55.17 28.79
N ALA H 352 93.32 56.15 28.39
CA ALA H 352 93.69 56.29 26.99
C ALA H 352 94.50 55.10 26.51
N SER H 353 95.38 54.56 27.37
CA SER H 353 96.13 53.37 27.00
C SER H 353 95.20 52.19 26.79
N TYR H 354 94.21 52.01 27.68
CA TYR H 354 93.24 50.93 27.52
C TYR H 354 92.47 51.09 26.21
N VAL H 355 92.07 52.33 25.89
CA VAL H 355 91.30 52.58 24.66
C VAL H 355 92.15 52.30 23.42
N LYS H 356 93.40 52.76 23.41
CA LYS H 356 94.27 52.52 22.27
C LYS H 356 94.55 51.02 22.12
N ASP H 357 94.73 50.33 23.24
CA ASP H 357 94.93 48.88 23.21
C ASP H 357 93.69 48.18 22.66
N LEU H 358 92.52 48.65 23.04
CA LEU H 358 91.27 48.05 22.60
C LEU H 358 91.04 48.27 21.11
N ALA H 359 91.43 49.43 20.60
CA ALA H 359 91.21 49.75 19.19
C ALA H 359 91.98 48.84 18.24
N ASN H 360 93.01 48.14 18.71
CA ASN H 360 93.77 47.22 17.87
C ASN H 360 93.57 45.76 18.26
N ASP H 361 92.55 45.45 19.07
CA ASP H 361 92.24 44.09 19.50
C ASP H 361 90.77 43.83 19.11
N PRO H 362 90.53 43.42 17.86
CA PRO H 362 89.14 43.27 17.39
C PRO H 362 88.28 42.33 18.23
N VAL H 363 88.86 41.23 18.73
CA VAL H 363 88.07 40.29 19.52
C VAL H 363 87.61 40.94 20.82
N ALA H 364 88.53 41.61 21.51
CA ALA H 364 88.16 42.30 22.74
C ALA H 364 87.19 43.44 22.48
N TYR H 365 87.32 44.11 21.33
CA TYR H 365 86.36 45.15 20.98
C TYR H 365 84.96 44.56 20.77
N ALA H 366 84.87 43.43 20.06
CA ALA H 366 83.57 42.80 19.84
C ALA H 366 82.98 42.25 21.13
N GLU H 367 83.83 42.00 22.13
CA GLU H 367 83.30 41.68 23.46
C GLU H 367 82.35 42.76 23.95
N TYR H 368 82.58 44.02 23.58
CA TYR H 368 81.67 45.09 24.00
C TYR H 368 80.35 45.11 23.24
N HIS H 369 80.22 44.34 22.16
CA HIS H 369 78.94 44.21 21.47
C HIS H 369 78.31 42.85 21.70
N ALA H 370 79.02 41.97 22.41
CA ALA H 370 78.48 40.65 22.71
C ALA H 370 77.15 40.73 23.47
N TRP H 371 76.93 41.80 24.24
CA TRP H 371 75.64 41.94 24.93
C TRP H 371 74.49 42.01 23.93
N ARG H 372 74.70 42.71 22.82
CA ARG H 372 73.69 42.83 21.78
C ARG H 372 73.63 41.56 20.93
N ARG H 373 74.80 41.05 20.51
CA ARG H 373 74.81 39.94 19.58
C ARG H 373 74.34 38.64 20.23
N CYS H 374 74.58 38.47 21.53
CA CYS H 374 74.19 37.25 22.22
C CYS H 374 72.90 37.41 23.04
N GLY H 375 72.27 38.56 22.99
CA GLY H 375 71.04 38.78 23.73
C GLY H 375 71.18 38.78 25.24
N VAL H 376 72.26 39.38 25.75
CA VAL H 376 72.43 39.53 27.19
C VAL H 376 72.31 41.00 27.56
N LEU H 377 71.09 41.45 27.89
CA LEU H 377 70.85 42.85 28.17
C LEU H 377 71.09 43.23 29.63
N GLY H 378 71.07 42.27 30.54
CA GLY H 378 71.23 42.62 31.94
C GLY H 378 70.11 43.53 32.39
N ASN H 379 70.47 44.70 32.90
CA ASN H 379 69.50 45.67 33.39
C ASN H 379 69.00 46.61 32.31
N TYR H 380 69.61 46.59 31.12
CA TYR H 380 69.21 47.47 30.03
C TYR H 380 67.75 47.27 29.64
N GLY H 381 67.25 46.04 29.75
CA GLY H 381 65.87 45.79 29.43
C GLY H 381 64.91 46.61 30.28
N LYS H 382 65.14 46.64 31.60
CA LYS H 382 64.30 47.45 32.47
C LYS H 382 64.44 48.93 32.16
N THR H 383 65.67 49.37 31.86
CA THR H 383 65.92 50.77 31.55
C THR H 383 65.10 51.20 30.33
N ARG H 384 65.15 50.43 29.24
CA ARG H 384 64.33 50.77 28.09
C ARG H 384 62.85 50.55 28.37
N ALA H 385 62.52 49.64 29.29
CA ALA H 385 61.12 49.41 29.63
C ALA H 385 60.49 50.63 30.30
N VAL H 386 61.30 51.46 30.96
CA VAL H 386 60.72 52.64 31.61
C VAL H 386 61.23 53.92 30.97
N SER H 387 61.46 53.88 29.67
CA SER H 387 61.90 55.07 28.94
C SER H 387 60.68 55.92 28.57
N LEU H 388 60.95 56.98 27.79
CA LEU H 388 59.87 57.85 27.34
C LEU H 388 58.88 57.10 26.46
N ASP H 389 59.35 56.10 25.71
CA ASP H 389 58.50 55.40 24.76
C ASP H 389 57.28 54.80 25.45
N THR H 390 57.44 54.30 26.67
CA THR H 390 56.36 53.71 27.44
C THR H 390 55.80 54.65 28.49
N LEU H 391 56.25 55.90 28.51
CA LEU H 391 55.78 56.84 29.51
C LEU H 391 54.27 57.04 29.48
N PRO H 392 53.60 57.20 28.32
CA PRO H 392 52.14 57.40 28.36
C PRO H 392 51.40 56.30 29.11
N CYS H 393 51.55 55.05 28.65
CA CYS H 393 50.83 53.95 29.29
C CYS H 393 51.10 53.90 30.78
N ARG H 394 52.38 53.95 31.16
CA ARG H 394 52.70 53.86 32.58
C ARG H 394 52.11 55.03 33.34
N LEU H 395 52.20 56.25 32.79
CA LEU H 395 51.56 57.38 33.45
C LEU H 395 50.07 57.14 33.56
N CYS H 396 49.45 56.68 32.46
CA CYS H 396 48.03 56.40 32.50
C CYS H 396 47.73 55.36 33.57
N GLU H 397 48.58 54.32 33.65
CA GLU H 397 48.32 53.29 34.64
C GLU H 397 48.31 53.90 36.04
N ALA H 398 49.28 54.77 36.32
CA ALA H 398 49.31 55.40 37.64
C ALA H 398 48.05 56.22 37.86
N VAL H 399 47.63 56.97 36.84
CA VAL H 399 46.41 57.77 36.95
C VAL H 399 45.21 56.86 37.18
N SER H 400 45.21 55.69 36.54
CA SER H 400 44.10 54.77 36.74
C SER H 400 44.05 54.28 38.19
N ARG H 401 45.21 54.06 38.80
CA ARG H 401 45.23 53.53 40.15
C ARG H 401 44.75 54.53 41.19
N ARG H 402 44.86 55.82 40.92
CA ARG H 402 44.40 56.85 41.84
C ARG H 402 42.95 57.23 41.64
N GLY H 403 42.28 56.67 40.64
CA GLY H 403 40.93 57.07 40.33
C GLY H 403 40.84 58.28 39.44
N GLY H 404 41.98 58.85 39.03
CA GLY H 404 41.97 59.95 38.09
C GLY H 404 41.37 61.19 38.68
N ARG H 405 40.38 61.74 37.96
CA ARG H 405 39.74 62.99 38.33
C ARG H 405 39.06 62.93 39.71
N ASN H 406 38.71 61.74 40.19
CA ASN H 406 38.03 61.57 41.47
C ASN H 406 38.99 61.27 42.62
N ALA H 407 40.22 61.76 42.57
CA ALA H 407 41.17 61.51 43.65
C ALA H 407 41.08 62.60 44.72
#